data_2WRT
#
_entry.id   2WRT
#
_cell.length_a   92.310
_cell.length_b   92.501
_cell.length_c   166.422
_cell.angle_alpha   90.00
_cell.angle_beta   94.55
_cell.angle_gamma   90.00
#
_symmetry.space_group_name_H-M   'P 1 21 1'
#
loop_
_entity.id
_entity.type
_entity.pdbx_description
1 polymer 'GLUTATHIONE S-TRANSFERASE CLASS-MU 26 KDA ISOZYME 51'
2 non-polymer 'CHLORIDE ION'
3 water water
#
_entity_poly.entity_id   1
_entity_poly.type   'polypeptide(L)'
_entity_poly.pdbx_seq_one_letter_code
;MPAKLGYWKIRGLQQPVRLLLEYLGEEYEEHLYGRDDREKWLGDKFNMGLDLPNLPYYIDDKCKLTQSVAIMRYIADKHG
MLGSTPEERARISMIEGAAMDLRMGFVRVCYNPKFEEVKGDYLKELPTTLKMWSNFLGDRHYLTGSSVSHVDFMVYEALD
CIRYLAPQCLEDFPKLKEFKSRIEDLPKIKAYMESEKFIKWPLNSWIASFGGGDAAPA
;
_entity_poly.pdbx_strand_id   A,B,C,D,E,F,G,H,I,J,K,L
#
# COMPACT_ATOMS: atom_id res chain seq x y z
N PRO A 2 -12.61 15.48 41.77
CA PRO A 2 -13.77 15.79 40.95
C PRO A 2 -13.84 14.90 39.70
N ALA A 3 -12.67 14.50 39.19
CA ALA A 3 -12.58 13.53 38.10
C ALA A 3 -11.96 12.23 38.59
N LYS A 4 -12.63 11.11 38.30
CA LYS A 4 -12.12 9.77 38.63
C LYS A 4 -11.66 9.00 37.39
N LEU A 5 -10.44 8.48 37.46
CA LEU A 5 -9.87 7.70 36.35
C LEU A 5 -9.48 6.30 36.81
N GLY A 6 -9.03 5.49 35.86
CA GLY A 6 -8.64 4.11 36.16
C GLY A 6 -7.80 3.52 35.05
N TYR A 7 -6.76 2.75 35.44
CA TYR A 7 -5.87 2.05 34.51
C TYR A 7 -4.95 1.08 35.25
N TRP A 8 -4.25 0.24 34.50
CA TRP A 8 -3.16 -0.55 35.05
C TRP A 8 -2.11 0.41 35.63
N LYS A 9 -1.37 -0.06 36.62
CA LYS A 9 -0.27 0.67 37.22
CA LYS A 9 -0.28 0.75 37.18
C LYS A 9 0.92 0.67 36.25
N ILE A 10 0.69 1.10 35.01
CA ILE A 10 1.72 1.13 33.98
C ILE A 10 1.64 2.46 33.28
N ARG A 11 2.60 2.73 32.41
CA ARG A 11 2.55 3.92 31.58
C ARG A 11 1.49 3.78 30.46
N GLY A 12 1.79 2.92 29.49
CA GLY A 12 0.86 2.56 28.42
C GLY A 12 0.15 3.72 27.78
N LEU A 13 -1.16 3.57 27.62
CA LEU A 13 -1.97 4.55 26.90
C LEU A 13 -2.39 5.70 27.79
N GLN A 14 -2.16 5.55 29.09
CA GLN A 14 -2.65 6.52 30.06
C GLN A 14 -1.70 7.66 30.35
N GLN A 15 -0.39 7.44 30.17
CA GLN A 15 0.59 8.48 30.51
C GLN A 15 0.22 9.83 29.93
N PRO A 16 -0.03 9.88 28.59
CA PRO A 16 -0.32 11.19 28.00
C PRO A 16 -1.51 11.88 28.65
N VAL A 17 -2.53 11.12 29.06
CA VAL A 17 -3.66 11.73 29.76
C VAL A 17 -3.26 12.26 31.13
N ARG A 18 -2.46 11.48 31.85
CA ARG A 18 -1.88 11.90 33.12
C ARG A 18 -1.15 13.23 32.94
N LEU A 19 -0.21 13.25 31.99
CA LEU A 19 0.56 14.45 31.68
C LEU A 19 -0.33 15.64 31.38
N LEU A 20 -1.31 15.43 30.50
CA LEU A 20 -2.23 16.51 30.13
C LEU A 20 -2.95 17.10 31.34
N LEU A 21 -3.47 16.23 32.19
CA LEU A 21 -4.18 16.67 33.39
C LEU A 21 -3.25 17.47 34.30
N GLU A 22 -2.05 16.95 34.50
CA GLU A 22 -1.04 17.63 35.32
C GLU A 22 -0.69 18.99 34.76
N TYR A 23 -0.48 19.05 33.44
CA TYR A 23 -0.18 20.31 32.78
C TYR A 23 -1.27 21.34 32.99
N LEU A 24 -2.53 20.92 32.87
CA LEU A 24 -3.67 21.83 32.96
C LEU A 24 -4.06 22.11 34.41
N GLY A 25 -3.39 21.45 35.35
CA GLY A 25 -3.66 21.61 36.76
C GLY A 25 -5.03 21.12 37.16
N GLU A 26 -5.58 20.21 36.36
CA GLU A 26 -6.92 19.67 36.59
C GLU A 26 -6.88 18.69 37.76
N GLU A 27 -7.92 18.71 38.57
CA GLU A 27 -7.94 17.86 39.76
C GLU A 27 -8.57 16.52 39.43
N TYR A 28 -7.94 15.45 39.92
CA TYR A 28 -8.32 14.09 39.57
C TYR A 28 -7.74 13.09 40.57
N GLU A 29 -8.28 11.88 40.55
CA GLU A 29 -7.71 10.75 41.31
C GLU A 29 -7.95 9.44 40.59
N GLU A 30 -6.88 8.68 40.45
CA GLU A 30 -6.87 7.54 39.57
C GLU A 30 -6.80 6.26 40.35
N HIS A 31 -7.66 5.31 39.99
CA HIS A 31 -7.58 3.98 40.54
C HIS A 31 -6.60 3.16 39.72
N LEU A 32 -5.56 2.66 40.38
CA LEU A 32 -4.52 1.93 39.68
C LEU A 32 -4.66 0.44 39.93
N TYR A 33 -4.85 -0.31 38.84
CA TYR A 33 -4.90 -1.77 38.91
C TYR A 33 -3.49 -2.37 38.80
N GLY A 34 -3.03 -3.01 39.87
CA GLY A 34 -1.71 -3.66 39.87
C GLY A 34 -1.69 -4.93 39.03
N ARG A 35 -0.49 -5.54 38.89
N ARG A 35 -0.50 -5.53 38.90
CA ARG A 35 -0.31 -6.76 38.09
CA ARG A 35 -0.30 -6.75 38.11
C ARG A 35 -1.08 -7.95 38.63
C ARG A 35 -1.11 -7.93 38.61
N ASP A 36 -1.50 -7.88 39.89
CA ASP A 36 -2.22 -8.97 40.53
C ASP A 36 -3.71 -8.65 40.63
N ASP A 37 -4.17 -7.75 39.76
CA ASP A 37 -5.52 -7.20 39.85
C ASP A 37 -6.39 -7.41 38.61
N ARG A 38 -5.97 -8.31 37.71
CA ARG A 38 -6.73 -8.62 36.52
C ARG A 38 -8.18 -8.92 36.88
N GLU A 39 -8.35 -9.87 37.81
CA GLU A 39 -9.66 -10.31 38.31
C GLU A 39 -10.40 -9.25 39.13
N LYS A 40 -9.67 -8.31 39.70
CA LYS A 40 -10.29 -7.18 40.40
C LYS A 40 -10.92 -6.23 39.35
N TRP A 41 -10.22 -6.02 38.24
CA TRP A 41 -10.74 -5.19 37.17
C TRP A 41 -11.97 -5.82 36.53
N LEU A 42 -11.90 -7.13 36.23
CA LEU A 42 -13.03 -7.83 35.60
C LEU A 42 -14.30 -7.79 36.44
N GLY A 43 -14.13 -7.56 37.74
CA GLY A 43 -15.24 -7.45 38.67
C GLY A 43 -15.78 -6.03 38.71
N ASP A 44 -14.99 -5.08 38.25
CA ASP A 44 -15.42 -3.69 38.14
C ASP A 44 -15.91 -3.39 36.74
N LYS A 45 -15.37 -4.11 35.75
CA LYS A 45 -15.50 -3.79 34.32
C LYS A 45 -16.92 -3.40 33.86
N PHE A 46 -17.92 -4.11 34.37
CA PHE A 46 -19.29 -3.86 33.94
C PHE A 46 -20.16 -3.25 35.02
N ASN A 47 -19.53 -2.72 36.07
CA ASN A 47 -20.26 -2.20 37.21
C ASN A 47 -20.09 -0.70 37.46
N MET A 48 -19.77 0.06 36.42
CA MET A 48 -19.45 1.48 36.58
C MET A 48 -20.25 2.41 35.67
N GLY A 49 -21.20 1.83 34.95
CA GLY A 49 -22.04 2.59 34.04
C GLY A 49 -21.34 3.01 32.75
N LEU A 50 -20.25 2.32 32.40
CA LEU A 50 -19.49 2.60 31.19
C LEU A 50 -20.21 2.01 30.00
N ASP A 51 -20.44 2.84 28.98
CA ASP A 51 -21.12 2.40 27.76
C ASP A 51 -20.31 1.33 27.02
N LEU A 52 -19.01 1.55 26.92
CA LEU A 52 -18.11 0.63 26.23
C LEU A 52 -16.94 0.33 27.17
N PRO A 53 -17.13 -0.61 28.10
CA PRO A 53 -16.14 -0.85 29.16
C PRO A 53 -14.76 -1.18 28.61
N ASN A 54 -13.76 -0.48 29.15
CA ASN A 54 -12.38 -0.64 28.73
C ASN A 54 -11.47 0.12 29.69
N LEU A 55 -10.17 -0.10 29.53
CA LEU A 55 -9.14 0.62 30.29
C LEU A 55 -8.26 1.40 29.32
N PRO A 56 -8.05 2.70 29.59
CA PRO A 56 -8.51 3.47 30.74
C PRO A 56 -9.97 3.93 30.66
N TYR A 57 -10.49 4.37 31.80
CA TYR A 57 -11.78 5.03 31.87
C TYR A 57 -11.68 6.37 32.60
N TYR A 58 -12.66 7.22 32.33
CA TYR A 58 -12.74 8.53 32.92
C TYR A 58 -14.21 8.72 33.32
N ILE A 59 -14.43 9.07 34.58
CA ILE A 59 -15.78 9.27 35.09
C ILE A 59 -15.81 10.54 35.91
N ASP A 60 -16.70 11.46 35.54
CA ASP A 60 -17.00 12.59 36.38
C ASP A 60 -18.47 12.94 36.38
N ASP A 61 -18.73 14.10 37.00
CA ASP A 61 -20.04 14.66 37.26
C ASP A 61 -20.93 14.67 36.02
N LYS A 62 -20.39 15.14 34.90
CA LYS A 62 -21.18 15.28 33.68
C LYS A 62 -20.86 14.30 32.55
N CYS A 63 -20.10 13.23 32.82
CA CYS A 63 -19.58 12.42 31.72
C CYS A 63 -18.86 11.12 32.08
N LYS A 64 -19.16 10.03 31.37
CA LYS A 64 -18.41 8.77 31.51
C LYS A 64 -17.79 8.35 30.17
N LEU A 65 -16.51 7.97 30.19
CA LEU A 65 -15.73 7.76 28.96
C LEU A 65 -14.73 6.60 29.02
N THR A 66 -14.57 5.94 27.89
CA THR A 66 -13.39 5.08 27.67
C THR A 66 -12.72 5.56 26.39
N GLN A 67 -11.60 4.91 26.02
CA GLN A 67 -10.71 5.32 24.91
C GLN A 67 -9.85 6.47 25.34
N SER A 68 -8.54 6.24 25.42
CA SER A 68 -7.59 7.21 25.96
C SER A 68 -7.57 8.52 25.20
N VAL A 69 -7.60 8.46 23.88
CA VAL A 69 -7.59 9.71 23.11
C VAL A 69 -8.93 10.45 23.24
N ALA A 70 -10.03 9.72 23.31
CA ALA A 70 -11.32 10.37 23.58
C ALA A 70 -11.28 11.13 24.92
N ILE A 71 -10.61 10.52 25.90
CA ILE A 71 -10.48 11.13 27.23
C ILE A 71 -9.67 12.42 27.15
N MET A 72 -8.49 12.34 26.53
CA MET A 72 -7.63 13.51 26.32
C MET A 72 -8.36 14.61 25.55
N ARG A 73 -9.09 14.22 24.51
CA ARG A 73 -9.84 15.17 23.68
C ARG A 73 -10.93 15.88 24.45
N TYR A 74 -11.57 15.18 25.39
CA TYR A 74 -12.58 15.77 26.25
C TYR A 74 -11.98 16.85 27.14
N ILE A 75 -10.92 16.48 27.85
CA ILE A 75 -10.20 17.41 28.71
C ILE A 75 -9.73 18.60 27.90
N ALA A 76 -9.15 18.37 26.72
CA ALA A 76 -8.68 19.47 25.86
C ALA A 76 -9.81 20.33 25.32
N ASP A 77 -10.94 19.69 25.05
CA ASP A 77 -12.12 20.38 24.51
C ASP A 77 -12.63 21.41 25.51
N LYS A 78 -12.69 21.03 26.78
CA LYS A 78 -13.10 21.92 27.87
C LYS A 78 -12.21 23.16 27.96
N HIS A 79 -10.95 23.04 27.54
CA HIS A 79 -10.02 24.16 27.60
C HIS A 79 -9.79 24.82 26.25
N GLY A 80 -10.64 24.50 25.28
CA GLY A 80 -10.59 25.14 23.96
C GLY A 80 -9.32 24.88 23.17
N MET A 81 -8.81 23.66 23.26
CA MET A 81 -7.50 23.31 22.69
C MET A 81 -7.55 22.45 21.43
N LEU A 82 -8.74 22.21 20.88
CA LEU A 82 -8.87 21.25 19.79
C LEU A 82 -8.84 21.82 18.38
N GLY A 83 -8.96 23.14 18.26
CA GLY A 83 -9.00 23.82 16.96
C GLY A 83 -10.27 24.63 16.74
N SER A 84 -10.14 25.73 16.01
CA SER A 84 -11.23 26.68 15.84
C SER A 84 -12.00 26.50 14.55
N THR A 85 -11.39 25.78 13.60
CA THR A 85 -11.99 25.52 12.30
C THR A 85 -12.03 24.01 12.04
N PRO A 86 -12.84 23.56 11.07
CA PRO A 86 -12.81 22.15 10.68
C PRO A 86 -11.43 21.66 10.24
N GLU A 87 -10.72 22.48 9.47
CA GLU A 87 -9.38 22.09 9.04
C GLU A 87 -8.33 22.09 10.16
N GLU A 88 -8.42 23.03 11.11
CA GLU A 88 -7.55 23.01 12.30
C GLU A 88 -7.80 21.74 13.14
N ARG A 89 -9.07 21.45 13.40
CA ARG A 89 -9.43 20.28 14.16
C ARG A 89 -8.99 18.99 13.48
N ALA A 90 -9.17 18.92 12.17
CA ALA A 90 -8.73 17.76 11.40
C ALA A 90 -7.22 17.55 11.45
N ARG A 91 -6.46 18.64 11.31
CA ARG A 91 -5.02 18.52 11.38
C ARG A 91 -4.57 18.00 12.72
N ILE A 92 -5.18 18.48 13.81
CA ILE A 92 -4.89 17.95 15.14
C ILE A 92 -5.26 16.47 15.25
N SER A 93 -6.36 16.08 14.62
CA SER A 93 -6.80 14.70 14.60
C SER A 93 -5.83 13.81 13.86
N MET A 94 -5.23 14.35 12.80
CA MET A 94 -4.19 13.68 12.04
C MET A 94 -2.92 13.44 12.86
N ILE A 95 -2.42 14.48 13.53
CA ILE A 95 -1.21 14.38 14.34
C ILE A 95 -1.44 13.33 15.41
N GLU A 96 -2.61 13.42 16.01
CA GLU A 96 -3.08 12.50 17.05
C GLU A 96 -3.05 11.03 16.58
N GLY A 97 -3.61 10.77 15.41
CA GLY A 97 -3.57 9.43 14.84
C GLY A 97 -2.15 8.97 14.56
N ALA A 98 -1.34 9.84 13.93
CA ALA A 98 0.08 9.53 13.68
C ALA A 98 0.87 9.24 14.95
N ALA A 99 0.55 10.00 16.01
CA ALA A 99 1.16 9.79 17.33
C ALA A 99 0.83 8.40 17.90
N MET A 100 -0.41 7.99 17.70
CA MET A 100 -0.87 6.67 18.14
C MET A 100 -0.15 5.58 17.37
N ASP A 101 0.04 5.79 16.06
CA ASP A 101 0.88 4.90 15.23
C ASP A 101 2.32 4.78 15.76
N LEU A 102 2.89 5.90 16.22
CA LEU A 102 4.24 5.89 16.76
C LEU A 102 4.31 5.05 18.02
N ARG A 103 3.33 5.21 18.90
CA ARG A 103 3.27 4.46 20.14
C ARG A 103 2.96 2.99 19.88
N MET A 104 2.00 2.73 19.01
CA MET A 104 1.56 1.36 18.75
C MET A 104 2.60 0.53 17.99
N GLY A 105 3.44 1.18 17.17
CA GLY A 105 4.51 0.49 16.49
C GLY A 105 5.48 -0.08 17.52
N PHE A 106 5.63 0.65 18.62
CA PHE A 106 6.46 0.23 19.74
C PHE A 106 5.76 -0.88 20.52
N VAL A 107 4.43 -0.84 20.56
CA VAL A 107 3.66 -1.92 21.19
C VAL A 107 3.85 -3.18 20.36
N ARG A 108 3.63 -3.06 19.05
CA ARG A 108 3.68 -4.19 18.12
C ARG A 108 5.01 -4.95 18.19
N VAL A 109 6.10 -4.24 18.44
CA VAL A 109 7.42 -4.87 18.60
C VAL A 109 7.62 -5.43 20.02
N CYS A 110 7.05 -4.76 21.02
CA CYS A 110 7.25 -5.14 22.41
C CYS A 110 6.43 -6.34 22.89
N TYR A 111 5.28 -6.60 22.28
CA TYR A 111 4.43 -7.75 22.64
C TYR A 111 4.68 -8.94 21.73
N ASN A 112 5.50 -8.73 20.70
CA ASN A 112 5.80 -9.76 19.70
C ASN A 112 6.47 -10.99 20.33
N PRO A 113 5.84 -12.17 20.20
CA PRO A 113 6.35 -13.41 20.80
C PRO A 113 7.85 -13.63 20.60
N LYS A 114 8.37 -13.21 19.45
CA LYS A 114 9.77 -13.41 19.08
C LYS A 114 10.52 -12.07 19.00
N PHE A 115 10.64 -11.39 20.14
CA PHE A 115 11.13 -10.01 20.21
C PHE A 115 12.48 -9.79 19.53
N GLU A 116 13.52 -10.44 20.04
CA GLU A 116 14.89 -10.22 19.56
C GLU A 116 15.03 -10.45 18.05
N GLU A 117 14.05 -11.14 17.48
CA GLU A 117 14.01 -11.46 16.04
C GLU A 117 13.45 -10.31 15.19
N VAL A 118 12.35 -9.70 15.67
CA VAL A 118 11.64 -8.65 14.92
C VAL A 118 12.11 -7.22 15.20
N LYS A 119 12.91 -7.04 16.26
CA LYS A 119 13.42 -5.73 16.64
C LYS A 119 14.40 -5.16 15.61
N GLY A 120 14.99 -6.04 14.81
CA GLY A 120 15.91 -5.65 13.75
C GLY A 120 15.25 -4.80 12.70
N ASP A 121 14.05 -5.22 12.26
CA ASP A 121 13.30 -4.54 11.21
C ASP A 121 12.65 -3.25 11.71
N TYR A 122 12.26 -3.27 12.99
CA TYR A 122 11.65 -2.10 13.60
C TYR A 122 12.69 -1.00 13.75
N LEU A 123 13.82 -1.35 14.37
CA LEU A 123 14.96 -0.43 14.50
C LEU A 123 15.47 0.05 13.14
N LYS A 124 15.31 -0.78 12.12
CA LYS A 124 15.66 -0.44 10.74
C LYS A 124 14.77 0.68 10.19
N GLU A 125 13.47 0.56 10.47
CA GLU A 125 12.49 1.52 9.97
C GLU A 125 12.41 2.78 10.83
N LEU A 126 12.80 2.66 12.10
CA LEU A 126 12.66 3.74 13.07
C LEU A 126 13.18 5.11 12.62
N PRO A 127 14.34 5.16 11.91
CA PRO A 127 14.82 6.46 11.46
C PRO A 127 13.91 7.15 10.45
N THR A 128 13.36 6.41 9.50
CA THR A 128 12.46 7.02 8.51
C THR A 128 11.24 7.68 9.20
N THR A 129 10.77 7.06 10.28
CA THR A 129 9.61 7.55 11.02
C THR A 129 9.97 8.82 11.76
N LEU A 130 11.09 8.77 12.48
CA LEU A 130 11.61 9.91 13.22
C LEU A 130 11.87 11.09 12.30
N LYS A 131 12.53 10.82 11.17
CA LYS A 131 12.79 11.85 10.17
C LYS A 131 11.48 12.55 9.76
N MET A 132 10.39 11.78 9.71
CA MET A 132 9.09 12.34 9.34
C MET A 132 8.58 13.31 10.40
N TRP A 133 8.66 12.89 11.65
CA TRP A 133 8.29 13.71 12.78
C TRP A 133 9.17 14.95 12.92
N SER A 134 10.47 14.77 12.73
CA SER A 134 11.40 15.92 12.78
C SER A 134 11.03 16.94 11.73
N ASN A 135 10.83 16.49 10.50
CA ASN A 135 10.44 17.39 9.42
C ASN A 135 9.12 18.11 9.69
N PHE A 136 8.17 17.39 10.26
CA PHE A 136 6.86 17.96 10.56
C PHE A 136 6.95 19.05 11.64
N LEU A 137 7.81 18.82 12.63
CA LEU A 137 7.99 19.79 13.71
C LEU A 137 8.61 21.09 13.18
N GLY A 138 9.61 20.96 12.31
CA GLY A 138 10.35 22.12 11.81
C GLY A 138 10.97 22.90 12.95
N ASP A 139 10.72 24.21 12.96
CA ASP A 139 11.30 25.09 13.97
C ASP A 139 10.33 25.43 15.09
N ARG A 140 9.10 24.93 15.00
CA ARG A 140 8.09 25.14 16.03
C ARG A 140 8.54 24.59 17.36
N HIS A 141 8.10 25.21 18.44
CA HIS A 141 8.33 24.67 19.78
C HIS A 141 7.52 23.40 20.04
N TYR A 142 6.30 23.37 19.51
CA TYR A 142 5.40 22.23 19.69
C TYR A 142 4.74 21.82 18.38
N LEU A 143 4.03 20.69 18.41
CA LEU A 143 3.45 20.11 17.20
C LEU A 143 2.40 20.97 16.51
N THR A 144 1.65 21.77 17.26
CA THR A 144 0.57 22.58 16.67
C THR A 144 0.83 24.09 16.70
N GLY A 145 2.03 24.47 17.14
CA GLY A 145 2.42 25.87 17.17
C GLY A 145 3.27 26.19 18.37
N SER A 146 2.91 27.28 19.05
CA SER A 146 3.67 27.74 20.22
C SER A 146 3.03 27.34 21.53
N SER A 147 1.79 26.84 21.47
CA SER A 147 1.10 26.33 22.67
C SER A 147 1.19 24.82 22.71
N VAL A 148 1.15 24.27 23.93
CA VAL A 148 1.18 22.83 24.16
C VAL A 148 -0.17 22.22 23.83
N SER A 149 -0.17 21.05 23.20
CA SER A 149 -1.38 20.31 22.88
C SER A 149 -1.29 18.92 23.48
N HIS A 150 -2.43 18.25 23.61
CA HIS A 150 -2.45 16.88 24.13
C HIS A 150 -1.63 15.94 23.23
N VAL A 151 -1.62 16.32 21.96
CA VAL A 151 -0.86 15.65 20.93
C VAL A 151 0.66 15.63 21.23
N ASP A 152 1.15 16.71 21.85
CA ASP A 152 2.56 16.82 22.24
C ASP A 152 2.90 15.81 23.32
N PHE A 153 1.98 15.60 24.26
CA PHE A 153 2.21 14.64 25.32
C PHE A 153 2.19 13.21 24.79
N MET A 154 1.37 12.97 23.77
CA MET A 154 1.34 11.67 23.12
C MET A 154 2.69 11.37 22.45
N VAL A 155 3.18 12.30 21.65
CA VAL A 155 4.44 12.11 20.95
C VAL A 155 5.59 12.08 21.95
N TYR A 156 5.56 12.97 22.95
CA TYR A 156 6.56 12.93 23.99
C TYR A 156 6.68 11.53 24.58
N GLU A 157 5.55 10.99 25.05
CA GLU A 157 5.52 9.68 25.70
C GLU A 157 6.05 8.57 24.78
N ALA A 158 5.67 8.60 23.51
CA ALA A 158 6.13 7.60 22.57
C ALA A 158 7.65 7.68 22.42
N LEU A 159 8.19 8.89 22.37
CA LEU A 159 9.63 9.09 22.21
C LEU A 159 10.40 8.60 23.45
N ASP A 160 9.95 9.02 24.63
CA ASP A 160 10.58 8.58 25.87
C ASP A 160 10.54 7.08 26.06
N CYS A 161 9.51 6.43 25.51
CA CYS A 161 9.42 4.96 25.55
C CYS A 161 10.43 4.36 24.58
N ILE A 162 10.48 4.89 23.37
CA ILE A 162 11.24 4.29 22.30
C ILE A 162 12.75 4.25 22.59
N ARG A 163 13.24 5.25 23.32
CA ARG A 163 14.67 5.34 23.58
C ARG A 163 15.22 4.26 24.52
N TYR A 164 14.33 3.52 25.20
CA TYR A 164 14.76 2.34 25.95
C TYR A 164 15.08 1.17 25.03
N LEU A 165 14.51 1.18 23.83
CA LEU A 165 14.83 0.18 22.82
C LEU A 165 15.96 0.65 21.89
N ALA A 166 15.94 1.94 21.54
CA ALA A 166 16.99 2.53 20.73
C ALA A 166 17.46 3.85 21.33
N PRO A 167 18.47 3.78 22.23
CA PRO A 167 18.95 4.93 23.05
C PRO A 167 19.61 6.04 22.25
N GLN A 168 20.09 5.73 21.05
CA GLN A 168 20.78 6.67 20.16
C GLN A 168 19.88 7.33 19.13
N CYS A 169 18.65 6.83 19.02
CA CYS A 169 17.76 7.17 17.89
C CYS A 169 17.52 8.67 17.68
N LEU A 170 17.63 9.45 18.76
CA LEU A 170 17.40 10.90 18.68
C LEU A 170 18.61 11.78 18.31
N GLU A 171 19.81 11.22 18.34
CA GLU A 171 21.04 11.98 18.09
C GLU A 171 21.20 12.52 16.67
N ASP A 172 20.56 11.87 15.71
CA ASP A 172 20.52 12.40 14.35
C ASP A 172 19.42 13.44 14.21
N PHE A 173 18.61 13.58 15.26
CA PHE A 173 17.43 14.45 15.23
C PHE A 173 17.36 15.38 16.44
N PRO A 174 18.19 16.43 16.43
CA PRO A 174 18.33 17.32 17.59
C PRO A 174 17.07 18.09 17.95
N LYS A 175 16.23 18.37 16.95
CA LYS A 175 14.97 19.11 17.18
C LYS A 175 13.97 18.31 18.02
N LEU A 176 13.85 17.03 17.73
CA LEU A 176 13.07 16.11 18.56
C LEU A 176 13.68 15.97 19.95
N LYS A 177 15.01 16.01 20.01
CA LYS A 177 15.72 15.92 21.28
C LYS A 177 15.41 17.14 22.15
N GLU A 178 15.36 18.30 21.52
CA GLU A 178 14.99 19.57 22.15
C GLU A 178 13.50 19.61 22.57
N PHE A 179 12.66 18.95 21.77
CA PHE A 179 11.24 18.84 22.09
C PHE A 179 11.06 18.06 23.39
N LYS A 180 11.75 16.93 23.50
CA LYS A 180 11.76 16.13 24.72
C LYS A 180 12.04 17.01 25.93
N SER A 181 13.16 17.72 25.88
CA SER A 181 13.58 18.56 26.98
C SER A 181 12.53 19.62 27.27
N ARG A 182 12.11 20.38 26.26
CA ARG A 182 11.09 21.42 26.43
C ARG A 182 9.88 20.94 27.25
N ILE A 183 9.41 19.71 26.99
CA ILE A 183 8.28 19.16 27.74
C ILE A 183 8.66 18.83 29.18
N GLU A 184 9.76 18.11 29.35
CA GLU A 184 10.27 17.79 30.69
C GLU A 184 10.55 19.07 31.50
N ASP A 185 11.01 20.13 30.82
CA ASP A 185 11.29 21.42 31.45
C ASP A 185 10.03 22.20 31.85
N LEU A 186 8.86 21.78 31.35
CA LEU A 186 7.61 22.49 31.66
C LEU A 186 7.32 22.41 33.14
N PRO A 187 7.26 23.58 33.81
CA PRO A 187 7.15 23.68 35.28
C PRO A 187 6.27 22.59 35.90
N LYS A 188 4.99 22.56 35.53
CA LYS A 188 4.05 21.60 36.13
C LYS A 188 4.37 20.16 35.78
N ILE A 189 4.96 19.94 34.60
CA ILE A 189 5.38 18.61 34.15
C ILE A 189 6.59 18.11 34.95
N LYS A 190 7.65 18.92 35.00
CA LYS A 190 8.84 18.61 35.79
C LYS A 190 8.46 18.20 37.21
N ALA A 191 7.60 19.02 37.85
CA ALA A 191 7.09 18.75 39.20
C ALA A 191 6.44 17.37 39.35
N TYR A 192 5.45 17.07 38.51
CA TYR A 192 4.77 15.78 38.57
C TYR A 192 5.74 14.63 38.33
N MET A 193 6.69 14.82 37.42
CA MET A 193 7.66 13.78 37.08
C MET A 193 8.61 13.47 38.23
N GLU A 194 8.84 14.48 39.07
CA GLU A 194 9.63 14.31 40.27
C GLU A 194 8.79 13.91 41.48
N SER A 195 7.47 13.86 41.32
CA SER A 195 6.58 13.49 42.42
C SER A 195 6.48 11.98 42.68
N GLU A 196 5.81 11.62 43.76
CA GLU A 196 5.59 10.21 44.14
C GLU A 196 4.48 9.57 43.30
N LYS A 197 3.69 10.42 42.63
CA LYS A 197 2.60 10.01 41.76
C LYS A 197 3.09 9.46 40.42
N PHE A 198 4.31 9.81 40.03
CA PHE A 198 4.85 9.44 38.72
C PHE A 198 5.09 7.92 38.57
N ILE A 199 4.48 7.33 37.55
CA ILE A 199 4.79 5.97 37.13
C ILE A 199 5.86 6.09 36.05
N LYS A 200 7.02 5.51 36.33
CA LYS A 200 8.19 5.65 35.48
C LYS A 200 8.39 4.36 34.67
N TRP A 201 7.88 3.26 35.22
CA TRP A 201 8.04 1.93 34.65
C TRP A 201 6.89 1.09 35.21
N PRO A 202 6.41 0.07 34.47
CA PRO A 202 6.73 -0.35 33.09
C PRO A 202 6.08 0.54 32.03
N LEU A 203 6.62 0.52 30.81
CA LEU A 203 6.15 1.34 29.71
C LEU A 203 4.90 0.72 29.14
N ASN A 204 5.00 -0.57 28.86
CA ASN A 204 3.90 -1.39 28.39
C ASN A 204 3.42 -2.21 29.57
N SER A 205 2.57 -3.19 29.31
CA SER A 205 2.11 -4.03 30.42
C SER A 205 3.25 -4.90 30.89
N TRP A 206 3.14 -5.38 32.12
CA TRP A 206 4.19 -6.20 32.75
C TRP A 206 4.64 -7.37 31.88
N ILE A 207 3.68 -7.94 31.16
CA ILE A 207 3.86 -9.20 30.44
C ILE A 207 4.52 -9.07 29.06
N ALA A 208 4.77 -7.84 28.61
CA ALA A 208 5.43 -7.64 27.32
C ALA A 208 6.87 -8.18 27.29
N SER A 209 7.33 -8.53 26.08
CA SER A 209 8.71 -8.95 25.89
C SER A 209 9.68 -7.81 26.20
N PHE A 210 9.26 -6.59 25.91
CA PHE A 210 10.07 -5.41 26.17
C PHE A 210 9.22 -4.29 26.76
N GLY A 211 9.84 -3.45 27.57
CA GLY A 211 9.14 -2.40 28.29
C GLY A 211 8.32 -2.98 29.44
N GLY A 212 8.55 -4.26 29.75
CA GLY A 212 7.86 -4.96 30.83
C GLY A 212 8.69 -5.20 32.08
N GLY A 213 8.25 -6.13 32.93
CA GLY A 213 8.92 -6.42 34.19
C GLY A 213 8.43 -5.56 35.34
N ASP A 214 8.62 -6.05 36.56
CA ASP A 214 8.12 -5.39 37.78
C ASP A 214 8.84 -4.08 38.14
N ALA A 215 9.92 -3.81 37.41
CA ALA A 215 10.69 -2.57 37.47
C ALA A 215 11.90 -2.84 36.62
N ALA A 216 12.33 -1.86 35.82
CA ALA A 216 13.57 -2.04 35.05
C ALA A 216 14.33 -0.75 34.73
N PRO A 217 15.32 -0.38 35.57
CA PRO A 217 16.29 0.63 35.18
C PRO A 217 17.18 0.05 34.07
N ALA A 218 16.81 0.33 32.82
CA ALA A 218 17.36 -0.32 31.62
C ALA A 218 16.84 -1.74 31.43
N PRO B 2 -13.63 18.39 -6.94
CA PRO B 2 -13.82 17.34 -5.94
C PRO B 2 -12.60 17.17 -5.01
N ALA B 3 -12.81 16.47 -3.89
CA ALA B 3 -11.71 16.06 -3.03
C ALA B 3 -10.90 14.94 -3.69
N LYS B 4 -9.61 14.88 -3.40
CA LYS B 4 -8.75 13.82 -3.94
C LYS B 4 -8.26 12.91 -2.83
N LEU B 5 -8.46 11.61 -3.01
CA LEU B 5 -8.03 10.63 -2.04
C LEU B 5 -7.16 9.56 -2.66
N GLY B 6 -6.49 8.82 -1.79
CA GLY B 6 -5.66 7.75 -2.27
C GLY B 6 -5.51 6.70 -1.22
N TYR B 7 -5.37 5.46 -1.69
CA TYR B 7 -5.19 4.31 -0.84
C TYR B 7 -4.78 3.14 -1.74
N TRP B 8 -4.39 2.02 -1.13
CA TRP B 8 -4.34 0.73 -1.81
C TRP B 8 -5.74 0.37 -2.36
N LYS B 9 -5.80 -0.44 -3.43
CA LYS B 9 -7.05 -0.93 -3.98
C LYS B 9 -7.58 -2.08 -3.13
N ILE B 10 -7.81 -1.78 -1.85
CA ILE B 10 -8.33 -2.72 -0.87
C ILE B 10 -9.41 -2.01 -0.06
N ARG B 11 -10.10 -2.76 0.79
CA ARG B 11 -11.04 -2.18 1.72
C ARG B 11 -10.29 -1.45 2.83
N GLY B 12 -9.65 -2.22 3.71
CA GLY B 12 -8.85 -1.70 4.80
C GLY B 12 -9.48 -0.54 5.54
N LEU B 13 -8.67 0.49 5.77
CA LEU B 13 -9.05 1.61 6.62
C LEU B 13 -9.86 2.64 5.85
N GLN B 14 -9.88 2.49 4.53
CA GLN B 14 -10.49 3.48 3.67
C GLN B 14 -11.98 3.26 3.42
N GLN B 15 -12.46 2.01 3.50
CA GLN B 15 -13.88 1.72 3.21
C GLN B 15 -14.82 2.67 3.95
N PRO B 16 -14.67 2.82 5.27
CA PRO B 16 -15.59 3.70 5.99
C PRO B 16 -15.63 5.12 5.44
N VAL B 17 -14.48 5.67 5.05
CA VAL B 17 -14.47 7.00 4.44
C VAL B 17 -15.18 7.00 3.09
N ARG B 18 -14.94 5.97 2.28
CA ARG B 18 -15.67 5.77 1.03
C ARG B 18 -17.18 5.81 1.27
N LEU B 19 -17.64 4.96 2.19
CA LEU B 19 -19.03 4.88 2.58
C LEU B 19 -19.61 6.24 3.06
N LEU B 20 -18.86 6.92 3.92
CA LEU B 20 -19.27 8.23 4.42
C LEU B 20 -19.48 9.22 3.28
N LEU B 21 -18.50 9.31 2.36
CA LEU B 21 -18.57 10.22 1.23
C LEU B 21 -19.78 9.92 0.35
N GLU B 22 -19.97 8.64 0.04
CA GLU B 22 -21.12 8.20 -0.74
C GLU B 22 -22.44 8.53 -0.07
N TYR B 23 -22.52 8.30 1.24
CA TYR B 23 -23.72 8.63 1.99
C TYR B 23 -24.06 10.11 1.93
N LEU B 24 -23.03 10.96 2.06
CA LEU B 24 -23.23 12.40 2.08
C LEU B 24 -23.32 12.99 0.68
N GLY B 25 -23.17 12.15 -0.33
CA GLY B 25 -23.23 12.59 -1.72
C GLY B 25 -22.13 13.55 -2.09
N GLU B 26 -21.03 13.51 -1.33
CA GLU B 26 -19.86 14.36 -1.57
C GLU B 26 -19.10 13.86 -2.80
N GLU B 27 -18.54 14.79 -3.57
CA GLU B 27 -17.88 14.45 -4.82
C GLU B 27 -16.42 14.14 -4.55
N TYR B 28 -15.93 13.03 -5.07
CA TYR B 28 -14.54 12.68 -4.89
C TYR B 28 -14.00 11.85 -6.02
N GLU B 29 -12.68 11.91 -6.16
CA GLU B 29 -11.96 10.97 -7.01
CA GLU B 29 -11.93 11.01 -7.04
C GLU B 29 -10.83 10.36 -6.21
N GLU B 30 -10.65 9.06 -6.36
CA GLU B 30 -9.67 8.33 -5.57
C GLU B 30 -8.62 7.69 -6.46
N HIS B 31 -7.35 7.91 -6.11
CA HIS B 31 -6.27 7.22 -6.76
C HIS B 31 -6.02 5.91 -6.06
N LEU B 32 -6.15 4.81 -6.80
CA LEU B 32 -6.05 3.48 -6.23
C LEU B 32 -4.72 2.83 -6.59
N TYR B 33 -3.93 2.54 -5.57
CA TYR B 33 -2.65 1.85 -5.75
C TYR B 33 -2.84 0.34 -5.73
N GLY B 34 -2.60 -0.30 -6.87
CA GLY B 34 -2.69 -1.76 -6.99
C GLY B 34 -1.59 -2.48 -6.25
N ARG B 35 -1.61 -3.80 -6.26
CA ARG B 35 -0.67 -4.61 -5.48
C ARG B 35 0.81 -4.34 -5.81
N ASP B 36 1.07 -3.99 -7.06
CA ASP B 36 2.42 -3.84 -7.57
C ASP B 36 2.75 -2.37 -7.86
N ASP B 37 2.09 -1.49 -7.13
CA ASP B 37 2.31 -0.05 -7.24
C ASP B 37 3.02 0.54 -6.00
N ARG B 38 3.47 -0.32 -5.09
CA ARG B 38 4.16 0.14 -3.88
C ARG B 38 5.24 1.19 -4.19
N GLU B 39 6.15 0.83 -5.09
CA GLU B 39 7.22 1.72 -5.50
C GLU B 39 6.66 3.05 -6.01
N LYS B 40 5.55 3.00 -6.74
CA LYS B 40 4.88 4.19 -7.25
C LYS B 40 4.48 5.12 -6.10
N TRP B 41 3.82 4.58 -5.07
CA TRP B 41 3.49 5.33 -3.86
C TRP B 41 4.72 5.91 -3.18
N LEU B 42 5.79 5.13 -3.12
CA LEU B 42 7.00 5.59 -2.42
C LEU B 42 7.58 6.86 -3.03
N GLY B 43 7.16 7.17 -4.25
CA GLY B 43 7.55 8.40 -4.92
C GLY B 43 6.49 9.50 -4.96
N ASP B 44 5.26 9.16 -4.62
CA ASP B 44 4.24 10.17 -4.48
C ASP B 44 4.25 10.67 -3.05
N LYS B 45 4.53 9.76 -2.15
CA LYS B 45 4.53 9.96 -0.71
C LYS B 45 5.03 11.35 -0.28
N PHE B 46 6.19 11.76 -0.80
CA PHE B 46 6.86 12.94 -0.31
C PHE B 46 6.64 14.14 -1.19
N ASN B 47 5.80 13.98 -2.20
CA ASN B 47 5.56 15.06 -3.15
C ASN B 47 4.12 15.52 -3.32
N MET B 48 3.29 15.25 -2.34
CA MET B 48 1.91 15.75 -2.42
C MET B 48 1.65 16.88 -1.43
N GLY B 49 2.69 17.29 -0.72
CA GLY B 49 2.55 18.36 0.24
C GLY B 49 1.91 17.84 1.53
N LEU B 50 2.03 16.53 1.77
CA LEU B 50 1.50 15.92 2.97
C LEU B 50 2.44 16.15 4.16
N ASP B 51 1.90 16.67 5.25
CA ASP B 51 2.68 16.93 6.46
C ASP B 51 3.20 15.65 7.06
N LEU B 52 2.34 14.64 7.11
CA LEU B 52 2.71 13.34 7.69
C LEU B 52 2.30 12.25 6.70
N PRO B 53 3.15 12.02 5.68
CA PRO B 53 2.78 11.16 4.57
C PRO B 53 2.36 9.77 5.02
N ASN B 54 1.22 9.32 4.50
CA ASN B 54 0.69 8.02 4.86
C ASN B 54 -0.47 7.70 3.94
N LEU B 55 -0.94 6.45 4.01
CA LEU B 55 -2.10 6.00 3.26
C LEU B 55 -3.18 5.57 4.26
N PRO B 56 -4.42 6.08 4.07
CA PRO B 56 -4.89 6.95 3.00
C PRO B 56 -4.54 8.42 3.17
N TYR B 57 -4.69 9.18 2.09
CA TYR B 57 -4.61 10.63 2.15
C TYR B 57 -5.85 11.27 1.56
N TYR B 58 -6.06 12.52 1.93
CA TYR B 58 -7.15 13.34 1.45
C TYR B 58 -6.57 14.70 1.10
N ILE B 59 -6.82 15.16 -0.13
CA ILE B 59 -6.34 16.46 -0.56
C ILE B 59 -7.45 17.23 -1.27
N ASP B 60 -7.74 18.43 -0.78
CA ASP B 60 -8.57 19.38 -1.53
C ASP B 60 -8.01 20.81 -1.40
N ASP B 61 -8.74 21.81 -1.89
CA ASP B 61 -8.25 23.19 -1.92
C ASP B 61 -7.95 23.79 -0.54
N LYS B 62 -8.68 23.28 0.46
CA LYS B 62 -8.67 23.80 1.83
C LYS B 62 -7.77 23.02 2.79
N CYS B 63 -7.54 21.75 2.50
CA CYS B 63 -6.94 20.87 3.50
C CYS B 63 -6.21 19.66 2.91
N LYS B 64 -5.14 19.28 3.59
CA LYS B 64 -4.32 18.12 3.22
C LYS B 64 -4.14 17.24 4.43
N LEU B 65 -4.55 15.99 4.30
CA LEU B 65 -4.78 15.16 5.46
C LEU B 65 -4.32 13.74 5.26
N THR B 66 -3.79 13.16 6.33
CA THR B 66 -3.65 11.71 6.42
C THR B 66 -4.35 11.25 7.69
N GLN B 67 -4.37 9.94 7.93
CA GLN B 67 -5.08 9.33 9.06
C GLN B 67 -6.58 9.21 8.74
N SER B 68 -7.01 7.98 8.50
CA SER B 68 -8.36 7.69 8.02
C SER B 68 -9.44 8.28 8.89
N VAL B 69 -9.27 8.24 10.22
CA VAL B 69 -10.31 8.77 11.07
C VAL B 69 -10.29 10.30 11.05
N ALA B 70 -9.11 10.90 10.94
CA ALA B 70 -9.04 12.35 10.79
C ALA B 70 -9.75 12.79 9.53
N ILE B 71 -9.61 11.99 8.47
CA ILE B 71 -10.27 12.29 7.19
C ILE B 71 -11.81 12.22 7.34
N MET B 72 -12.31 11.12 7.90
CA MET B 72 -13.74 10.98 8.20
C MET B 72 -14.27 12.12 9.07
N ARG B 73 -13.50 12.48 10.10
CA ARG B 73 -13.89 13.51 11.03
C ARG B 73 -13.98 14.86 10.36
N TYR B 74 -13.10 15.12 9.40
CA TYR B 74 -13.09 16.36 8.65
C TYR B 74 -14.35 16.48 7.81
N ILE B 75 -14.64 15.43 7.05
CA ILE B 75 -15.83 15.35 6.23
C ILE B 75 -17.10 15.51 7.09
N ALA B 76 -17.15 14.81 8.22
CA ALA B 76 -18.28 14.91 9.14
C ALA B 76 -18.39 16.30 9.78
N ASP B 77 -17.24 16.90 10.10
CA ASP B 77 -17.19 18.23 10.74
C ASP B 77 -17.80 19.30 9.85
N LYS B 78 -17.54 19.21 8.56
CA LYS B 78 -18.15 20.08 7.56
C LYS B 78 -19.66 19.97 7.49
N HIS B 79 -20.21 18.83 7.91
CA HIS B 79 -21.67 18.63 7.88
C HIS B 79 -22.30 18.74 9.26
N GLY B 80 -21.52 19.21 10.23
CA GLY B 80 -21.96 19.36 11.62
C GLY B 80 -22.36 18.07 12.33
N MET B 81 -21.61 17.01 12.08
CA MET B 81 -21.98 15.68 12.55
C MET B 81 -21.20 15.18 13.78
N LEU B 82 -20.35 16.03 14.35
CA LEU B 82 -19.39 15.55 15.35
C LEU B 82 -19.81 15.69 16.81
N GLY B 83 -20.86 16.47 17.06
CA GLY B 83 -21.36 16.70 18.43
C GLY B 83 -21.39 18.18 18.77
N SER B 84 -22.36 18.57 19.58
CA SER B 84 -22.64 19.99 19.86
C SER B 84 -22.01 20.46 21.16
N THR B 85 -21.60 19.50 21.98
CA THR B 85 -21.05 19.77 23.30
C THR B 85 -19.75 19.00 23.43
N PRO B 86 -18.89 19.36 24.41
CA PRO B 86 -17.69 18.59 24.67
C PRO B 86 -17.98 17.12 25.00
N GLU B 87 -19.03 16.87 25.78
CA GLU B 87 -19.38 15.50 26.13
C GLU B 87 -19.97 14.69 24.98
N GLU B 88 -20.73 15.33 24.09
CA GLU B 88 -21.21 14.68 22.87
C GLU B 88 -20.05 14.31 21.97
N ARG B 89 -19.14 15.26 21.76
CA ARG B 89 -18.00 15.03 20.90
C ARG B 89 -17.08 13.94 21.42
N ALA B 90 -16.86 13.94 22.73
CA ALA B 90 -16.06 12.91 23.40
C ALA B 90 -16.68 11.54 23.24
N ARG B 91 -18.00 11.49 23.34
CA ARG B 91 -18.70 10.22 23.30
C ARG B 91 -18.54 9.61 21.90
N ILE B 92 -18.65 10.46 20.88
CA ILE B 92 -18.42 10.03 19.51
C ILE B 92 -16.97 9.59 19.28
N SER B 93 -16.03 10.34 19.86
CA SER B 93 -14.63 9.96 19.85
C SER B 93 -14.37 8.60 20.50
N MET B 94 -15.10 8.30 21.57
CA MET B 94 -15.01 6.99 22.25
C MET B 94 -15.49 5.86 21.36
N ILE B 95 -16.66 6.01 20.75
CA ILE B 95 -17.23 4.97 19.88
C ILE B 95 -16.28 4.71 18.71
N GLU B 96 -15.78 5.81 18.14
CA GLU B 96 -14.80 5.82 17.09
C GLU B 96 -13.55 4.99 17.45
N GLY B 97 -12.97 5.24 18.61
CA GLY B 97 -11.81 4.48 19.05
C GLY B 97 -12.12 3.00 19.28
N ALA B 98 -13.29 2.71 19.86
CA ALA B 98 -13.69 1.33 20.09
C ALA B 98 -13.93 0.61 18.76
N ALA B 99 -14.44 1.35 17.78
CA ALA B 99 -14.68 0.85 16.44
C ALA B 99 -13.36 0.49 15.76
N MET B 100 -12.37 1.33 15.94
CA MET B 100 -11.03 1.04 15.42
C MET B 100 -10.46 -0.21 16.11
N ASP B 101 -10.67 -0.34 17.42
CA ASP B 101 -10.26 -1.57 18.13
C ASP B 101 -10.88 -2.80 17.50
N LEU B 102 -12.17 -2.71 17.16
CA LEU B 102 -12.90 -3.83 16.56
C LEU B 102 -12.28 -4.21 15.22
N ARG B 103 -12.00 -3.21 14.39
CA ARG B 103 -11.34 -3.44 13.10
C ARG B 103 -9.91 -3.97 13.26
N MET B 104 -9.16 -3.37 14.18
CA MET B 104 -7.75 -3.69 14.35
C MET B 104 -7.53 -5.06 14.98
N GLY B 105 -8.48 -5.51 15.79
CA GLY B 105 -8.44 -6.85 16.36
C GLY B 105 -8.49 -7.89 15.25
N PHE B 106 -9.22 -7.54 14.19
CA PHE B 106 -9.36 -8.37 13.01
C PHE B 106 -8.08 -8.30 12.16
N VAL B 107 -7.43 -7.14 12.12
CA VAL B 107 -6.10 -7.01 11.52
C VAL B 107 -5.04 -7.90 12.20
N ARG B 108 -4.85 -7.75 13.51
CA ARG B 108 -3.84 -8.55 14.24
C ARG B 108 -4.07 -10.08 14.32
N VAL B 109 -5.26 -10.57 13.97
CA VAL B 109 -5.45 -12.04 13.85
C VAL B 109 -5.11 -12.49 12.44
N CYS B 110 -5.41 -11.62 11.48
CA CYS B 110 -5.27 -11.93 10.07
C CYS B 110 -3.81 -11.83 9.58
N TYR B 111 -2.99 -11.05 10.29
CA TYR B 111 -1.59 -10.86 9.94
C TYR B 111 -0.64 -11.73 10.79
N ASN B 112 -1.21 -12.70 11.50
CA ASN B 112 -0.38 -13.70 12.20
C ASN B 112 0.29 -14.68 11.23
N PRO B 113 1.60 -14.91 11.42
CA PRO B 113 2.35 -15.90 10.64
C PRO B 113 1.81 -17.33 10.88
N LYS B 114 1.29 -17.57 12.08
CA LYS B 114 0.60 -18.81 12.39
C LYS B 114 -0.90 -18.50 12.60
N PHE B 115 -1.57 -18.19 11.48
CA PHE B 115 -2.98 -17.80 11.49
C PHE B 115 -3.93 -18.96 11.81
N GLU B 116 -3.68 -20.10 11.17
CA GLU B 116 -4.53 -21.28 11.30
C GLU B 116 -4.44 -21.95 12.67
N GLU B 117 -3.60 -21.41 13.55
CA GLU B 117 -3.40 -21.98 14.88
C GLU B 117 -3.65 -20.97 16.01
N VAL B 118 -4.25 -19.84 15.67
CA VAL B 118 -4.58 -18.78 16.63
C VAL B 118 -5.98 -18.17 16.39
N LYS B 119 -6.58 -18.52 15.26
CA LYS B 119 -7.95 -18.09 14.95
C LYS B 119 -8.96 -18.67 15.94
N GLY B 120 -8.61 -19.81 16.55
CA GLY B 120 -9.42 -20.45 17.58
C GLY B 120 -9.62 -19.59 18.82
N ASP B 121 -8.62 -18.79 19.16
CA ASP B 121 -8.70 -17.94 20.35
C ASP B 121 -9.38 -16.59 20.11
N TYR B 122 -9.09 -15.96 18.98
CA TYR B 122 -9.77 -14.72 18.60
C TYR B 122 -11.28 -14.91 18.58
N LEU B 123 -11.72 -15.95 17.87
CA LEU B 123 -13.14 -16.36 17.75
C LEU B 123 -13.80 -16.73 19.07
N LYS B 124 -13.00 -17.05 20.09
CA LYS B 124 -13.53 -17.41 21.38
C LYS B 124 -13.88 -16.13 22.16
N GLU B 125 -13.00 -15.14 22.05
CA GLU B 125 -13.21 -13.83 22.68
C GLU B 125 -14.13 -12.93 21.83
N LEU B 126 -14.39 -13.33 20.59
CA LEU B 126 -15.26 -12.54 19.70
C LEU B 126 -16.71 -12.30 20.20
N PRO B 127 -17.42 -13.35 20.68
CA PRO B 127 -18.78 -13.12 21.20
C PRO B 127 -18.88 -12.11 22.34
N THR B 128 -17.86 -12.06 23.18
CA THR B 128 -17.85 -11.11 24.30
C THR B 128 -17.79 -9.69 23.77
N THR B 129 -16.99 -9.52 22.72
CA THR B 129 -16.79 -8.23 22.09
C THR B 129 -18.07 -7.77 21.38
N LEU B 130 -18.67 -8.69 20.63
CA LEU B 130 -19.95 -8.44 19.97
C LEU B 130 -21.08 -8.16 20.96
N LYS B 131 -21.10 -8.86 22.10
CA LYS B 131 -22.12 -8.59 23.12
C LYS B 131 -22.04 -7.15 23.63
N MET B 132 -20.82 -6.65 23.80
CA MET B 132 -20.60 -5.28 24.25
C MET B 132 -21.21 -4.27 23.28
N TRP B 133 -20.98 -4.48 21.99
CA TRP B 133 -21.52 -3.63 20.95
C TRP B 133 -23.02 -3.73 20.88
N SER B 134 -23.54 -4.95 21.00
CA SER B 134 -24.98 -5.15 21.02
C SER B 134 -25.64 -4.41 22.17
N ASN B 135 -25.06 -4.54 23.36
CA ASN B 135 -25.58 -3.82 24.52
C ASN B 135 -25.53 -2.32 24.37
N PHE B 136 -24.44 -1.82 23.78
CA PHE B 136 -24.29 -0.38 23.59
C PHE B 136 -25.33 0.17 22.61
N LEU B 137 -25.65 -0.61 21.57
CA LEU B 137 -26.61 -0.18 20.57
C LEU B 137 -28.01 -0.08 21.18
N GLY B 138 -28.37 -1.08 21.97
CA GLY B 138 -29.72 -1.16 22.54
C GLY B 138 -30.79 -1.18 21.45
N ASP B 139 -31.75 -0.27 21.56
CA ASP B 139 -32.86 -0.20 20.60
C ASP B 139 -32.71 0.90 19.58
N ARG B 140 -31.63 1.67 19.69
CA ARG B 140 -31.31 2.69 18.70
C ARG B 140 -31.14 2.10 17.30
N HIS B 141 -31.44 2.89 16.27
CA HIS B 141 -31.20 2.52 14.89
C HIS B 141 -29.70 2.58 14.60
N TYR B 142 -29.03 3.58 15.14
CA TYR B 142 -27.61 3.78 14.92
C TYR B 142 -26.86 4.03 16.23
N LEU B 143 -25.54 4.01 16.15
CA LEU B 143 -24.68 4.14 17.33
C LEU B 143 -24.84 5.44 18.13
N THR B 144 -25.16 6.55 17.48
CA THR B 144 -25.24 7.84 18.18
C THR B 144 -26.67 8.37 18.29
N GLY B 145 -27.66 7.57 17.87
CA GLY B 145 -29.06 7.96 17.90
C GLY B 145 -29.82 7.53 16.66
N SER B 146 -30.58 8.46 16.11
CA SER B 146 -31.43 8.16 14.96
C SER B 146 -30.82 8.61 13.64
N SER B 147 -29.76 9.40 13.71
CA SER B 147 -29.01 9.84 12.52
C SER B 147 -27.76 9.00 12.33
N VAL B 148 -27.35 8.84 11.07
CA VAL B 148 -26.15 8.09 10.72
C VAL B 148 -24.91 8.92 11.06
N SER B 149 -23.89 8.25 11.58
CA SER B 149 -22.61 8.89 11.88
C SER B 149 -21.51 8.11 11.20
N HIS B 150 -20.34 8.76 11.02
CA HIS B 150 -19.17 8.13 10.39
C HIS B 150 -18.78 6.87 11.18
N VAL B 151 -19.00 6.94 12.47
CA VAL B 151 -18.79 5.85 13.41
C VAL B 151 -19.60 4.57 13.07
N ASP B 152 -20.81 4.76 12.54
CA ASP B 152 -21.62 3.65 12.07
C ASP B 152 -20.99 2.92 10.88
N PHE B 153 -20.40 3.68 9.96
CA PHE B 153 -19.73 3.09 8.81
C PHE B 153 -18.49 2.31 9.23
N MET B 154 -17.75 2.84 10.21
CA MET B 154 -16.63 2.13 10.80
C MET B 154 -17.05 0.77 11.39
N VAL B 155 -18.07 0.79 12.24
CA VAL B 155 -18.53 -0.47 12.87
C VAL B 155 -19.13 -1.40 11.81
N TYR B 156 -19.91 -0.83 10.91
CA TYR B 156 -20.47 -1.63 9.82
C TYR B 156 -19.36 -2.40 9.09
N GLU B 157 -18.33 -1.67 8.66
CA GLU B 157 -17.24 -2.28 7.90
C GLU B 157 -16.54 -3.38 8.70
N ALA B 158 -16.27 -3.11 9.98
CA ALA B 158 -15.65 -4.11 10.84
C ALA B 158 -16.49 -5.39 10.89
N LEU B 159 -17.81 -5.22 11.04
CA LEU B 159 -18.70 -6.37 11.12
C LEU B 159 -18.75 -7.15 9.82
N ASP B 160 -18.86 -6.45 8.69
CA ASP B 160 -18.89 -7.12 7.39
C ASP B 160 -17.58 -7.87 7.09
N CYS B 161 -16.47 -7.37 7.62
CA CYS B 161 -15.19 -8.04 7.49
C CYS B 161 -15.13 -9.26 8.38
N ILE B 162 -15.44 -9.06 9.66
CA ILE B 162 -15.37 -10.13 10.65
C ILE B 162 -16.21 -11.36 10.27
N ARG B 163 -17.26 -11.15 9.47
CA ARG B 163 -18.12 -12.26 9.16
C ARG B 163 -17.58 -13.17 8.06
N TYR B 164 -16.50 -12.76 7.40
CA TYR B 164 -15.84 -13.62 6.43
C TYR B 164 -15.07 -14.74 7.12
N LEU B 165 -14.56 -14.45 8.31
CA LEU B 165 -13.94 -15.43 9.16
C LEU B 165 -14.99 -16.27 9.89
N ALA B 166 -15.91 -15.57 10.55
CA ALA B 166 -16.96 -16.16 11.37
C ALA B 166 -18.32 -15.82 10.78
N PRO B 167 -18.80 -16.60 9.79
CA PRO B 167 -19.97 -16.28 8.99
C PRO B 167 -21.26 -16.22 9.77
N GLN B 168 -21.25 -16.89 10.93
CA GLN B 168 -22.44 -17.10 11.74
C GLN B 168 -22.32 -16.37 13.09
N CYS B 169 -21.28 -15.54 13.22
CA CYS B 169 -21.03 -14.76 14.42
C CYS B 169 -22.19 -13.85 14.82
N LEU B 170 -22.94 -13.37 13.83
CA LEU B 170 -24.06 -12.44 14.06
C LEU B 170 -25.44 -13.11 14.31
N GLU B 171 -25.50 -14.43 14.24
CA GLU B 171 -26.73 -15.18 14.55
C GLU B 171 -27.19 -14.95 15.97
N ASP B 172 -26.25 -14.88 16.90
CA ASP B 172 -26.55 -14.59 18.30
C ASP B 172 -26.77 -13.11 18.61
N PHE B 173 -26.61 -12.24 17.61
CA PHE B 173 -26.66 -10.80 17.85
C PHE B 173 -27.52 -10.04 16.86
N PRO B 174 -28.82 -10.39 16.78
CA PRO B 174 -29.71 -9.97 15.69
C PRO B 174 -29.92 -8.48 15.64
N LYS B 175 -29.65 -7.78 16.73
CA LYS B 175 -29.66 -6.32 16.71
C LYS B 175 -28.45 -5.75 15.96
N LEU B 176 -27.30 -6.45 16.03
CA LEU B 176 -26.15 -6.10 15.19
C LEU B 176 -26.42 -6.46 13.73
N LYS B 177 -27.03 -7.62 13.49
CA LYS B 177 -27.38 -8.02 12.12
C LYS B 177 -28.32 -6.96 11.55
N GLU B 178 -29.36 -6.67 12.30
CA GLU B 178 -30.31 -5.66 11.94
C GLU B 178 -29.62 -4.35 11.60
N PHE B 179 -28.65 -3.95 12.45
CA PHE B 179 -27.90 -2.70 12.28
C PHE B 179 -27.17 -2.75 10.96
N LYS B 180 -26.50 -3.88 10.75
CA LYS B 180 -25.76 -4.15 9.55
C LYS B 180 -26.61 -3.94 8.31
N SER B 181 -27.80 -4.54 8.28
CA SER B 181 -28.68 -4.41 7.11
C SER B 181 -29.23 -3.01 6.93
N ARG B 182 -29.55 -2.35 8.02
CA ARG B 182 -30.00 -0.97 7.94
C ARG B 182 -28.98 -0.14 7.12
N ILE B 183 -27.71 -0.26 7.47
CA ILE B 183 -26.60 0.42 6.79
C ILE B 183 -26.56 0.03 5.31
N GLU B 184 -26.57 -1.26 5.04
CA GLU B 184 -26.59 -1.74 3.66
C GLU B 184 -27.81 -1.24 2.87
N ASP B 185 -28.96 -1.10 3.53
CA ASP B 185 -30.19 -0.75 2.82
C ASP B 185 -30.33 0.77 2.61
N LEU B 186 -29.58 1.58 3.36
CA LEU B 186 -29.56 3.03 3.08
C LEU B 186 -29.42 3.26 1.55
N PRO B 187 -30.32 4.08 0.95
CA PRO B 187 -30.41 4.20 -0.49
C PRO B 187 -29.04 4.49 -1.18
N LYS B 188 -28.29 5.47 -0.69
CA LYS B 188 -26.99 5.83 -1.31
C LYS B 188 -25.94 4.74 -1.13
N ILE B 189 -26.06 4.00 -0.03
CA ILE B 189 -25.14 2.93 0.30
C ILE B 189 -25.42 1.68 -0.53
N LYS B 190 -26.70 1.34 -0.67
CA LYS B 190 -27.15 0.24 -1.52
C LYS B 190 -26.70 0.45 -2.97
N ALA B 191 -26.99 1.64 -3.50
CA ALA B 191 -26.66 2.00 -4.87
C ALA B 191 -25.14 1.91 -5.12
N TYR B 192 -24.37 2.40 -4.15
CA TYR B 192 -22.92 2.34 -4.18
C TYR B 192 -22.41 0.91 -4.10
N MET B 193 -22.99 0.10 -3.23
CA MET B 193 -22.53 -1.28 -3.08
C MET B 193 -22.75 -2.12 -4.34
N GLU B 194 -23.61 -1.60 -5.22
CA GLU B 194 -23.92 -2.21 -6.50
C GLU B 194 -23.08 -1.61 -7.62
N SER B 195 -22.43 -0.47 -7.36
CA SER B 195 -21.77 0.26 -8.43
C SER B 195 -20.42 -0.33 -8.86
N GLU B 196 -19.89 0.20 -9.96
CA GLU B 196 -18.65 -0.24 -10.57
C GLU B 196 -17.47 0.04 -9.63
N LYS B 197 -17.55 1.15 -8.92
CA LYS B 197 -16.51 1.65 -8.00
C LYS B 197 -16.35 0.82 -6.73
N PHE B 198 -17.33 -0.01 -6.42
CA PHE B 198 -17.29 -0.69 -5.14
C PHE B 198 -16.20 -1.76 -5.07
N ILE B 199 -15.46 -1.76 -3.95
CA ILE B 199 -14.41 -2.76 -3.74
C ILE B 199 -14.84 -3.73 -2.66
N LYS B 200 -15.03 -4.99 -3.06
CA LYS B 200 -15.49 -6.00 -2.16
C LYS B 200 -14.36 -6.87 -1.64
N TRP B 201 -13.25 -6.91 -2.37
CA TRP B 201 -12.11 -7.71 -1.95
C TRP B 201 -10.82 -7.06 -2.45
N PRO B 202 -9.71 -7.17 -1.67
CA PRO B 202 -9.58 -7.78 -0.35
C PRO B 202 -10.00 -6.88 0.81
N LEU B 203 -10.16 -7.48 1.98
CA LEU B 203 -10.49 -6.80 3.21
C LEU B 203 -9.28 -6.05 3.74
N ASN B 204 -8.20 -6.81 3.93
CA ASN B 204 -6.92 -6.28 4.38
C ASN B 204 -5.99 -6.12 3.17
N SER B 205 -4.73 -5.76 3.39
CA SER B 205 -3.79 -5.77 2.26
C SER B 205 -3.58 -7.20 1.76
N TRP B 206 -3.20 -7.33 0.50
CA TRP B 206 -3.08 -8.62 -0.17
C TRP B 206 -2.23 -9.66 0.54
N ILE B 207 -1.21 -9.23 1.27
CA ILE B 207 -0.25 -10.13 1.91
C ILE B 207 -0.77 -10.80 3.21
N ALA B 208 -1.92 -10.37 3.71
CA ALA B 208 -2.44 -10.89 4.99
C ALA B 208 -2.77 -12.39 4.92
N SER B 209 -2.57 -13.11 6.03
CA SER B 209 -2.92 -14.53 6.09
C SER B 209 -4.42 -14.78 5.94
N PHE B 210 -5.22 -13.80 6.36
CA PHE B 210 -6.65 -13.80 6.10
C PHE B 210 -7.16 -12.42 5.72
N GLY B 211 -8.09 -12.38 4.78
CA GLY B 211 -8.68 -11.11 4.37
C GLY B 211 -7.97 -10.54 3.16
N GLY B 212 -6.91 -11.22 2.71
CA GLY B 212 -6.18 -10.81 1.52
C GLY B 212 -6.32 -11.72 0.31
N GLY B 213 -5.21 -11.93 -0.38
CA GLY B 213 -5.23 -12.68 -1.62
C GLY B 213 -5.98 -11.94 -2.70
N ASP B 214 -6.35 -12.66 -3.74
CA ASP B 214 -6.94 -12.09 -4.94
C ASP B 214 -8.46 -12.33 -5.02
N ALA B 215 -8.94 -13.28 -4.22
CA ALA B 215 -10.36 -13.61 -4.15
C ALA B 215 -10.82 -13.93 -2.74
N ALA B 216 -12.12 -13.77 -2.49
CA ALA B 216 -12.73 -14.19 -1.21
C ALA B 216 -12.83 -15.72 -1.12
N PRO B 217 -12.69 -16.28 0.09
CA PRO B 217 -12.97 -17.70 0.27
C PRO B 217 -14.48 -17.91 0.46
N ALA B 218 -14.93 -19.16 0.34
CA ALA B 218 -16.37 -19.45 0.50
C ALA B 218 -16.63 -20.79 1.22
N PRO C 2 51.35 -32.93 -11.47
CA PRO C 2 50.63 -32.11 -10.48
C PRO C 2 49.73 -31.06 -11.14
N ALA C 3 48.76 -30.58 -10.38
CA ALA C 3 47.84 -29.57 -10.86
C ALA C 3 48.28 -28.19 -10.43
N LYS C 4 47.94 -27.20 -11.25
CA LYS C 4 48.15 -25.80 -10.92
C LYS C 4 46.80 -25.22 -10.53
N LEU C 5 46.74 -24.53 -9.40
CA LEU C 5 45.53 -23.83 -8.97
C LEU C 5 45.85 -22.41 -8.61
N GLY C 6 44.82 -21.55 -8.62
CA GLY C 6 44.96 -20.17 -8.21
C GLY C 6 43.72 -19.70 -7.48
N TYR C 7 43.90 -18.81 -6.52
CA TYR C 7 42.80 -18.17 -5.82
C TYR C 7 43.36 -17.01 -5.04
N TRP C 8 42.50 -16.22 -4.39
CA TRP C 8 42.96 -15.19 -3.47
C TRP C 8 43.54 -15.87 -2.24
N LYS C 9 44.46 -15.20 -1.55
CA LYS C 9 44.99 -15.70 -0.27
C LYS C 9 43.92 -15.57 0.83
N ILE C 10 42.85 -16.34 0.64
CA ILE C 10 41.71 -16.37 1.54
C ILE C 10 41.18 -17.79 1.56
N ARG C 11 40.27 -18.05 2.50
CA ARG C 11 39.59 -19.33 2.60
C ARG C 11 38.61 -19.52 1.45
N GLY C 12 37.68 -18.58 1.35
CA GLY C 12 36.70 -18.54 0.26
C GLY C 12 36.08 -19.85 -0.17
N LEU C 13 35.89 -19.99 -1.49
CA LEU C 13 35.26 -21.15 -2.08
C LEU C 13 36.27 -22.25 -2.36
N GLN C 14 37.54 -21.89 -2.23
CA GLN C 14 38.67 -22.77 -2.51
C GLN C 14 39.03 -23.71 -1.36
N GLN C 15 38.83 -23.29 -0.11
CA GLN C 15 39.16 -24.20 1.02
C GLN C 15 38.72 -25.66 0.77
N PRO C 16 37.44 -25.88 0.42
CA PRO C 16 36.95 -27.25 0.28
C PRO C 16 37.69 -28.05 -0.80
N VAL C 17 38.14 -27.38 -1.87
CA VAL C 17 38.93 -28.07 -2.90
C VAL C 17 40.36 -28.28 -2.40
N ARG C 18 40.86 -27.32 -1.63
CA ARG C 18 42.15 -27.39 -1.00
C ARG C 18 42.15 -28.62 -0.07
N LEU C 19 41.13 -28.72 0.78
CA LEU C 19 40.94 -29.81 1.74
C LEU C 19 40.86 -31.19 1.09
N LEU C 20 40.09 -31.27 0.01
CA LEU C 20 39.87 -32.54 -0.67
C LEU C 20 41.16 -33.07 -1.32
N LEU C 21 41.97 -32.15 -1.85
CA LEU C 21 43.26 -32.52 -2.46
C LEU C 21 44.18 -33.17 -1.44
N GLU C 22 44.18 -32.62 -0.23
CA GLU C 22 44.96 -33.20 0.84
C GLU C 22 44.42 -34.57 1.28
N TYR C 23 43.10 -34.66 1.47
CA TYR C 23 42.49 -35.92 1.89
C TYR C 23 42.84 -37.05 0.93
N LEU C 24 42.96 -36.71 -0.36
CA LEU C 24 43.21 -37.70 -1.40
C LEU C 24 44.68 -37.83 -1.82
N GLY C 25 45.58 -37.26 -1.00
CA GLY C 25 47.03 -37.26 -1.26
C GLY C 25 47.44 -36.81 -2.66
N GLU C 26 46.61 -35.94 -3.24
CA GLU C 26 46.86 -35.41 -4.56
C GLU C 26 47.92 -34.31 -4.45
N GLU C 27 48.82 -34.25 -5.43
CA GLU C 27 49.87 -33.25 -5.46
C GLU C 27 49.46 -32.05 -6.31
N TYR C 28 49.69 -30.85 -5.80
CA TYR C 28 49.27 -29.65 -6.48
C TYR C 28 50.14 -28.49 -6.04
N GLU C 29 50.14 -27.42 -6.84
CA GLU C 29 50.70 -26.15 -6.40
C GLU C 29 49.58 -25.11 -6.46
N GLU C 30 49.51 -24.22 -5.49
CA GLU C 30 48.54 -23.14 -5.58
C GLU C 30 49.23 -21.79 -5.60
N HIS C 31 48.90 -21.00 -6.62
CA HIS C 31 49.38 -19.64 -6.70
C HIS C 31 48.35 -18.80 -5.99
N LEU C 32 48.81 -18.05 -5.00
CA LEU C 32 47.91 -17.27 -4.16
C LEU C 32 48.10 -15.79 -4.41
N TYR C 33 47.01 -15.12 -4.78
CA TYR C 33 47.04 -13.69 -5.03
C TYR C 33 46.60 -12.99 -3.76
N GLY C 34 47.48 -12.14 -3.25
CA GLY C 34 47.24 -11.40 -2.02
C GLY C 34 46.33 -10.21 -2.22
N ARG C 35 46.14 -9.45 -1.14
CA ARG C 35 45.18 -8.33 -1.10
C ARG C 35 45.42 -7.29 -2.20
N ASP C 36 46.68 -7.04 -2.50
CA ASP C 36 47.06 -6.02 -3.48
C ASP C 36 47.65 -6.62 -4.77
N ASP C 37 47.67 -7.94 -4.83
CA ASP C 37 48.12 -8.66 -6.03
C ASP C 37 47.01 -8.76 -7.07
N ARG C 38 46.08 -7.81 -7.03
CA ARG C 38 45.00 -7.67 -7.99
C ARG C 38 45.47 -7.66 -9.45
N GLU C 39 46.48 -6.87 -9.75
CA GLU C 39 46.97 -6.73 -11.13
C GLU C 39 47.83 -7.91 -11.56
N LYS C 40 48.33 -8.66 -10.59
CA LYS C 40 49.03 -9.90 -10.89
C LYS C 40 48.05 -10.97 -11.38
N TRP C 41 46.82 -10.93 -10.86
CA TRP C 41 45.76 -11.82 -11.35
C TRP C 41 45.35 -11.39 -12.74
N LEU C 42 45.21 -10.09 -12.91
CA LEU C 42 44.81 -9.51 -14.19
C LEU C 42 45.75 -9.93 -15.34
N GLY C 43 47.05 -9.96 -15.06
CA GLY C 43 48.03 -10.44 -16.04
C GLY C 43 48.02 -11.95 -16.27
N ASP C 44 47.18 -12.67 -15.52
CA ASP C 44 47.09 -14.14 -15.65
C ASP C 44 45.76 -14.63 -16.19
N LYS C 45 44.71 -13.86 -15.89
CA LYS C 45 43.33 -14.24 -16.12
C LYS C 45 43.09 -14.78 -17.53
N PHE C 46 43.49 -13.99 -18.54
CA PHE C 46 43.25 -14.34 -19.93
C PHE C 46 44.52 -14.87 -20.58
N ASN C 47 45.48 -15.28 -19.75
CA ASN C 47 46.76 -15.69 -20.27
C ASN C 47 47.05 -17.16 -20.19
N MET C 48 46.11 -17.95 -19.67
CA MET C 48 46.34 -19.38 -19.41
C MET C 48 45.51 -20.34 -20.27
N GLY C 49 44.62 -19.78 -21.09
CA GLY C 49 43.76 -20.61 -21.92
C GLY C 49 42.51 -21.10 -21.20
N LEU C 50 42.07 -20.37 -20.16
CA LEU C 50 40.80 -20.70 -19.49
C LEU C 50 39.64 -20.32 -20.37
N ASP C 51 38.72 -21.26 -20.55
CA ASP C 51 37.52 -21.02 -21.36
C ASP C 51 36.58 -20.00 -20.73
N LEU C 52 36.41 -20.09 -19.42
CA LEU C 52 35.55 -19.18 -18.66
C LEU C 52 36.36 -18.63 -17.49
N PRO C 53 37.27 -17.68 -17.76
CA PRO C 53 38.23 -17.22 -16.77
C PRO C 53 37.54 -16.78 -15.51
N ASN C 54 38.01 -17.33 -14.39
CA ASN C 54 37.47 -17.00 -13.09
C ASN C 54 38.38 -17.59 -12.03
N LEU C 55 38.31 -17.00 -10.83
CA LEU C 55 38.96 -17.55 -9.64
C LEU C 55 37.96 -18.37 -8.85
N PRO C 56 38.36 -19.56 -8.38
CA PRO C 56 39.64 -20.21 -8.60
C PRO C 56 39.74 -20.86 -9.97
N TYR C 57 40.96 -21.25 -10.37
CA TYR C 57 41.15 -22.08 -11.58
C TYR C 57 41.93 -23.36 -11.29
N TYR C 58 41.84 -24.32 -12.20
CA TYR C 58 42.56 -25.57 -12.09
C TYR C 58 43.13 -25.94 -13.45
N ILE C 59 44.46 -26.12 -13.50
CA ILE C 59 45.17 -26.46 -14.75
C ILE C 59 46.11 -27.64 -14.51
N ASP C 60 45.97 -28.67 -15.33
CA ASP C 60 46.88 -29.80 -15.32
C ASP C 60 47.03 -30.35 -16.74
N ASP C 61 47.79 -31.42 -16.89
CA ASP C 61 48.08 -31.99 -18.21
C ASP C 61 46.85 -32.43 -19.05
N LYS C 62 45.67 -32.53 -18.45
CA LYS C 62 44.52 -33.13 -19.14
C LYS C 62 43.35 -32.22 -19.46
N CYS C 63 43.35 -31.04 -18.86
CA CYS C 63 42.12 -30.43 -18.43
C CYS C 63 42.32 -29.02 -17.88
N LYS C 64 41.48 -28.07 -18.29
CA LYS C 64 41.50 -26.71 -17.71
C LYS C 64 40.11 -26.29 -17.20
N LEU C 65 40.04 -25.76 -15.97
CA LEU C 65 38.77 -25.58 -15.28
C LEU C 65 38.61 -24.35 -14.40
N THR C 66 37.41 -23.76 -14.47
CA THR C 66 36.95 -22.80 -13.47
C THR C 66 35.67 -23.30 -12.74
N GLN C 67 35.23 -22.56 -11.72
CA GLN C 67 34.13 -23.00 -10.84
C GLN C 67 34.61 -24.06 -9.84
N SER C 68 34.72 -23.64 -8.59
CA SER C 68 35.15 -24.49 -7.48
C SER C 68 34.49 -25.86 -7.38
N VAL C 69 33.16 -25.95 -7.58
CA VAL C 69 32.56 -27.26 -7.38
C VAL C 69 32.86 -28.16 -8.57
N ALA C 70 32.90 -27.55 -9.75
CA ALA C 70 33.34 -28.25 -10.95
C ALA C 70 34.75 -28.83 -10.75
N ILE C 71 35.60 -28.09 -10.04
CA ILE C 71 36.95 -28.54 -9.78
C ILE C 71 36.95 -29.69 -8.80
N MET C 72 36.33 -29.47 -7.66
CA MET C 72 36.11 -30.54 -6.70
C MET C 72 35.55 -31.78 -7.38
N ARG C 73 34.52 -31.63 -8.19
CA ARG C 73 33.90 -32.78 -8.83
C ARG C 73 34.84 -33.51 -9.79
N TYR C 74 35.71 -32.77 -10.49
CA TYR C 74 36.66 -33.40 -11.41
C TYR C 74 37.53 -34.34 -10.61
N ILE C 75 38.07 -33.82 -9.50
CA ILE C 75 38.98 -34.52 -8.62
C ILE C 75 38.34 -35.79 -8.05
N ALA C 76 37.13 -35.65 -7.52
CA ALA C 76 36.37 -36.79 -6.98
C ALA C 76 36.00 -37.81 -8.06
N ASP C 77 35.78 -37.32 -9.27
CA ASP C 77 35.36 -38.15 -10.39
C ASP C 77 36.50 -39.09 -10.83
N LYS C 78 37.72 -38.58 -10.83
CA LYS C 78 38.90 -39.37 -11.16
C LYS C 78 39.02 -40.53 -10.17
N HIS C 79 38.56 -40.28 -8.95
CA HIS C 79 38.59 -41.23 -7.86
C HIS C 79 37.29 -41.98 -7.71
N GLY C 80 36.40 -41.85 -8.71
CA GLY C 80 35.09 -42.49 -8.70
C GLY C 80 34.25 -42.26 -7.44
N MET C 81 34.29 -41.05 -6.91
CA MET C 81 33.57 -40.71 -5.68
C MET C 81 32.23 -40.03 -5.90
N LEU C 82 31.71 -40.03 -7.13
CA LEU C 82 30.54 -39.20 -7.45
C LEU C 82 29.21 -39.96 -7.44
N GLY C 83 29.28 -41.29 -7.49
CA GLY C 83 28.07 -42.09 -7.50
C GLY C 83 28.06 -42.97 -8.72
N SER C 84 27.42 -44.12 -8.59
CA SER C 84 27.49 -45.19 -9.59
C SER C 84 26.14 -45.41 -10.28
N THR C 85 25.08 -44.90 -9.66
CA THR C 85 23.77 -44.84 -10.31
C THR C 85 23.44 -43.36 -10.54
N PRO C 86 22.58 -43.06 -11.52
CA PRO C 86 22.14 -41.68 -11.66
C PRO C 86 21.45 -41.12 -10.41
N GLU C 87 20.74 -41.96 -9.66
CA GLU C 87 20.08 -41.52 -8.43
C GLU C 87 21.07 -41.14 -7.35
N GLU C 88 22.11 -41.95 -7.22
CA GLU C 88 23.22 -41.64 -6.33
C GLU C 88 23.90 -40.34 -6.72
N ARG C 89 24.15 -40.16 -8.02
CA ARG C 89 24.77 -38.92 -8.52
C ARG C 89 23.91 -37.68 -8.27
N ALA C 90 22.61 -37.80 -8.56
CA ALA C 90 21.68 -36.71 -8.28
C ALA C 90 21.68 -36.29 -6.80
N ARG C 91 21.65 -37.31 -5.94
CA ARG C 91 21.57 -37.13 -4.50
C ARG C 91 22.80 -36.37 -4.01
N ILE C 92 23.97 -36.73 -4.53
CA ILE C 92 25.22 -36.04 -4.15
C ILE C 92 25.24 -34.60 -4.69
N SER C 93 24.69 -34.41 -5.88
CA SER C 93 24.58 -33.08 -6.49
C SER C 93 23.64 -32.18 -5.67
N MET C 94 22.61 -32.81 -5.10
CA MET C 94 21.67 -32.12 -4.20
C MET C 94 22.34 -31.58 -2.95
N ILE C 95 23.09 -32.45 -2.24
CA ILE C 95 23.80 -32.02 -1.04
C ILE C 95 24.77 -30.88 -1.35
N GLU C 96 25.51 -31.08 -2.43
CA GLU C 96 26.44 -30.10 -2.96
C GLU C 96 25.78 -28.70 -3.08
N GLY C 97 24.64 -28.62 -3.76
CA GLY C 97 23.92 -27.33 -3.87
C GLY C 97 23.42 -26.79 -2.54
N ALA C 98 22.88 -27.67 -1.70
CA ALA C 98 22.42 -27.27 -0.39
C ALA C 98 23.59 -26.77 0.46
N ALA C 99 24.76 -27.38 0.29
CA ALA C 99 25.97 -26.90 0.97
C ALA C 99 26.41 -25.53 0.44
N MET C 100 26.33 -25.33 -0.87
CA MET C 100 26.62 -24.03 -1.44
C MET C 100 25.69 -22.95 -0.86
N ASP C 101 24.39 -23.21 -0.81
CA ASP C 101 23.43 -22.27 -0.18
C ASP C 101 23.91 -21.87 1.22
N LEU C 102 24.28 -22.88 2.02
CA LEU C 102 24.74 -22.70 3.39
C LEU C 102 26.00 -21.85 3.49
N ARG C 103 26.92 -22.04 2.54
CA ARG C 103 28.08 -21.17 2.48
C ARG C 103 27.70 -19.78 1.97
N MET C 104 26.85 -19.71 0.95
CA MET C 104 26.50 -18.43 0.33
C MET C 104 25.61 -17.56 1.20
N GLY C 105 24.76 -18.18 2.01
CA GLY C 105 23.97 -17.45 3.01
C GLY C 105 24.88 -16.62 3.91
N PHE C 106 26.10 -17.13 4.12
CA PHE C 106 27.14 -16.46 4.90
C PHE C 106 27.75 -15.29 4.11
N VAL C 107 28.26 -15.58 2.90
CA VAL C 107 28.79 -14.55 2.01
C VAL C 107 27.84 -13.35 1.92
N ARG C 108 26.58 -13.63 1.57
CA ARG C 108 25.53 -12.61 1.47
C ARG C 108 25.56 -11.64 2.65
N VAL C 109 25.52 -12.19 3.86
CA VAL C 109 25.46 -11.38 5.07
C VAL C 109 26.82 -10.79 5.44
N CYS C 110 27.91 -11.45 5.05
CA CYS C 110 29.26 -10.98 5.36
C CYS C 110 29.76 -9.82 4.51
N TYR C 111 29.16 -9.61 3.34
CA TYR C 111 29.51 -8.48 2.48
C TYR C 111 28.55 -7.31 2.64
N ASN C 112 27.42 -7.58 3.28
CA ASN C 112 26.34 -6.61 3.51
C ASN C 112 26.81 -5.17 3.73
N PRO C 113 26.22 -4.21 2.99
CA PRO C 113 26.48 -2.77 3.19
C PRO C 113 26.06 -2.27 4.58
N LYS C 114 25.04 -2.88 5.16
CA LYS C 114 24.55 -2.53 6.50
C LYS C 114 24.69 -3.72 7.47
N PHE C 115 25.90 -4.31 7.49
CA PHE C 115 26.16 -5.53 8.27
C PHE C 115 25.85 -5.42 9.76
N GLU C 116 26.15 -4.26 10.36
CA GLU C 116 26.04 -4.07 11.80
C GLU C 116 24.62 -4.15 12.37
N GLU C 117 23.61 -4.03 11.51
CA GLU C 117 22.20 -4.11 11.93
C GLU C 117 21.44 -5.36 11.43
N VAL C 118 21.83 -5.88 10.27
CA VAL C 118 21.15 -7.01 9.62
C VAL C 118 21.61 -8.40 10.11
N LYS C 119 22.63 -8.42 10.97
CA LYS C 119 23.15 -9.68 11.53
C LYS C 119 22.16 -10.36 12.47
N GLY C 120 21.11 -9.61 12.85
CA GLY C 120 20.04 -10.13 13.71
C GLY C 120 19.11 -11.13 13.03
N ASP C 121 18.98 -11.02 11.71
CA ASP C 121 18.21 -11.99 10.91
C ASP C 121 18.93 -13.33 10.85
N TYR C 122 20.08 -13.36 10.16
CA TYR C 122 20.84 -14.59 9.90
C TYR C 122 21.12 -15.40 11.17
N LEU C 123 21.58 -14.73 12.22
CA LEU C 123 21.98 -15.40 13.48
C LEU C 123 20.80 -16.07 14.21
N LYS C 124 19.58 -15.63 13.92
CA LYS C 124 18.37 -16.24 14.49
C LYS C 124 17.54 -17.00 13.45
N GLU C 125 17.97 -16.92 12.19
CA GLU C 125 17.40 -17.69 11.10
C GLU C 125 18.18 -18.99 10.90
N LEU C 126 19.33 -19.05 11.57
CA LEU C 126 20.30 -20.13 11.43
C LEU C 126 19.84 -21.50 11.96
N PRO C 127 19.16 -21.54 13.14
CA PRO C 127 18.86 -22.84 13.77
C PRO C 127 18.00 -23.80 12.95
N THR C 128 17.24 -23.27 12.00
CA THR C 128 16.35 -24.10 11.19
C THR C 128 17.11 -24.77 10.07
N THR C 129 18.08 -24.05 9.50
CA THR C 129 18.95 -24.60 8.46
C THR C 129 19.85 -25.67 9.08
N LEU C 130 20.40 -25.36 10.26
CA LEU C 130 21.18 -26.31 11.04
C LEU C 130 20.40 -27.59 11.36
N LYS C 131 19.14 -27.42 11.77
CA LYS C 131 18.28 -28.56 12.12
C LYS C 131 18.05 -29.47 10.93
N MET C 132 17.82 -28.86 9.77
CA MET C 132 17.78 -29.57 8.50
C MET C 132 19.07 -30.39 8.26
N TRP C 133 20.22 -29.75 8.42
CA TRP C 133 21.50 -30.42 8.19
C TRP C 133 21.69 -31.53 9.19
N SER C 134 21.46 -31.20 10.46
CA SER C 134 21.52 -32.18 11.55
C SER C 134 20.62 -33.36 11.25
N ASN C 135 19.36 -33.10 10.91
CA ASN C 135 18.41 -34.17 10.69
C ASN C 135 18.71 -34.99 9.43
N PHE C 136 19.29 -34.33 8.43
CA PHE C 136 19.72 -35.00 7.22
C PHE C 136 20.89 -35.92 7.53
N LEU C 137 21.86 -35.41 8.30
CA LEU C 137 22.99 -36.23 8.74
C LEU C 137 22.50 -37.49 9.45
N GLY C 138 21.71 -37.31 10.52
CA GLY C 138 21.20 -38.44 11.29
C GLY C 138 22.29 -39.05 12.16
N ASP C 139 22.56 -40.34 11.95
CA ASP C 139 23.54 -41.07 12.77
C ASP C 139 24.83 -41.49 12.04
N ARG C 140 24.93 -41.10 10.78
CA ARG C 140 26.08 -41.40 9.94
C ARG C 140 27.28 -40.54 10.36
N HIS C 141 28.45 -40.90 9.87
CA HIS C 141 29.66 -40.11 10.10
C HIS C 141 29.77 -38.98 9.06
N TYR C 142 29.25 -39.21 7.87
CA TYR C 142 29.38 -38.27 6.75
C TYR C 142 28.08 -38.18 5.96
N LEU C 143 27.92 -37.08 5.24
CA LEU C 143 26.68 -36.73 4.53
C LEU C 143 26.17 -37.77 3.54
N THR C 144 27.08 -38.46 2.85
CA THR C 144 26.71 -39.41 1.80
C THR C 144 26.82 -40.88 2.22
N GLY C 145 27.51 -41.12 3.32
CA GLY C 145 27.63 -42.48 3.87
C GLY C 145 28.78 -42.70 4.83
N SER C 146 29.40 -43.87 4.73
CA SER C 146 30.58 -44.20 5.53
C SER C 146 31.86 -43.55 5.02
N SER C 147 31.99 -43.43 3.69
CA SER C 147 33.16 -42.77 3.08
C SER C 147 32.93 -41.28 2.91
N VAL C 148 34.03 -40.52 2.95
CA VAL C 148 34.02 -39.07 2.77
C VAL C 148 33.76 -38.70 1.29
N SER C 149 33.26 -37.48 1.08
CA SER C 149 32.98 -36.95 -0.25
C SER C 149 33.33 -35.47 -0.21
N HIS C 150 33.43 -34.82 -1.38
CA HIS C 150 33.79 -33.39 -1.38
C HIS C 150 32.76 -32.57 -0.62
N VAL C 151 31.54 -33.07 -0.69
CA VAL C 151 30.38 -32.52 0.00
C VAL C 151 30.62 -32.35 1.51
N ASP C 152 31.30 -33.32 2.11
CA ASP C 152 31.63 -33.23 3.52
C ASP C 152 32.52 -32.02 3.83
N PHE C 153 33.51 -31.77 2.97
CA PHE C 153 34.42 -30.65 3.17
C PHE C 153 33.72 -29.33 2.95
N MET C 154 32.72 -29.35 2.07
CA MET C 154 31.92 -28.15 1.80
C MET C 154 31.14 -27.76 3.06
N VAL C 155 30.29 -28.67 3.54
CA VAL C 155 29.51 -28.42 4.76
C VAL C 155 30.44 -28.06 5.91
N TYR C 156 31.51 -28.85 6.10
CA TYR C 156 32.45 -28.58 7.18
C TYR C 156 32.95 -27.14 7.14
N GLU C 157 33.28 -26.65 5.95
CA GLU C 157 33.88 -25.33 5.79
C GLU C 157 32.91 -24.22 6.11
N ALA C 158 31.66 -24.39 5.71
CA ALA C 158 30.63 -23.40 6.03
C ALA C 158 30.44 -23.38 7.55
N LEU C 159 30.30 -24.56 8.13
CA LEU C 159 30.17 -24.72 9.59
C LEU C 159 31.31 -24.05 10.34
N ASP C 160 32.55 -24.34 9.94
CA ASP C 160 33.72 -23.77 10.61
C ASP C 160 33.77 -22.26 10.48
N CYS C 161 33.23 -21.75 9.37
CA CYS C 161 33.17 -20.31 9.12
C CYS C 161 32.16 -19.63 10.01
N ILE C 162 31.03 -20.29 10.22
CA ILE C 162 29.90 -19.67 10.92
C ILE C 162 30.20 -19.39 12.39
N ARG C 163 30.91 -20.32 13.04
CA ARG C 163 31.27 -20.18 14.46
C ARG C 163 32.25 -19.04 14.75
N TYR C 164 32.45 -18.15 13.78
CA TYR C 164 33.13 -16.88 14.00
C TYR C 164 32.10 -15.75 14.12
N LEU C 165 30.87 -16.03 13.68
CA LEU C 165 29.75 -15.10 13.79
C LEU C 165 28.90 -15.45 15.01
N ALA C 166 28.53 -16.72 15.11
CA ALA C 166 27.76 -17.22 16.25
C ALA C 166 28.60 -18.26 16.99
N PRO C 167 29.56 -17.79 17.81
CA PRO C 167 30.57 -18.67 18.41
C PRO C 167 30.00 -19.91 19.11
N GLN C 168 28.80 -19.81 19.68
CA GLN C 168 28.16 -20.91 20.39
C GLN C 168 26.82 -21.31 19.77
N CYS C 169 26.86 -21.79 18.53
CA CYS C 169 25.66 -22.10 17.75
C CYS C 169 25.47 -23.61 17.56
N LEU C 170 26.58 -24.33 17.47
CA LEU C 170 26.55 -25.77 17.30
C LEU C 170 26.28 -26.50 18.61
N GLU C 171 26.24 -25.74 19.71
CA GLU C 171 26.01 -26.30 21.04
C GLU C 171 24.66 -27.02 21.14
N ASP C 172 23.63 -26.46 20.51
CA ASP C 172 22.33 -27.11 20.47
C ASP C 172 22.22 -28.23 19.44
N PHE C 173 23.34 -28.55 18.79
CA PHE C 173 23.38 -29.62 17.78
C PHE C 173 24.58 -30.55 17.99
N PRO C 174 24.44 -31.55 18.90
CA PRO C 174 25.50 -32.50 19.20
C PRO C 174 26.07 -33.22 17.98
N LYS C 175 25.20 -33.61 17.05
CA LYS C 175 25.61 -34.42 15.89
C LYS C 175 26.42 -33.65 14.84
N LEU C 176 26.23 -32.33 14.77
CA LEU C 176 27.02 -31.49 13.86
C LEU C 176 28.36 -31.15 14.49
N LYS C 177 28.38 -30.93 15.80
CA LYS C 177 29.62 -30.67 16.54
C LYS C 177 30.55 -31.87 16.46
N GLU C 178 29.98 -33.07 16.48
CA GLU C 178 30.75 -34.29 16.30
C GLU C 178 31.27 -34.40 14.88
N PHE C 179 30.39 -34.17 13.90
CA PHE C 179 30.75 -34.25 12.48
C PHE C 179 31.97 -33.40 12.15
N LYS C 180 31.98 -32.16 12.66
CA LYS C 180 33.05 -31.21 12.42
C LYS C 180 34.42 -31.71 12.88
N SER C 181 34.53 -32.10 14.16
CA SER C 181 35.75 -32.68 14.71
C SER C 181 36.18 -33.95 13.97
N ARG C 182 35.21 -34.79 13.63
CA ARG C 182 35.48 -36.01 12.87
C ARG C 182 36.27 -35.67 11.63
N ILE C 183 35.86 -34.59 10.96
CA ILE C 183 36.54 -34.13 9.76
C ILE C 183 37.93 -33.62 10.11
N GLU C 184 37.98 -32.74 11.11
CA GLU C 184 39.23 -32.17 11.66
C GLU C 184 40.26 -33.22 12.10
N ASP C 185 39.79 -34.42 12.45
CA ASP C 185 40.66 -35.47 12.99
C ASP C 185 40.95 -36.55 11.96
N LEU C 186 40.74 -36.22 10.68
CA LEU C 186 41.20 -37.10 9.62
C LEU C 186 42.69 -36.84 9.46
N PRO C 187 43.52 -37.90 9.53
CA PRO C 187 44.98 -37.77 9.61
C PRO C 187 45.51 -36.77 8.59
N LYS C 188 45.11 -36.95 7.32
CA LYS C 188 45.53 -36.07 6.24
C LYS C 188 45.17 -34.61 6.54
N ILE C 189 43.92 -34.39 6.96
CA ILE C 189 43.38 -33.06 7.22
C ILE C 189 43.97 -32.50 8.49
N LYS C 190 43.99 -33.34 9.53
CA LYS C 190 44.61 -33.01 10.80
C LYS C 190 46.02 -32.53 10.52
N ALA C 191 46.77 -33.31 9.74
CA ALA C 191 48.13 -32.90 9.31
C ALA C 191 48.17 -31.59 8.52
N TYR C 192 47.21 -31.38 7.62
CA TYR C 192 47.18 -30.17 6.78
C TYR C 192 46.89 -28.89 7.58
N MET C 193 45.98 -29.01 8.55
CA MET C 193 45.55 -27.83 9.31
C MET C 193 46.63 -27.28 10.25
N GLU C 194 47.57 -28.14 10.62
CA GLU C 194 48.73 -27.70 11.41
C GLU C 194 49.96 -27.37 10.55
N SER C 195 49.89 -27.68 9.25
CA SER C 195 50.95 -27.29 8.31
C SER C 195 50.95 -25.77 8.11
N GLU C 196 52.07 -25.26 7.60
CA GLU C 196 52.29 -23.82 7.47
C GLU C 196 51.45 -23.17 6.35
N LYS C 197 51.04 -23.96 5.36
CA LYS C 197 50.33 -23.43 4.18
C LYS C 197 48.81 -23.50 4.31
N PHE C 198 48.32 -24.06 5.40
CA PHE C 198 46.91 -23.97 5.76
C PHE C 198 46.60 -22.51 6.03
N ILE C 199 45.52 -22.02 5.42
CA ILE C 199 45.11 -20.63 5.57
C ILE C 199 43.95 -20.57 6.58
N LYS C 200 44.21 -19.99 7.74
CA LYS C 200 43.24 -19.93 8.82
C LYS C 200 42.38 -18.69 8.66
N TRP C 201 42.96 -17.66 8.07
CA TRP C 201 42.27 -16.39 7.92
C TRP C 201 42.80 -15.66 6.67
N PRO C 202 41.95 -14.84 6.00
CA PRO C 202 40.53 -14.51 6.16
C PRO C 202 39.55 -15.62 5.82
N LEU C 203 38.27 -15.34 6.01
CA LEU C 203 37.19 -16.27 5.67
C LEU C 203 36.65 -15.95 4.28
N ASN C 204 36.10 -14.75 4.14
CA ASN C 204 35.74 -14.18 2.83
C ASN C 204 36.87 -13.25 2.37
N SER C 205 36.67 -12.50 1.29
CA SER C 205 37.71 -11.59 0.81
C SER C 205 37.90 -10.45 1.80
N TRP C 206 39.16 -10.08 2.03
CA TRP C 206 39.54 -9.03 2.98
C TRP C 206 38.57 -7.86 3.06
N ILE C 207 38.20 -7.32 1.90
CA ILE C 207 37.36 -6.12 1.81
C ILE C 207 35.93 -6.31 2.35
N ALA C 208 35.60 -7.55 2.75
CA ALA C 208 34.27 -7.88 3.28
C ALA C 208 33.93 -7.16 4.59
N SER C 209 32.64 -7.03 4.86
CA SER C 209 32.14 -6.34 6.06
C SER C 209 32.34 -7.15 7.33
N PHE C 210 32.48 -8.48 7.16
CA PHE C 210 32.84 -9.38 8.26
C PHE C 210 33.54 -10.63 7.73
N GLY C 211 34.60 -11.05 8.41
CA GLY C 211 35.38 -12.20 7.99
C GLY C 211 36.59 -11.80 7.18
N GLY C 212 36.91 -10.50 7.20
CA GLY C 212 38.08 -9.97 6.51
C GLY C 212 39.19 -9.58 7.48
N GLY C 213 39.84 -8.46 7.18
CA GLY C 213 40.94 -7.97 8.02
C GLY C 213 42.23 -8.73 7.85
N ASP C 214 43.34 -8.12 8.27
CA ASP C 214 44.66 -8.72 8.13
C ASP C 214 44.92 -9.88 9.11
N ALA C 215 44.69 -9.64 10.41
CA ALA C 215 44.97 -10.64 11.44
C ALA C 215 44.08 -11.90 11.39
N ALA C 216 42.77 -11.84 11.67
CA ALA C 216 42.03 -10.71 12.23
C ALA C 216 40.77 -11.25 12.94
N PRO C 217 40.96 -12.17 13.92
CA PRO C 217 39.83 -12.95 14.43
C PRO C 217 39.01 -12.20 15.48
N ALA C 218 38.09 -12.93 16.12
CA ALA C 218 37.34 -12.40 17.25
C ALA C 218 38.19 -12.54 18.50
N PRO D 2 4.99 -40.72 -13.80
CA PRO D 2 5.76 -39.58 -14.28
C PRO D 2 6.36 -38.78 -13.13
N ALA D 3 7.19 -37.80 -13.46
CA ALA D 3 7.75 -36.91 -12.47
C ALA D 3 6.70 -35.96 -11.92
N LYS D 4 6.82 -35.68 -10.63
CA LYS D 4 6.02 -34.66 -9.99
C LYS D 4 6.97 -33.58 -9.47
N LEU D 5 6.86 -32.39 -10.07
CA LEU D 5 7.65 -31.24 -9.74
C LEU D 5 6.85 -30.27 -8.85
N GLY D 6 7.54 -29.36 -8.19
CA GLY D 6 6.87 -28.32 -7.43
C GLY D 6 7.71 -27.07 -7.41
N TYR D 7 7.11 -25.90 -7.68
CA TYR D 7 7.79 -24.60 -7.55
C TYR D 7 6.81 -23.47 -7.32
N TRP D 8 7.31 -22.24 -7.18
CA TRP D 8 6.49 -21.04 -7.25
C TRP D 8 6.01 -20.87 -8.69
N LYS D 9 4.88 -20.20 -8.89
CA LYS D 9 4.35 -19.95 -10.23
C LYS D 9 5.11 -18.78 -10.86
N ILE D 10 6.43 -18.96 -10.93
CA ILE D 10 7.34 -17.99 -11.50
C ILE D 10 8.31 -18.71 -12.40
N ARG D 11 9.12 -17.94 -13.13
CA ARG D 11 10.19 -18.52 -13.94
C ARG D 11 11.31 -19.02 -13.03
N GLY D 12 12.06 -18.07 -12.46
CA GLY D 12 13.10 -18.34 -11.49
C GLY D 12 14.03 -19.47 -11.86
N LEU D 13 14.29 -20.34 -10.88
CA LEU D 13 15.27 -21.41 -11.05
C LEU D 13 14.71 -22.60 -11.76
N GLN D 14 13.39 -22.64 -11.94
CA GLN D 14 12.69 -23.80 -12.48
C GLN D 14 12.54 -23.82 -14.00
N GLN D 15 12.50 -22.64 -14.65
CA GLN D 15 12.33 -22.58 -16.11
C GLN D 15 13.26 -23.54 -16.84
N PRO D 16 14.56 -23.50 -16.53
CA PRO D 16 15.46 -24.39 -17.28
C PRO D 16 15.09 -25.86 -17.16
N VAL D 17 14.60 -26.28 -16.00
CA VAL D 17 14.17 -27.67 -15.85
C VAL D 17 12.90 -27.95 -16.65
N ARG D 18 11.96 -27.01 -16.61
CA ARG D 18 10.77 -27.04 -17.44
C ARG D 18 11.16 -27.24 -18.91
N LEU D 19 12.03 -26.36 -19.41
CA LEU D 19 12.52 -26.42 -20.78
C LEU D 19 13.15 -27.77 -21.14
N LEU D 20 14.05 -28.24 -20.27
CA LEU D 20 14.72 -29.53 -20.44
C LEU D 20 13.72 -30.69 -20.56
N LEU D 21 12.75 -30.74 -19.65
CA LEU D 21 11.72 -31.79 -19.69
C LEU D 21 10.92 -31.73 -20.99
N GLU D 22 10.50 -30.53 -21.37
CA GLU D 22 9.77 -30.33 -22.61
C GLU D 22 10.59 -30.76 -23.82
N TYR D 23 11.87 -30.36 -23.86
CA TYR D 23 12.75 -30.76 -24.95
C TYR D 23 12.88 -32.27 -25.08
N LEU D 24 13.01 -32.94 -23.93
CA LEU D 24 13.20 -34.40 -23.91
C LEU D 24 11.89 -35.17 -24.03
N GLY D 25 10.78 -34.43 -24.07
CA GLY D 25 9.45 -35.02 -24.16
C GLY D 25 9.10 -35.88 -22.96
N GLU D 26 9.73 -35.59 -21.83
CA GLU D 26 9.51 -36.34 -20.61
C GLU D 26 8.17 -35.95 -20.01
N GLU D 27 7.45 -36.92 -19.45
CA GLU D 27 6.17 -36.67 -18.82
C GLU D 27 6.34 -36.16 -17.40
N TYR D 28 5.56 -35.14 -17.04
CA TYR D 28 5.61 -34.58 -15.70
C TYR D 28 4.31 -33.85 -15.40
N GLU D 29 4.10 -33.60 -14.11
CA GLU D 29 3.10 -32.66 -13.64
C GLU D 29 3.84 -31.75 -12.66
N GLU D 30 3.39 -30.51 -12.56
CA GLU D 30 4.03 -29.59 -11.64
C GLU D 30 2.98 -28.93 -10.76
N HIS D 31 3.24 -28.93 -9.46
CA HIS D 31 2.42 -28.20 -8.53
C HIS D 31 2.96 -26.78 -8.43
N LEU D 32 2.12 -25.81 -8.78
CA LEU D 32 2.54 -24.42 -8.82
C LEU D 32 1.99 -23.66 -7.62
N TYR D 33 2.88 -23.13 -6.79
CA TYR D 33 2.49 -22.32 -5.65
C TYR D 33 2.38 -20.86 -6.06
N GLY D 34 1.16 -20.34 -6.00
CA GLY D 34 0.90 -18.96 -6.34
C GLY D 34 1.45 -17.95 -5.34
N ARG D 35 1.34 -16.68 -5.74
CA ARG D 35 1.79 -15.55 -4.92
C ARG D 35 1.20 -15.53 -3.52
N ASP D 36 -0.02 -16.04 -3.39
CA ASP D 36 -0.70 -16.08 -2.13
C ASP D 36 -0.65 -17.45 -1.43
N ASP D 37 0.12 -18.38 -2.00
CA ASP D 37 0.15 -19.75 -1.47
C ASP D 37 1.34 -20.03 -0.55
N ARG D 38 1.94 -18.98 -0.01
CA ARG D 38 3.18 -19.13 0.74
C ARG D 38 2.96 -20.08 1.91
N GLU D 39 1.87 -19.89 2.64
CA GLU D 39 1.57 -20.71 3.80
C GLU D 39 1.21 -22.16 3.46
N LYS D 40 0.63 -22.38 2.27
CA LYS D 40 0.36 -23.76 1.82
C LYS D 40 1.67 -24.53 1.59
N TRP D 41 2.62 -23.90 0.92
CA TRP D 41 3.96 -24.48 0.77
C TRP D 41 4.53 -24.89 2.14
N LEU D 42 4.53 -23.96 3.10
CA LEU D 42 5.04 -24.25 4.46
C LEU D 42 4.37 -25.46 5.14
N GLY D 43 3.14 -25.77 4.75
CA GLY D 43 2.43 -26.93 5.30
C GLY D 43 2.82 -28.24 4.61
N ASP D 44 3.24 -28.11 3.34
CA ASP D 44 3.63 -29.23 2.50
C ASP D 44 5.11 -29.52 2.65
N LYS D 45 5.85 -28.50 3.08
CA LYS D 45 7.30 -28.48 3.00
C LYS D 45 7.95 -29.65 3.73
N PHE D 46 7.62 -29.80 5.01
CA PHE D 46 8.22 -30.84 5.83
C PHE D 46 7.44 -32.14 5.82
N ASN D 47 6.49 -32.28 4.88
CA ASN D 47 5.58 -33.43 4.84
C ASN D 47 5.64 -34.26 3.55
N MET D 48 6.78 -34.24 2.86
CA MET D 48 6.84 -34.85 1.52
C MET D 48 7.92 -35.89 1.31
N GLY D 49 8.70 -36.13 2.35
CA GLY D 49 9.78 -37.12 2.32
C GLY D 49 11.07 -36.59 1.72
N LEU D 50 11.17 -35.26 1.65
CA LEU D 50 12.34 -34.60 1.07
C LEU D 50 13.45 -34.56 2.12
N ASP D 51 14.63 -35.04 1.74
CA ASP D 51 15.80 -35.02 2.64
C ASP D 51 16.20 -33.59 3.00
N LEU D 52 16.24 -32.73 2.00
CA LEU D 52 16.60 -31.33 2.21
C LEU D 52 15.52 -30.46 1.59
N PRO D 53 14.42 -30.23 2.33
CA PRO D 53 13.26 -29.53 1.78
C PRO D 53 13.59 -28.14 1.22
N ASN D 54 13.11 -27.89 0.01
CA ASN D 54 13.37 -26.64 -0.70
C ASN D 54 12.51 -26.59 -1.96
N LEU D 55 12.47 -25.43 -2.57
CA LEU D 55 11.82 -25.24 -3.86
C LEU D 55 12.87 -24.86 -4.90
N PRO D 56 12.87 -25.54 -6.07
CA PRO D 56 11.93 -26.57 -6.50
C PRO D 56 12.25 -27.96 -5.96
N TYR D 57 11.27 -28.86 -6.10
CA TYR D 57 11.47 -30.26 -5.77
C TYR D 57 11.06 -31.11 -6.94
N TYR D 58 11.57 -32.34 -6.96
CA TYR D 58 11.26 -33.32 -7.98
C TYR D 58 11.04 -34.64 -7.23
N ILE D 59 9.92 -35.29 -7.50
CA ILE D 59 9.59 -36.56 -6.88
C ILE D 59 9.09 -37.52 -7.94
N ASP D 60 9.73 -38.68 -8.04
CA ASP D 60 9.18 -39.80 -8.78
C ASP D 60 9.42 -41.12 -8.06
N ASP D 61 9.08 -42.23 -8.72
CA ASP D 61 9.21 -43.55 -8.12
C ASP D 61 10.63 -43.84 -7.68
N LYS D 62 11.60 -43.56 -8.55
CA LYS D 62 13.00 -43.81 -8.22
C LYS D 62 13.65 -42.80 -7.27
N CYS D 63 13.13 -41.57 -7.23
CA CYS D 63 13.92 -40.47 -6.71
C CYS D 63 13.18 -39.32 -5.98
N LYS D 64 13.80 -38.78 -4.95
CA LYS D 64 13.32 -37.54 -4.32
C LYS D 64 14.45 -36.50 -4.26
N LEU D 65 14.19 -35.33 -4.82
CA LEU D 65 15.25 -34.35 -5.06
C LEU D 65 14.86 -32.91 -4.81
N THR D 66 15.78 -32.15 -4.24
CA THR D 66 15.72 -30.68 -4.33
C THR D 66 17.02 -30.14 -4.99
N GLN D 67 17.12 -28.83 -5.14
CA GLN D 67 18.22 -28.18 -5.91
C GLN D 67 18.00 -28.31 -7.42
N SER D 68 17.66 -27.19 -8.05
CA SER D 68 17.28 -27.15 -9.46
C SER D 68 18.31 -27.78 -10.38
N VAL D 69 19.60 -27.50 -10.16
CA VAL D 69 20.58 -28.10 -11.05
C VAL D 69 20.74 -29.60 -10.84
N ALA D 70 20.65 -30.07 -9.59
CA ALA D 70 20.63 -31.50 -9.31
C ALA D 70 19.47 -32.17 -10.05
N ILE D 71 18.32 -31.50 -10.07
CA ILE D 71 17.16 -32.02 -10.77
C ILE D 71 17.44 -32.14 -12.28
N MET D 72 17.92 -31.05 -12.88
CA MET D 72 18.30 -31.05 -14.29
C MET D 72 19.32 -32.13 -14.61
N ARG D 73 20.36 -32.22 -13.77
CA ARG D 73 21.41 -33.23 -13.93
C ARG D 73 20.88 -34.66 -13.88
N TYR D 74 19.89 -34.90 -13.02
CA TYR D 74 19.28 -36.21 -12.89
C TYR D 74 18.57 -36.58 -14.18
N ILE D 75 17.72 -35.68 -14.66
CA ILE D 75 17.01 -35.85 -15.93
C ILE D 75 17.98 -36.07 -17.09
N ALA D 76 19.02 -35.24 -17.16
CA ALA D 76 20.04 -35.37 -18.17
C ALA D 76 20.86 -36.66 -18.05
N ASP D 77 21.14 -37.08 -16.81
CA ASP D 77 21.91 -38.30 -16.54
C ASP D 77 21.21 -39.53 -17.10
N LYS D 78 19.89 -39.58 -16.95
CA LYS D 78 19.07 -40.68 -17.48
C LYS D 78 19.13 -40.78 -19.01
N HIS D 79 19.40 -39.65 -19.67
CA HIS D 79 19.50 -39.62 -21.13
C HIS D 79 20.96 -39.62 -21.63
N GLY D 80 21.91 -39.84 -20.72
CA GLY D 80 23.33 -39.92 -21.07
C GLY D 80 23.93 -38.61 -21.59
N MET D 81 23.52 -37.50 -21.01
CA MET D 81 23.87 -36.18 -21.52
C MET D 81 24.93 -35.45 -20.71
N LEU D 82 25.50 -36.10 -19.71
CA LEU D 82 26.38 -35.41 -18.75
C LEU D 82 27.89 -35.45 -19.02
N GLY D 83 28.32 -36.27 -19.98
CA GLY D 83 29.73 -36.42 -20.32
C GLY D 83 30.22 -37.86 -20.14
N SER D 84 31.13 -38.29 -21.01
CA SER D 84 31.63 -39.67 -21.05
C SER D 84 32.92 -39.89 -20.27
N THR D 85 33.60 -38.79 -19.94
CA THR D 85 34.86 -38.84 -19.24
C THR D 85 34.79 -37.86 -18.07
N PRO D 86 35.72 -37.99 -17.10
CA PRO D 86 35.80 -37.04 -15.99
C PRO D 86 35.99 -35.61 -16.48
N GLU D 87 36.81 -35.42 -17.50
CA GLU D 87 37.06 -34.05 -17.99
C GLU D 87 35.88 -33.46 -18.80
N GLU D 88 35.15 -34.28 -19.53
CA GLU D 88 33.90 -33.86 -20.15
C GLU D 88 32.84 -33.45 -19.12
N ARG D 89 32.62 -34.31 -18.14
CA ARG D 89 31.67 -34.03 -17.05
C ARG D 89 32.03 -32.76 -16.27
N ALA D 90 33.32 -32.59 -16.00
CA ALA D 90 33.79 -31.40 -15.30
C ALA D 90 33.55 -30.12 -16.11
N ARG D 91 33.79 -30.19 -17.42
CA ARG D 91 33.59 -29.05 -18.29
C ARG D 91 32.14 -28.63 -18.25
N ILE D 92 31.24 -29.61 -18.36
CA ILE D 92 29.81 -29.35 -18.27
C ILE D 92 29.45 -28.74 -16.91
N SER D 93 30.05 -29.25 -15.84
CA SER D 93 29.83 -28.73 -14.48
C SER D 93 30.28 -27.28 -14.36
N MET D 94 31.36 -26.93 -15.06
CA MET D 94 31.89 -25.57 -15.09
C MET D 94 30.92 -24.62 -15.80
N ILE D 95 30.40 -25.03 -16.95
CA ILE D 95 29.51 -24.17 -17.73
C ILE D 95 28.25 -23.96 -16.91
N GLU D 96 27.78 -25.04 -16.32
CA GLU D 96 26.66 -25.05 -15.41
C GLU D 96 26.80 -24.05 -14.27
N GLY D 97 27.95 -24.05 -13.62
CA GLY D 97 28.22 -23.10 -12.53
C GLY D 97 28.24 -21.67 -13.02
N ALA D 98 28.86 -21.46 -14.18
CA ALA D 98 28.98 -20.12 -14.75
C ALA D 98 27.62 -19.59 -15.18
N ALA D 99 26.80 -20.49 -15.70
CA ALA D 99 25.41 -20.19 -16.07
C ALA D 99 24.61 -19.76 -14.85
N MET D 100 24.82 -20.42 -13.72
CA MET D 100 24.14 -20.06 -12.49
C MET D 100 24.59 -18.67 -12.05
N ASP D 101 25.88 -18.35 -12.22
CA ASP D 101 26.42 -17.02 -11.89
C ASP D 101 25.74 -15.95 -12.74
N LEU D 102 25.54 -16.25 -14.03
CA LEU D 102 24.88 -15.33 -14.93
C LEU D 102 23.46 -15.04 -14.46
N ARG D 103 22.73 -16.08 -14.05
CA ARG D 103 21.36 -15.94 -13.56
C ARG D 103 21.32 -15.23 -12.22
N MET D 104 22.22 -15.62 -11.32
CA MET D 104 22.24 -15.06 -9.96
C MET D 104 22.71 -13.62 -9.90
N GLY D 105 23.55 -13.22 -10.85
CA GLY D 105 23.94 -11.82 -10.95
C GLY D 105 22.73 -10.94 -11.26
N PHE D 106 21.82 -11.49 -12.06
CA PHE D 106 20.56 -10.84 -12.38
C PHE D 106 19.62 -10.83 -11.17
N VAL D 107 19.57 -11.95 -10.45
CA VAL D 107 18.80 -12.00 -9.21
C VAL D 107 19.24 -10.89 -8.28
N ARG D 108 20.55 -10.80 -8.05
CA ARG D 108 21.10 -9.82 -7.13
C ARG D 108 20.74 -8.37 -7.46
N VAL D 109 20.91 -7.94 -8.71
CA VAL D 109 20.51 -6.59 -9.10
C VAL D 109 19.01 -6.30 -8.92
N CYS D 110 18.15 -7.26 -9.29
CA CYS D 110 16.70 -7.10 -9.23
C CYS D 110 16.13 -7.02 -7.80
N TYR D 111 16.87 -7.51 -6.82
CA TYR D 111 16.35 -7.52 -5.46
C TYR D 111 16.93 -6.39 -4.63
N ASN D 112 17.69 -5.49 -5.26
CA ASN D 112 18.28 -4.35 -4.56
C ASN D 112 17.22 -3.30 -4.29
N PRO D 113 17.15 -2.81 -3.03
CA PRO D 113 16.23 -1.74 -2.66
C PRO D 113 16.34 -0.52 -3.57
N LYS D 114 17.55 -0.03 -3.82
CA LYS D 114 17.77 1.10 -4.76
C LYS D 114 18.09 0.60 -6.17
N PHE D 115 17.17 -0.16 -6.76
CA PHE D 115 17.36 -0.75 -8.09
C PHE D 115 17.72 0.32 -9.13
N GLU D 116 16.91 1.38 -9.19
CA GLU D 116 17.10 2.46 -10.16
C GLU D 116 18.50 3.05 -10.12
N GLU D 117 19.07 3.13 -8.92
CA GLU D 117 20.40 3.66 -8.75
C GLU D 117 21.51 2.69 -9.20
N VAL D 118 21.46 1.46 -8.68
CA VAL D 118 22.54 0.48 -8.88
C VAL D 118 22.49 -0.22 -10.23
N LYS D 119 21.46 0.07 -11.00
CA LYS D 119 21.18 -0.69 -12.22
C LYS D 119 22.17 -0.36 -13.33
N GLY D 120 22.76 0.82 -13.24
CA GLY D 120 23.65 1.30 -14.28
C GLY D 120 24.95 0.57 -14.23
N ASP D 121 25.45 0.37 -13.00
CA ASP D 121 26.66 -0.41 -12.78
C ASP D 121 26.54 -1.83 -13.33
N TYR D 122 25.38 -2.45 -13.10
CA TYR D 122 25.08 -3.73 -13.72
C TYR D 122 25.13 -3.63 -15.26
N LEU D 123 24.63 -2.52 -15.79
CA LEU D 123 24.58 -2.32 -17.24
C LEU D 123 25.97 -2.12 -17.86
N LYS D 124 26.84 -1.36 -17.19
CA LYS D 124 28.24 -1.19 -17.61
C LYS D 124 29.06 -2.50 -17.67
N GLU D 125 28.77 -3.43 -16.78
CA GLU D 125 29.57 -4.65 -16.69
C GLU D 125 29.00 -5.74 -17.58
N LEU D 126 27.74 -5.59 -17.98
CA LEU D 126 27.09 -6.65 -18.71
C LEU D 126 27.79 -7.05 -20.03
N PRO D 127 28.20 -6.07 -20.85
CA PRO D 127 28.95 -6.40 -22.06
C PRO D 127 30.19 -7.29 -21.84
N THR D 128 30.94 -7.04 -20.76
CA THR D 128 32.09 -7.89 -20.43
C THR D 128 31.65 -9.36 -20.32
N THR D 129 30.62 -9.61 -19.52
CA THR D 129 30.12 -10.95 -19.25
C THR D 129 29.62 -11.67 -20.51
N LEU D 130 28.88 -10.93 -21.35
CA LEU D 130 28.30 -11.48 -22.55
C LEU D 130 29.41 -11.77 -23.52
N LYS D 131 30.43 -10.90 -23.53
CA LYS D 131 31.65 -11.16 -24.31
C LYS D 131 32.31 -12.49 -23.92
N MET D 132 32.41 -12.74 -22.63
CA MET D 132 33.00 -14.01 -22.17
C MET D 132 32.19 -15.18 -22.71
N TRP D 133 30.87 -15.08 -22.60
CA TRP D 133 30.00 -16.13 -23.08
C TRP D 133 30.06 -16.25 -24.60
N SER D 134 30.07 -15.12 -25.30
CA SER D 134 30.19 -15.11 -26.76
C SER D 134 31.48 -15.79 -27.21
N ASN D 135 32.60 -15.41 -26.60
CA ASN D 135 33.89 -16.04 -26.91
C ASN D 135 33.92 -17.54 -26.63
N PHE D 136 33.27 -17.96 -25.54
CA PHE D 136 33.21 -19.36 -25.19
C PHE D 136 32.38 -20.17 -26.17
N LEU D 137 31.28 -19.58 -26.66
CA LEU D 137 30.44 -20.26 -27.64
C LEU D 137 31.22 -20.51 -28.94
N GLY D 138 31.95 -19.50 -29.40
CA GLY D 138 32.61 -19.54 -30.69
C GLY D 138 31.61 -19.72 -31.82
N ASP D 139 31.88 -20.71 -32.67
CA ASP D 139 31.04 -21.02 -33.82
C ASP D 139 30.13 -22.22 -33.60
N ARG D 140 30.22 -22.83 -32.43
CA ARG D 140 29.33 -23.93 -32.05
C ARG D 140 27.87 -23.50 -32.04
N HIS D 141 26.97 -24.45 -32.34
CA HIS D 141 25.54 -24.21 -32.23
C HIS D 141 25.11 -24.11 -30.77
N TYR D 142 25.70 -24.97 -29.93
CA TYR D 142 25.38 -25.01 -28.51
C TYR D 142 26.64 -24.99 -27.65
N LEU D 143 26.45 -24.82 -26.36
CA LEU D 143 27.56 -24.65 -25.42
C LEU D 143 28.50 -25.85 -25.31
N THR D 144 28.01 -27.06 -25.56
CA THR D 144 28.85 -28.25 -25.41
C THR D 144 29.12 -28.95 -26.73
N GLY D 145 28.70 -28.33 -27.83
CA GLY D 145 28.87 -28.92 -29.16
C GLY D 145 27.66 -28.74 -30.06
N SER D 146 27.29 -29.81 -30.75
CA SER D 146 26.21 -29.75 -31.72
C SER D 146 24.90 -30.29 -31.15
N SER D 147 24.97 -30.91 -29.98
CA SER D 147 23.77 -31.37 -29.26
C SER D 147 23.38 -30.38 -28.17
N VAL D 148 22.09 -30.34 -27.87
CA VAL D 148 21.56 -29.51 -26.80
C VAL D 148 21.87 -30.13 -25.44
N SER D 149 22.25 -29.29 -24.48
CA SER D 149 22.49 -29.72 -23.11
C SER D 149 21.59 -28.90 -22.16
N HIS D 150 21.38 -29.41 -20.94
CA HIS D 150 20.62 -28.68 -19.91
C HIS D 150 21.22 -27.32 -19.63
N VAL D 151 22.54 -27.25 -19.77
CA VAL D 151 23.33 -26.03 -19.63
C VAL D 151 22.90 -24.95 -20.63
N ASP D 152 22.50 -25.35 -21.83
CA ASP D 152 22.00 -24.41 -22.83
C ASP D 152 20.68 -23.76 -22.39
N PHE D 153 19.83 -24.53 -21.73
CA PHE D 153 18.58 -23.99 -21.28
C PHE D 153 18.81 -23.00 -20.15
N MET D 154 19.81 -23.29 -19.32
CA MET D 154 20.19 -22.39 -18.24
C MET D 154 20.63 -21.05 -18.78
N VAL D 155 21.57 -21.06 -19.72
CA VAL D 155 22.08 -19.82 -20.29
C VAL D 155 20.98 -19.12 -21.09
N TYR D 156 20.21 -19.88 -21.85
CA TYR D 156 19.09 -19.30 -22.58
C TYR D 156 18.19 -18.48 -21.66
N GLU D 157 17.75 -19.12 -20.57
CA GLU D 157 16.84 -18.49 -19.62
C GLU D 157 17.43 -17.21 -19.02
N ALA D 158 18.71 -17.28 -18.62
CA ALA D 158 19.38 -16.11 -18.09
C ALA D 158 19.39 -14.97 -19.09
N LEU D 159 19.68 -15.28 -20.36
CA LEU D 159 19.72 -14.27 -21.41
C LEU D 159 18.34 -13.65 -21.66
N ASP D 160 17.32 -14.49 -21.78
CA ASP D 160 15.97 -14.02 -21.95
C ASP D 160 15.48 -13.13 -20.82
N CYS D 161 15.95 -13.40 -19.60
CA CYS D 161 15.60 -12.59 -18.45
C CYS D 161 16.31 -11.25 -18.49
N ILE D 162 17.61 -11.28 -18.79
CA ILE D 162 18.42 -10.09 -18.84
C ILE D 162 17.90 -9.10 -19.89
N ARG D 163 17.41 -9.58 -21.03
CA ARG D 163 16.96 -8.66 -22.07
C ARG D 163 15.70 -7.83 -21.72
N TYR D 164 15.06 -8.14 -20.61
CA TYR D 164 13.97 -7.30 -20.15
C TYR D 164 14.52 -6.09 -19.42
N LEU D 165 15.69 -6.24 -18.79
CA LEU D 165 16.39 -5.12 -18.19
C LEU D 165 17.15 -4.30 -19.25
N ALA D 166 17.72 -5.01 -20.21
CA ALA D 166 18.59 -4.39 -21.20
C ALA D 166 18.25 -4.99 -22.55
N PRO D 167 17.22 -4.43 -23.21
CA PRO D 167 16.61 -5.05 -24.40
C PRO D 167 17.58 -5.22 -25.55
N GLN D 168 18.62 -4.38 -25.54
CA GLN D 168 19.53 -4.33 -26.67
CA GLN D 168 19.57 -4.26 -26.64
C GLN D 168 20.88 -5.00 -26.42
N CYS D 169 21.05 -5.56 -25.23
CA CYS D 169 22.33 -6.15 -24.80
C CYS D 169 22.95 -7.17 -25.78
N LEU D 170 22.13 -7.87 -26.54
CA LEU D 170 22.66 -8.87 -27.46
C LEU D 170 22.99 -8.36 -28.87
N GLU D 171 22.75 -7.08 -29.14
CA GLU D 171 22.98 -6.61 -30.50
C GLU D 171 24.46 -6.49 -30.90
N ASP D 172 25.35 -6.34 -29.93
CA ASP D 172 26.78 -6.41 -30.24
C ASP D 172 27.33 -7.83 -30.13
N PHE D 173 26.42 -8.80 -30.02
CA PHE D 173 26.80 -10.19 -29.77
C PHE D 173 26.00 -11.18 -30.63
N PRO D 174 26.18 -11.09 -31.97
CA PRO D 174 25.42 -11.84 -32.97
C PRO D 174 25.35 -13.35 -32.74
N LYS D 175 26.45 -13.94 -32.27
CA LYS D 175 26.49 -15.36 -31.99
C LYS D 175 25.64 -15.75 -30.77
N LEU D 176 25.53 -14.86 -29.78
CA LEU D 176 24.64 -15.10 -28.66
C LEU D 176 23.19 -14.99 -29.13
N LYS D 177 22.92 -14.03 -30.02
CA LYS D 177 21.58 -13.86 -30.56
C LYS D 177 21.23 -15.09 -31.38
N GLU D 178 22.17 -15.53 -32.20
CA GLU D 178 21.94 -16.75 -32.97
C GLU D 178 21.65 -17.95 -32.05
N PHE D 179 22.40 -18.05 -30.94
CA PHE D 179 22.17 -19.09 -29.95
C PHE D 179 20.76 -19.03 -29.38
N LYS D 180 20.37 -17.86 -28.84
CA LYS D 180 18.99 -17.59 -28.37
C LYS D 180 17.92 -18.08 -29.31
N SER D 181 18.03 -17.68 -30.58
CA SER D 181 17.00 -17.99 -31.59
C SER D 181 17.06 -19.47 -31.95
N ARG D 182 18.26 -20.06 -31.89
CA ARG D 182 18.39 -21.50 -32.13
C ARG D 182 17.54 -22.29 -31.15
N ILE D 183 17.60 -21.90 -29.87
CA ILE D 183 16.88 -22.56 -28.78
C ILE D 183 15.37 -22.42 -29.02
N GLU D 184 14.94 -21.17 -29.24
CA GLU D 184 13.53 -20.82 -29.41
C GLU D 184 12.93 -21.53 -30.62
N ASP D 185 13.79 -21.91 -31.55
CA ASP D 185 13.36 -22.52 -32.79
C ASP D 185 13.26 -24.04 -32.73
N LEU D 186 13.78 -24.64 -31.65
CA LEU D 186 13.62 -26.08 -31.45
C LEU D 186 12.11 -26.40 -31.34
N PRO D 187 11.60 -27.26 -32.23
CA PRO D 187 10.13 -27.45 -32.40
C PRO D 187 9.36 -27.68 -31.10
N LYS D 188 9.93 -28.48 -30.19
CA LYS D 188 9.27 -28.81 -28.94
C LYS D 188 9.36 -27.67 -27.96
N ILE D 189 10.34 -26.78 -28.15
CA ILE D 189 10.50 -25.64 -27.27
C ILE D 189 9.62 -24.49 -27.78
N LYS D 190 9.58 -24.33 -29.11
CA LYS D 190 8.71 -23.33 -29.70
C LYS D 190 7.26 -23.57 -29.30
N ALA D 191 6.82 -24.83 -29.33
CA ALA D 191 5.45 -25.20 -28.98
C ALA D 191 5.13 -24.94 -27.50
N TYR D 192 6.11 -25.23 -26.65
CA TYR D 192 5.96 -25.00 -25.23
C TYR D 192 5.78 -23.52 -24.91
N MET D 193 6.57 -22.69 -25.56
CA MET D 193 6.50 -21.24 -25.36
C MET D 193 5.23 -20.66 -25.96
N GLU D 194 4.59 -21.41 -26.85
CA GLU D 194 3.36 -20.96 -27.49
C GLU D 194 2.14 -21.57 -26.75
N SER D 195 2.40 -22.43 -25.77
CA SER D 195 1.32 -23.16 -25.12
C SER D 195 0.76 -22.39 -23.95
N GLU D 196 -0.42 -22.80 -23.49
CA GLU D 196 -1.08 -22.10 -22.40
C GLU D 196 -0.43 -22.36 -21.04
N LYS D 197 0.38 -23.42 -20.92
CA LYS D 197 0.98 -23.70 -19.61
C LYS D 197 2.36 -23.00 -19.37
N PHE D 198 2.90 -22.42 -20.43
CA PHE D 198 4.17 -21.71 -20.36
C PHE D 198 4.05 -20.52 -19.40
N ILE D 199 4.93 -20.46 -18.42
CA ILE D 199 4.99 -19.29 -17.55
C ILE D 199 5.93 -18.24 -18.15
N LYS D 200 5.36 -17.10 -18.51
CA LYS D 200 6.11 -16.03 -19.15
C LYS D 200 6.51 -14.94 -18.14
N TRP D 201 5.75 -14.84 -17.07
CA TRP D 201 5.96 -13.81 -16.07
C TRP D 201 5.45 -14.32 -14.74
N PRO D 202 6.10 -13.92 -13.63
CA PRO D 202 7.29 -13.10 -13.51
C PRO D 202 8.60 -13.87 -13.72
N LEU D 203 9.67 -13.10 -13.91
CA LEU D 203 11.03 -13.64 -14.05
C LEU D 203 11.55 -14.11 -12.71
N ASN D 204 11.52 -13.20 -11.73
CA ASN D 204 11.92 -13.49 -10.38
C ASN D 204 10.67 -13.69 -9.53
N SER D 205 10.81 -13.77 -8.20
CA SER D 205 9.65 -13.82 -7.34
C SER D 205 8.94 -12.47 -7.39
N TRP D 206 7.65 -12.49 -7.09
CA TRP D 206 6.77 -11.35 -7.25
C TRP D 206 7.28 -10.10 -6.55
N ILE D 207 7.97 -10.25 -5.44
CA ILE D 207 8.37 -9.08 -4.65
C ILE D 207 9.67 -8.41 -5.15
N ALA D 208 10.32 -9.01 -6.13
CA ALA D 208 11.54 -8.40 -6.70
C ALA D 208 11.28 -6.97 -7.16
N SER D 209 12.26 -6.09 -7.02
CA SER D 209 12.18 -4.76 -7.64
C SER D 209 12.14 -4.79 -9.17
N PHE D 210 12.81 -5.76 -9.78
CA PHE D 210 12.69 -5.90 -11.23
C PHE D 210 12.39 -7.33 -11.66
N GLY D 211 11.54 -7.44 -12.67
CA GLY D 211 11.17 -8.73 -13.22
C GLY D 211 10.26 -9.47 -12.28
N GLY D 212 9.70 -8.75 -11.32
CA GLY D 212 8.61 -9.25 -10.45
C GLY D 212 7.26 -8.64 -10.83
N GLY D 213 6.32 -8.62 -9.87
CA GLY D 213 4.93 -8.18 -10.13
C GLY D 213 4.09 -9.29 -10.73
N ASP D 214 2.81 -9.03 -10.99
CA ASP D 214 1.92 -10.01 -11.62
C ASP D 214 2.02 -9.96 -13.14
N ALA D 215 2.51 -8.83 -13.66
CA ALA D 215 2.59 -8.58 -15.08
C ALA D 215 3.89 -7.87 -15.44
N ALA D 216 4.32 -8.07 -16.69
CA ALA D 216 5.49 -7.40 -17.28
C ALA D 216 5.39 -5.87 -17.22
N PRO D 217 6.53 -5.17 -17.40
CA PRO D 217 6.50 -3.73 -17.12
C PRO D 217 6.02 -2.90 -18.31
N ALA D 218 5.01 -2.06 -18.05
CA ALA D 218 4.45 -1.10 -19.03
C ALA D 218 4.31 -1.68 -20.44
N PRO E 2 -41.45 14.71 18.37
CA PRO E 2 -40.98 16.03 17.95
C PRO E 2 -41.65 17.18 18.70
N ALA E 3 -40.96 18.32 18.76
CA ALA E 3 -41.45 19.49 19.47
C ALA E 3 -42.27 20.41 18.55
N LYS E 4 -43.40 20.88 19.06
CA LYS E 4 -44.21 21.86 18.33
C LYS E 4 -44.03 23.25 18.90
N LEU E 5 -43.70 24.19 18.02
CA LEU E 5 -43.49 25.58 18.40
C LEU E 5 -44.59 26.46 17.84
N GLY E 6 -44.72 27.66 18.42
CA GLY E 6 -45.58 28.71 17.88
C GLY E 6 -45.06 30.10 18.19
N TYR E 7 -45.28 31.03 17.24
CA TYR E 7 -44.82 32.44 17.30
C TYR E 7 -45.25 33.19 16.04
N TRP E 8 -45.19 34.51 16.06
CA TRP E 8 -45.52 35.28 14.86
C TRP E 8 -44.52 34.94 13.77
N LYS E 9 -44.86 35.29 12.53
CA LYS E 9 -43.99 34.99 11.40
C LYS E 9 -42.96 36.12 11.27
N ILE E 10 -42.19 36.30 12.35
CA ILE E 10 -41.19 37.35 12.47
C ILE E 10 -40.00 36.75 13.21
N ARG E 11 -38.89 37.46 13.22
CA ARG E 11 -37.69 37.00 13.88
C ARG E 11 -37.87 37.12 15.39
N GLY E 12 -37.92 38.35 15.87
CA GLY E 12 -38.28 38.63 17.26
C GLY E 12 -37.53 37.75 18.24
N LEU E 13 -38.21 37.38 19.32
CA LEU E 13 -37.56 36.64 20.39
C LEU E 13 -37.38 35.16 20.06
N GLN E 14 -37.80 34.74 18.88
CA GLN E 14 -37.88 33.31 18.57
C GLN E 14 -36.74 32.85 17.66
N GLN E 15 -36.09 33.79 16.97
CA GLN E 15 -34.93 33.42 16.15
C GLN E 15 -33.88 32.63 16.91
N PRO E 16 -33.44 33.12 18.09
CA PRO E 16 -32.36 32.39 18.78
C PRO E 16 -32.76 30.95 19.04
N VAL E 17 -33.98 30.73 19.51
CA VAL E 17 -34.48 29.37 19.74
C VAL E 17 -34.55 28.54 18.43
N ARG E 18 -34.99 29.18 17.35
CA ARG E 18 -34.88 28.60 16.01
C ARG E 18 -33.43 28.24 15.70
N LEU E 19 -32.53 29.19 15.91
CA LEU E 19 -31.09 28.96 15.71
C LEU E 19 -30.54 27.82 16.58
N LEU E 20 -30.89 27.81 17.85
CA LEU E 20 -30.41 26.76 18.75
C LEU E 20 -30.82 25.38 18.26
N LEU E 21 -32.09 25.28 17.86
CA LEU E 21 -32.68 24.02 17.44
C LEU E 21 -32.01 23.45 16.18
N GLU E 22 -31.77 24.30 15.19
CA GLU E 22 -31.04 23.90 14.00
C GLU E 22 -29.60 23.53 14.34
N TYR E 23 -28.97 24.29 15.24
CA TYR E 23 -27.60 23.97 15.63
C TYR E 23 -27.50 22.59 16.23
N LEU E 24 -28.45 22.21 17.07
CA LEU E 24 -28.38 20.92 17.75
C LEU E 24 -28.95 19.78 16.89
N GLY E 25 -29.55 20.14 15.76
CA GLY E 25 -30.20 19.17 14.90
C GLY E 25 -31.37 18.53 15.61
N GLU E 26 -32.26 19.36 16.14
CA GLU E 26 -33.45 18.89 16.83
C GLU E 26 -34.64 18.93 15.88
N GLU E 27 -35.40 17.84 15.84
CA GLU E 27 -36.63 17.76 15.06
C GLU E 27 -37.69 18.65 15.68
N TYR E 28 -38.29 19.52 14.87
CA TYR E 28 -39.39 20.38 15.31
C TYR E 28 -40.25 20.93 14.16
N GLU E 29 -41.46 21.37 14.51
CA GLU E 29 -42.33 22.12 13.60
C GLU E 29 -42.78 23.39 14.33
N GLU E 30 -42.84 24.50 13.62
CA GLU E 30 -43.34 25.75 14.20
C GLU E 30 -44.63 26.20 13.52
N HIS E 31 -45.67 26.48 14.31
CA HIS E 31 -46.83 27.13 13.70
C HIS E 31 -46.61 28.62 13.69
N LEU E 32 -46.68 29.21 12.51
CA LEU E 32 -46.38 30.61 12.31
C LEU E 32 -47.65 31.44 12.08
N TYR E 33 -47.91 32.35 13.02
CA TYR E 33 -49.03 33.27 12.92
C TYR E 33 -48.59 34.46 12.08
N GLY E 34 -49.37 34.77 11.05
CA GLY E 34 -49.09 35.90 10.19
C GLY E 34 -49.58 37.21 10.78
N ARG E 35 -49.31 38.29 10.06
CA ARG E 35 -49.77 39.62 10.42
C ARG E 35 -51.30 39.68 10.65
N ASP E 36 -52.04 39.06 9.74
CA ASP E 36 -53.51 39.03 9.81
C ASP E 36 -54.05 37.88 10.66
N ASP E 37 -53.26 37.43 11.64
CA ASP E 37 -53.62 36.25 12.42
C ASP E 37 -53.76 36.52 13.92
N ARG E 38 -53.85 37.80 14.28
CA ARG E 38 -54.01 38.21 15.68
C ARG E 38 -55.19 37.52 16.33
N GLU E 39 -56.29 37.47 15.58
CA GLU E 39 -57.59 37.03 16.08
C GLU E 39 -57.64 35.50 16.18
N LYS E 40 -56.81 34.83 15.39
CA LYS E 40 -56.67 33.37 15.42
C LYS E 40 -55.92 32.95 16.69
N TRP E 41 -54.83 33.66 16.99
CA TRP E 41 -54.02 33.38 18.19
C TRP E 41 -54.83 33.57 19.46
N LEU E 42 -55.64 34.63 19.51
CA LEU E 42 -56.58 34.84 20.62
C LEU E 42 -57.57 33.67 20.76
N GLY E 43 -57.73 32.90 19.69
CA GLY E 43 -58.57 31.70 19.69
C GLY E 43 -57.83 30.47 20.20
N ASP E 44 -56.54 30.38 19.90
CA ASP E 44 -55.72 29.27 20.37
C ASP E 44 -55.22 29.50 21.81
N LYS E 45 -54.83 30.73 22.10
CA LYS E 45 -54.16 31.09 23.36
C LYS E 45 -54.55 30.22 24.54
N PHE E 46 -55.80 30.28 24.96
CA PHE E 46 -56.21 29.65 26.20
C PHE E 46 -56.62 28.20 26.02
N ASN E 47 -56.70 27.76 24.77
CA ASN E 47 -57.22 26.44 24.42
C ASN E 47 -56.14 25.41 24.07
N MET E 48 -54.95 25.58 24.65
CA MET E 48 -53.78 24.72 24.34
C MET E 48 -53.11 24.07 25.53
N GLY E 49 -53.50 24.47 26.73
CA GLY E 49 -53.00 23.84 27.94
C GLY E 49 -51.74 24.46 28.47
N LEU E 50 -51.44 25.67 28.02
CA LEU E 50 -50.31 26.43 28.51
C LEU E 50 -50.64 27.05 29.88
N ASP E 51 -49.74 26.87 30.84
CA ASP E 51 -49.89 27.50 32.17
C ASP E 51 -49.85 29.03 32.12
N LEU E 52 -48.96 29.57 31.28
CA LEU E 52 -48.84 31.02 31.18
C LEU E 52 -48.83 31.44 29.72
N PRO E 53 -50.03 31.44 29.11
CA PRO E 53 -50.21 31.66 27.68
C PRO E 53 -49.50 32.92 27.17
N ASN E 54 -48.65 32.73 26.18
CA ASN E 54 -47.88 33.79 25.55
C ASN E 54 -47.30 33.33 24.22
N LEU E 55 -46.68 34.26 23.51
CA LEU E 55 -45.91 33.93 22.33
C LEU E 55 -44.44 34.30 22.55
N PRO E 56 -43.49 33.38 22.24
CA PRO E 56 -43.60 32.01 21.75
C PRO E 56 -44.02 30.98 22.79
N TYR E 57 -44.50 29.83 22.28
CA TYR E 57 -44.73 28.64 23.10
C TYR E 57 -43.96 27.43 22.56
N TYR E 58 -43.87 26.38 23.38
CA TYR E 58 -43.16 25.15 23.03
C TYR E 58 -43.95 24.01 23.65
N ILE E 59 -44.41 23.09 22.81
CA ILE E 59 -45.13 21.92 23.29
C ILE E 59 -44.47 20.66 22.73
N ASP E 60 -44.17 19.72 23.62
CA ASP E 60 -43.83 18.35 23.20
C ASP E 60 -44.47 17.32 24.14
N ASP E 61 -44.23 16.03 23.88
CA ASP E 61 -44.81 14.94 24.70
C ASP E 61 -44.54 15.12 26.19
N LYS E 62 -43.54 15.94 26.51
CA LYS E 62 -42.83 15.93 27.79
C LYS E 62 -43.00 17.22 28.62
N CYS E 63 -43.31 18.34 27.95
CA CYS E 63 -43.26 19.65 28.59
C CYS E 63 -44.04 20.69 27.81
N LYS E 64 -44.69 21.60 28.53
CA LYS E 64 -45.35 22.75 27.88
C LYS E 64 -44.78 24.04 28.43
N LEU E 65 -44.32 24.91 27.55
CA LEU E 65 -43.55 26.09 27.96
C LEU E 65 -43.89 27.34 27.20
N THR E 66 -43.96 28.46 27.93
CA THR E 66 -43.85 29.78 27.36
C THR E 66 -42.56 30.44 27.87
N GLN E 67 -42.20 31.57 27.26
CA GLN E 67 -41.00 32.35 27.61
C GLN E 67 -39.75 31.89 26.84
N SER E 68 -39.42 32.67 25.81
CA SER E 68 -38.32 32.33 24.89
C SER E 68 -37.06 31.84 25.58
N VAL E 69 -36.61 32.53 26.63
CA VAL E 69 -35.39 32.09 27.31
C VAL E 69 -35.60 30.79 28.09
N ALA E 70 -36.76 30.62 28.72
CA ALA E 70 -37.08 29.35 29.35
C ALA E 70 -37.00 28.19 28.36
N ILE E 71 -37.47 28.44 27.13
CA ILE E 71 -37.50 27.41 26.08
C ILE E 71 -36.07 27.08 25.59
N MET E 72 -35.27 28.10 25.30
CA MET E 72 -33.90 27.86 24.90
C MET E 72 -33.16 27.08 25.98
N ARG E 73 -33.34 27.51 27.23
CA ARG E 73 -32.73 26.88 28.36
C ARG E 73 -33.16 25.42 28.52
N TYR E 74 -34.41 25.11 28.19
CA TYR E 74 -34.88 23.74 28.27
C TYR E 74 -34.13 22.86 27.28
N ILE E 75 -34.22 23.24 26.01
CA ILE E 75 -33.48 22.57 24.93
C ILE E 75 -32.01 22.40 25.27
N ALA E 76 -31.38 23.45 25.79
CA ALA E 76 -29.97 23.43 26.15
C ALA E 76 -29.72 22.55 27.37
N ASP E 77 -30.62 22.63 28.34
CA ASP E 77 -30.57 21.80 29.54
C ASP E 77 -30.58 20.30 29.20
N LYS E 78 -31.39 19.89 28.22
CA LYS E 78 -31.39 18.52 27.72
C LYS E 78 -30.04 18.04 27.16
N HIS E 79 -29.25 18.97 26.62
CA HIS E 79 -27.94 18.64 26.05
C HIS E 79 -26.80 18.97 27.00
N GLY E 80 -27.12 19.38 28.23
CA GLY E 80 -26.12 19.63 29.27
C GLY E 80 -25.28 20.87 29.04
N MET E 81 -25.88 21.89 28.42
CA MET E 81 -25.18 23.08 27.95
C MET E 81 -25.29 24.30 28.86
N LEU E 82 -25.77 24.11 30.08
CA LEU E 82 -26.12 25.23 30.96
C LEU E 82 -25.12 25.55 32.07
N GLY E 83 -24.19 24.64 32.34
CA GLY E 83 -23.16 24.86 33.34
C GLY E 83 -23.18 23.73 34.34
N SER E 84 -22.06 23.50 35.01
CA SER E 84 -21.97 22.40 35.98
C SER E 84 -21.88 22.85 37.43
N THR E 85 -21.59 24.13 37.64
CA THR E 85 -21.51 24.67 38.99
C THR E 85 -22.46 25.85 39.15
N PRO E 86 -22.88 26.13 40.40
CA PRO E 86 -23.67 27.32 40.68
C PRO E 86 -23.14 28.57 39.98
N GLU E 87 -21.82 28.71 39.91
CA GLU E 87 -21.18 29.86 39.28
C GLU E 87 -21.09 29.76 37.73
N GLU E 88 -20.85 28.57 37.19
CA GLU E 88 -20.97 28.43 35.73
C GLU E 88 -22.39 28.78 35.29
N ARG E 89 -23.41 28.17 35.90
CA ARG E 89 -24.82 28.47 35.58
C ARG E 89 -25.21 29.95 35.76
N ALA E 90 -24.67 30.60 36.79
CA ALA E 90 -24.89 32.02 37.04
C ALA E 90 -24.25 32.91 35.96
N ARG E 91 -22.98 32.62 35.66
CA ARG E 91 -22.27 33.33 34.59
C ARG E 91 -23.13 33.31 33.32
N ILE E 92 -23.58 32.12 32.96
CA ILE E 92 -24.38 31.92 31.77
C ILE E 92 -25.72 32.67 31.85
N SER E 93 -26.30 32.75 33.04
CA SER E 93 -27.56 33.47 33.17
C SER E 93 -27.37 35.00 33.07
N MET E 94 -26.21 35.48 33.52
CA MET E 94 -25.89 36.89 33.39
C MET E 94 -25.77 37.29 31.92
N ILE E 95 -25.03 36.51 31.14
CA ILE E 95 -24.81 36.78 29.73
C ILE E 95 -26.15 36.83 29.00
N GLU E 96 -26.99 35.84 29.33
CA GLU E 96 -28.31 35.67 28.76
C GLU E 96 -29.17 36.90 29.07
N GLY E 97 -29.16 37.30 30.33
CA GLY E 97 -29.84 38.51 30.76
C GLY E 97 -29.34 39.72 30.01
N ALA E 98 -28.02 39.84 29.89
CA ALA E 98 -27.45 40.99 29.16
C ALA E 98 -27.72 40.90 27.64
N ALA E 99 -27.77 39.68 27.10
CA ALA E 99 -28.07 39.49 25.68
C ALA E 99 -29.50 39.94 25.38
N MET E 100 -30.40 39.70 26.33
CA MET E 100 -31.77 40.16 26.25
C MET E 100 -31.84 41.70 26.35
N ASP E 101 -31.06 42.30 27.25
CA ASP E 101 -31.03 43.76 27.31
C ASP E 101 -30.54 44.32 25.97
N LEU E 102 -29.57 43.62 25.34
CA LEU E 102 -29.07 44.03 24.05
C LEU E 102 -30.17 43.99 22.99
N ARG E 103 -30.98 42.95 23.00
CA ARG E 103 -32.07 42.83 22.01
C ARG E 103 -33.23 43.80 22.30
N MET E 104 -33.58 43.94 23.59
CA MET E 104 -34.71 44.75 24.01
C MET E 104 -34.49 46.25 23.85
N GLY E 105 -33.24 46.69 23.89
CA GLY E 105 -32.94 48.11 23.75
C GLY E 105 -33.16 48.56 22.32
N PHE E 106 -33.00 47.60 21.42
CA PHE E 106 -33.31 47.78 20.01
C PHE E 106 -34.83 47.79 19.79
N VAL E 107 -35.53 46.83 20.42
CA VAL E 107 -36.99 46.83 20.50
C VAL E 107 -37.46 48.18 20.97
N ARG E 108 -36.88 48.68 22.06
CA ARG E 108 -37.32 49.94 22.65
C ARG E 108 -37.16 51.09 21.67
N VAL E 109 -36.00 51.19 21.02
CA VAL E 109 -35.81 52.28 20.08
C VAL E 109 -36.72 52.12 18.84
N CYS E 110 -36.98 50.86 18.46
CA CYS E 110 -37.73 50.54 17.26
C CYS E 110 -39.26 50.74 17.38
N TYR E 111 -39.82 50.49 18.57
CA TYR E 111 -41.26 50.66 18.80
C TYR E 111 -41.59 52.03 19.38
N ASN E 112 -40.58 52.89 19.49
CA ASN E 112 -40.74 54.23 20.04
C ASN E 112 -41.61 55.10 19.13
N PRO E 113 -42.68 55.72 19.68
CA PRO E 113 -43.59 56.55 18.88
C PRO E 113 -42.84 57.62 18.07
N LYS E 114 -41.69 58.03 18.58
CA LYS E 114 -40.84 59.05 17.97
C LYS E 114 -39.47 58.50 17.54
N PHE E 115 -39.45 57.32 16.90
CA PHE E 115 -38.20 56.68 16.46
C PHE E 115 -37.26 57.63 15.70
N GLU E 116 -37.82 58.46 14.84
CA GLU E 116 -37.01 59.33 13.98
C GLU E 116 -36.18 60.34 14.78
N GLU E 117 -36.61 60.64 16.00
CA GLU E 117 -35.87 61.56 16.87
C GLU E 117 -35.07 60.95 18.06
N VAL E 118 -35.36 59.71 18.47
CA VAL E 118 -34.53 59.08 19.52
C VAL E 118 -33.47 58.10 19.01
N LYS E 119 -33.58 57.71 17.74
CA LYS E 119 -32.60 56.80 17.13
C LYS E 119 -31.15 57.28 17.30
N GLY E 120 -30.96 58.60 17.25
CA GLY E 120 -29.64 59.24 17.38
C GLY E 120 -29.01 59.10 18.76
N ASP E 121 -29.85 59.13 19.80
CA ASP E 121 -29.39 58.87 21.17
C ASP E 121 -28.98 57.43 21.36
N TYR E 122 -29.79 56.52 20.83
CA TYR E 122 -29.48 55.12 20.84
C TYR E 122 -28.20 54.81 20.06
N LEU E 123 -28.00 55.52 18.94
CA LEU E 123 -26.77 55.38 18.16
C LEU E 123 -25.55 55.98 18.87
N LYS E 124 -25.79 56.96 19.72
CA LYS E 124 -24.73 57.63 20.48
C LYS E 124 -24.19 56.70 21.59
N GLU E 125 -25.09 55.98 22.24
CA GLU E 125 -24.71 55.05 23.29
C GLU E 125 -24.28 53.68 22.74
N LEU E 126 -24.63 53.38 21.49
CA LEU E 126 -24.42 52.03 20.96
C LEU E 126 -22.96 51.53 21.07
N PRO E 127 -21.96 52.35 20.65
CA PRO E 127 -20.56 51.92 20.75
C PRO E 127 -20.09 51.55 22.14
N THR E 128 -20.63 52.23 23.15
CA THR E 128 -20.29 51.97 24.55
C THR E 128 -20.69 50.54 24.92
N THR E 129 -21.92 50.18 24.57
CA THR E 129 -22.44 48.85 24.88
C THR E 129 -21.67 47.80 24.08
N LEU E 130 -21.41 48.13 22.82
CA LEU E 130 -20.65 47.22 21.96
C LEU E 130 -19.25 46.97 22.49
N LYS E 131 -18.57 48.04 22.91
CA LYS E 131 -17.26 47.91 23.54
C LYS E 131 -17.33 46.95 24.72
N MET E 132 -18.33 47.15 25.58
CA MET E 132 -18.51 46.29 26.75
C MET E 132 -18.55 44.82 26.34
N TRP E 133 -19.27 44.51 25.27
CA TRP E 133 -19.37 43.13 24.76
C TRP E 133 -18.11 42.65 24.08
N SER E 134 -17.44 43.55 23.34
CA SER E 134 -16.17 43.22 22.68
C SER E 134 -15.14 42.89 23.74
N ASN E 135 -15.15 43.67 24.83
CA ASN E 135 -14.26 43.48 25.96
C ASN E 135 -14.56 42.18 26.64
N PHE E 136 -15.85 41.90 26.79
CA PHE E 136 -16.25 40.65 27.41
C PHE E 136 -15.80 39.45 26.57
N LEU E 137 -15.93 39.53 25.24
CA LEU E 137 -15.61 38.38 24.39
C LEU E 137 -14.13 37.98 24.49
N GLY E 138 -13.26 38.98 24.44
CA GLY E 138 -11.83 38.77 24.49
C GLY E 138 -11.40 38.10 23.21
N ASP E 139 -10.55 37.09 23.34
CA ASP E 139 -10.17 36.25 22.20
C ASP E 139 -10.87 34.91 22.25
N ARG E 140 -11.90 34.79 23.08
CA ARG E 140 -12.68 33.54 23.08
C ARG E 140 -13.39 33.44 21.73
N HIS E 141 -13.71 32.24 21.27
CA HIS E 141 -14.43 32.17 20.01
C HIS E 141 -15.93 32.34 20.22
N TYR E 142 -16.37 32.09 21.46
CA TYR E 142 -17.79 32.21 21.84
C TYR E 142 -17.89 32.79 23.23
N LEU E 143 -19.09 33.25 23.58
CA LEU E 143 -19.28 34.00 24.79
C LEU E 143 -18.90 33.26 26.05
N THR E 144 -18.96 31.93 26.02
CA THR E 144 -18.63 31.14 27.20
C THR E 144 -17.32 30.35 27.06
N GLY E 145 -16.64 30.49 25.92
CA GLY E 145 -15.40 29.75 25.69
C GLY E 145 -15.34 29.22 24.27
N SER E 146 -14.93 27.96 24.13
CA SER E 146 -14.76 27.34 22.80
C SER E 146 -15.99 26.63 22.27
N SER E 147 -16.95 26.30 23.14
CA SER E 147 -18.19 25.62 22.76
C SER E 147 -19.31 26.63 22.51
N VAL E 148 -20.32 26.22 21.76
CA VAL E 148 -21.43 27.10 21.42
C VAL E 148 -22.53 27.00 22.49
N SER E 149 -23.03 28.16 22.92
CA SER E 149 -24.11 28.24 23.91
C SER E 149 -25.34 28.94 23.29
N HIS E 150 -26.51 28.79 23.92
CA HIS E 150 -27.74 29.41 23.43
C HIS E 150 -27.60 30.92 23.48
N VAL E 151 -26.82 31.35 24.44
CA VAL E 151 -26.45 32.73 24.67
C VAL E 151 -25.77 33.37 23.45
N ASP E 152 -25.00 32.57 22.69
CA ASP E 152 -24.34 33.07 21.47
C ASP E 152 -25.33 33.43 20.35
N PHE E 153 -26.37 32.63 20.20
CA PHE E 153 -27.38 32.89 19.19
C PHE E 153 -28.23 34.09 19.57
N MET E 154 -28.44 34.29 20.88
CA MET E 154 -29.09 35.51 21.38
C MET E 154 -28.27 36.71 21.02
N VAL E 155 -26.98 36.69 21.36
CA VAL E 155 -26.14 37.82 21.03
C VAL E 155 -25.98 38.01 19.53
N TYR E 156 -25.76 36.92 18.78
CA TYR E 156 -25.68 37.00 17.31
C TYR E 156 -26.91 37.73 16.72
N GLU E 157 -28.10 37.28 17.13
CA GLU E 157 -29.34 37.74 16.52
C GLU E 157 -29.54 39.23 16.77
N ALA E 158 -29.24 39.64 18.00
CA ALA E 158 -29.22 41.05 18.35
C ALA E 158 -28.23 41.81 17.47
N LEU E 159 -27.03 41.27 17.28
CA LEU E 159 -26.06 41.93 16.41
C LEU E 159 -26.59 42.10 14.99
N ASP E 160 -27.15 41.04 14.42
CA ASP E 160 -27.69 41.10 13.08
C ASP E 160 -28.84 42.12 12.91
N CYS E 161 -29.72 42.21 13.89
CA CYS E 161 -30.80 43.20 13.86
C CYS E 161 -30.25 44.62 13.92
N ILE E 162 -29.32 44.87 14.84
CA ILE E 162 -28.80 46.23 15.05
C ILE E 162 -28.12 46.80 13.81
N ARG E 163 -27.36 45.98 13.10
CA ARG E 163 -26.66 46.40 11.89
C ARG E 163 -27.58 46.84 10.73
N TYR E 164 -28.87 46.49 10.76
CA TYR E 164 -29.83 47.10 9.82
C TYR E 164 -30.03 48.59 10.12
N LEU E 165 -30.03 48.95 11.41
CA LEU E 165 -30.11 50.35 11.86
C LEU E 165 -28.79 51.07 11.76
N ALA E 166 -27.71 50.40 12.16
CA ALA E 166 -26.35 50.95 12.08
C ALA E 166 -25.44 49.95 11.36
N PRO E 167 -25.36 50.04 10.01
CA PRO E 167 -24.67 49.07 9.14
C PRO E 167 -23.17 48.91 9.37
N GLN E 168 -22.57 49.89 10.05
CA GLN E 168 -21.13 49.92 10.22
C GLN E 168 -20.74 49.94 11.69
N CYS E 169 -21.73 49.61 12.54
CA CYS E 169 -21.55 49.61 14.00
C CYS E 169 -20.51 48.59 14.47
N LEU E 170 -20.19 47.61 13.63
CA LEU E 170 -19.24 46.54 13.96
C LEU E 170 -17.85 46.78 13.36
N GLU E 171 -17.73 47.87 12.61
CA GLU E 171 -16.47 48.33 12.03
C GLU E 171 -15.37 48.40 13.08
N ASP E 172 -15.62 49.16 14.15
CA ASP E 172 -14.61 49.37 15.19
C ASP E 172 -14.49 48.19 16.14
N PHE E 173 -15.27 47.16 15.90
CA PHE E 173 -15.26 46.01 16.79
C PHE E 173 -15.04 44.74 15.98
N PRO E 174 -13.79 44.52 15.55
CA PRO E 174 -13.54 43.40 14.64
C PRO E 174 -13.75 42.04 15.30
N LYS E 175 -13.65 41.96 16.62
CA LYS E 175 -13.86 40.67 17.28
C LYS E 175 -15.34 40.27 17.33
N LEU E 176 -16.24 41.24 17.39
CA LEU E 176 -17.67 40.95 17.28
C LEU E 176 -18.03 40.53 15.84
N LYS E 177 -17.48 41.23 14.86
CA LYS E 177 -17.67 40.86 13.46
C LYS E 177 -17.26 39.41 13.22
N GLU E 178 -16.10 39.03 13.73
CA GLU E 178 -15.56 37.69 13.52
C GLU E 178 -16.43 36.65 14.19
N PHE E 179 -16.94 37.02 15.38
CA PHE E 179 -17.89 36.19 16.10
C PHE E 179 -19.15 35.99 15.27
N LYS E 180 -19.65 37.10 14.74
CA LYS E 180 -20.83 37.15 13.91
C LYS E 180 -20.66 36.22 12.72
N SER E 181 -19.52 36.31 12.05
CA SER E 181 -19.23 35.44 10.91
C SER E 181 -19.08 34.00 11.33
N ARG E 182 -18.48 33.80 12.51
CA ARG E 182 -18.24 32.48 13.05
C ARG E 182 -19.59 31.75 13.22
N ILE E 183 -20.54 32.45 13.85
CA ILE E 183 -21.88 31.91 14.06
C ILE E 183 -22.56 31.53 12.73
N GLU E 184 -22.49 32.43 11.75
CA GLU E 184 -23.11 32.21 10.43
C GLU E 184 -22.43 31.09 9.65
N ASP E 185 -21.16 30.83 9.91
CA ASP E 185 -20.40 29.82 9.16
C ASP E 185 -20.52 28.39 9.73
N LEU E 186 -21.14 28.24 10.88
CA LEU E 186 -21.40 26.92 11.44
C LEU E 186 -22.29 26.16 10.45
N PRO E 187 -21.85 24.97 10.00
CA PRO E 187 -22.50 24.27 8.87
C PRO E 187 -24.03 24.24 8.91
N LYS E 188 -24.60 23.76 10.01
CA LYS E 188 -26.05 23.67 10.15
C LYS E 188 -26.73 25.04 10.11
N ILE E 189 -26.07 26.06 10.66
CA ILE E 189 -26.57 27.44 10.62
C ILE E 189 -26.56 28.01 9.21
N LYS E 190 -25.46 27.81 8.48
CA LYS E 190 -25.38 28.29 7.09
C LYS E 190 -26.45 27.64 6.20
N ALA E 191 -26.61 26.33 6.33
CA ALA E 191 -27.65 25.60 5.59
C ALA E 191 -29.02 26.12 5.95
N TYR E 192 -29.25 26.37 7.24
CA TYR E 192 -30.55 26.86 7.69
C TYR E 192 -30.86 28.25 7.13
N MET E 193 -29.95 29.20 7.30
CA MET E 193 -30.12 30.55 6.77
C MET E 193 -30.30 30.56 5.25
N GLU E 194 -29.94 29.45 4.60
CA GLU E 194 -30.06 29.32 3.14
C GLU E 194 -31.34 28.57 2.78
N SER E 195 -31.97 27.94 3.76
CA SER E 195 -33.19 27.19 3.50
C SER E 195 -34.39 28.12 3.34
N GLU E 196 -35.50 27.55 2.87
CA GLU E 196 -36.72 28.31 2.61
C GLU E 196 -37.55 28.49 3.88
N LYS E 197 -37.23 27.72 4.93
CA LYS E 197 -37.87 27.93 6.23
C LYS E 197 -37.28 29.14 7.01
N PHE E 198 -36.17 29.69 6.51
CA PHE E 198 -35.51 30.80 7.18
C PHE E 198 -36.29 32.12 7.03
N ILE E 199 -36.42 32.85 8.15
CA ILE E 199 -37.13 34.12 8.21
C ILE E 199 -36.15 35.29 8.28
N LYS E 200 -36.17 36.10 7.23
CA LYS E 200 -35.20 37.17 7.01
C LYS E 200 -35.74 38.45 7.59
N TRP E 201 -37.06 38.56 7.54
CA TRP E 201 -37.76 39.80 7.82
C TRP E 201 -39.21 39.50 8.23
N PRO E 202 -39.81 40.29 9.13
CA PRO E 202 -39.24 41.42 9.85
C PRO E 202 -38.41 41.03 11.07
N LEU E 203 -37.69 42.01 11.60
CA LEU E 203 -36.87 41.86 12.80
C LEU E 203 -37.80 41.88 14.02
N ASN E 204 -38.54 42.97 14.13
CA ASN E 204 -39.53 43.16 15.17
C ASN E 204 -40.92 42.82 14.62
N SER E 205 -41.96 43.06 15.41
CA SER E 205 -43.31 42.88 14.89
C SER E 205 -43.56 43.92 13.79
N TRP E 206 -44.48 43.60 12.87
CA TRP E 206 -44.74 44.41 11.69
C TRP E 206 -45.00 45.89 12.00
N ILE E 207 -45.51 46.18 13.20
CA ILE E 207 -45.96 47.51 13.54
C ILE E 207 -44.85 48.48 13.99
N ALA E 208 -43.73 47.93 14.43
CA ALA E 208 -42.57 48.72 14.89
C ALA E 208 -42.09 49.77 13.88
N SER E 209 -41.72 50.93 14.39
CA SER E 209 -41.28 52.05 13.55
C SER E 209 -39.99 51.78 12.75
N PHE E 210 -39.16 50.88 13.27
CA PHE E 210 -38.05 50.30 12.52
C PHE E 210 -38.05 48.77 12.69
N GLY E 211 -37.53 48.06 11.69
CA GLY E 211 -37.33 46.62 11.79
C GLY E 211 -38.60 45.85 11.56
N GLY E 212 -39.61 46.54 11.05
CA GLY E 212 -40.91 45.94 10.78
C GLY E 212 -41.30 46.14 9.34
N GLY E 213 -42.62 46.16 9.11
CA GLY E 213 -43.16 46.34 7.76
C GLY E 213 -43.00 45.08 6.94
N ASP E 214 -43.04 45.22 5.62
CA ASP E 214 -43.10 44.06 4.73
C ASP E 214 -41.75 43.59 4.17
N ALA E 215 -40.79 44.50 4.10
CA ALA E 215 -39.47 44.20 3.56
C ALA E 215 -38.38 45.03 4.23
N ALA E 216 -37.12 44.66 4.01
CA ALA E 216 -35.97 45.42 4.52
C ALA E 216 -36.01 46.90 4.05
N PRO E 217 -35.46 47.82 4.86
CA PRO E 217 -35.59 49.26 4.59
C PRO E 217 -34.80 49.77 3.38
N ALA E 218 -33.84 48.98 2.90
CA ALA E 218 -33.04 49.35 1.73
C ALA E 218 -33.90 49.57 0.48
N PRO F 2 -17.99 38.27 53.00
CA PRO F 2 -19.32 37.78 52.61
C PRO F 2 -19.79 38.32 51.25
N ALA F 3 -21.03 38.02 50.89
CA ALA F 3 -21.65 38.55 49.67
C ALA F 3 -21.85 40.06 49.78
N LYS F 4 -21.54 40.76 48.70
CA LYS F 4 -21.59 42.21 48.63
C LYS F 4 -22.36 42.64 47.39
N LEU F 5 -23.33 43.54 47.54
CA LEU F 5 -24.18 43.98 46.42
C LEU F 5 -24.24 45.49 46.28
N GLY F 6 -24.66 45.96 45.12
CA GLY F 6 -24.92 47.37 44.89
C GLY F 6 -26.10 47.65 43.96
N TYR F 7 -26.92 48.63 44.33
CA TYR F 7 -28.05 49.05 43.51
C TYR F 7 -28.42 50.46 43.93
N TRP F 8 -29.34 51.07 43.19
CA TRP F 8 -29.90 52.34 43.57
C TRP F 8 -30.71 52.18 44.87
N LYS F 9 -30.88 53.29 45.59
CA LYS F 9 -31.65 53.24 46.83
C LYS F 9 -33.13 53.24 46.47
N ILE F 10 -33.51 52.27 45.64
CA ILE F 10 -34.89 52.11 45.21
C ILE F 10 -35.27 50.64 45.33
N ARG F 11 -36.55 50.36 45.12
CA ARG F 11 -37.01 48.98 45.08
C ARG F 11 -36.55 48.31 43.77
N GLY F 12 -37.16 48.73 42.67
CA GLY F 12 -36.77 48.32 41.35
C GLY F 12 -36.59 46.82 41.20
N LEU F 13 -35.53 46.45 40.50
CA LEU F 13 -35.21 45.05 40.20
C LEU F 13 -34.54 44.33 41.36
N GLN F 14 -34.10 45.08 42.36
CA GLN F 14 -33.33 44.52 43.45
C GLN F 14 -34.17 43.97 44.61
N GLN F 15 -35.37 44.53 44.85
CA GLN F 15 -36.20 44.09 45.99
C GLN F 15 -36.29 42.58 46.12
N PRO F 16 -36.66 41.87 45.02
CA PRO F 16 -36.80 40.44 45.13
C PRO F 16 -35.53 39.75 45.62
N VAL F 17 -34.36 40.23 45.17
CA VAL F 17 -33.11 39.64 45.64
C VAL F 17 -32.87 39.93 47.12
N ARG F 18 -33.18 41.16 47.53
CA ARG F 18 -33.21 41.52 48.96
C ARG F 18 -34.06 40.53 49.76
N LEU F 19 -35.32 40.41 49.36
CA LEU F 19 -36.27 39.48 49.98
C LEU F 19 -35.74 38.06 50.05
N LEU F 20 -35.21 37.59 48.93
CA LEU F 20 -34.68 36.22 48.87
C LEU F 20 -33.56 36.02 49.90
N LEU F 21 -32.60 36.95 49.93
CA LEU F 21 -31.49 36.87 50.89
C LEU F 21 -32.01 36.86 52.33
N GLU F 22 -32.92 37.80 52.63
CA GLU F 22 -33.52 37.87 53.95
C GLU F 22 -34.25 36.58 54.33
N TYR F 23 -35.03 36.04 53.40
CA TYR F 23 -35.71 34.77 53.64
C TYR F 23 -34.73 33.65 53.96
N LEU F 24 -33.62 33.60 53.23
CA LEU F 24 -32.67 32.50 53.38
C LEU F 24 -31.69 32.73 54.51
N GLY F 25 -31.79 33.91 55.14
CA GLY F 25 -30.93 34.27 56.26
C GLY F 25 -29.49 34.41 55.83
N GLU F 26 -29.28 34.70 54.55
CA GLU F 26 -27.94 34.85 53.98
C GLU F 26 -27.33 36.19 54.39
N GLU F 27 -26.01 36.19 54.54
CA GLU F 27 -25.25 37.35 55.02
C GLU F 27 -24.83 38.24 53.85
N TYR F 28 -25.16 39.53 53.94
CA TYR F 28 -24.83 40.45 52.86
C TYR F 28 -24.77 41.91 53.29
N GLU F 29 -23.92 42.67 52.62
CA GLU F 29 -23.95 44.14 52.71
C GLU F 29 -24.26 44.73 51.34
N GLU F 30 -25.04 45.80 51.31
CA GLU F 30 -25.42 46.43 50.06
C GLU F 30 -24.99 47.88 50.01
N HIS F 31 -24.30 48.24 48.95
CA HIS F 31 -23.99 49.63 48.70
C HIS F 31 -25.16 50.28 47.98
N LEU F 32 -25.72 51.32 48.57
CA LEU F 32 -26.88 51.97 48.01
C LEU F 32 -26.52 53.30 47.37
N TYR F 33 -26.76 53.41 46.06
CA TYR F 33 -26.52 54.66 45.35
C TYR F 33 -27.76 55.54 45.43
N GLY F 34 -27.63 56.67 46.10
CA GLY F 34 -28.71 57.64 46.21
C GLY F 34 -29.00 58.39 44.91
N ARG F 35 -29.94 59.34 44.97
CA ARG F 35 -30.43 60.08 43.80
C ARG F 35 -29.40 61.03 43.20
N ASP F 36 -28.44 61.44 44.01
CA ASP F 36 -27.39 62.35 43.54
C ASP F 36 -26.11 61.58 43.17
N ASP F 37 -26.16 60.26 43.27
CA ASP F 37 -24.97 59.41 43.15
C ASP F 37 -24.70 58.82 41.75
N ARG F 38 -25.23 59.42 40.69
CA ARG F 38 -25.03 58.84 39.35
C ARG F 38 -23.54 58.81 38.98
N GLU F 39 -22.90 59.98 39.08
CA GLU F 39 -21.50 60.16 38.71
C GLU F 39 -20.57 59.28 39.55
N LYS F 40 -20.97 59.02 40.79
CA LYS F 40 -20.21 58.20 41.70
C LYS F 40 -20.28 56.72 41.31
N TRP F 41 -21.48 56.26 40.93
CA TRP F 41 -21.66 54.92 40.37
C TRP F 41 -20.80 54.76 39.12
N LEU F 42 -20.88 55.73 38.21
CA LEU F 42 -20.12 55.72 36.96
C LEU F 42 -18.62 55.70 37.19
N GLY F 43 -18.21 56.12 38.38
CA GLY F 43 -16.79 56.12 38.74
C GLY F 43 -16.36 54.74 39.16
N ASP F 44 -17.32 53.97 39.66
CA ASP F 44 -17.06 52.64 40.22
C ASP F 44 -17.32 51.54 39.20
N LYS F 45 -18.16 51.85 38.21
CA LYS F 45 -18.73 50.88 37.28
C LYS F 45 -17.71 49.94 36.69
N PHE F 46 -16.67 50.50 36.10
CA PHE F 46 -15.64 49.72 35.39
C PHE F 46 -14.43 49.35 36.28
N ASN F 47 -14.50 49.68 37.56
CA ASN F 47 -13.36 49.54 38.46
C ASN F 47 -13.61 48.52 39.57
N MET F 48 -14.32 47.46 39.21
CA MET F 48 -14.85 46.51 40.19
C MET F 48 -14.75 45.05 39.77
N GLY F 49 -14.23 44.81 38.57
CA GLY F 49 -14.02 43.47 38.05
C GLY F 49 -15.24 42.80 37.44
N LEU F 50 -16.27 43.59 37.18
CA LEU F 50 -17.52 43.08 36.59
C LEU F 50 -17.35 42.84 35.09
N ASP F 51 -17.66 41.63 34.66
CA ASP F 51 -17.60 41.29 33.25
C ASP F 51 -18.54 42.13 32.42
N LEU F 52 -19.78 42.27 32.87
CA LEU F 52 -20.78 43.05 32.16
C LEU F 52 -21.37 44.06 33.14
N PRO F 53 -20.67 45.19 33.33
CA PRO F 53 -21.05 46.14 34.36
C PRO F 53 -22.48 46.63 34.22
N ASN F 54 -23.20 46.62 35.33
CA ASN F 54 -24.62 47.00 35.37
C ASN F 54 -25.06 47.06 36.83
N LEU F 55 -26.25 47.59 37.05
CA LEU F 55 -26.88 47.60 38.38
C LEU F 55 -28.18 46.79 38.31
N PRO F 56 -28.39 45.87 39.24
CA PRO F 56 -27.55 45.59 40.42
C PRO F 56 -26.34 44.71 40.12
N TYR F 57 -25.40 44.66 41.08
CA TYR F 57 -24.31 43.71 41.01
C TYR F 57 -24.23 42.90 42.29
N TYR F 58 -23.57 41.77 42.20
CA TYR F 58 -23.34 40.88 43.32
C TYR F 58 -21.88 40.46 43.24
N ILE F 59 -21.13 40.64 44.33
CA ILE F 59 -19.71 40.24 44.39
C ILE F 59 -19.45 39.49 45.69
N ASP F 60 -18.96 38.26 45.57
CA ASP F 60 -18.38 37.57 46.72
C ASP F 60 -17.09 36.84 46.35
N ASP F 61 -16.57 36.07 47.30
CA ASP F 61 -15.22 35.49 47.16
C ASP F 61 -15.14 34.44 46.05
N LYS F 62 -16.29 34.09 45.49
CA LYS F 62 -16.40 32.97 44.58
C LYS F 62 -17.00 33.40 43.23
N CYS F 63 -17.39 34.67 43.12
CA CYS F 63 -18.34 35.09 42.08
C CYS F 63 -18.42 36.58 41.89
N LYS F 64 -18.60 36.97 40.63
CA LYS F 64 -18.93 38.36 40.28
C LYS F 64 -20.05 38.33 39.26
N LEU F 65 -21.14 39.02 39.57
CA LEU F 65 -22.39 38.91 38.81
C LEU F 65 -23.12 40.22 38.58
N THR F 66 -23.72 40.35 37.40
CA THR F 66 -24.77 41.35 37.18
C THR F 66 -26.01 40.62 36.66
N GLN F 67 -27.09 41.37 36.44
CA GLN F 67 -28.40 40.82 36.07
C GLN F 67 -29.12 40.27 37.29
N SER F 68 -30.16 40.99 37.72
CA SER F 68 -30.88 40.66 38.95
C SER F 68 -31.33 39.21 39.02
N VAL F 69 -31.86 38.67 37.92
CA VAL F 69 -32.39 37.31 38.00
C VAL F 69 -31.25 36.31 38.07
N ALA F 70 -30.16 36.60 37.36
CA ALA F 70 -28.96 35.75 37.48
C ALA F 70 -28.45 35.71 38.92
N ILE F 71 -28.49 36.87 39.58
CA ILE F 71 -28.12 36.96 41.00
C ILE F 71 -29.03 36.09 41.90
N MET F 72 -30.34 36.29 41.79
CA MET F 72 -31.33 35.47 42.51
C MET F 72 -31.11 33.99 42.25
N ARG F 73 -30.89 33.64 40.98
CA ARG F 73 -30.73 32.23 40.59
C ARG F 73 -29.47 31.64 41.18
N TYR F 74 -28.44 32.46 41.34
CA TYR F 74 -27.19 31.99 41.94
C TYR F 74 -27.39 31.64 43.42
N ILE F 75 -27.97 32.58 44.16
CA ILE F 75 -28.35 32.37 45.54
C ILE F 75 -29.25 31.14 45.70
N ALA F 76 -30.27 31.04 44.86
CA ALA F 76 -31.18 29.90 44.90
C ALA F 76 -30.49 28.59 44.59
N ASP F 77 -29.56 28.63 43.62
CA ASP F 77 -28.86 27.45 43.14
C ASP F 77 -28.04 26.84 44.27
N LYS F 78 -27.42 27.71 45.07
CA LYS F 78 -26.64 27.30 46.20
C LYS F 78 -27.48 26.54 47.24
N HIS F 79 -28.77 26.85 47.29
CA HIS F 79 -29.69 26.21 48.25
C HIS F 79 -30.55 25.11 47.61
N GLY F 80 -30.21 24.73 46.38
CA GLY F 80 -30.91 23.64 45.70
C GLY F 80 -32.36 23.93 45.35
N MET F 81 -32.65 25.18 45.03
CA MET F 81 -34.03 25.63 44.84
C MET F 81 -34.48 25.78 43.38
N LEU F 82 -33.65 25.35 42.42
CA LEU F 82 -33.92 25.68 41.02
C LEU F 82 -34.61 24.59 40.19
N GLY F 83 -34.71 23.38 40.74
CA GLY F 83 -35.34 22.26 40.04
C GLY F 83 -34.40 21.09 39.85
N SER F 84 -34.96 19.88 39.92
CA SER F 84 -34.18 18.64 39.93
C SER F 84 -34.08 18.01 38.55
N THR F 85 -34.98 18.44 37.66
CA THR F 85 -35.01 17.92 36.29
C THR F 85 -34.95 19.07 35.28
N PRO F 86 -34.63 18.78 34.01
CA PRO F 86 -34.69 19.82 32.98
C PRO F 86 -36.08 20.45 32.87
N GLU F 87 -37.13 19.65 32.99
CA GLU F 87 -38.49 20.21 32.89
C GLU F 87 -38.91 21.02 34.12
N GLU F 88 -38.48 20.61 35.31
CA GLU F 88 -38.69 21.42 36.52
C GLU F 88 -37.97 22.77 36.41
N ARG F 89 -36.70 22.71 36.02
CA ARG F 89 -35.89 23.93 35.89
C ARG F 89 -36.47 24.89 34.86
N ALA F 90 -36.95 24.34 33.74
CA ALA F 90 -37.55 25.15 32.67
C ALA F 90 -38.85 25.80 33.13
N ARG F 91 -39.65 25.04 33.88
CA ARG F 91 -40.91 25.54 34.44
C ARG F 91 -40.64 26.75 35.34
N ILE F 92 -39.61 26.65 36.18
CA ILE F 92 -39.24 27.76 37.04
C ILE F 92 -38.72 28.95 36.25
N SER F 93 -37.97 28.68 35.17
CA SER F 93 -37.47 29.72 34.27
C SER F 93 -38.62 30.44 33.55
N MET F 94 -39.67 29.70 33.22
CA MET F 94 -40.85 30.27 32.59
C MET F 94 -41.58 31.23 33.52
N ILE F 95 -41.85 30.78 34.76
CA ILE F 95 -42.55 31.61 35.73
C ILE F 95 -41.75 32.88 35.94
N GLU F 96 -40.44 32.69 36.11
CA GLU F 96 -39.47 33.75 36.27
C GLU F 96 -39.55 34.82 35.17
N GLY F 97 -39.56 34.36 33.91
CA GLY F 97 -39.72 35.26 32.77
C GLY F 97 -41.06 36.00 32.79
N ALA F 98 -42.14 35.27 33.06
CA ALA F 98 -43.48 35.87 33.12
C ALA F 98 -43.58 36.87 34.28
N ALA F 99 -42.92 36.55 35.39
CA ALA F 99 -42.82 37.48 36.52
C ALA F 99 -42.13 38.78 36.14
N MET F 100 -41.04 38.66 35.38
CA MET F 100 -40.34 39.84 34.87
C MET F 100 -41.26 40.66 33.98
N ASP F 101 -42.05 39.99 33.12
CA ASP F 101 -43.04 40.67 32.26
C ASP F 101 -44.05 41.46 33.08
N LEU F 102 -44.47 40.88 34.20
CA LEU F 102 -45.41 41.55 35.10
C LEU F 102 -44.81 42.83 35.66
N ARG F 103 -43.56 42.74 36.12
CA ARG F 103 -42.85 43.89 36.67
C ARG F 103 -42.58 44.93 35.58
N MET F 104 -42.15 44.46 34.41
CA MET F 104 -41.72 45.37 33.35
C MET F 104 -42.88 46.09 32.68
N GLY F 105 -44.05 45.46 32.71
CA GLY F 105 -45.26 46.10 32.18
C GLY F 105 -45.59 47.31 33.01
N PHE F 106 -45.34 47.20 34.32
CA PHE F 106 -45.51 48.30 35.26
C PHE F 106 -44.42 49.34 35.06
N VAL F 107 -43.20 48.86 34.78
CA VAL F 107 -42.08 49.74 34.47
C VAL F 107 -42.40 50.57 33.22
N ARG F 108 -42.77 49.90 32.15
CA ARG F 108 -42.99 50.54 30.86
C ARG F 108 -44.17 51.55 30.82
N VAL F 109 -45.18 51.36 31.66
CA VAL F 109 -46.26 52.37 31.77
C VAL F 109 -45.84 53.57 32.64
N CYS F 110 -45.07 53.27 33.69
CA CYS F 110 -44.61 54.30 34.62
C CYS F 110 -43.48 55.17 34.04
N TYR F 111 -42.81 54.71 32.98
CA TYR F 111 -41.72 55.49 32.39
C TYR F 111 -42.10 56.27 31.14
N ASN F 112 -43.28 55.97 30.58
CA ASN F 112 -43.78 56.70 29.43
C ASN F 112 -43.92 58.17 29.81
N PRO F 113 -43.31 59.08 29.02
CA PRO F 113 -43.48 60.53 29.26
C PRO F 113 -44.96 60.90 29.39
N LYS F 114 -45.77 60.47 28.42
CA LYS F 114 -47.21 60.64 28.47
C LYS F 114 -47.81 59.50 29.27
N PHE F 115 -47.57 59.50 30.59
CA PHE F 115 -48.13 58.48 31.49
C PHE F 115 -49.64 58.65 31.69
N GLU F 116 -50.06 59.89 31.95
CA GLU F 116 -51.49 60.22 32.10
C GLU F 116 -52.38 59.75 30.93
N GLU F 117 -51.85 59.83 29.70
CA GLU F 117 -52.52 59.34 28.49
C GLU F 117 -52.73 57.82 28.49
N VAL F 118 -51.64 57.09 28.74
CA VAL F 118 -51.60 55.66 28.49
C VAL F 118 -51.94 54.75 29.69
N LYS F 119 -52.28 55.33 30.84
CA LYS F 119 -52.51 54.50 32.03
C LYS F 119 -53.84 53.73 31.99
N GLY F 120 -54.84 54.31 31.34
CA GLY F 120 -56.14 53.67 31.18
C GLY F 120 -56.06 52.34 30.44
N ASP F 121 -55.23 52.30 29.39
CA ASP F 121 -55.01 51.07 28.63
C ASP F 121 -54.33 50.02 29.50
N TYR F 122 -53.41 50.45 30.34
CA TYR F 122 -52.72 49.57 31.26
C TYR F 122 -53.71 49.03 32.28
N LEU F 123 -54.46 49.93 32.92
CA LEU F 123 -55.50 49.56 33.89
C LEU F 123 -56.56 48.62 33.29
N LYS F 124 -56.87 48.82 32.01
CA LYS F 124 -57.86 48.00 31.32
C LYS F 124 -57.41 46.54 31.13
N GLU F 125 -56.14 46.37 30.76
CA GLU F 125 -55.59 45.05 30.43
C GLU F 125 -55.24 44.21 31.68
N LEU F 126 -55.07 44.91 32.81
CA LEU F 126 -54.52 44.32 34.03
C LEU F 126 -55.27 43.07 34.58
N PRO F 127 -56.63 43.13 34.65
CA PRO F 127 -57.38 41.99 35.17
C PRO F 127 -57.11 40.67 34.42
N THR F 128 -56.91 40.75 33.11
CA THR F 128 -56.57 39.55 32.35
C THR F 128 -55.25 38.95 32.81
N THR F 129 -54.23 39.79 33.02
CA THR F 129 -52.94 39.29 33.48
C THR F 129 -53.12 38.68 34.85
N LEU F 130 -53.73 39.47 35.73
CA LEU F 130 -54.04 39.05 37.09
C LEU F 130 -54.78 37.74 37.15
N LYS F 131 -55.70 37.52 36.21
CA LYS F 131 -56.45 36.27 36.10
C LYS F 131 -55.54 35.11 35.68
N MET F 132 -54.66 35.38 34.72
CA MET F 132 -53.70 34.37 34.30
C MET F 132 -52.89 33.86 35.49
N TRP F 133 -52.38 34.81 36.29
CA TRP F 133 -51.59 34.48 37.47
C TRP F 133 -52.43 33.73 38.51
N SER F 134 -53.65 34.21 38.74
CA SER F 134 -54.57 33.54 39.66
C SER F 134 -54.81 32.10 39.23
N ASN F 135 -55.09 31.91 37.96
CA ASN F 135 -55.35 30.57 37.44
C ASN F 135 -54.13 29.67 37.55
N PHE F 136 -52.96 30.26 37.35
CA PHE F 136 -51.73 29.48 37.42
C PHE F 136 -51.45 29.05 38.84
N LEU F 137 -51.74 29.93 39.79
CA LEU F 137 -51.53 29.63 41.21
C LEU F 137 -52.41 28.48 41.66
N GLY F 138 -53.68 28.52 41.26
CA GLY F 138 -54.68 27.55 41.72
C GLY F 138 -54.78 27.57 43.24
N ASP F 139 -54.69 26.38 43.84
CA ASP F 139 -54.82 26.24 45.30
C ASP F 139 -53.49 26.13 46.04
N ARG F 140 -52.40 26.12 45.28
CA ARG F 140 -51.06 26.10 45.85
C ARG F 140 -50.81 27.30 46.77
N HIS F 141 -49.96 27.10 47.78
CA HIS F 141 -49.54 28.19 48.62
C HIS F 141 -48.57 29.12 47.89
N TYR F 142 -47.71 28.55 47.07
CA TYR F 142 -46.72 29.31 46.30
C TYR F 142 -46.68 28.88 44.86
N LEU F 143 -45.99 29.65 44.02
CA LEU F 143 -45.97 29.43 42.58
C LEU F 143 -45.43 28.07 42.12
N THR F 144 -44.51 27.48 42.88
CA THR F 144 -43.89 26.20 42.46
C THR F 144 -44.26 25.03 43.35
N GLY F 145 -45.22 25.24 44.25
CA GLY F 145 -45.65 24.19 45.17
C GLY F 145 -45.85 24.70 46.58
N SER F 146 -45.34 23.95 47.55
CA SER F 146 -45.52 24.26 48.96
C SER F 146 -44.31 24.98 49.56
N SER F 147 -43.19 24.99 48.82
CA SER F 147 -41.99 25.74 49.24
C SER F 147 -41.90 27.08 48.54
N VAL F 148 -41.32 28.06 49.23
CA VAL F 148 -41.07 29.38 48.66
C VAL F 148 -39.94 29.32 47.62
N SER F 149 -40.12 30.05 46.53
CA SER F 149 -39.11 30.16 45.47
C SER F 149 -38.78 31.62 45.23
N HIS F 150 -37.64 31.90 44.61
CA HIS F 150 -37.24 33.28 44.30
C HIS F 150 -38.29 33.96 43.43
N VAL F 151 -38.93 33.11 42.63
CA VAL F 151 -39.99 33.48 41.72
C VAL F 151 -41.20 34.06 42.46
N ASP F 152 -41.44 33.57 43.68
CA ASP F 152 -42.54 34.09 44.50
C ASP F 152 -42.26 35.50 44.93
N PHE F 153 -40.99 35.79 45.25
CA PHE F 153 -40.62 37.14 45.66
C PHE F 153 -40.70 38.13 44.50
N MET F 154 -40.44 37.64 43.29
CA MET F 154 -40.55 38.46 42.09
C MET F 154 -42.01 38.86 41.89
N VAL F 155 -42.90 37.87 41.89
CA VAL F 155 -44.32 38.12 41.67
C VAL F 155 -44.86 38.94 42.83
N TYR F 156 -44.45 38.62 44.05
CA TYR F 156 -44.90 39.39 45.20
C TYR F 156 -44.61 40.86 44.98
N GLU F 157 -43.37 41.17 44.62
CA GLU F 157 -42.92 42.55 44.52
C GLU F 157 -43.68 43.26 43.42
N ALA F 158 -43.90 42.58 42.31
CA ALA F 158 -44.65 43.18 41.19
C ALA F 158 -46.08 43.52 41.64
N LEU F 159 -46.69 42.63 42.43
CA LEU F 159 -48.07 42.85 42.88
C LEU F 159 -48.14 44.01 43.87
N ASP F 160 -47.22 44.03 44.84
CA ASP F 160 -47.19 45.14 45.80
C ASP F 160 -46.94 46.47 45.13
N CYS F 161 -46.21 46.46 44.00
CA CYS F 161 -45.96 47.69 43.25
C CYS F 161 -47.22 48.12 42.52
N ILE F 162 -47.82 47.18 41.80
CA ILE F 162 -48.95 47.52 40.96
C ILE F 162 -50.07 48.22 41.74
N ARG F 163 -50.43 47.65 42.90
CA ARG F 163 -51.52 48.19 43.72
C ARG F 163 -51.35 49.65 44.20
N TYR F 164 -50.24 50.29 43.84
CA TYR F 164 -50.09 51.72 44.09
C TYR F 164 -50.79 52.51 42.99
N LEU F 165 -50.99 51.85 41.88
CA LEU F 165 -51.67 52.47 40.76
C LEU F 165 -53.12 52.02 40.76
N ALA F 166 -53.32 50.73 41.03
CA ALA F 166 -54.66 50.12 41.11
C ALA F 166 -54.86 49.49 42.49
N PRO F 167 -55.29 50.29 43.47
CA PRO F 167 -55.44 49.81 44.83
C PRO F 167 -56.38 48.62 44.98
N GLN F 168 -57.41 48.54 44.15
CA GLN F 168 -58.41 47.48 44.32
C GLN F 168 -58.22 46.26 43.41
N CYS F 169 -57.12 46.25 42.65
CA CYS F 169 -56.88 45.25 41.62
C CYS F 169 -56.88 43.81 42.13
N LEU F 170 -56.66 43.64 43.43
CA LEU F 170 -56.57 42.29 44.02
C LEU F 170 -57.90 41.78 44.58
N GLU F 171 -58.80 42.71 44.89
CA GLU F 171 -60.12 42.40 45.48
C GLU F 171 -60.90 41.27 44.78
N ASP F 172 -60.77 41.17 43.45
CA ASP F 172 -61.45 40.11 42.69
C ASP F 172 -60.65 38.82 42.59
N PHE F 173 -59.49 38.77 43.26
CA PHE F 173 -58.59 37.62 43.14
C PHE F 173 -58.13 37.11 44.51
N PRO F 174 -59.07 36.54 45.30
CA PRO F 174 -58.77 36.24 46.69
C PRO F 174 -57.50 35.39 46.85
N LYS F 175 -57.33 34.41 45.96
CA LYS F 175 -56.14 33.57 45.95
CA LYS F 175 -56.12 33.57 45.86
C LYS F 175 -54.82 34.38 45.94
N LEU F 176 -54.82 35.53 45.26
CA LEU F 176 -53.63 36.39 45.13
C LEU F 176 -53.42 37.31 46.33
N LYS F 177 -54.53 37.74 46.93
CA LYS F 177 -54.49 38.53 48.17
C LYS F 177 -53.92 37.65 49.28
N GLU F 178 -54.33 36.40 49.25
CA GLU F 178 -53.94 35.34 50.16
C GLU F 178 -52.47 35.01 49.98
N PHE F 179 -52.01 35.05 48.74
CA PHE F 179 -50.60 34.86 48.40
C PHE F 179 -49.78 36.05 48.91
N LYS F 180 -50.07 37.25 48.41
CA LYS F 180 -49.53 38.48 48.97
C LYS F 180 -49.24 38.37 50.48
N SER F 181 -50.30 38.17 51.27
CA SER F 181 -50.22 38.17 52.73
C SER F 181 -49.47 36.99 53.30
N ARG F 182 -49.44 35.88 52.56
CA ARG F 182 -48.66 34.71 52.97
C ARG F 182 -47.17 35.08 52.96
N ILE F 183 -46.74 35.74 51.89
CA ILE F 183 -45.37 36.26 51.78
C ILE F 183 -45.05 37.27 52.90
N GLU F 184 -45.96 38.20 53.17
CA GLU F 184 -45.75 39.21 54.21
C GLU F 184 -45.79 38.68 55.66
N ASP F 185 -46.24 37.44 55.84
CA ASP F 185 -46.30 36.80 57.17
C ASP F 185 -45.21 35.75 57.36
N LEU F 186 -44.34 35.62 56.36
CA LEU F 186 -43.11 34.90 56.57
C LEU F 186 -42.25 35.70 57.54
N PRO F 187 -41.92 35.11 58.71
CA PRO F 187 -41.33 35.85 59.84
C PRO F 187 -40.13 36.73 59.46
N LYS F 188 -39.21 36.18 58.68
CA LYS F 188 -38.01 36.93 58.27
C LYS F 188 -38.36 38.09 57.31
N ILE F 189 -39.26 37.81 56.36
CA ILE F 189 -39.76 38.84 55.46
C ILE F 189 -40.45 39.89 56.30
N LYS F 190 -41.36 39.43 57.16
CA LYS F 190 -42.08 40.29 58.08
C LYS F 190 -41.09 41.11 58.89
N ALA F 191 -40.15 40.43 59.54
CA ALA F 191 -39.12 41.12 60.34
C ALA F 191 -38.38 42.12 59.47
N TYR F 192 -37.99 41.69 58.26
CA TYR F 192 -37.30 42.56 57.33
C TYR F 192 -38.09 43.80 56.92
N MET F 193 -39.40 43.62 56.69
CA MET F 193 -40.27 44.70 56.28
C MET F 193 -40.48 45.73 57.40
N GLU F 194 -40.24 45.29 58.63
CA GLU F 194 -40.33 46.16 59.80
C GLU F 194 -38.99 46.81 60.17
N SER F 195 -37.88 46.30 59.61
CA SER F 195 -36.54 46.81 59.89
C SER F 195 -36.29 48.21 59.32
N GLU F 196 -35.16 48.81 59.70
CA GLU F 196 -34.77 50.14 59.22
C GLU F 196 -34.02 50.09 57.88
N LYS F 197 -33.44 48.94 57.56
CA LYS F 197 -32.79 48.72 56.26
C LYS F 197 -33.78 48.25 55.17
N PHE F 198 -35.06 48.57 55.35
CA PHE F 198 -36.08 48.24 54.36
C PHE F 198 -36.36 49.45 53.50
N ILE F 199 -36.30 49.25 52.19
CA ILE F 199 -36.65 50.31 51.26
C ILE F 199 -38.09 50.07 50.79
N LYS F 200 -38.90 51.11 50.90
CA LYS F 200 -40.33 51.00 50.67
C LYS F 200 -40.76 51.94 49.53
N TRP F 201 -40.07 53.08 49.42
CA TRP F 201 -40.25 54.00 48.31
C TRP F 201 -38.87 54.50 47.85
N PRO F 202 -38.69 54.80 46.55
CA PRO F 202 -39.63 54.66 45.43
C PRO F 202 -39.69 53.24 44.87
N LEU F 203 -40.69 52.99 44.03
CA LEU F 203 -40.88 51.72 43.36
C LEU F 203 -39.90 51.62 42.20
N ASN F 204 -39.97 52.61 41.32
CA ASN F 204 -39.08 52.74 40.18
C ASN F 204 -38.00 53.76 40.50
N SER F 205 -37.18 54.13 39.52
CA SER F 205 -36.19 55.19 39.77
C SER F 205 -36.93 56.51 40.00
N TRP F 206 -36.27 57.43 40.70
CA TRP F 206 -36.86 58.70 41.10
C TRP F 206 -37.48 59.49 39.95
N ILE F 207 -36.92 59.40 38.75
CA ILE F 207 -37.35 60.22 37.60
C ILE F 207 -38.60 59.68 36.89
N ALA F 208 -39.14 58.57 37.40
CA ALA F 208 -40.33 57.95 36.80
C ALA F 208 -41.58 58.78 37.02
N SER F 209 -42.48 58.73 36.05
CA SER F 209 -43.72 59.48 36.08
C SER F 209 -44.70 58.89 37.10
N PHE F 210 -44.58 57.60 37.34
CA PHE F 210 -45.29 56.99 38.46
C PHE F 210 -44.39 56.01 39.17
N GLY F 211 -44.48 56.00 40.50
CA GLY F 211 -43.73 55.06 41.31
C GLY F 211 -42.35 55.59 41.61
N GLY F 212 -42.13 56.85 41.26
CA GLY F 212 -40.91 57.54 41.61
C GLY F 212 -41.18 58.67 42.57
N GLY F 213 -40.32 59.69 42.51
CA GLY F 213 -40.41 60.86 43.39
C GLY F 213 -39.98 60.56 44.81
N ASP F 214 -40.19 61.53 45.69
CA ASP F 214 -39.77 61.40 47.08
C ASP F 214 -40.58 60.39 47.90
N ALA F 215 -41.90 60.37 47.71
CA ALA F 215 -42.78 59.46 48.45
C ALA F 215 -44.04 59.10 47.67
N ALA F 216 -44.79 58.14 48.22
CA ALA F 216 -46.00 57.62 47.58
C ALA F 216 -47.11 58.66 47.46
N PRO F 217 -47.97 58.51 46.43
CA PRO F 217 -49.24 59.21 46.36
C PRO F 217 -49.91 59.29 47.74
N ALA F 218 -50.03 58.13 48.40
CA ALA F 218 -50.56 58.00 49.77
C ALA F 218 -51.97 58.58 49.96
N PRO G 2 -64.83 32.90 6.36
CA PRO G 2 -63.38 32.77 6.15
C PRO G 2 -62.99 31.47 5.44
N ALA G 3 -63.98 30.76 4.88
CA ALA G 3 -63.74 29.44 4.28
C ALA G 3 -64.19 29.34 2.83
N LYS G 4 -63.35 28.73 2.00
CA LYS G 4 -63.66 28.47 0.60
C LYS G 4 -63.55 26.98 0.28
N LEU G 5 -64.47 26.50 -0.56
CA LEU G 5 -64.46 25.12 -1.05
C LEU G 5 -64.70 25.12 -2.57
N GLY G 6 -64.63 23.94 -3.19
CA GLY G 6 -64.81 23.85 -4.63
C GLY G 6 -65.13 22.45 -5.09
N TYR G 7 -66.16 22.32 -5.90
CA TYR G 7 -66.58 21.02 -6.45
C TYR G 7 -67.30 21.25 -7.77
N TRP G 8 -67.65 20.17 -8.46
CA TRP G 8 -68.60 20.27 -9.57
C TRP G 8 -69.93 20.80 -9.04
N LYS G 9 -70.77 21.34 -9.93
CA LYS G 9 -72.11 21.83 -9.52
C LYS G 9 -73.06 20.64 -9.53
N ILE G 10 -72.67 19.64 -8.74
CA ILE G 10 -73.45 18.42 -8.58
C ILE G 10 -73.53 18.11 -7.08
N ARG G 11 -74.35 17.12 -6.75
CA ARG G 11 -74.41 16.65 -5.36
C ARG G 11 -73.15 15.87 -5.00
N GLY G 12 -73.01 14.69 -5.61
CA GLY G 12 -71.83 13.85 -5.43
C GLY G 12 -71.28 13.75 -4.03
N LEU G 13 -69.97 13.89 -3.92
CA LEU G 13 -69.30 13.69 -2.64
C LEU G 13 -69.37 14.92 -1.75
N GLN G 14 -69.86 16.03 -2.30
CA GLN G 14 -69.81 17.31 -1.60
C GLN G 14 -71.08 17.62 -0.78
N GLN G 15 -72.23 17.09 -1.19
CA GLN G 15 -73.47 17.36 -0.47
C GLN G 15 -73.32 17.22 1.04
N PRO G 16 -72.79 16.07 1.52
CA PRO G 16 -72.69 15.92 2.98
C PRO G 16 -71.92 17.04 3.63
N VAL G 17 -70.82 17.50 3.01
CA VAL G 17 -70.03 18.60 3.59
C VAL G 17 -70.85 19.90 3.57
N ARG G 18 -71.53 20.16 2.46
CA ARG G 18 -72.49 21.27 2.38
C ARG G 18 -73.46 21.24 3.56
N LEU G 19 -74.20 20.13 3.69
CA LEU G 19 -75.11 19.89 4.81
C LEU G 19 -74.49 20.12 6.18
N LEU G 20 -73.28 19.59 6.39
CA LEU G 20 -72.60 19.72 7.69
C LEU G 20 -72.32 21.18 8.00
N LEU G 21 -71.81 21.92 7.02
CA LEU G 21 -71.50 23.34 7.20
C LEU G 21 -72.77 24.14 7.53
N GLU G 22 -73.82 23.88 6.76
CA GLU G 22 -75.10 24.54 6.98
C GLU G 22 -75.64 24.24 8.38
N TYR G 23 -75.58 22.97 8.78
CA TYR G 23 -76.03 22.56 10.12
C TYR G 23 -75.28 23.33 11.21
N LEU G 24 -73.96 23.40 11.09
CA LEU G 24 -73.12 24.04 12.08
C LEU G 24 -73.12 25.57 11.97
N GLY G 25 -73.79 26.08 10.94
CA GLY G 25 -73.87 27.53 10.71
C GLY G 25 -72.53 28.15 10.37
N GLU G 26 -71.60 27.33 9.87
CA GLU G 26 -70.27 27.78 9.50
C GLU G 26 -70.31 28.59 8.21
N GLU G 27 -69.42 29.57 8.09
CA GLU G 27 -69.39 30.50 6.96
C GLU G 27 -68.55 29.94 5.81
N TYR G 28 -69.04 30.06 4.58
CA TYR G 28 -68.32 29.51 3.45
C TYR G 28 -68.81 29.98 2.09
N GLU G 29 -67.86 30.18 1.17
CA GLU G 29 -68.18 30.34 -0.25
C GLU G 29 -67.70 29.12 -0.98
N GLU G 30 -68.47 28.69 -1.96
CA GLU G 30 -68.07 27.55 -2.78
C GLU G 30 -67.98 27.94 -4.24
N HIS G 31 -66.85 27.61 -4.87
CA HIS G 31 -66.72 27.79 -6.30
C HIS G 31 -67.27 26.55 -6.99
N LEU G 32 -68.29 26.75 -7.82
CA LEU G 32 -68.96 25.65 -8.49
C LEU G 32 -68.54 25.52 -9.95
N TYR G 33 -67.89 24.40 -10.29
CA TYR G 33 -67.53 24.10 -11.66
C TYR G 33 -68.70 23.45 -12.41
N GLY G 34 -69.24 24.17 -13.40
CA GLY G 34 -70.36 23.67 -14.21
C GLY G 34 -69.96 22.56 -15.15
N ARG G 35 -70.97 21.96 -15.78
CA ARG G 35 -70.76 20.88 -16.76
C ARG G 35 -69.89 21.30 -17.95
N ASP G 36 -69.80 22.61 -18.19
CA ASP G 36 -68.94 23.17 -19.24
C ASP G 36 -67.58 23.64 -18.72
N ASP G 37 -67.39 23.55 -17.41
CA ASP G 37 -66.18 24.08 -16.78
C ASP G 37 -65.13 23.02 -16.48
N ARG G 38 -65.22 21.88 -17.15
CA ARG G 38 -64.21 20.82 -16.99
C ARG G 38 -62.82 21.42 -17.15
N GLU G 39 -62.59 22.08 -18.30
CA GLU G 39 -61.32 22.73 -18.63
C GLU G 39 -60.85 23.81 -17.65
N LYS G 40 -61.80 24.54 -17.05
CA LYS G 40 -61.45 25.56 -16.06
C LYS G 40 -60.83 24.96 -14.80
N TRP G 41 -61.38 23.82 -14.36
CA TRP G 41 -60.82 23.10 -13.21
C TRP G 41 -59.37 22.70 -13.44
N LEU G 42 -59.11 22.00 -14.54
CA LEU G 42 -57.75 21.56 -14.87
C LEU G 42 -56.71 22.69 -14.77
N GLY G 43 -57.12 23.90 -15.13
CA GLY G 43 -56.25 25.07 -15.05
C GLY G 43 -55.95 25.53 -13.64
N ASP G 44 -56.97 25.52 -12.78
CA ASP G 44 -56.82 25.92 -11.37
C ASP G 44 -56.11 24.85 -10.57
N LYS G 45 -56.26 23.61 -11.03
CA LYS G 45 -55.88 22.40 -10.28
C LYS G 45 -54.56 22.49 -9.53
N PHE G 46 -53.56 23.09 -10.16
CA PHE G 46 -52.22 23.07 -9.59
C PHE G 46 -51.83 24.42 -8.99
N ASN G 47 -52.71 25.40 -9.15
CA ASN G 47 -52.43 26.76 -8.74
C ASN G 47 -53.15 27.20 -7.47
N MET G 48 -53.62 26.24 -6.68
CA MET G 48 -54.29 26.53 -5.41
C MET G 48 -53.43 26.25 -4.16
N GLY G 49 -52.24 25.65 -4.34
CA GLY G 49 -51.38 25.27 -3.21
C GLY G 49 -51.83 23.99 -2.52
N LEU G 50 -52.61 23.18 -3.26
CA LEU G 50 -53.12 21.90 -2.76
C LEU G 50 -52.03 20.84 -2.84
N ASP G 51 -51.77 20.17 -1.72
CA ASP G 51 -50.78 19.09 -1.67
C ASP G 51 -51.16 17.92 -2.57
N LEU G 52 -52.43 17.52 -2.54
CA LEU G 52 -52.92 16.43 -3.37
C LEU G 52 -54.15 16.93 -4.11
N PRO G 53 -53.94 17.59 -5.26
CA PRO G 53 -55.04 18.26 -5.94
C PRO G 53 -56.16 17.29 -6.29
N ASN G 54 -57.39 17.69 -5.99
CA ASN G 54 -58.56 16.87 -6.27
C ASN G 54 -59.82 17.71 -6.01
N LEU G 55 -60.96 17.20 -6.45
CA LEU G 55 -62.25 17.80 -6.13
C LEU G 55 -63.06 16.85 -5.24
N PRO G 56 -63.61 17.35 -4.12
CA PRO G 56 -63.63 18.73 -3.68
C PRO G 56 -62.37 19.17 -2.97
N TYR G 57 -62.23 20.49 -2.78
CA TYR G 57 -61.15 21.03 -1.99
C TYR G 57 -61.71 22.02 -0.98
N TYR G 58 -60.93 22.27 0.07
CA TYR G 58 -61.31 23.18 1.12
C TYR G 58 -60.07 23.98 1.42
N ILE G 59 -60.22 25.30 1.44
CA ILE G 59 -59.09 26.20 1.71
C ILE G 59 -59.52 27.29 2.67
N ASP G 60 -58.78 27.42 3.78
CA ASP G 60 -58.94 28.56 4.67
C ASP G 60 -57.60 28.97 5.28
N ASP G 61 -57.68 29.80 6.31
CA ASP G 61 -56.53 30.40 7.00
C ASP G 61 -55.59 29.39 7.66
N LYS G 62 -56.17 28.31 8.19
CA LYS G 62 -55.38 27.39 9.01
C LYS G 62 -54.95 26.12 8.26
N CYS G 63 -55.62 25.81 7.14
CA CYS G 63 -55.37 24.58 6.39
C CYS G 63 -55.82 24.64 4.92
N LYS G 64 -55.22 23.79 4.08
CA LYS G 64 -55.73 23.46 2.74
C LYS G 64 -55.94 21.95 2.68
N LEU G 65 -57.04 21.51 2.05
CA LEU G 65 -57.44 20.09 2.11
C LEU G 65 -58.12 19.61 0.84
N THR G 66 -57.89 18.34 0.50
CA THR G 66 -58.76 17.60 -0.42
C THR G 66 -59.23 16.34 0.27
N GLN G 67 -60.06 15.55 -0.42
CA GLN G 67 -60.76 14.38 0.18
C GLN G 67 -61.98 14.80 1.01
N SER G 68 -63.16 14.52 0.49
CA SER G 68 -64.41 14.99 1.10
C SER G 68 -64.59 14.58 2.55
N VAL G 69 -64.21 13.34 2.88
CA VAL G 69 -64.38 12.94 4.29
C VAL G 69 -63.34 13.60 5.19
N ALA G 70 -62.13 13.83 4.67
CA ALA G 70 -61.11 14.56 5.44
C ALA G 70 -61.60 15.98 5.72
N ILE G 71 -62.29 16.59 4.75
CA ILE G 71 -62.85 17.92 4.91
C ILE G 71 -63.93 17.92 6.00
N MET G 72 -64.91 17.03 5.88
CA MET G 72 -65.96 16.87 6.89
C MET G 72 -65.36 16.66 8.26
N ARG G 73 -64.35 15.80 8.36
CA ARG G 73 -63.74 15.46 9.63
C ARG G 73 -63.05 16.63 10.25
N TYR G 74 -62.45 17.47 9.41
CA TYR G 74 -61.78 18.69 9.89
C TYR G 74 -62.80 19.64 10.53
N ILE G 75 -63.88 19.91 9.79
CA ILE G 75 -64.96 20.75 10.26
C ILE G 75 -65.52 20.20 11.57
N ALA G 76 -65.77 18.89 11.61
CA ALA G 76 -66.31 18.25 12.82
C ALA G 76 -65.30 18.28 13.97
N ASP G 77 -64.02 18.14 13.66
CA ASP G 77 -62.96 18.11 14.67
C ASP G 77 -62.91 19.43 15.44
N LYS G 78 -63.11 20.53 14.71
CA LYS G 78 -63.12 21.88 15.29
C LYS G 78 -64.28 22.05 16.27
N HIS G 79 -65.36 21.29 16.07
CA HIS G 79 -66.51 21.38 16.96
C HIS G 79 -66.57 20.22 17.98
N GLY G 80 -65.48 19.48 18.11
CA GLY G 80 -65.37 18.37 19.06
C GLY G 80 -66.35 17.22 18.83
N MET G 81 -66.59 16.89 17.56
CA MET G 81 -67.64 15.92 17.20
C MET G 81 -67.12 14.53 16.80
N LEU G 82 -65.82 14.28 16.95
CA LEU G 82 -65.22 13.07 16.37
C LEU G 82 -65.07 11.89 17.32
N GLY G 83 -65.24 12.13 18.61
CA GLY G 83 -65.10 11.08 19.63
C GLY G 83 -64.08 11.45 20.67
N SER G 84 -64.30 10.99 21.90
CA SER G 84 -63.48 11.36 23.05
C SER G 84 -62.45 10.30 23.40
N THR G 85 -62.66 9.10 22.88
CA THR G 85 -61.75 7.99 23.12
C THR G 85 -61.31 7.37 21.79
N PRO G 86 -60.22 6.57 21.80
CA PRO G 86 -59.83 5.84 20.58
C PRO G 86 -60.94 4.94 20.02
N GLU G 87 -61.67 4.26 20.91
CA GLU G 87 -62.76 3.40 20.47
C GLU G 87 -63.98 4.17 19.96
N GLU G 88 -64.29 5.32 20.54
CA GLU G 88 -65.35 6.19 20.01
C GLU G 88 -64.98 6.69 18.61
N ARG G 89 -63.76 7.20 18.47
CA ARG G 89 -63.29 7.75 17.20
C ARG G 89 -63.27 6.68 16.12
N ALA G 90 -62.84 5.47 16.49
CA ALA G 90 -62.79 4.34 15.56
C ALA G 90 -64.18 3.93 15.09
N ARG G 91 -65.14 3.91 16.01
CA ARG G 91 -66.49 3.54 15.63
C ARG G 91 -67.14 4.55 14.69
N ILE G 92 -66.83 5.83 14.87
CA ILE G 92 -67.27 6.88 13.95
C ILE G 92 -66.59 6.74 12.58
N SER G 93 -65.31 6.40 12.59
CA SER G 93 -64.57 6.10 11.36
C SER G 93 -65.14 4.89 10.61
N MET G 94 -65.61 3.89 11.37
CA MET G 94 -66.25 2.72 10.79
C MET G 94 -67.56 3.07 10.09
N ILE G 95 -68.43 3.82 10.77
CA ILE G 95 -69.71 4.24 10.22
C ILE G 95 -69.46 5.05 8.94
N GLU G 96 -68.51 5.96 9.04
CA GLU G 96 -68.05 6.80 7.96
C GLU G 96 -67.64 6.00 6.71
N GLY G 97 -66.84 4.96 6.92
CA GLY G 97 -66.42 4.10 5.83
C GLY G 97 -67.57 3.34 5.21
N ALA G 98 -68.43 2.78 6.08
CA ALA G 98 -69.62 2.06 5.64
C ALA G 98 -70.58 2.97 4.85
N ALA G 99 -70.72 4.21 5.31
CA ALA G 99 -71.53 5.23 4.63
C ALA G 99 -71.00 5.54 3.23
N MET G 100 -69.66 5.63 3.11
CA MET G 100 -69.01 5.80 1.82
C MET G 100 -69.27 4.60 0.91
N ASP G 101 -69.22 3.37 1.46
CA ASP G 101 -69.60 2.16 0.71
C ASP G 101 -71.03 2.27 0.17
N LEU G 102 -71.95 2.80 0.99
CA LEU G 102 -73.35 2.92 0.62
C LEU G 102 -73.50 3.87 -0.56
N ARG G 103 -72.80 5.00 -0.50
CA ARG G 103 -72.81 5.96 -1.59
C ARG G 103 -72.13 5.43 -2.84
N MET G 104 -70.96 4.79 -2.65
CA MET G 104 -70.16 4.35 -3.79
C MET G 104 -70.78 3.17 -4.51
N GLY G 105 -71.60 2.38 -3.81
CA GLY G 105 -72.29 1.26 -4.43
C GLY G 105 -73.28 1.81 -5.44
N PHE G 106 -73.83 2.98 -5.12
CA PHE G 106 -74.74 3.70 -5.98
C PHE G 106 -73.99 4.40 -7.12
N VAL G 107 -72.86 5.05 -6.81
CA VAL G 107 -71.99 5.63 -7.83
C VAL G 107 -71.62 4.58 -8.87
N ARG G 108 -71.15 3.42 -8.42
CA ARG G 108 -70.65 2.37 -9.30
C ARG G 108 -71.74 1.84 -10.21
N VAL G 109 -72.95 1.75 -9.69
CA VAL G 109 -74.08 1.29 -10.48
C VAL G 109 -74.59 2.41 -11.41
N CYS G 110 -74.39 3.67 -11.02
CA CYS G 110 -74.84 4.80 -11.83
C CYS G 110 -73.87 5.18 -12.95
N TYR G 111 -72.65 4.66 -12.91
CA TYR G 111 -71.64 5.02 -13.90
C TYR G 111 -71.39 3.88 -14.86
N ASN G 112 -71.86 2.70 -14.49
CA ASN G 112 -71.68 1.50 -15.30
C ASN G 112 -72.23 1.71 -16.72
N PRO G 113 -71.36 1.51 -17.73
CA PRO G 113 -71.72 1.71 -19.16
C PRO G 113 -72.97 0.94 -19.58
N LYS G 114 -73.23 -0.21 -18.94
CA LYS G 114 -74.43 -0.99 -19.17
C LYS G 114 -75.31 -0.97 -17.90
N PHE G 115 -75.72 0.24 -17.51
CA PHE G 115 -76.52 0.49 -16.30
C PHE G 115 -77.80 -0.34 -16.26
N GLU G 116 -78.45 -0.47 -17.41
CA GLU G 116 -79.70 -1.21 -17.53
C GLU G 116 -79.51 -2.70 -17.26
N GLU G 117 -78.41 -3.26 -17.76
CA GLU G 117 -78.08 -4.68 -17.56
C GLU G 117 -77.78 -5.05 -16.11
N VAL G 118 -77.36 -4.07 -15.31
CA VAL G 118 -76.85 -4.34 -13.96
C VAL G 118 -77.71 -3.79 -12.81
N LYS G 119 -78.51 -2.76 -13.08
CA LYS G 119 -79.30 -2.06 -12.06
C LYS G 119 -80.14 -2.99 -11.18
N GLY G 120 -80.55 -4.12 -11.75
CA GLY G 120 -81.39 -5.11 -11.08
C GLY G 120 -80.68 -5.93 -10.02
N ASP G 121 -79.42 -6.30 -10.28
CA ASP G 121 -78.60 -7.05 -9.32
C ASP G 121 -78.25 -6.19 -8.13
N TYR G 122 -78.12 -4.89 -8.38
CA TYR G 122 -77.94 -3.90 -7.33
C TYR G 122 -79.22 -3.81 -6.51
N LEU G 123 -80.35 -3.86 -7.20
CA LEU G 123 -81.66 -3.76 -6.58
C LEU G 123 -82.01 -5.00 -5.77
N LYS G 124 -81.48 -6.15 -6.18
CA LYS G 124 -81.57 -7.39 -5.39
C LYS G 124 -80.88 -7.25 -4.03
N GLU G 125 -79.67 -6.69 -4.06
CA GLU G 125 -78.77 -6.65 -2.91
C GLU G 125 -79.05 -5.46 -1.98
N LEU G 126 -79.64 -4.40 -2.52
CA LEU G 126 -79.81 -3.17 -1.75
C LEU G 126 -80.54 -3.37 -0.41
N PRO G 127 -81.62 -4.16 -0.39
CA PRO G 127 -82.36 -4.46 0.85
C PRO G 127 -81.51 -5.02 1.98
N THR G 128 -80.59 -5.92 1.67
CA THR G 128 -79.67 -6.45 2.67
C THR G 128 -78.80 -5.35 3.26
N THR G 129 -78.29 -4.47 2.40
CA THR G 129 -77.49 -3.32 2.86
C THR G 129 -78.34 -2.40 3.75
N LEU G 130 -79.58 -2.15 3.35
CA LEU G 130 -80.47 -1.24 4.08
C LEU G 130 -80.93 -1.85 5.41
N LYS G 131 -81.21 -3.14 5.40
CA LYS G 131 -81.45 -3.91 6.61
C LYS G 131 -80.34 -3.70 7.66
N MET G 132 -79.10 -3.87 7.22
CA MET G 132 -77.94 -3.69 8.08
C MET G 132 -77.93 -2.30 8.74
N TRP G 133 -78.20 -1.28 7.93
CA TRP G 133 -78.26 0.08 8.42
C TRP G 133 -79.42 0.29 9.40
N SER G 134 -80.57 -0.31 9.09
CA SER G 134 -81.73 -0.22 9.98
C SER G 134 -81.41 -0.86 11.34
N ASN G 135 -80.80 -2.05 11.29
CA ASN G 135 -80.43 -2.75 12.52
C ASN G 135 -79.42 -1.96 13.34
N PHE G 136 -78.49 -1.31 12.66
CA PHE G 136 -77.46 -0.56 13.35
C PHE G 136 -78.01 0.68 14.02
N LEU G 137 -78.97 1.34 13.38
CA LEU G 137 -79.62 2.52 13.93
C LEU G 137 -80.40 2.17 15.19
N GLY G 138 -81.14 1.07 15.14
CA GLY G 138 -82.00 0.67 16.25
C GLY G 138 -83.02 1.75 16.55
N ASP G 139 -83.08 2.18 17.81
CA ASP G 139 -84.05 3.18 18.26
C ASP G 139 -83.45 4.56 18.43
N ARG G 140 -82.15 4.68 18.16
CA ARG G 140 -81.46 5.96 18.23
C ARG G 140 -82.07 6.96 17.24
N HIS G 141 -81.97 8.24 17.57
CA HIS G 141 -82.37 9.28 16.62
C HIS G 141 -81.35 9.42 15.48
N TYR G 142 -80.06 9.29 15.84
CA TYR G 142 -78.98 9.40 14.88
C TYR G 142 -77.99 8.24 15.01
N LEU G 143 -77.07 8.14 14.04
CA LEU G 143 -76.13 7.03 13.96
C LEU G 143 -75.18 6.87 15.17
N THR G 144 -74.83 7.97 15.82
CA THR G 144 -73.87 7.92 16.93
C THR G 144 -74.50 8.24 18.29
N GLY G 145 -75.82 8.37 18.32
CA GLY G 145 -76.52 8.69 19.56
C GLY G 145 -77.64 9.70 19.36
N SER G 146 -77.70 10.69 20.24
CA SER G 146 -78.77 11.68 20.21
C SER G 146 -78.34 12.99 19.54
N SER G 147 -77.04 13.15 19.33
CA SER G 147 -76.50 14.31 18.59
C SER G 147 -76.23 13.95 17.12
N VAL G 148 -76.35 14.95 16.26
CA VAL G 148 -76.07 14.80 14.83
C VAL G 148 -74.57 14.72 14.60
N SER G 149 -74.17 13.89 13.66
CA SER G 149 -72.77 13.73 13.29
C SER G 149 -72.64 13.89 11.77
N HIS G 150 -71.45 14.18 11.29
CA HIS G 150 -71.20 14.30 9.85
C HIS G 150 -71.57 13.02 9.12
N VAL G 151 -71.43 11.93 9.84
CA VAL G 151 -71.74 10.59 9.39
C VAL G 151 -73.21 10.47 9.04
N ASP G 152 -74.06 11.20 9.77
CA ASP G 152 -75.51 11.19 9.50
C ASP G 152 -75.83 11.85 8.19
N PHE G 153 -75.10 12.90 7.87
CA PHE G 153 -75.32 13.59 6.61
C PHE G 153 -74.88 12.73 5.44
N MET G 154 -73.81 11.97 5.63
CA MET G 154 -73.33 11.02 4.61
C MET G 154 -74.40 10.01 4.29
N VAL G 155 -74.94 9.37 5.33
CA VAL G 155 -75.93 8.31 5.15
C VAL G 155 -77.21 8.92 4.62
N TYR G 156 -77.59 10.09 5.15
CA TYR G 156 -78.80 10.75 4.65
C TYR G 156 -78.69 10.94 3.15
N GLU G 157 -77.61 11.57 2.71
CA GLU G 157 -77.40 11.84 1.28
C GLU G 157 -77.46 10.56 0.45
N ALA G 158 -76.81 9.50 0.92
CA ALA G 158 -76.82 8.24 0.17
C ALA G 158 -78.24 7.69 0.01
N LEU G 159 -79.03 7.80 1.08
CA LEU G 159 -80.41 7.31 1.04
C LEU G 159 -81.28 8.16 0.10
N ASP G 160 -81.17 9.48 0.22
CA ASP G 160 -81.94 10.36 -0.65
C ASP G 160 -81.60 10.15 -2.13
N CYS G 161 -80.34 9.80 -2.42
CA CYS G 161 -79.93 9.50 -3.79
C CYS G 161 -80.51 8.17 -4.23
N ILE G 162 -80.35 7.16 -3.40
CA ILE G 162 -80.69 5.81 -3.79
C ILE G 162 -82.17 5.68 -4.14
N ARG G 163 -83.03 6.43 -3.44
CA ARG G 163 -84.48 6.37 -3.63
C ARG G 163 -84.95 6.86 -5.01
N TYR G 164 -84.17 7.77 -5.61
CA TYR G 164 -84.43 8.19 -6.99
C TYR G 164 -84.40 7.00 -7.93
N LEU G 165 -83.59 5.98 -7.59
CA LEU G 165 -83.59 4.72 -8.32
C LEU G 165 -84.61 3.73 -7.75
N ALA G 166 -84.70 3.65 -6.43
CA ALA G 166 -85.63 2.72 -5.78
C ALA G 166 -86.57 3.47 -4.83
N PRO G 167 -87.73 3.91 -5.37
CA PRO G 167 -88.64 4.78 -4.61
C PRO G 167 -89.20 4.08 -3.38
N GLN G 168 -89.38 2.77 -3.48
CA GLN G 168 -89.94 1.95 -2.40
C GLN G 168 -88.90 1.49 -1.33
N CYS G 169 -87.61 1.69 -1.62
CA CYS G 169 -86.51 1.09 -0.84
C CYS G 169 -86.67 1.17 0.68
N LEU G 170 -87.23 2.28 1.18
CA LEU G 170 -87.42 2.43 2.62
C LEU G 170 -88.78 1.99 3.17
N GLU G 171 -89.65 1.46 2.31
CA GLU G 171 -90.97 1.00 2.78
C GLU G 171 -90.87 -0.04 3.90
N ASP G 172 -90.10 -1.10 3.65
CA ASP G 172 -89.80 -2.10 4.67
C ASP G 172 -89.05 -1.51 5.89
N PHE G 173 -88.37 -0.39 5.69
CA PHE G 173 -87.50 0.18 6.73
C PHE G 173 -87.94 1.56 7.23
N PRO G 174 -88.97 1.59 8.09
CA PRO G 174 -89.56 2.86 8.55
C PRO G 174 -88.66 3.69 9.47
N LYS G 175 -87.73 3.07 10.17
CA LYS G 175 -86.79 3.81 11.02
C LYS G 175 -85.78 4.62 10.20
N LEU G 176 -85.43 4.13 9.01
CA LEU G 176 -84.61 4.90 8.05
C LEU G 176 -85.46 6.01 7.40
N LYS G 177 -86.74 5.71 7.16
CA LYS G 177 -87.73 6.68 6.71
C LYS G 177 -87.82 7.86 7.67
N GLU G 178 -87.97 7.56 8.95
CA GLU G 178 -88.07 8.58 9.99
C GLU G 178 -86.75 9.31 10.13
N PHE G 179 -85.65 8.56 10.09
CA PHE G 179 -84.29 9.17 10.09
C PHE G 179 -84.16 10.20 8.96
N LYS G 180 -84.55 9.80 7.75
CA LYS G 180 -84.69 10.67 6.59
C LYS G 180 -85.45 11.95 6.94
N SER G 181 -86.63 11.79 7.54
CA SER G 181 -87.49 12.91 7.88
C SER G 181 -86.87 13.76 8.97
N ARG G 182 -86.23 13.10 9.94
CA ARG G 182 -85.64 13.81 11.05
C ARG G 182 -84.59 14.82 10.56
N ILE G 183 -83.71 14.38 9.65
CA ILE G 183 -82.65 15.23 9.07
C ILE G 183 -83.25 16.41 8.28
N GLU G 184 -84.17 16.10 7.38
CA GLU G 184 -84.87 17.09 6.57
C GLU G 184 -85.64 18.09 7.45
N ASP G 185 -86.10 17.65 8.62
CA ASP G 185 -86.81 18.51 9.57
C ASP G 185 -85.91 19.36 10.48
N LEU G 186 -84.59 19.14 10.44
CA LEU G 186 -83.67 20.03 11.15
C LEU G 186 -83.72 21.44 10.53
N PRO G 187 -83.92 22.48 11.37
CA PRO G 187 -84.19 23.88 10.94
C PRO G 187 -83.22 24.46 9.88
N LYS G 188 -81.92 24.42 10.13
CA LYS G 188 -80.91 24.93 9.19
C LYS G 188 -80.87 24.11 7.88
N ILE G 189 -81.31 22.85 7.97
CA ILE G 189 -81.33 21.96 6.83
C ILE G 189 -82.59 22.19 6.00
N LYS G 190 -83.73 22.37 6.69
CA LYS G 190 -85.00 22.67 6.03
C LYS G 190 -84.90 24.03 5.34
N ALA G 191 -84.26 24.99 6.01
CA ALA G 191 -84.01 26.31 5.46
C ALA G 191 -83.13 26.22 4.23
N TYR G 192 -81.97 25.60 4.39
CA TYR G 192 -81.03 25.43 3.30
C TYR G 192 -81.67 24.75 2.10
N MET G 193 -82.46 23.70 2.34
CA MET G 193 -83.07 22.92 1.23
C MET G 193 -84.16 23.70 0.49
N GLU G 194 -84.82 24.62 1.20
CA GLU G 194 -85.84 25.47 0.60
C GLU G 194 -85.26 26.77 0.03
N SER G 195 -83.94 26.89 0.02
CA SER G 195 -83.25 28.11 -0.40
C SER G 195 -82.73 28.08 -1.85
N GLU G 196 -82.14 29.21 -2.26
CA GLU G 196 -81.68 29.47 -3.63
C GLU G 196 -80.39 28.73 -4.02
N LYS G 197 -79.44 28.63 -3.09
CA LYS G 197 -78.11 28.07 -3.37
C LYS G 197 -78.05 26.54 -3.27
N PHE G 198 -79.19 25.91 -2.99
CA PHE G 198 -79.26 24.46 -2.76
C PHE G 198 -79.27 23.67 -4.07
N ILE G 199 -78.44 22.63 -4.12
CA ILE G 199 -78.28 21.80 -5.31
C ILE G 199 -79.09 20.50 -5.18
N LYS G 200 -80.15 20.42 -5.96
CA LYS G 200 -81.12 19.33 -5.87
C LYS G 200 -80.78 18.26 -6.88
N TRP G 201 -80.07 18.68 -7.93
CA TRP G 201 -79.77 17.83 -9.07
C TRP G 201 -78.52 18.38 -9.75
N PRO G 202 -77.66 17.53 -10.34
CA PRO G 202 -77.73 16.06 -10.37
C PRO G 202 -77.16 15.39 -9.10
N LEU G 203 -77.44 14.10 -8.97
CA LEU G 203 -76.96 13.31 -7.85
C LEU G 203 -75.48 13.01 -8.06
N ASN G 204 -75.19 12.39 -9.20
CA ASN G 204 -73.83 12.07 -9.61
C ASN G 204 -73.36 13.13 -10.64
N SER G 205 -72.19 12.91 -11.26
CA SER G 205 -71.77 13.83 -12.32
C SER G 205 -72.72 13.72 -13.50
N TRP G 206 -72.80 14.78 -14.30
CA TRP G 206 -73.75 14.89 -15.40
C TRP G 206 -73.63 13.74 -16.38
N ILE G 207 -72.40 13.24 -16.51
CA ILE G 207 -72.05 12.21 -17.46
C ILE G 207 -72.46 10.80 -17.01
N ALA G 208 -72.93 10.67 -15.77
CA ALA G 208 -73.44 9.41 -15.26
C ALA G 208 -74.72 8.96 -15.95
N SER G 209 -74.85 7.65 -16.15
CA SER G 209 -76.04 7.03 -16.77
C SER G 209 -77.32 7.23 -15.93
N PHE G 210 -77.16 7.43 -14.63
CA PHE G 210 -78.27 7.69 -13.73
C PHE G 210 -77.85 8.70 -12.68
N GLY G 211 -78.75 9.62 -12.37
CA GLY G 211 -78.45 10.69 -11.43
C GLY G 211 -77.68 11.81 -12.10
N GLY G 212 -77.45 11.65 -13.41
CA GLY G 212 -76.86 12.68 -14.25
C GLY G 212 -77.94 13.49 -14.96
N GLY G 213 -77.65 13.93 -16.19
CA GLY G 213 -78.55 14.84 -16.89
C GLY G 213 -78.65 16.17 -16.17
N ASP G 214 -79.54 17.05 -16.65
CA ASP G 214 -79.62 18.41 -16.10
C ASP G 214 -80.87 18.65 -15.27
N ALA G 215 -82.00 18.13 -15.72
CA ALA G 215 -83.22 18.18 -14.93
C ALA G 215 -83.33 16.92 -14.08
N ALA G 216 -84.15 16.98 -13.04
CA ALA G 216 -84.56 15.80 -12.27
C ALA G 216 -85.03 14.70 -13.25
N PRO G 217 -85.14 13.43 -12.80
CA PRO G 217 -85.33 12.33 -13.77
C PRO G 217 -86.54 12.51 -14.70
N ALA G 218 -87.45 13.42 -14.31
CA ALA G 218 -88.69 13.75 -15.04
C ALA G 218 -89.74 12.64 -14.96
N PRO H 2 -56.63 -11.37 23.31
CA PRO H 2 -55.83 -10.56 22.38
C PRO H 2 -56.63 -10.18 21.13
N ALA H 3 -56.05 -9.36 20.26
CA ALA H 3 -56.75 -8.79 19.10
C ALA H 3 -56.94 -9.83 18.02
N LYS H 4 -58.18 -9.95 17.55
CA LYS H 4 -58.58 -10.92 16.55
C LYS H 4 -58.98 -10.21 15.27
N LEU H 5 -58.56 -10.74 14.14
CA LEU H 5 -58.89 -10.08 12.89
C LEU H 5 -59.51 -11.07 11.94
N GLY H 6 -60.13 -10.56 10.88
CA GLY H 6 -60.62 -11.47 9.85
C GLY H 6 -60.54 -10.86 8.47
N TYR H 7 -60.29 -11.71 7.48
CA TYR H 7 -60.23 -11.31 6.08
C TYR H 7 -60.02 -12.52 5.18
N TRP H 8 -60.27 -12.34 3.89
CA TRP H 8 -59.95 -13.37 2.91
C TRP H 8 -58.44 -13.68 2.93
N LYS H 9 -58.06 -14.83 2.42
CA LYS H 9 -56.65 -15.16 2.26
C LYS H 9 -56.08 -14.45 1.03
N ILE H 10 -56.21 -13.13 1.01
CA ILE H 10 -55.71 -12.31 -0.09
C ILE H 10 -55.02 -11.10 0.51
N ARG H 11 -54.37 -10.32 -0.34
CA ARG H 11 -53.79 -9.07 0.09
C ARG H 11 -54.88 -8.03 0.33
N GLY H 12 -55.50 -7.55 -0.75
CA GLY H 12 -56.63 -6.65 -0.73
C GLY H 12 -56.47 -5.48 0.23
N LEU H 13 -57.53 -5.21 0.98
CA LEU H 13 -57.59 -4.05 1.85
C LEU H 13 -56.91 -4.31 3.18
N GLN H 14 -56.57 -5.58 3.44
CA GLN H 14 -56.05 -5.98 4.74
C GLN H 14 -54.52 -5.87 4.86
N GLN H 15 -53.77 -6.02 3.76
CA GLN H 15 -52.30 -5.95 3.82
C GLN H 15 -51.78 -4.76 4.64
N PRO H 16 -52.26 -3.55 4.34
CA PRO H 16 -51.72 -2.44 5.09
C PRO H 16 -51.92 -2.60 6.59
N VAL H 17 -53.06 -3.16 7.02
CA VAL H 17 -53.27 -3.36 8.45
C VAL H 17 -52.32 -4.43 8.99
N ARG H 18 -52.14 -5.50 8.23
CA ARG H 18 -51.15 -6.52 8.54
C ARG H 18 -49.76 -5.87 8.77
N LEU H 19 -49.33 -5.09 7.77
CA LEU H 19 -48.06 -4.37 7.82
C LEU H 19 -47.93 -3.47 9.05
N LEU H 20 -48.95 -2.66 9.31
CA LEU H 20 -48.98 -1.79 10.47
C LEU H 20 -48.81 -2.56 11.77
N LEU H 21 -49.58 -3.62 11.95
CA LEU H 21 -49.48 -4.43 13.17
C LEU H 21 -48.08 -5.01 13.34
N GLU H 22 -47.53 -5.56 12.26
CA GLU H 22 -46.19 -6.12 12.28
C GLU H 22 -45.15 -5.07 12.63
N TYR H 23 -45.29 -3.88 12.04
CA TYR H 23 -44.37 -2.77 12.31
C TYR H 23 -44.39 -2.37 13.77
N LEU H 24 -45.59 -2.29 14.35
CA LEU H 24 -45.74 -1.87 15.73
C LEU H 24 -45.50 -3.01 16.72
N GLY H 25 -45.24 -4.20 16.20
CA GLY H 25 -45.01 -5.39 17.02
C GLY H 25 -46.21 -5.77 17.85
N GLU H 26 -47.40 -5.38 17.39
CA GLU H 26 -48.64 -5.67 18.09
C GLU H 26 -48.97 -7.14 17.88
N GLU H 27 -49.39 -7.81 18.95
CA GLU H 27 -49.83 -9.20 18.84
C GLU H 27 -51.27 -9.25 18.30
N TYR H 28 -51.56 -10.23 17.44
CA TYR H 28 -52.90 -10.39 16.85
C TYR H 28 -53.06 -11.78 16.29
N GLU H 29 -54.30 -12.23 16.09
CA GLU H 29 -54.52 -13.49 15.36
C GLU H 29 -55.52 -13.28 14.22
N GLU H 30 -55.22 -13.81 13.05
CA GLU H 30 -56.10 -13.56 11.92
C GLU H 30 -56.74 -14.82 11.43
N HIS H 31 -58.07 -14.80 11.31
CA HIS H 31 -58.79 -15.87 10.67
C HIS H 31 -58.84 -15.61 9.16
N LEU H 32 -58.30 -16.54 8.40
CA LEU H 32 -58.22 -16.36 6.95
C LEU H 32 -59.27 -17.18 6.25
N TYR H 33 -60.13 -16.51 5.50
CA TYR H 33 -61.15 -17.19 4.71
C TYR H 33 -60.60 -17.51 3.33
N GLY H 34 -60.43 -18.80 3.06
CA GLY H 34 -59.95 -19.27 1.78
C GLY H 34 -60.96 -19.08 0.69
N ARG H 35 -60.60 -19.54 -0.50
CA ARG H 35 -61.45 -19.35 -1.66
C ARG H 35 -62.80 -20.04 -1.50
N ASP H 36 -62.80 -21.20 -0.84
CA ASP H 36 -63.98 -22.05 -0.75
C ASP H 36 -64.62 -21.92 0.65
N ASP H 37 -64.43 -20.76 1.26
CA ASP H 37 -64.86 -20.53 2.64
C ASP H 37 -65.95 -19.45 2.76
N ARG H 38 -66.49 -19.03 1.62
CA ARG H 38 -67.49 -17.96 1.55
C ARG H 38 -68.75 -18.27 2.35
N GLU H 39 -69.15 -19.54 2.42
CA GLU H 39 -70.33 -19.91 3.19
C GLU H 39 -70.06 -19.76 4.67
N LYS H 40 -68.88 -20.20 5.10
CA LYS H 40 -68.43 -20.02 6.47
C LYS H 40 -68.48 -18.57 6.93
N TRP H 41 -68.04 -17.63 6.08
CA TRP H 41 -68.09 -16.23 6.45
C TRP H 41 -69.54 -15.69 6.56
N LEU H 42 -70.38 -16.02 5.59
CA LEU H 42 -71.80 -15.66 5.65
C LEU H 42 -72.38 -16.24 6.95
N GLY H 43 -71.86 -17.39 7.35
CA GLY H 43 -72.09 -17.94 8.68
C GLY H 43 -71.58 -17.10 9.84
N ASP H 44 -70.33 -16.63 9.76
CA ASP H 44 -69.75 -15.84 10.86
C ASP H 44 -70.29 -14.41 10.91
N LYS H 45 -70.61 -13.86 9.73
CA LYS H 45 -70.93 -12.46 9.52
C LYS H 45 -71.74 -11.79 10.60
N PHE H 46 -72.91 -12.33 10.88
CA PHE H 46 -73.81 -11.71 11.85
C PHE H 46 -73.69 -12.26 13.26
N ASN H 47 -72.74 -13.17 13.50
CA ASN H 47 -72.61 -13.81 14.82
C ASN H 47 -71.31 -13.50 15.54
N MET H 48 -70.81 -12.30 15.31
CA MET H 48 -69.58 -11.89 15.95
C MET H 48 -69.72 -10.61 16.74
N GLY H 49 -70.95 -10.13 16.84
CA GLY H 49 -71.21 -8.88 17.53
C GLY H 49 -70.79 -7.66 16.75
N LEU H 50 -70.61 -7.80 15.45
CA LEU H 50 -70.22 -6.67 14.59
C LEU H 50 -71.42 -5.76 14.29
N ASP H 51 -71.26 -4.46 14.55
CA ASP H 51 -72.32 -3.48 14.30
C ASP H 51 -72.64 -3.37 12.81
N LEU H 52 -71.59 -3.34 12.00
CA LEU H 52 -71.75 -3.23 10.55
C LEU H 52 -70.92 -4.32 9.89
N PRO H 53 -71.46 -5.54 9.84
CA PRO H 53 -70.65 -6.70 9.43
C PRO H 53 -70.02 -6.48 8.06
N ASN H 54 -68.74 -6.79 7.97
CA ASN H 54 -67.97 -6.65 6.74
C ASN H 54 -66.61 -7.32 6.91
N LEU H 55 -65.88 -7.42 5.81
CA LEU H 55 -64.52 -7.94 5.81
C LEU H 55 -63.61 -6.85 5.30
N PRO H 56 -62.52 -6.55 6.04
CA PRO H 56 -62.06 -7.21 7.26
C PRO H 56 -62.74 -6.74 8.53
N TYR H 57 -62.57 -7.52 9.59
CA TYR H 57 -63.02 -7.14 10.92
C TYR H 57 -61.85 -7.20 11.93
N TYR H 58 -62.05 -6.48 13.04
CA TYR H 58 -61.12 -6.45 14.13
C TYR H 58 -61.92 -6.56 15.40
N ILE H 59 -61.58 -7.53 16.24
CA ILE H 59 -62.25 -7.75 17.51
C ILE H 59 -61.23 -7.94 18.62
N ASP H 60 -61.33 -7.13 19.67
CA ASP H 60 -60.63 -7.38 20.94
C ASP H 60 -61.62 -7.05 22.09
N ASP H 61 -61.31 -7.26 23.37
CA ASP H 61 -62.33 -7.06 24.44
C ASP H 61 -62.83 -5.62 24.59
N LYS H 62 -62.18 -4.68 23.93
CA LYS H 62 -62.51 -3.28 24.11
C LYS H 62 -63.33 -2.75 22.96
N CYS H 63 -63.16 -3.36 21.78
CA CYS H 63 -63.64 -2.76 20.56
C CYS H 63 -63.88 -3.76 19.45
N LYS H 64 -65.03 -3.63 18.78
CA LYS H 64 -65.33 -4.45 17.60
C LYS H 64 -65.52 -3.55 16.39
N LEU H 65 -64.78 -3.85 15.32
CA LEU H 65 -64.63 -2.92 14.21
C LEU H 65 -64.69 -3.56 12.85
N THR H 66 -65.29 -2.86 11.89
CA THR H 66 -65.10 -3.16 10.48
C THR H 66 -64.62 -1.90 9.78
N GLN H 67 -64.33 -2.02 8.49
CA GLN H 67 -63.70 -0.94 7.70
C GLN H 67 -62.19 -0.87 7.95
N SER H 68 -61.43 -1.30 6.95
CA SER H 68 -59.98 -1.42 7.06
C SER H 68 -59.26 -0.17 7.56
N VAL H 69 -59.66 1.00 7.07
CA VAL H 69 -58.96 2.21 7.52
C VAL H 69 -59.36 2.60 8.94
N ALA H 70 -60.60 2.34 9.33
CA ALA H 70 -61.01 2.53 10.70
C ALA H 70 -60.15 1.64 11.61
N ILE H 71 -59.90 0.40 11.17
CA ILE H 71 -59.08 -0.54 11.91
C ILE H 71 -57.64 -0.02 12.07
N MET H 72 -57.03 0.41 10.96
CA MET H 72 -55.68 0.98 10.98
C MET H 72 -55.62 2.20 11.88
N ARG H 73 -56.60 3.09 11.74
CA ARG H 73 -56.68 4.29 12.55
C ARG H 73 -56.79 3.99 14.04
N TYR H 74 -57.53 2.94 14.39
CA TYR H 74 -57.67 2.55 15.79
C TYR H 74 -56.34 2.12 16.37
N ILE H 75 -55.65 1.23 15.66
CA ILE H 75 -54.33 0.78 16.04
C ILE H 75 -53.36 1.96 16.16
N ALA H 76 -53.40 2.87 15.19
CA ALA H 76 -52.50 4.03 15.16
C ALA H 76 -52.84 5.01 16.27
N ASP H 77 -54.13 5.14 16.58
CA ASP H 77 -54.61 6.06 17.61
C ASP H 77 -54.07 5.67 18.98
N LYS H 78 -54.03 4.37 19.24
CA LYS H 78 -53.51 3.82 20.48
C LYS H 78 -52.03 4.13 20.66
N HIS H 79 -51.32 4.31 19.55
CA HIS H 79 -49.89 4.65 19.60
C HIS H 79 -49.62 6.14 19.39
N GLY H 80 -50.66 6.96 19.40
CA GLY H 80 -50.52 8.41 19.22
C GLY H 80 -50.01 8.88 17.86
N MET H 81 -50.40 8.16 16.81
CA MET H 81 -49.85 8.38 15.47
C MET H 81 -50.73 9.19 14.52
N LEU H 82 -51.84 9.71 15.02
CA LEU H 82 -52.84 10.27 14.10
C LEU H 82 -52.81 11.78 13.89
N GLY H 83 -52.05 12.49 14.73
CA GLY H 83 -51.92 13.94 14.62
C GLY H 83 -52.31 14.64 15.91
N SER H 84 -51.62 15.73 16.21
CA SER H 84 -51.77 16.42 17.50
C SER H 84 -52.74 17.59 17.43
N THR H 85 -53.02 18.04 16.20
CA THR H 85 -53.89 19.18 15.97
C THR H 85 -54.98 18.76 14.97
N PRO H 86 -56.10 19.52 14.89
CA PRO H 86 -57.11 19.27 13.87
C PRO H 86 -56.56 19.29 12.45
N GLU H 87 -55.67 20.23 12.14
CA GLU H 87 -55.10 20.30 10.79
C GLU H 87 -54.09 19.17 10.51
N GLU H 88 -53.34 18.74 11.51
CA GLU H 88 -52.46 17.56 11.35
C GLU H 88 -53.28 16.31 11.07
N ARG H 89 -54.33 16.12 11.87
CA ARG H 89 -55.19 14.94 11.73
C ARG H 89 -55.90 14.93 10.38
N ALA H 90 -56.38 16.09 9.95
CA ALA H 90 -57.04 16.24 8.66
C ALA H 90 -56.05 15.95 7.51
N ARG H 91 -54.81 16.36 7.71
CA ARG H 91 -53.77 16.18 6.71
C ARG H 91 -53.62 14.68 6.47
N ILE H 92 -53.47 13.95 7.56
CA ILE H 92 -53.30 12.50 7.51
C ILE H 92 -54.53 11.81 6.94
N SER H 93 -55.72 12.31 7.27
CA SER H 93 -56.97 11.82 6.68
C SER H 93 -57.03 12.03 5.16
N MET H 94 -56.47 13.14 4.69
CA MET H 94 -56.40 13.43 3.25
C MET H 94 -55.50 12.45 2.51
N ILE H 95 -54.29 12.25 3.03
CA ILE H 95 -53.34 11.30 2.43
C ILE H 95 -53.96 9.91 2.38
N GLU H 96 -54.54 9.53 3.51
CA GLU H 96 -55.27 8.29 3.69
C GLU H 96 -56.34 8.07 2.61
N GLY H 97 -57.16 9.09 2.36
CA GLY H 97 -58.18 9.00 1.31
C GLY H 97 -57.61 8.89 -0.09
N ALA H 98 -56.54 9.65 -0.35
CA ALA H 98 -55.90 9.63 -1.66
C ALA H 98 -55.19 8.28 -1.89
N ALA H 99 -54.68 7.70 -0.81
CA ALA H 99 -54.04 6.37 -0.88
C ALA H 99 -55.09 5.31 -1.21
N MET H 100 -56.27 5.45 -0.63
CA MET H 100 -57.38 4.54 -0.95
C MET H 100 -57.73 4.69 -2.42
N ASP H 101 -57.80 5.92 -2.92
CA ASP H 101 -58.01 6.19 -4.35
C ASP H 101 -56.99 5.48 -5.23
N LEU H 102 -55.72 5.54 -4.82
CA LEU H 102 -54.65 4.87 -5.56
C LEU H 102 -54.87 3.36 -5.64
N ARG H 103 -55.25 2.76 -4.50
CA ARG H 103 -55.52 1.33 -4.44
C ARG H 103 -56.78 0.98 -5.23
N MET H 104 -57.84 1.76 -5.05
CA MET H 104 -59.14 1.46 -5.67
C MET H 104 -59.17 1.68 -7.19
N GLY H 105 -58.31 2.56 -7.69
CA GLY H 105 -58.16 2.75 -9.12
C GLY H 105 -57.62 1.48 -9.75
N PHE H 106 -56.79 0.77 -8.98
CA PHE H 106 -56.22 -0.51 -9.39
C PHE H 106 -57.27 -1.61 -9.25
N VAL H 107 -58.10 -1.52 -8.21
CA VAL H 107 -59.25 -2.41 -8.08
C VAL H 107 -60.12 -2.26 -9.32
N ARG H 108 -60.55 -1.04 -9.61
CA ARG H 108 -61.45 -0.79 -10.74
CA ARG H 108 -61.44 -0.76 -10.75
C ARG H 108 -60.90 -1.35 -12.06
N VAL H 109 -59.64 -1.08 -12.38
CA VAL H 109 -59.07 -1.59 -13.63
C VAL H 109 -59.12 -3.12 -13.72
N CYS H 110 -58.70 -3.79 -12.63
CA CYS H 110 -58.64 -5.25 -12.57
C CYS H 110 -59.99 -5.99 -12.47
N TYR H 111 -61.07 -5.28 -12.09
CA TYR H 111 -62.40 -5.90 -11.97
C TYR H 111 -63.33 -5.60 -13.13
N ASN H 112 -62.86 -4.79 -14.08
CA ASN H 112 -63.62 -4.46 -15.28
C ASN H 112 -63.64 -5.66 -16.24
N PRO H 113 -64.85 -6.09 -16.65
CA PRO H 113 -65.01 -7.34 -17.42
C PRO H 113 -64.37 -7.26 -18.81
N LYS H 114 -64.15 -6.03 -19.28
CA LYS H 114 -63.43 -5.79 -20.52
C LYS H 114 -62.03 -5.29 -20.17
N PHE H 115 -61.30 -6.06 -19.37
CA PHE H 115 -59.99 -5.64 -18.84
C PHE H 115 -58.91 -5.40 -19.89
N GLU H 116 -58.75 -6.33 -20.82
CA GLU H 116 -57.68 -6.26 -21.82
C GLU H 116 -57.87 -5.08 -22.79
N GLU H 117 -58.91 -4.29 -22.57
CA GLU H 117 -59.30 -3.20 -23.48
C GLU H 117 -59.28 -1.80 -22.83
N VAL H 118 -59.49 -1.74 -21.52
CA VAL H 118 -59.44 -0.47 -20.78
C VAL H 118 -58.15 -0.27 -19.98
N LYS H 119 -57.35 -1.33 -19.85
CA LYS H 119 -56.08 -1.25 -19.14
C LYS H 119 -55.19 -0.17 -19.73
N GLY H 120 -55.28 0.00 -21.05
CA GLY H 120 -54.52 1.00 -21.77
C GLY H 120 -54.75 2.41 -21.28
N ASP H 121 -55.99 2.73 -20.92
CA ASP H 121 -56.36 4.06 -20.43
C ASP H 121 -55.92 4.27 -18.98
N TYR H 122 -55.74 3.16 -18.27
CA TYR H 122 -55.26 3.18 -16.88
C TYR H 122 -53.74 3.42 -16.80
N LEU H 123 -53.00 2.83 -17.74
CA LEU H 123 -51.56 3.03 -17.83
C LEU H 123 -51.18 4.43 -18.35
N LYS H 124 -52.08 5.05 -19.10
CA LYS H 124 -51.85 6.38 -19.68
C LYS H 124 -51.98 7.47 -18.62
N GLU H 125 -52.78 7.21 -17.60
CA GLU H 125 -53.02 8.17 -16.54
C GLU H 125 -52.04 8.02 -15.38
N LEU H 126 -51.70 6.77 -15.07
CA LEU H 126 -50.81 6.44 -13.98
C LEU H 126 -49.68 7.45 -13.71
N PRO H 127 -48.83 7.74 -14.73
CA PRO H 127 -47.75 8.72 -14.56
C PRO H 127 -48.19 10.03 -13.89
N THR H 128 -49.37 10.53 -14.22
CA THR H 128 -49.83 11.79 -13.65
C THR H 128 -50.09 11.63 -12.17
N THR H 129 -50.72 10.52 -11.82
CA THR H 129 -51.00 10.17 -10.44
C THR H 129 -49.69 9.92 -9.69
N LEU H 130 -48.80 9.12 -10.28
CA LEU H 130 -47.48 8.88 -9.69
C LEU H 130 -46.69 10.18 -9.48
N LYS H 131 -46.75 11.09 -10.45
CA LYS H 131 -46.06 12.36 -10.34
C LYS H 131 -46.66 13.20 -9.21
N MET H 132 -47.96 13.05 -9.00
CA MET H 132 -48.60 13.75 -7.89
C MET H 132 -48.07 13.23 -6.54
N TRP H 133 -47.97 11.91 -6.43
CA TRP H 133 -47.44 11.30 -5.23
C TRP H 133 -45.97 11.64 -5.04
N SER H 134 -45.20 11.54 -6.11
CA SER H 134 -43.78 11.88 -6.06
C SER H 134 -43.57 13.33 -5.60
N ASN H 135 -44.32 14.26 -6.19
CA ASN H 135 -44.25 15.64 -5.78
C ASN H 135 -44.64 15.86 -4.33
N PHE H 136 -45.67 15.14 -3.86
CA PHE H 136 -46.11 15.28 -2.48
C PHE H 136 -45.07 14.77 -1.49
N LEU H 137 -44.36 13.71 -1.87
CA LEU H 137 -43.35 13.11 -1.00
C LEU H 137 -42.17 14.06 -0.84
N GLY H 138 -41.77 14.66 -1.95
CA GLY H 138 -40.57 15.51 -1.98
C GLY H 138 -39.34 14.76 -1.51
N ASP H 139 -38.64 15.34 -0.53
CA ASP H 139 -37.41 14.75 -0.01
C ASP H 139 -37.60 14.03 1.31
N ARG H 140 -38.83 14.05 1.83
CA ARG H 140 -39.18 13.32 3.06
C ARG H 140 -38.89 11.82 2.90
N HIS H 141 -38.54 11.16 3.99
CA HIS H 141 -38.45 9.70 4.00
C HIS H 141 -39.83 9.03 3.93
N TYR H 142 -40.82 9.63 4.58
CA TYR H 142 -42.17 9.08 4.59
C TYR H 142 -43.21 10.17 4.30
N LEU H 143 -44.44 9.75 4.08
CA LEU H 143 -45.51 10.66 3.69
C LEU H 143 -45.84 11.79 4.69
N THR H 144 -45.65 11.52 5.99
CA THR H 144 -46.01 12.52 7.01
C THR H 144 -44.82 13.11 7.74
N GLY H 145 -43.61 12.77 7.28
CA GLY H 145 -42.41 13.27 7.91
C GLY H 145 -41.30 12.24 7.99
N SER H 146 -40.69 12.15 9.16
CA SER H 146 -39.57 11.23 9.35
C SER H 146 -40.00 9.95 10.05
N SER H 147 -41.21 9.94 10.58
CA SER H 147 -41.78 8.74 11.19
C SER H 147 -42.72 8.00 10.23
N VAL H 148 -42.80 6.68 10.39
CA VAL H 148 -43.71 5.84 9.60
C VAL H 148 -45.15 6.04 10.07
N SER H 149 -46.07 6.08 9.11
CA SER H 149 -47.50 6.21 9.39
C SER H 149 -48.25 5.08 8.69
N HIS H 150 -49.45 4.77 9.17
CA HIS H 150 -50.28 3.73 8.55
C HIS H 150 -50.53 4.05 7.07
N VAL H 151 -50.58 5.34 6.80
CA VAL H 151 -50.71 5.89 5.47
C VAL H 151 -49.58 5.45 4.54
N ASP H 152 -48.37 5.30 5.08
CA ASP H 152 -47.24 4.84 4.28
C ASP H 152 -47.43 3.41 3.85
N PHE H 153 -48.02 2.59 4.72
CA PHE H 153 -48.25 1.18 4.39
C PHE H 153 -49.32 1.06 3.32
N MET H 154 -50.31 1.94 3.37
CA MET H 154 -51.37 1.97 2.37
C MET H 154 -50.77 2.26 1.00
N VAL H 155 -49.97 3.33 0.91
CA VAL H 155 -49.38 3.73 -0.36
C VAL H 155 -48.37 2.68 -0.81
N TYR H 156 -47.56 2.19 0.12
CA TYR H 156 -46.62 1.13 -0.23
C TYR H 156 -47.34 -0.01 -0.93
N GLU H 157 -48.39 -0.54 -0.30
CA GLU H 157 -49.11 -1.70 -0.81
C GLU H 157 -49.72 -1.39 -2.18
N ALA H 158 -50.27 -0.20 -2.35
CA ALA H 158 -50.85 0.17 -3.62
C ALA H 158 -49.76 0.15 -4.70
N LEU H 159 -48.57 0.67 -4.38
CA LEU H 159 -47.47 0.69 -5.34
C LEU H 159 -46.99 -0.71 -5.67
N ASP H 160 -46.81 -1.56 -4.66
CA ASP H 160 -46.33 -2.92 -4.91
C ASP H 160 -47.31 -3.72 -5.75
N CYS H 161 -48.60 -3.39 -5.65
CA CYS H 161 -49.63 -4.04 -6.45
C CYS H 161 -49.57 -3.55 -7.90
N ILE H 162 -49.55 -2.24 -8.09
CA ILE H 162 -49.59 -1.63 -9.42
C ILE H 162 -48.43 -2.14 -10.32
N ARG H 163 -47.23 -2.28 -9.75
CA ARG H 163 -46.07 -2.81 -10.52
C ARG H 163 -46.21 -4.23 -11.07
N TYR H 164 -47.22 -4.99 -10.66
CA TYR H 164 -47.49 -6.23 -11.39
C TYR H 164 -48.11 -5.91 -12.74
N LEU H 165 -48.88 -4.83 -12.80
CA LEU H 165 -49.52 -4.40 -14.04
C LEU H 165 -48.60 -3.56 -14.93
N ALA H 166 -47.84 -2.65 -14.32
CA ALA H 166 -46.94 -1.77 -15.04
C ALA H 166 -45.58 -1.84 -14.34
N PRO H 167 -44.79 -2.87 -14.67
CA PRO H 167 -43.54 -3.16 -13.95
C PRO H 167 -42.49 -2.07 -14.04
N GLN H 168 -42.62 -1.17 -15.02
CA GLN H 168 -41.64 -0.09 -15.20
C GLN H 168 -42.12 1.27 -14.67
N CYS H 169 -43.29 1.28 -14.05
CA CYS H 169 -43.99 2.54 -13.70
C CYS H 169 -43.22 3.46 -12.74
N LEU H 170 -42.33 2.89 -11.95
CA LEU H 170 -41.57 3.68 -11.00
C LEU H 170 -40.19 4.16 -11.48
N GLU H 171 -39.74 3.68 -12.65
CA GLU H 171 -38.44 4.09 -13.19
C GLU H 171 -38.31 5.60 -13.35
N ASP H 172 -39.34 6.24 -13.90
CA ASP H 172 -39.38 7.70 -14.00
C ASP H 172 -39.55 8.42 -12.67
N PHE H 173 -39.65 7.65 -11.57
CA PHE H 173 -39.89 8.22 -10.24
C PHE H 173 -38.99 7.60 -9.15
N PRO H 174 -37.69 7.95 -9.15
CA PRO H 174 -36.69 7.36 -8.25
C PRO H 174 -36.95 7.60 -6.77
N LYS H 175 -37.69 8.65 -6.43
CA LYS H 175 -38.03 8.87 -5.03
C LYS H 175 -39.15 7.95 -4.56
N LEU H 176 -40.12 7.69 -5.42
CA LEU H 176 -41.18 6.72 -5.09
C LEU H 176 -40.57 5.34 -4.93
N LYS H 177 -39.66 5.01 -5.85
CA LYS H 177 -39.00 3.71 -5.86
C LYS H 177 -38.17 3.48 -4.60
N GLU H 178 -37.60 4.57 -4.06
CA GLU H 178 -36.78 4.49 -2.87
C GLU H 178 -37.63 4.41 -1.61
N PHE H 179 -38.73 5.20 -1.60
CA PHE H 179 -39.76 5.11 -0.55
C PHE H 179 -40.21 3.66 -0.44
N LYS H 180 -40.50 3.08 -1.60
CA LYS H 180 -40.95 1.72 -1.68
C LYS H 180 -39.95 0.76 -1.05
N SER H 181 -38.66 0.89 -1.39
CA SER H 181 -37.60 0.02 -0.81
C SER H 181 -37.35 0.36 0.67
N ARG H 182 -37.43 1.64 1.01
CA ARG H 182 -37.35 2.04 2.40
C ARG H 182 -38.39 1.27 3.23
N ILE H 183 -39.64 1.18 2.72
CA ILE H 183 -40.67 0.44 3.44
C ILE H 183 -40.32 -1.03 3.52
N GLU H 184 -39.90 -1.59 2.40
CA GLU H 184 -39.58 -3.01 2.30
C GLU H 184 -38.42 -3.39 3.19
N ASP H 185 -37.45 -2.48 3.33
CA ASP H 185 -36.23 -2.74 4.09
C ASP H 185 -36.35 -2.53 5.61
N LEU H 186 -37.46 -1.98 6.08
CA LEU H 186 -37.67 -1.89 7.52
C LEU H 186 -37.58 -3.28 8.13
N PRO H 187 -36.72 -3.43 9.15
CA PRO H 187 -36.37 -4.71 9.79
C PRO H 187 -37.58 -5.60 10.10
N LYS H 188 -38.62 -5.01 10.68
CA LYS H 188 -39.83 -5.74 11.05
C LYS H 188 -40.61 -6.14 9.81
N ILE H 189 -40.57 -5.28 8.79
CA ILE H 189 -41.27 -5.58 7.54
C ILE H 189 -40.52 -6.60 6.73
N LYS H 190 -39.19 -6.47 6.68
CA LYS H 190 -38.33 -7.41 5.95
C LYS H 190 -38.55 -8.80 6.47
N ALA H 191 -38.54 -8.93 7.79
CA ALA H 191 -38.70 -10.24 8.42
C ALA H 191 -40.09 -10.81 8.14
N TYR H 192 -41.11 -9.97 8.29
CA TYR H 192 -42.50 -10.39 7.98
C TYR H 192 -42.61 -10.90 6.54
N MET H 193 -42.09 -10.15 5.58
CA MET H 193 -42.13 -10.55 4.16
C MET H 193 -41.37 -11.83 3.83
N GLU H 194 -40.41 -12.19 4.68
CA GLU H 194 -39.66 -13.44 4.55
CA GLU H 194 -39.71 -13.46 4.49
C GLU H 194 -40.35 -14.60 5.27
N SER H 195 -41.28 -14.27 6.17
CA SER H 195 -41.96 -15.28 7.00
C SER H 195 -43.08 -16.06 6.29
N GLU H 196 -43.44 -17.20 6.88
CA GLU H 196 -44.47 -18.12 6.37
C GLU H 196 -45.90 -17.55 6.37
N LYS H 197 -46.15 -16.53 7.17
CA LYS H 197 -47.49 -15.97 7.28
C LYS H 197 -47.73 -14.85 6.27
N PHE H 198 -46.68 -14.43 5.56
CA PHE H 198 -46.83 -13.43 4.53
C PHE H 198 -47.69 -13.90 3.37
N ILE H 199 -48.66 -13.07 3.00
CA ILE H 199 -49.51 -13.36 1.83
C ILE H 199 -49.05 -12.58 0.60
N LYS H 200 -48.46 -13.31 -0.35
CA LYS H 200 -47.87 -12.67 -1.51
C LYS H 200 -48.81 -12.59 -2.71
N TRP H 201 -49.76 -13.51 -2.77
CA TRP H 201 -50.73 -13.59 -3.86
C TRP H 201 -52.02 -14.21 -3.31
N PRO H 202 -53.19 -13.81 -3.84
CA PRO H 202 -53.46 -12.79 -4.86
C PRO H 202 -53.48 -11.35 -4.31
N LEU H 203 -53.45 -10.40 -5.22
CA LEU H 203 -53.48 -8.99 -4.90
C LEU H 203 -54.91 -8.61 -4.55
N ASN H 204 -55.81 -8.90 -5.49
CA ASN H 204 -57.24 -8.69 -5.31
C ASN H 204 -57.90 -10.00 -4.92
N SER H 205 -59.23 -10.05 -4.90
CA SER H 205 -59.91 -11.33 -4.67
C SER H 205 -59.70 -12.24 -5.87
N TRP H 206 -59.79 -13.54 -5.63
CA TRP H 206 -59.47 -14.55 -6.63
C TRP H 206 -60.16 -14.35 -8.00
N ILE H 207 -61.36 -13.78 -8.00
CA ILE H 207 -62.16 -13.69 -9.23
C ILE H 207 -61.72 -12.56 -10.17
N ALA H 208 -60.83 -11.70 -9.70
CA ALA H 208 -60.46 -10.49 -10.42
C ALA H 208 -59.74 -10.80 -11.75
N SER H 209 -60.04 -10.03 -12.79
CA SER H 209 -59.47 -10.21 -14.14
C SER H 209 -57.95 -9.91 -14.21
N PHE H 210 -57.46 -9.13 -13.26
CA PHE H 210 -56.04 -9.02 -13.03
C PHE H 210 -55.77 -9.04 -11.53
N GLY H 211 -54.66 -9.65 -11.13
CA GLY H 211 -54.31 -9.75 -9.73
C GLY H 211 -55.04 -10.87 -9.00
N GLY H 212 -55.79 -11.67 -9.75
CA GLY H 212 -56.55 -12.79 -9.19
C GLY H 212 -55.84 -14.12 -9.41
N GLY H 213 -56.59 -15.22 -9.31
CA GLY H 213 -56.02 -16.56 -9.43
C GLY H 213 -55.40 -17.01 -8.12
N ASP H 214 -55.11 -18.31 -8.02
CA ASP H 214 -54.46 -18.84 -6.82
C ASP H 214 -52.99 -18.47 -6.80
N ALA H 215 -52.41 -18.36 -7.99
CA ALA H 215 -51.02 -17.98 -8.15
C ALA H 215 -50.84 -16.95 -9.27
N ALA H 216 -49.68 -16.28 -9.25
CA ALA H 216 -49.33 -15.22 -10.20
C ALA H 216 -49.27 -15.72 -11.65
N PRO H 217 -48.97 -14.81 -12.62
CA PRO H 217 -49.11 -15.02 -14.08
C PRO H 217 -49.16 -16.48 -14.53
N ALA H 218 -50.29 -16.87 -15.11
CA ALA H 218 -50.49 -18.24 -15.62
C ALA H 218 -51.37 -18.24 -16.87
N PRO I 2 33.17 -59.39 -6.31
CA PRO I 2 34.60 -59.56 -6.55
C PRO I 2 34.97 -59.52 -8.03
N ALA I 3 36.22 -59.89 -8.33
CA ALA I 3 36.71 -59.94 -9.70
C ALA I 3 36.67 -61.36 -10.24
N LYS I 4 36.22 -61.50 -11.48
CA LYS I 4 36.32 -62.76 -12.21
C LYS I 4 37.60 -62.74 -13.09
N LEU I 5 38.41 -63.80 -12.97
CA LEU I 5 39.62 -63.94 -13.75
C LEU I 5 39.62 -65.26 -14.51
N GLY I 6 40.42 -65.36 -15.56
CA GLY I 6 40.48 -66.56 -16.37
C GLY I 6 41.86 -66.80 -16.94
N TYR I 7 42.30 -68.06 -16.88
CA TYR I 7 43.59 -68.47 -17.41
C TYR I 7 43.71 -70.00 -17.40
N TRP I 8 44.66 -70.53 -18.16
CA TRP I 8 44.97 -71.96 -18.11
C TRP I 8 45.37 -72.39 -16.70
N LYS I 9 45.35 -73.69 -16.45
CA LYS I 9 45.73 -74.21 -15.14
C LYS I 9 47.26 -74.30 -15.07
N ILE I 10 47.94 -73.19 -15.33
CA ILE I 10 49.39 -73.17 -15.36
C ILE I 10 49.88 -71.91 -14.65
N ARG I 11 51.19 -71.82 -14.44
CA ARG I 11 51.77 -70.61 -13.89
C ARG I 11 51.76 -69.51 -14.94
N GLY I 12 52.61 -69.66 -15.96
CA GLY I 12 52.67 -68.75 -17.09
C GLY I 12 52.64 -67.29 -16.73
N LEU I 13 51.86 -66.53 -17.48
CA LEU I 13 51.79 -65.07 -17.33
C LEU I 13 50.90 -64.63 -16.18
N GLN I 14 50.15 -65.58 -15.63
CA GLN I 14 49.14 -65.26 -14.62
C GLN I 14 49.67 -65.27 -13.19
N GLN I 15 50.67 -66.10 -12.89
CA GLN I 15 51.21 -66.17 -11.51
C GLN I 15 51.41 -64.82 -10.85
N PRO I 16 52.15 -63.91 -11.54
CA PRO I 16 52.39 -62.62 -10.90
C PRO I 16 51.10 -61.90 -10.52
N VAL I 17 50.07 -61.98 -11.35
CA VAL I 17 48.80 -61.36 -10.99
C VAL I 17 48.11 -62.06 -9.81
N ARG I 18 48.14 -63.40 -9.80
CA ARG I 18 47.75 -64.18 -8.63
C ARG I 18 48.45 -63.66 -7.38
N LEU I 19 49.78 -63.66 -7.40
CA LEU I 19 50.60 -63.17 -6.30
C LEU I 19 50.19 -61.78 -5.83
N LEU I 20 50.07 -60.86 -6.78
CA LEU I 20 49.70 -59.47 -6.48
C LEU I 20 48.34 -59.37 -5.75
N LEU I 21 47.36 -60.13 -6.25
CA LEU I 21 46.04 -60.12 -5.64
C LEU I 21 46.10 -60.66 -4.23
N GLU I 22 46.81 -61.77 -4.05
CA GLU I 22 47.00 -62.36 -2.73
C GLU I 22 47.69 -61.40 -1.79
N TYR I 23 48.74 -60.74 -2.26
CA TYR I 23 49.48 -59.80 -1.43
C TYR I 23 48.57 -58.68 -0.94
N LEU I 24 47.75 -58.17 -1.85
CA LEU I 24 46.88 -57.04 -1.54
C LEU I 24 45.59 -57.46 -0.84
N GLY I 25 45.42 -58.78 -0.67
CA GLY I 25 44.25 -59.33 -0.01
C GLY I 25 42.96 -59.05 -0.77
N GLU I 26 43.08 -58.85 -2.08
CA GLU I 26 41.94 -58.56 -2.93
C GLU I 26 41.18 -59.86 -3.19
N GLU I 27 39.88 -59.79 -3.40
CA GLU I 27 39.12 -61.01 -3.59
C GLU I 27 38.76 -61.26 -5.05
N TYR I 28 38.82 -62.53 -5.47
CA TYR I 28 38.68 -62.88 -6.86
C TYR I 28 38.34 -64.35 -7.04
N GLU I 29 37.61 -64.66 -8.10
CA GLU I 29 37.38 -66.05 -8.48
C GLU I 29 38.13 -66.27 -9.80
N GLU I 30 38.89 -67.34 -9.90
CA GLU I 30 39.55 -67.62 -11.15
C GLU I 30 39.00 -68.87 -11.81
N HIS I 31 38.63 -68.75 -13.07
CA HIS I 31 38.23 -69.91 -13.84
C HIS I 31 39.46 -70.50 -14.48
N LEU I 32 39.75 -71.76 -14.16
CA LEU I 32 40.97 -72.40 -14.61
C LEU I 32 40.69 -73.38 -15.74
N TYR I 33 41.27 -73.11 -16.91
CA TYR I 33 41.13 -73.99 -18.06
C TYR I 33 42.21 -75.07 -18.05
N GLY I 34 41.79 -76.32 -17.82
CA GLY I 34 42.70 -77.45 -17.81
C GLY I 34 43.26 -77.78 -19.18
N ARG I 35 44.17 -78.74 -19.23
CA ARG I 35 44.80 -79.22 -20.48
C ARG I 35 43.78 -79.64 -21.55
N ASP I 36 42.61 -80.10 -21.10
CA ASP I 36 41.56 -80.56 -22.00
C ASP I 36 40.34 -79.63 -22.05
N ASP I 37 40.58 -78.35 -21.72
CA ASP I 37 39.55 -77.31 -21.71
C ASP I 37 39.73 -76.28 -22.83
N ARG I 38 40.46 -76.64 -23.90
CA ARG I 38 40.74 -75.69 -24.96
C ARG I 38 39.48 -75.25 -25.67
N GLU I 39 38.84 -76.17 -26.39
CA GLU I 39 37.63 -75.84 -27.16
C GLU I 39 36.60 -75.09 -26.32
N LYS I 40 36.60 -75.35 -25.02
CA LYS I 40 35.75 -74.64 -24.07
C LYS I 40 36.14 -73.17 -23.97
N TRP I 41 37.44 -72.90 -23.88
CA TRP I 41 37.93 -71.52 -23.81
C TRP I 41 37.50 -70.78 -25.06
N LEU I 42 37.68 -71.43 -26.21
CA LEU I 42 37.23 -70.90 -27.50
C LEU I 42 35.70 -70.81 -27.56
N GLY I 43 35.03 -71.45 -26.60
CA GLY I 43 33.60 -71.24 -26.40
C GLY I 43 33.45 -69.87 -25.74
N ASP I 44 34.01 -69.75 -24.54
CA ASP I 44 33.86 -68.55 -23.73
C ASP I 44 34.51 -67.29 -24.32
N LYS I 45 35.56 -67.48 -25.11
CA LYS I 45 36.44 -66.41 -25.59
C LYS I 45 35.68 -65.21 -26.14
N PHE I 46 34.73 -65.48 -27.01
CA PHE I 46 34.02 -64.42 -27.69
C PHE I 46 32.69 -64.03 -27.04
N ASN I 47 32.46 -64.55 -25.83
CA ASN I 47 31.14 -64.38 -25.21
C ASN I 47 31.14 -63.90 -23.77
N MET I 48 32.09 -63.01 -23.46
CA MET I 48 32.20 -62.40 -22.13
C MET I 48 32.32 -60.89 -22.23
N GLY I 49 32.28 -60.37 -23.45
CA GLY I 49 32.30 -58.92 -23.67
C GLY I 49 33.69 -58.34 -23.65
N LEU I 50 34.69 -59.18 -23.94
CA LEU I 50 36.10 -58.74 -24.00
C LEU I 50 36.38 -58.03 -25.31
N ASP I 51 36.94 -56.83 -25.22
CA ASP I 51 37.32 -56.05 -26.38
C ASP I 51 38.37 -56.76 -27.23
N LEU I 52 39.39 -57.29 -26.57
CA LEU I 52 40.49 -57.98 -27.24
C LEU I 52 40.66 -59.31 -26.53
N PRO I 53 39.85 -60.30 -26.95
CA PRO I 53 39.84 -61.58 -26.27
C PRO I 53 41.23 -62.20 -26.22
N ASN I 54 41.61 -62.68 -25.04
CA ASN I 54 42.89 -63.33 -24.81
C ASN I 54 42.90 -63.93 -23.42
N LEU I 55 43.92 -64.75 -23.14
CA LEU I 55 44.15 -65.29 -21.82
C LEU I 55 45.48 -64.75 -21.29
N PRO I 56 45.49 -64.23 -20.05
CA PRO I 56 44.38 -64.18 -19.10
C PRO I 56 43.39 -63.03 -19.32
N TYR I 57 42.26 -63.10 -18.63
CA TYR I 57 41.29 -62.03 -18.64
C TYR I 57 40.91 -61.68 -17.21
N TYR I 58 40.43 -60.46 -17.04
CA TYR I 58 39.98 -59.96 -15.77
C TYR I 58 38.66 -59.26 -16.04
N ILE I 59 37.63 -59.60 -15.28
CA ILE I 59 36.30 -59.01 -15.41
C ILE I 59 35.74 -58.67 -14.04
N ASP I 60 35.39 -57.41 -13.85
CA ASP I 60 34.60 -57.02 -12.67
C ASP I 60 33.52 -56.00 -13.09
N ASP I 61 32.74 -55.50 -12.12
CA ASP I 61 31.65 -54.58 -12.43
C ASP I 61 32.13 -53.20 -12.89
N LYS I 62 33.36 -52.86 -12.54
CA LYS I 62 33.92 -51.58 -12.96
C LYS I 62 34.72 -51.63 -14.28
N CYS I 63 34.94 -52.84 -14.83
CA CYS I 63 36.08 -53.05 -15.73
C CYS I 63 36.19 -54.44 -16.40
N LYS I 64 36.58 -54.46 -17.68
CA LYS I 64 36.90 -55.73 -18.40
C LYS I 64 38.23 -55.64 -19.18
N LEU I 65 39.12 -56.62 -18.96
CA LEU I 65 40.54 -56.50 -19.35
C LEU I 65 41.21 -57.77 -19.83
N THR I 66 42.08 -57.64 -20.83
CA THR I 66 43.04 -58.72 -21.15
C THR I 66 44.45 -58.11 -21.06
N GLN I 67 45.48 -58.94 -21.26
CA GLN I 67 46.89 -58.55 -21.10
C GLN I 67 47.27 -58.54 -19.64
N SER I 68 48.08 -59.53 -19.26
CA SER I 68 48.46 -59.75 -17.87
C SER I 68 49.06 -58.53 -17.21
N VAL I 69 49.94 -57.80 -17.90
CA VAL I 69 50.51 -56.63 -17.24
C VAL I 69 49.52 -55.48 -17.13
N ALA I 70 48.61 -55.36 -18.10
CA ALA I 70 47.51 -54.39 -17.98
C ALA I 70 46.66 -54.71 -16.76
N ILE I 71 46.44 -56.01 -16.54
CA ILE I 71 45.64 -56.46 -15.39
C ILE I 71 46.33 -56.11 -14.08
N MET I 72 47.62 -56.42 -13.97
CA MET I 72 48.39 -56.12 -12.77
C MET I 72 48.41 -54.61 -12.51
N ARG I 73 48.61 -53.84 -13.57
CA ARG I 73 48.69 -52.39 -13.48
C ARG I 73 47.38 -51.80 -13.01
N TYR I 74 46.27 -52.39 -13.43
CA TYR I 74 44.96 -51.94 -12.99
C TYR I 74 44.78 -52.13 -11.49
N ILE I 75 45.07 -53.35 -11.05
CA ILE I 75 45.02 -53.68 -9.62
C ILE I 75 45.94 -52.76 -8.82
N ALA I 76 47.16 -52.56 -9.31
CA ALA I 76 48.12 -51.69 -8.64
C ALA I 76 47.70 -50.22 -8.65
N ASP I 77 47.07 -49.80 -9.74
CA ASP I 77 46.63 -48.41 -9.92
C ASP I 77 45.59 -48.04 -8.87
N LYS I 78 44.68 -48.97 -8.58
CA LYS I 78 43.65 -48.81 -7.57
C LYS I 78 44.24 -48.64 -6.17
N HIS I 79 45.44 -49.15 -5.95
CA HIS I 79 46.10 -49.02 -4.65
C HIS I 79 47.21 -47.96 -4.65
N GLY I 80 47.27 -47.17 -5.73
CA GLY I 80 48.23 -46.07 -5.82
C GLY I 80 49.68 -46.49 -5.88
N MET I 81 49.95 -47.60 -6.58
CA MET I 81 51.28 -48.21 -6.55
C MET I 81 52.11 -48.00 -7.81
N LEU I 82 51.63 -47.17 -8.73
CA LEU I 82 52.25 -47.08 -10.06
C LEU I 82 53.26 -45.95 -10.26
N GLY I 83 53.32 -45.01 -9.30
CA GLY I 83 54.21 -43.85 -9.43
C GLY I 83 53.48 -42.53 -9.37
N SER I 84 54.11 -41.55 -8.74
CA SER I 84 53.48 -40.24 -8.48
C SER I 84 53.84 -39.19 -9.52
N THR I 85 54.91 -39.47 -10.29
CA THR I 85 55.38 -38.56 -11.34
C THR I 85 55.50 -39.31 -12.67
N PRO I 86 55.57 -38.57 -13.79
CA PRO I 86 55.80 -39.23 -15.07
C PRO I 86 57.08 -40.05 -15.09
N GLU I 87 58.15 -39.55 -14.45
CA GLU I 87 59.42 -40.29 -14.44
C GLU I 87 59.42 -41.51 -13.49
N GLU I 88 58.70 -41.42 -12.37
CA GLU I 88 58.47 -42.60 -11.53
C GLU I 88 57.67 -43.69 -12.27
N ARG I 89 56.58 -43.28 -12.91
CA ARG I 89 55.72 -44.22 -13.64
C ARG I 89 56.47 -44.89 -14.78
N ALA I 90 57.27 -44.11 -15.51
CA ALA I 90 58.10 -44.61 -16.60
C ALA I 90 59.15 -45.61 -16.12
N ARG I 91 59.81 -45.31 -15.01
CA ARG I 91 60.81 -46.20 -14.42
C ARG I 91 60.17 -47.55 -14.13
N ILE I 92 58.98 -47.54 -13.51
CA ILE I 92 58.25 -48.76 -13.19
C ILE I 92 57.85 -49.53 -14.47
N SER I 93 57.44 -48.79 -15.50
CA SER I 93 57.12 -49.37 -16.80
C SER I 93 58.35 -50.02 -17.45
N MET I 94 59.53 -49.46 -17.20
CA MET I 94 60.78 -50.02 -17.73
C MET I 94 61.16 -51.33 -17.04
N ILE I 95 61.11 -51.35 -15.71
CA ILE I 95 61.39 -52.55 -14.94
C ILE I 95 60.41 -53.64 -15.38
N GLU I 96 59.15 -53.24 -15.57
CA GLU I 96 58.07 -54.13 -15.97
C GLU I 96 58.37 -54.77 -17.32
N GLY I 97 58.84 -53.97 -18.26
CA GLY I 97 59.22 -54.46 -19.58
C GLY I 97 60.39 -55.43 -19.51
N ALA I 98 61.40 -55.07 -18.74
CA ALA I 98 62.60 -55.89 -18.57
C ALA I 98 62.26 -57.20 -17.90
N ALA I 99 61.37 -57.15 -16.91
CA ALA I 99 60.87 -58.35 -16.25
C ALA I 99 60.17 -59.29 -17.24
N MET I 100 59.38 -58.72 -18.14
CA MET I 100 58.72 -59.53 -19.16
C MET I 100 59.78 -60.17 -20.04
N ASP I 101 60.84 -59.42 -20.37
CA ASP I 101 61.95 -59.96 -21.16
C ASP I 101 62.59 -61.16 -20.47
N LEU I 102 62.76 -61.06 -19.17
CA LEU I 102 63.35 -62.13 -18.40
C LEU I 102 62.49 -63.38 -18.45
N ARG I 103 61.18 -63.21 -18.26
CA ARG I 103 60.25 -64.33 -18.35
C ARG I 103 60.21 -64.89 -19.76
N MET I 104 60.08 -64.01 -20.75
CA MET I 104 59.91 -64.44 -22.15
C MET I 104 61.15 -65.12 -22.74
N GLY I 105 62.33 -64.75 -22.23
CA GLY I 105 63.56 -65.43 -22.64
C GLY I 105 63.53 -66.90 -22.23
N PHE I 106 62.88 -67.16 -21.10
CA PHE I 106 62.71 -68.50 -20.57
C PHE I 106 61.62 -69.25 -21.33
N VAL I 107 60.52 -68.56 -21.65
CA VAL I 107 59.49 -69.13 -22.49
C VAL I 107 60.14 -69.68 -23.76
N ARG I 108 60.96 -68.85 -24.41
CA ARG I 108 61.60 -69.13 -25.69
C ARG I 108 62.46 -70.39 -25.67
N VAL I 109 63.34 -70.49 -24.68
CA VAL I 109 64.23 -71.63 -24.60
C VAL I 109 63.43 -72.91 -24.32
N CYS I 110 62.28 -72.74 -23.65
CA CYS I 110 61.45 -73.88 -23.22
C CYS I 110 60.51 -74.41 -24.29
N TYR I 111 60.13 -73.58 -25.26
CA TYR I 111 59.19 -73.98 -26.31
C TYR I 111 59.86 -74.46 -27.59
N ASN I 112 61.18 -74.31 -27.66
CA ASN I 112 61.98 -74.67 -28.83
C ASN I 112 61.84 -76.17 -29.14
N PRO I 113 61.54 -76.50 -30.42
CA PRO I 113 61.35 -77.88 -30.89
C PRO I 113 62.26 -78.88 -30.18
N LYS I 114 63.58 -78.65 -30.23
CA LYS I 114 64.52 -79.37 -29.37
C LYS I 114 65.24 -78.41 -28.42
N PHE I 115 64.95 -78.58 -27.14
CA PHE I 115 65.37 -77.66 -26.08
C PHE I 115 66.70 -78.05 -25.46
N GLU I 116 66.96 -79.36 -25.35
CA GLU I 116 68.27 -79.86 -24.91
C GLU I 116 69.39 -79.35 -25.82
N GLU I 117 69.02 -78.93 -27.04
CA GLU I 117 69.93 -78.38 -28.04
C GLU I 117 70.40 -76.94 -27.73
N VAL I 118 69.45 -76.01 -27.52
CA VAL I 118 69.81 -74.61 -27.27
C VAL I 118 70.09 -74.30 -25.81
N LYS I 119 69.68 -75.18 -24.91
CA LYS I 119 69.71 -74.91 -23.46
C LYS I 119 71.08 -74.43 -22.97
N GLY I 120 72.14 -75.04 -23.50
CA GLY I 120 73.52 -74.68 -23.16
C GLY I 120 73.85 -73.23 -23.42
N ASP I 121 73.47 -72.74 -24.60
CA ASP I 121 73.65 -71.33 -24.96
C ASP I 121 72.96 -70.38 -23.96
N TYR I 122 71.71 -70.72 -23.61
CA TYR I 122 70.90 -69.94 -22.68
C TYR I 122 71.54 -69.88 -21.30
N LEU I 123 72.01 -71.02 -20.82
CA LEU I 123 72.67 -71.10 -19.52
C LEU I 123 73.99 -70.34 -19.51
N LYS I 124 74.60 -70.22 -20.68
CA LYS I 124 75.88 -69.53 -20.83
C LYS I 124 75.68 -68.01 -20.70
N GLU I 125 74.61 -67.52 -21.31
CA GLU I 125 74.29 -66.10 -21.30
C GLU I 125 73.58 -65.66 -20.02
N LEU I 126 72.94 -66.60 -19.33
CA LEU I 126 72.12 -66.29 -18.16
C LEU I 126 72.78 -65.47 -17.05
N PRO I 127 74.02 -65.80 -16.62
CA PRO I 127 74.59 -65.03 -15.50
C PRO I 127 74.76 -63.55 -15.81
N THR I 128 75.00 -63.25 -17.07
CA THR I 128 75.08 -61.88 -17.52
C THR I 128 73.76 -61.16 -17.26
N THR I 129 72.66 -61.79 -17.67
CA THR I 129 71.33 -61.26 -17.39
C THR I 129 71.16 -61.08 -15.88
N LEU I 130 71.53 -62.11 -15.13
CA LEU I 130 71.39 -62.08 -13.67
C LEU I 130 72.27 -61.03 -12.98
N LYS I 131 73.48 -60.80 -13.51
CA LYS I 131 74.29 -59.68 -13.02
C LYS I 131 73.57 -58.33 -13.17
N MET I 132 72.96 -58.07 -14.33
CA MET I 132 72.21 -56.82 -14.60
C MET I 132 71.12 -56.57 -13.55
N TRP I 133 70.30 -57.58 -13.30
CA TRP I 133 69.27 -57.50 -12.28
C TRP I 133 69.84 -57.28 -10.88
N SER I 134 70.92 -57.99 -10.57
CA SER I 134 71.56 -57.86 -9.27
C SER I 134 72.06 -56.42 -9.09
N ASN I 135 72.77 -55.91 -10.10
CA ASN I 135 73.23 -54.55 -10.05
C ASN I 135 72.10 -53.52 -9.89
N PHE I 136 70.99 -53.75 -10.58
CA PHE I 136 69.88 -52.82 -10.53
C PHE I 136 69.21 -52.80 -9.15
N LEU I 137 69.12 -53.98 -8.53
CA LEU I 137 68.57 -54.10 -7.19
C LEU I 137 69.42 -53.35 -6.17
N GLY I 138 70.74 -53.49 -6.26
CA GLY I 138 71.65 -52.93 -5.26
C GLY I 138 71.32 -53.45 -3.86
N ASP I 139 71.17 -52.53 -2.91
CA ASP I 139 70.91 -52.87 -1.52
C ASP I 139 69.44 -52.73 -1.12
N ARG I 140 68.62 -52.31 -2.08
CA ARG I 140 67.18 -52.19 -1.84
C ARG I 140 66.55 -53.54 -1.49
N HIS I 141 65.49 -53.50 -0.69
CA HIS I 141 64.74 -54.72 -0.43
C HIS I 141 63.93 -55.17 -1.65
N TYR I 142 63.40 -54.19 -2.38
CA TYR I 142 62.60 -54.46 -3.56
C TYR I 142 63.04 -53.62 -4.76
N LEU I 143 62.51 -53.94 -5.94
CA LEU I 143 62.93 -53.29 -7.18
C LEU I 143 62.66 -51.78 -7.26
N THR I 144 61.61 -51.30 -6.59
CA THR I 144 61.27 -49.88 -6.65
C THR I 144 61.52 -49.13 -5.33
N GLY I 145 62.11 -49.80 -4.35
CA GLY I 145 62.37 -49.21 -3.06
C GLY I 145 62.11 -50.15 -1.90
N SER I 146 61.45 -49.64 -0.87
CA SER I 146 61.20 -50.43 0.34
C SER I 146 59.79 -51.05 0.35
N SER I 147 58.94 -50.62 -0.56
CA SER I 147 57.60 -51.22 -0.72
C SER I 147 57.58 -52.23 -1.86
N VAL I 148 56.74 -53.25 -1.72
CA VAL I 148 56.52 -54.24 -2.78
C VAL I 148 55.75 -53.64 -3.96
N SER I 149 56.17 -54.00 -5.17
CA SER I 149 55.49 -53.57 -6.40
C SER I 149 55.11 -54.81 -7.21
N HIS I 150 54.15 -54.66 -8.13
CA HIS I 150 53.73 -55.80 -8.99
C HIS I 150 54.93 -56.32 -9.80
N VAL I 151 55.82 -55.41 -10.10
CA VAL I 151 57.07 -55.65 -10.79
C VAL I 151 57.95 -56.66 -10.03
N ASP I 152 57.88 -56.64 -8.71
CA ASP I 152 58.65 -57.58 -7.89
C ASP I 152 58.13 -59.00 -8.06
N PHE I 153 56.81 -59.13 -8.15
CA PHE I 153 56.19 -60.42 -8.36
C PHE I 153 56.53 -60.99 -9.73
N MET I 154 56.61 -60.12 -10.72
CA MET I 154 57.02 -60.52 -12.07
C MET I 154 58.44 -61.08 -12.07
N VAL I 155 59.37 -60.34 -11.48
CA VAL I 155 60.75 -60.78 -11.44
C VAL I 155 60.90 -62.04 -10.56
N TYR I 156 60.16 -62.07 -9.45
CA TYR I 156 60.22 -63.22 -8.56
C TYR I 156 59.83 -64.47 -9.34
N GLU I 157 58.69 -64.40 -10.01
CA GLU I 157 58.19 -65.55 -10.75
C GLU I 157 59.20 -66.01 -11.82
N ALA I 158 59.79 -65.07 -12.54
CA ALA I 158 60.75 -65.41 -13.58
C ALA I 158 61.95 -66.14 -12.98
N LEU I 159 62.43 -65.64 -11.86
CA LEU I 159 63.55 -66.28 -11.17
C LEU I 159 63.22 -67.69 -10.67
N ASP I 160 62.06 -67.86 -10.03
CA ASP I 160 61.66 -69.16 -9.53
C ASP I 160 61.46 -70.16 -10.65
N CYS I 161 61.08 -69.69 -11.83
CA CYS I 161 60.94 -70.55 -12.98
C CYS I 161 62.31 -70.93 -13.52
N ILE I 162 63.20 -69.95 -13.60
CA ILE I 162 64.48 -70.17 -14.23
C ILE I 162 65.26 -71.24 -13.47
N ARG I 163 65.18 -71.23 -12.15
CA ARG I 163 65.99 -72.15 -11.35
C ARG I 163 65.68 -73.65 -11.50
N TYR I 164 64.56 -74.00 -12.12
CA TYR I 164 64.34 -75.40 -12.48
C TYR I 164 65.30 -75.81 -13.60
N LEU I 165 65.61 -74.87 -14.47
CA LEU I 165 66.59 -75.12 -15.50
C LEU I 165 68.01 -75.02 -14.97
N ALA I 166 68.22 -74.19 -13.93
CA ALA I 166 69.54 -74.00 -13.35
C ALA I 166 69.48 -73.84 -11.84
N PRO I 167 69.42 -74.97 -11.10
CA PRO I 167 69.07 -74.90 -9.69
C PRO I 167 70.04 -74.04 -8.87
N GLN I 168 71.25 -73.85 -9.39
CA GLN I 168 72.32 -73.17 -8.67
C GLN I 168 72.43 -71.68 -8.97
N CYS I 169 71.71 -71.19 -9.98
CA CYS I 169 72.02 -69.87 -10.59
C CYS I 169 72.07 -68.66 -9.64
N LEU I 170 71.26 -68.65 -8.60
CA LEU I 170 71.20 -67.50 -7.69
C LEU I 170 72.25 -67.50 -6.57
N GLU I 171 73.01 -68.59 -6.44
CA GLU I 171 74.07 -68.69 -5.41
C GLU I 171 75.16 -67.64 -5.58
N ASP I 172 75.56 -67.39 -6.83
CA ASP I 172 76.52 -66.31 -7.15
C ASP I 172 75.92 -64.90 -6.97
N PHE I 173 74.61 -64.83 -6.77
CA PHE I 173 73.93 -63.55 -6.67
C PHE I 173 73.14 -63.46 -5.35
N PRO I 174 73.84 -63.25 -4.20
CA PRO I 174 73.13 -63.39 -2.91
C PRO I 174 71.98 -62.41 -2.72
N LYS I 175 72.07 -61.27 -3.39
CA LYS I 175 71.02 -60.25 -3.36
C LYS I 175 69.70 -60.72 -4.01
N LEU I 176 69.81 -61.50 -5.09
CA LEU I 176 68.65 -62.05 -5.74
C LEU I 176 68.11 -63.20 -4.92
N LYS I 177 69.04 -63.95 -4.31
CA LYS I 177 68.71 -65.05 -3.41
C LYS I 177 67.84 -64.59 -2.26
N GLU I 178 68.25 -63.50 -1.62
CA GLU I 178 67.48 -62.91 -0.52
C GLU I 178 66.18 -62.28 -0.97
N PHE I 179 66.21 -61.64 -2.14
CA PHE I 179 65.01 -61.05 -2.73
C PHE I 179 63.95 -62.13 -2.85
N LYS I 180 64.38 -63.25 -3.43
CA LYS I 180 63.55 -64.42 -3.62
C LYS I 180 62.86 -64.85 -2.34
N SER I 181 63.61 -64.81 -1.25
CA SER I 181 63.14 -65.25 0.06
C SER I 181 62.26 -64.21 0.75
N ARG I 182 62.62 -62.93 0.63
CA ARG I 182 61.74 -61.86 1.11
C ARG I 182 60.32 -62.05 0.54
N ILE I 183 60.21 -62.18 -0.78
CA ILE I 183 58.89 -62.37 -1.41
C ILE I 183 58.15 -63.55 -0.77
N GLU I 184 58.84 -64.68 -0.66
CA GLU I 184 58.24 -65.90 -0.10
C GLU I 184 57.82 -65.78 1.39
N ASP I 185 58.49 -64.89 2.13
CA ASP I 185 58.22 -64.71 3.55
C ASP I 185 57.18 -63.63 3.85
N LEU I 186 56.63 -63.02 2.79
CA LEU I 186 55.45 -62.18 2.94
C LEU I 186 54.29 -63.08 3.38
N PRO I 187 53.68 -62.75 4.54
CA PRO I 187 52.66 -63.58 5.16
C PRO I 187 51.61 -64.14 4.19
N LYS I 188 50.97 -63.25 3.41
CA LYS I 188 49.93 -63.65 2.45
C LYS I 188 50.47 -64.47 1.29
N ILE I 189 51.71 -64.23 0.89
CA ILE I 189 52.36 -65.07 -0.13
C ILE I 189 52.71 -66.42 0.46
N LYS I 190 53.25 -66.41 1.68
CA LYS I 190 53.53 -67.66 2.37
C LYS I 190 52.23 -68.42 2.48
N ALA I 191 51.23 -67.79 3.10
CA ALA I 191 49.92 -68.41 3.29
C ALA I 191 49.30 -68.86 1.97
N TYR I 192 49.46 -68.03 0.94
CA TYR I 192 49.01 -68.42 -0.40
C TYR I 192 49.74 -69.66 -0.88
N MET I 193 51.06 -69.70 -0.66
CA MET I 193 51.89 -70.80 -1.18
C MET I 193 51.64 -72.18 -0.55
N GLU I 194 51.21 -72.21 0.71
CA GLU I 194 50.84 -73.48 1.32
C GLU I 194 49.35 -73.83 1.19
N SER I 195 48.59 -72.96 0.54
CA SER I 195 47.15 -73.18 0.34
C SER I 195 46.88 -74.16 -0.79
N GLU I 196 45.66 -74.67 -0.85
CA GLU I 196 45.24 -75.62 -1.88
C GLU I 196 45.02 -74.97 -3.25
N LYS I 197 45.01 -73.64 -3.29
CA LYS I 197 44.80 -72.94 -4.56
C LYS I 197 46.09 -72.57 -5.33
N PHE I 198 47.19 -72.38 -4.60
CA PHE I 198 48.51 -72.09 -5.20
C PHE I 198 48.97 -73.17 -6.17
N ILE I 199 49.42 -72.74 -7.35
CA ILE I 199 49.82 -73.65 -8.43
C ILE I 199 51.34 -73.72 -8.58
N LYS I 200 51.88 -74.93 -8.56
CA LYS I 200 53.31 -75.17 -8.51
C LYS I 200 53.84 -75.58 -9.87
N TRP I 201 53.05 -76.40 -10.56
CA TRP I 201 53.44 -76.97 -11.84
C TRP I 201 52.20 -77.07 -12.74
N PRO I 202 52.36 -76.89 -14.05
CA PRO I 202 53.60 -76.56 -14.78
C PRO I 202 53.95 -75.07 -14.77
N LEU I 203 55.17 -74.77 -15.20
CA LEU I 203 55.66 -73.41 -15.29
C LEU I 203 55.05 -72.76 -16.51
N ASN I 204 55.28 -73.40 -17.65
CA ASN I 204 54.76 -72.98 -18.94
C ASN I 204 53.53 -73.82 -19.29
N SER I 205 52.99 -73.68 -20.50
CA SER I 205 51.90 -74.55 -20.90
C SER I 205 52.41 -75.99 -21.03
N TRP I 206 51.50 -76.94 -20.88
CA TRP I 206 51.84 -78.36 -20.84
C TRP I 206 52.70 -78.85 -22.02
N ILE I 207 52.52 -78.25 -23.20
CA ILE I 207 53.20 -78.68 -24.41
C ILE I 207 54.69 -78.25 -24.50
N ALA I 208 55.14 -77.42 -23.57
CA ALA I 208 56.52 -76.93 -23.60
C ALA I 208 57.53 -78.07 -23.44
N SER I 209 58.63 -77.99 -24.19
CA SER I 209 59.75 -78.95 -24.10
C SER I 209 60.38 -78.98 -22.70
N PHE I 210 60.28 -77.87 -21.98
CA PHE I 210 60.66 -77.79 -20.57
C PHE I 210 59.70 -76.87 -19.83
N GLY I 211 59.50 -77.13 -18.54
CA GLY I 211 58.59 -76.33 -17.72
C GLY I 211 57.16 -76.74 -18.00
N GLY I 212 57.01 -77.65 -18.96
CA GLY I 212 55.71 -78.19 -19.36
C GLY I 212 55.46 -79.58 -18.82
N GLY I 213 54.81 -80.40 -19.64
CA GLY I 213 54.33 -81.71 -19.22
C GLY I 213 53.38 -81.58 -18.03
N ASP I 214 53.02 -82.71 -17.45
CA ASP I 214 52.18 -82.71 -16.27
C ASP I 214 52.89 -83.38 -15.09
N ALA I 215 54.18 -83.06 -14.93
CA ALA I 215 55.05 -83.67 -13.92
C ALA I 215 56.30 -82.83 -13.60
N ALA I 216 56.80 -82.96 -12.37
CA ALA I 216 58.05 -82.35 -11.92
C ALA I 216 59.19 -82.46 -12.96
N PRO I 217 60.16 -81.52 -12.93
CA PRO I 217 61.16 -81.36 -14.00
C PRO I 217 61.99 -82.59 -14.30
N ALA I 218 61.87 -83.61 -13.46
CA ALA I 218 62.62 -84.87 -13.59
C ALA I 218 62.29 -85.64 -14.86
N PRO J 2 67.02 -31.19 -24.65
CA PRO J 2 67.09 -32.13 -25.78
C PRO J 2 67.16 -33.60 -25.34
N ALA J 3 66.46 -34.44 -26.10
CA ALA J 3 66.37 -35.88 -25.80
C ALA J 3 67.27 -36.66 -26.73
N LYS J 4 67.85 -37.73 -26.19
CA LYS J 4 68.77 -38.57 -26.95
C LYS J 4 68.20 -39.97 -27.01
N LEU J 5 68.35 -40.61 -28.17
CA LEU J 5 67.84 -41.95 -28.36
C LEU J 5 68.82 -42.81 -29.13
N GLY J 6 68.75 -44.12 -28.90
CA GLY J 6 69.55 -45.06 -29.65
C GLY J 6 68.79 -46.32 -30.02
N TYR J 7 68.91 -46.70 -31.28
CA TYR J 7 68.37 -47.95 -31.79
C TYR J 7 69.17 -48.36 -33.01
N TRP J 8 68.98 -49.58 -33.47
CA TRP J 8 69.53 -49.99 -34.74
C TRP J 8 68.97 -49.05 -35.82
N LYS J 9 69.58 -49.05 -36.99
CA LYS J 9 69.03 -48.30 -38.12
C LYS J 9 67.97 -49.16 -38.81
N ILE J 10 66.96 -49.54 -38.04
CA ILE J 10 65.86 -50.34 -38.54
C ILE J 10 64.55 -49.76 -38.01
N ARG J 11 63.43 -50.27 -38.51
CA ARG J 11 62.13 -49.92 -37.94
C ARG J 11 61.95 -50.54 -36.56
N GLY J 12 61.77 -51.86 -36.53
CA GLY J 12 61.66 -52.62 -35.30
C GLY J 12 60.74 -51.99 -34.26
N LEU J 13 61.20 -51.97 -33.02
CA LEU J 13 60.39 -51.54 -31.89
C LEU J 13 60.39 -50.03 -31.73
N GLN J 14 61.26 -49.36 -32.47
CA GLN J 14 61.50 -47.94 -32.30
C GLN J 14 60.61 -47.05 -33.17
N GLN J 15 60.14 -47.57 -34.31
CA GLN J 15 59.27 -46.76 -35.21
C GLN J 15 58.13 -46.06 -34.47
N PRO J 16 57.36 -46.81 -33.66
CA PRO J 16 56.24 -46.13 -33.00
C PRO J 16 56.69 -44.96 -32.11
N VAL J 17 57.84 -45.09 -31.46
CA VAL J 17 58.35 -43.97 -30.65
C VAL J 17 58.78 -42.80 -31.54
N ARG J 18 59.43 -43.12 -32.66
CA ARG J 18 59.74 -42.12 -33.64
C ARG J 18 58.44 -41.35 -34.04
N LEU J 19 57.43 -42.10 -34.50
CA LEU J 19 56.15 -41.53 -34.93
C LEU J 19 55.51 -40.68 -33.84
N LEU J 20 55.48 -41.20 -32.62
CA LEU J 20 54.92 -40.44 -31.51
C LEU J 20 55.62 -39.09 -31.30
N LEU J 21 56.96 -39.10 -31.29
CA LEU J 21 57.74 -37.87 -31.09
C LEU J 21 57.48 -36.88 -32.21
N GLU J 22 57.48 -37.37 -33.43
CA GLU J 22 57.19 -36.53 -34.59
C GLU J 22 55.79 -35.92 -34.48
N TYR J 23 54.80 -36.74 -34.12
CA TYR J 23 53.42 -36.27 -33.98
C TYR J 23 53.33 -35.16 -32.95
N LEU J 24 54.03 -35.34 -31.84
CA LEU J 24 53.97 -34.38 -30.74
C LEU J 24 54.91 -33.20 -30.95
N GLY J 25 55.68 -33.25 -32.02
CA GLY J 25 56.61 -32.17 -32.36
C GLY J 25 57.71 -32.02 -31.32
N GLU J 26 58.00 -33.13 -30.62
CA GLU J 26 58.99 -33.13 -29.56
C GLU J 26 60.38 -33.19 -30.18
N GLU J 27 61.35 -32.63 -29.46
CA GLU J 27 62.69 -32.48 -29.99
C GLU J 27 63.58 -33.64 -29.52
N TYR J 28 64.30 -34.24 -30.46
CA TYR J 28 65.15 -35.38 -30.16
C TYR J 28 66.25 -35.56 -31.17
N GLU J 29 67.32 -36.24 -30.75
CA GLU J 29 68.41 -36.66 -31.63
C GLU J 29 68.65 -38.15 -31.42
N GLU J 30 68.57 -38.94 -32.50
CA GLU J 30 68.71 -40.38 -32.36
C GLU J 30 70.05 -40.87 -32.89
N HIS J 31 70.75 -41.65 -32.07
CA HIS J 31 71.95 -42.35 -32.52
C HIS J 31 71.56 -43.67 -33.17
N LEU J 32 71.89 -43.82 -34.45
CA LEU J 32 71.50 -45.00 -35.18
C LEU J 32 72.67 -45.96 -35.38
N TYR J 33 72.53 -47.18 -34.84
CA TYR J 33 73.54 -48.22 -34.98
C TYR J 33 73.31 -49.00 -36.26
N GLY J 34 74.22 -48.85 -37.20
CA GLY J 34 74.15 -49.57 -38.47
C GLY J 34 74.35 -51.06 -38.37
N ARG J 35 74.10 -51.73 -39.49
CA ARG J 35 74.30 -53.17 -39.67
C ARG J 35 75.69 -53.60 -39.21
N ASP J 36 76.63 -52.68 -39.35
CA ASP J 36 78.02 -52.95 -39.06
C ASP J 36 78.49 -52.05 -37.92
N ASP J 37 77.70 -52.03 -36.84
CA ASP J 37 77.95 -51.18 -35.68
C ASP J 37 77.74 -51.91 -34.35
N ARG J 38 77.59 -53.23 -34.39
CA ARG J 38 77.22 -53.98 -33.18
C ARG J 38 78.25 -53.89 -32.05
N GLU J 39 79.53 -53.81 -32.41
CA GLU J 39 80.60 -53.61 -31.41
C GLU J 39 80.61 -52.19 -30.82
N LYS J 40 80.21 -51.21 -31.62
CA LYS J 40 80.03 -49.84 -31.15
C LYS J 40 78.98 -49.76 -30.07
N TRP J 41 77.89 -50.50 -30.25
CA TRP J 41 76.80 -50.58 -29.26
C TRP J 41 77.27 -51.28 -27.99
N LEU J 42 77.88 -52.45 -28.16
CA LEU J 42 78.52 -53.15 -27.03
C LEU J 42 79.53 -52.27 -26.28
N GLY J 43 80.07 -51.28 -27.00
CA GLY J 43 80.98 -50.32 -26.40
C GLY J 43 80.32 -49.19 -25.64
N ASP J 44 79.00 -49.08 -25.77
CA ASP J 44 78.26 -48.00 -25.13
C ASP J 44 77.27 -48.59 -24.13
N LYS J 45 76.89 -49.84 -24.38
CA LYS J 45 75.87 -50.51 -23.59
C LYS J 45 75.98 -50.18 -22.10
N PHE J 46 77.18 -50.37 -21.54
CA PHE J 46 77.38 -50.17 -20.10
C PHE J 46 77.96 -48.80 -19.71
N ASN J 47 78.04 -47.89 -20.68
CA ASN J 47 78.74 -46.61 -20.47
C ASN J 47 77.87 -45.35 -20.58
N MET J 48 76.57 -45.51 -20.32
CA MET J 48 75.65 -44.41 -20.49
C MET J 48 74.75 -44.16 -19.28
N GLY J 49 74.95 -44.92 -18.20
CA GLY J 49 74.17 -44.73 -16.99
C GLY J 49 72.80 -45.39 -17.03
N LEU J 50 72.61 -46.34 -17.94
CA LEU J 50 71.33 -47.06 -18.06
C LEU J 50 71.20 -48.11 -16.98
N ASP J 51 70.07 -48.08 -16.26
CA ASP J 51 69.82 -49.06 -15.20
C ASP J 51 69.68 -50.47 -15.75
N LEU J 52 68.95 -50.60 -16.85
CA LEU J 52 68.78 -51.91 -17.51
C LEU J 52 69.13 -51.77 -18.98
N PRO J 53 70.43 -51.82 -19.30
CA PRO J 53 70.89 -51.52 -20.66
C PRO J 53 70.20 -52.37 -21.71
N ASN J 54 69.72 -51.72 -22.76
CA ASN J 54 69.00 -52.37 -23.84
C ASN J 54 68.79 -51.38 -24.98
N LEU J 55 68.41 -51.89 -26.13
CA LEU J 55 68.01 -51.06 -27.26
C LEU J 55 66.50 -51.26 -27.51
N PRO J 56 65.74 -50.15 -27.67
CA PRO J 56 66.19 -48.74 -27.67
C PRO J 56 66.40 -48.16 -26.29
N TYR J 57 67.07 -47.01 -26.24
CA TYR J 57 67.20 -46.22 -25.03
C TYR J 57 66.77 -44.77 -25.26
N TYR J 58 66.45 -44.10 -24.17
CA TYR J 58 66.02 -42.72 -24.18
C TYR J 58 66.75 -42.06 -23.02
N ILE J 59 67.44 -40.97 -23.30
CA ILE J 59 68.14 -40.23 -22.26
C ILE J 59 67.85 -38.73 -22.39
N ASP J 60 67.38 -38.11 -21.31
CA ASP J 60 67.32 -36.65 -21.21
C ASP J 60 67.69 -36.20 -19.79
N ASP J 61 67.56 -34.90 -19.50
CA ASP J 61 68.09 -34.33 -18.23
C ASP J 61 67.26 -34.70 -17.01
N LYS J 62 66.18 -35.42 -17.24
CA LYS J 62 65.21 -35.69 -16.18
C LYS J 62 65.09 -37.20 -15.93
N CYS J 63 65.52 -38.01 -16.90
CA CYS J 63 65.16 -39.42 -16.95
C CYS J 63 66.11 -40.23 -17.82
N LYS J 64 66.31 -41.50 -17.47
CA LYS J 64 67.07 -42.45 -18.30
C LYS J 64 66.29 -43.74 -18.43
N LEU J 65 66.06 -44.19 -19.67
CA LEU J 65 65.08 -45.24 -19.92
C LEU J 65 65.47 -46.27 -20.98
N THR J 66 65.07 -47.51 -20.76
CA THR J 66 65.03 -48.52 -21.82
C THR J 66 63.61 -49.09 -21.84
N GLN J 67 63.34 -49.97 -22.79
CA GLN J 67 62.00 -50.53 -23.05
C GLN J 67 61.17 -49.56 -23.89
N SER J 68 60.95 -49.94 -25.15
CA SER J 68 60.27 -49.07 -26.10
C SER J 68 58.92 -48.57 -25.63
N VAL J 69 58.11 -49.45 -25.01
CA VAL J 69 56.81 -48.98 -24.57
C VAL J 69 56.91 -48.08 -23.35
N ALA J 70 57.88 -48.35 -22.48
CA ALA J 70 58.14 -47.44 -21.35
C ALA J 70 58.52 -46.04 -21.87
N ILE J 71 59.26 -46.01 -22.97
CA ILE J 71 59.72 -44.76 -23.54
C ILE J 71 58.53 -43.99 -24.12
N MET J 72 57.70 -44.70 -24.89
CA MET J 72 56.47 -44.12 -25.44
C MET J 72 55.56 -43.61 -24.33
N ARG J 73 55.35 -44.42 -23.31
CA ARG J 73 54.49 -44.05 -22.19
C ARG J 73 55.01 -42.82 -21.43
N TYR J 74 56.32 -42.66 -21.35
CA TYR J 74 56.89 -41.51 -20.68
C TYR J 74 56.56 -40.23 -21.44
N ILE J 75 56.85 -40.25 -22.74
CA ILE J 75 56.54 -39.16 -23.63
C ILE J 75 55.05 -38.84 -23.59
N ALA J 76 54.20 -39.86 -23.64
CA ALA J 76 52.76 -39.69 -23.58
C ALA J 76 52.28 -39.13 -22.24
N ASP J 77 52.93 -39.58 -21.16
CA ASP J 77 52.59 -39.18 -19.78
C ASP J 77 52.79 -37.67 -19.59
N LYS J 78 53.88 -37.16 -20.15
CA LYS J 78 54.19 -35.75 -20.11
C LYS J 78 53.13 -34.90 -20.81
N HIS J 79 52.43 -35.49 -21.79
CA HIS J 79 51.37 -34.78 -22.51
C HIS J 79 49.94 -35.16 -22.06
N GLY J 80 49.85 -35.85 -20.92
CA GLY J 80 48.55 -36.21 -20.34
C GLY J 80 47.72 -37.14 -21.20
N MET J 81 48.38 -38.06 -21.89
CA MET J 81 47.70 -38.94 -22.85
C MET J 81 47.43 -40.37 -22.37
N LEU J 82 47.72 -40.68 -21.10
CA LEU J 82 47.68 -42.06 -20.63
C LEU J 82 46.38 -42.55 -19.98
N GLY J 83 45.48 -41.61 -19.64
CA GLY J 83 44.22 -41.94 -19.00
C GLY J 83 44.05 -41.22 -17.68
N SER J 84 42.81 -40.87 -17.36
CA SER J 84 42.49 -40.04 -16.19
C SER J 84 42.05 -40.86 -14.98
N THR J 85 41.66 -42.10 -15.25
CA THR J 85 41.18 -43.00 -14.21
C THR J 85 41.99 -44.29 -14.29
N PRO J 86 41.97 -45.11 -13.21
CA PRO J 86 42.61 -46.42 -13.26
C PRO J 86 42.08 -47.31 -14.38
N GLU J 87 40.77 -47.27 -14.63
CA GLU J 87 40.20 -48.10 -15.71
C GLU J 87 40.51 -47.61 -17.12
N GLU J 88 40.59 -46.29 -17.31
CA GLU J 88 41.09 -45.73 -18.55
C GLU J 88 42.54 -46.13 -18.82
N ARG J 89 43.41 -45.89 -17.83
CA ARG J 89 44.82 -46.25 -17.95
C ARG J 89 45.02 -47.75 -18.25
N ALA J 90 44.25 -48.60 -17.58
CA ALA J 90 44.32 -50.04 -17.80
C ALA J 90 43.89 -50.41 -19.23
N ARG J 91 42.86 -49.73 -19.73
CA ARG J 91 42.32 -49.99 -21.08
C ARG J 91 43.40 -49.71 -22.10
N ILE J 92 44.07 -48.58 -21.92
CA ILE J 92 45.19 -48.22 -22.78
C ILE J 92 46.35 -49.19 -22.66
N SER J 93 46.63 -49.67 -21.44
CA SER J 93 47.68 -50.66 -21.21
C SER J 93 47.36 -51.99 -21.87
N MET J 94 46.08 -52.34 -21.90
CA MET J 94 45.60 -53.53 -22.60
C MET J 94 45.81 -53.45 -24.11
N ILE J 95 45.38 -52.34 -24.71
CA ILE J 95 45.50 -52.16 -26.17
C ILE J 95 46.98 -52.23 -26.55
N GLU J 96 47.78 -51.51 -25.77
CA GLU J 96 49.24 -51.49 -25.84
C GLU J 96 49.85 -52.90 -25.87
N GLY J 97 49.47 -53.75 -24.92
CA GLY J 97 49.96 -55.11 -24.87
C GLY J 97 49.54 -55.91 -26.09
N ALA J 98 48.28 -55.75 -26.51
CA ALA J 98 47.76 -56.48 -27.66
C ALA J 98 48.44 -56.02 -28.95
N ALA J 99 48.75 -54.73 -29.00
CA ALA J 99 49.51 -54.17 -30.12
C ALA J 99 50.92 -54.77 -30.18
N MET J 100 51.54 -54.97 -29.03
CA MET J 100 52.85 -55.61 -28.98
C MET J 100 52.73 -57.07 -29.46
N ASP J 101 51.65 -57.76 -29.10
CA ASP J 101 51.40 -59.12 -29.58
C ASP J 101 51.28 -59.16 -31.10
N LEU J 102 50.61 -58.15 -31.66
CA LEU J 102 50.44 -58.06 -33.11
C LEU J 102 51.80 -57.91 -33.81
N ARG J 103 52.64 -57.03 -33.28
CA ARG J 103 53.99 -56.83 -33.82
C ARG J 103 54.85 -58.07 -33.62
N MET J 104 54.81 -58.65 -32.41
CA MET J 104 55.70 -59.75 -32.07
C MET J 104 55.34 -61.04 -32.78
N GLY J 105 54.08 -61.19 -33.15
CA GLY J 105 53.64 -62.33 -33.95
C GLY J 105 54.29 -62.30 -35.31
N PHE J 106 54.49 -61.09 -35.82
CA PHE J 106 55.17 -60.87 -37.08
C PHE J 106 56.66 -61.10 -36.94
N VAL J 107 57.22 -60.73 -35.80
CA VAL J 107 58.61 -61.06 -35.52
C VAL J 107 58.79 -62.58 -35.55
N ARG J 108 57.91 -63.28 -34.83
CA ARG J 108 58.00 -64.74 -34.62
C ARG J 108 58.09 -65.50 -35.93
N VAL J 109 57.38 -65.03 -36.95
CA VAL J 109 57.37 -65.71 -38.22
C VAL J 109 58.58 -65.29 -39.06
N CYS J 110 58.94 -64.02 -38.98
CA CYS J 110 60.00 -63.48 -39.81
C CYS J 110 61.42 -63.93 -39.43
N TYR J 111 61.63 -64.27 -38.16
CA TYR J 111 62.93 -64.77 -37.69
C TYR J 111 62.97 -66.30 -37.63
N ASN J 112 61.84 -66.95 -37.93
CA ASN J 112 61.80 -68.39 -38.07
C ASN J 112 62.63 -68.84 -39.29
N PRO J 113 63.58 -69.78 -39.09
CA PRO J 113 64.39 -70.28 -40.20
C PRO J 113 63.59 -71.14 -41.20
N LYS J 114 62.57 -71.86 -40.72
CA LYS J 114 61.61 -72.58 -41.58
C LYS J 114 60.55 -71.63 -42.16
N PHE J 115 60.95 -70.39 -42.44
CA PHE J 115 60.04 -69.31 -42.83
C PHE J 115 59.10 -69.66 -43.98
N GLU J 116 59.67 -70.20 -45.06
CA GLU J 116 58.90 -70.55 -46.27
C GLU J 116 57.82 -71.58 -46.01
N GLU J 117 58.07 -72.49 -45.07
CA GLU J 117 57.07 -73.49 -44.67
C GLU J 117 56.01 -72.94 -43.69
N VAL J 118 56.46 -72.09 -42.77
CA VAL J 118 55.59 -71.57 -41.70
C VAL J 118 54.75 -70.33 -42.10
N LYS J 119 55.19 -69.61 -43.12
CA LYS J 119 54.42 -68.46 -43.63
C LYS J 119 53.00 -68.88 -44.03
N GLY J 120 52.85 -70.17 -44.29
CA GLY J 120 51.56 -70.75 -44.64
C GLY J 120 50.51 -70.51 -43.57
N ASP J 121 50.72 -71.10 -42.39
CA ASP J 121 49.75 -71.02 -41.30
C ASP J 121 49.57 -69.60 -40.76
N TYR J 122 50.66 -68.83 -40.76
CA TYR J 122 50.61 -67.45 -40.26
C TYR J 122 49.58 -66.65 -41.02
N LEU J 123 49.64 -66.70 -42.35
CA LEU J 123 48.60 -66.13 -43.21
C LEU J 123 47.23 -66.74 -42.98
N LYS J 124 47.17 -68.00 -42.54
CA LYS J 124 45.89 -68.65 -42.27
C LYS J 124 45.22 -68.04 -41.05
N GLU J 125 46.00 -67.80 -40.01
CA GLU J 125 45.51 -67.25 -38.75
C GLU J 125 45.26 -65.74 -38.81
N LEU J 126 46.09 -65.05 -39.58
CA LEU J 126 46.04 -63.58 -39.72
C LEU J 126 44.64 -62.94 -39.83
N PRO J 127 43.75 -63.49 -40.68
CA PRO J 127 42.46 -62.77 -40.81
C PRO J 127 41.66 -62.74 -39.50
N THR J 128 41.84 -63.75 -38.68
CA THR J 128 41.20 -63.81 -37.38
C THR J 128 41.68 -62.64 -36.54
N THR J 129 43.01 -62.46 -36.51
CA THR J 129 43.65 -61.43 -35.70
C THR J 129 43.19 -60.05 -36.13
N LEU J 130 43.06 -59.86 -37.45
CA LEU J 130 42.68 -58.57 -38.01
C LEU J 130 41.23 -58.26 -37.72
N LYS J 131 40.43 -59.33 -37.65
CA LYS J 131 39.00 -59.26 -37.38
C LYS J 131 38.77 -58.70 -35.98
N MET J 132 39.58 -59.18 -35.03
CA MET J 132 39.49 -58.73 -33.65
C MET J 132 39.76 -57.24 -33.55
N TRP J 133 40.80 -56.79 -34.24
CA TRP J 133 41.20 -55.39 -34.20
C TRP J 133 40.18 -54.52 -34.90
N SER J 134 39.65 -54.99 -36.03
CA SER J 134 38.58 -54.30 -36.71
C SER J 134 37.35 -54.13 -35.81
N ASN J 135 36.95 -55.21 -35.14
CA ASN J 135 35.80 -55.14 -34.26
C ASN J 135 36.03 -54.18 -33.11
N PHE J 136 37.26 -54.19 -32.58
CA PHE J 136 37.59 -53.34 -31.45
C PHE J 136 37.56 -51.87 -31.84
N LEU J 137 37.98 -51.58 -33.06
CA LEU J 137 38.01 -50.19 -33.55
C LEU J 137 36.60 -49.66 -33.68
N GLY J 138 35.72 -50.47 -34.29
CA GLY J 138 34.36 -50.05 -34.61
C GLY J 138 34.36 -48.86 -35.53
N ASP J 139 33.64 -47.80 -35.13
CA ASP J 139 33.50 -46.61 -35.96
C ASP J 139 34.38 -45.46 -35.50
N ARG J 140 35.12 -45.68 -34.41
CA ARG J 140 36.07 -44.68 -33.91
C ARG J 140 37.13 -44.34 -34.95
N HIS J 141 37.62 -43.12 -34.91
CA HIS J 141 38.76 -42.73 -35.74
C HIS J 141 40.05 -43.38 -35.26
N TYR J 142 40.21 -43.48 -33.95
CA TYR J 142 41.40 -44.06 -33.36
C TYR J 142 41.04 -45.08 -32.28
N LEU J 143 42.03 -45.83 -31.82
CA LEU J 143 41.84 -46.92 -30.87
C LEU J 143 41.28 -46.52 -29.50
N THR J 144 41.53 -45.30 -29.05
CA THR J 144 41.06 -44.87 -27.73
C THR J 144 39.99 -43.76 -27.80
N GLY J 145 39.55 -43.43 -29.00
CA GLY J 145 38.56 -42.38 -29.19
C GLY J 145 38.83 -41.53 -30.42
N SER J 146 38.70 -40.22 -30.26
CA SER J 146 38.86 -39.28 -31.35
C SER J 146 40.24 -38.61 -31.35
N SER J 147 41.00 -38.81 -30.27
CA SER J 147 42.39 -38.35 -30.19
C SER J 147 43.37 -39.47 -30.50
N VAL J 148 44.52 -39.11 -31.07
CA VAL J 148 45.60 -40.05 -31.35
C VAL J 148 46.31 -40.46 -30.06
N SER J 149 46.65 -41.75 -29.96
CA SER J 149 47.39 -42.28 -28.82
C SER J 149 48.65 -43.00 -29.29
N HIS J 150 49.61 -43.19 -28.40
CA HIS J 150 50.85 -43.90 -28.77
C HIS J 150 50.54 -45.31 -29.27
N VAL J 151 49.49 -45.86 -28.69
CA VAL J 151 48.90 -47.13 -29.06
C VAL J 151 48.51 -47.22 -30.55
N ASP J 152 48.03 -46.11 -31.10
CA ASP J 152 47.68 -46.07 -32.51
C ASP J 152 48.90 -46.20 -33.39
N PHE J 153 50.00 -45.57 -32.97
CA PHE J 153 51.23 -45.66 -33.74
C PHE J 153 51.80 -47.08 -33.71
N MET J 154 51.64 -47.75 -32.57
CA MET J 154 52.06 -49.13 -32.43
C MET J 154 51.31 -50.01 -33.41
N VAL J 155 49.97 -49.91 -33.44
CA VAL J 155 49.15 -50.77 -34.28
C VAL J 155 49.39 -50.38 -35.72
N TYR J 156 49.48 -49.08 -36.00
CA TYR J 156 49.78 -48.64 -37.34
C TYR J 156 51.03 -49.33 -37.89
N GLU J 157 52.12 -49.26 -37.11
CA GLU J 157 53.40 -49.81 -37.53
C GLU J 157 53.29 -51.30 -37.76
N ALA J 158 52.61 -52.00 -36.84
CA ALA J 158 52.41 -53.44 -37.00
C ALA J 158 51.68 -53.76 -38.31
N LEU J 159 50.64 -53.00 -38.61
CA LEU J 159 49.88 -53.20 -39.85
C LEU J 159 50.72 -52.91 -41.11
N ASP J 160 51.43 -51.79 -41.12
CA ASP J 160 52.28 -51.46 -42.25
C ASP J 160 53.38 -52.49 -42.49
N CYS J 161 53.85 -53.12 -41.43
CA CYS J 161 54.82 -54.19 -41.56
C CYS J 161 54.19 -55.45 -42.16
N ILE J 162 53.06 -55.86 -41.60
CA ILE J 162 52.39 -57.07 -42.02
C ILE J 162 52.04 -57.04 -43.52
N ARG J 163 51.58 -55.91 -44.03
CA ARG J 163 51.23 -55.86 -45.45
C ARG J 163 52.37 -56.16 -46.42
N TYR J 164 53.62 -56.14 -45.95
CA TYR J 164 54.74 -56.53 -46.80
C TYR J 164 54.77 -58.03 -47.10
N LEU J 165 54.12 -58.81 -46.24
CA LEU J 165 54.00 -60.25 -46.43
C LEU J 165 52.70 -60.56 -47.14
N ALA J 166 51.64 -59.89 -46.70
CA ALA J 166 50.32 -60.01 -47.30
C ALA J 166 49.84 -58.62 -47.76
N PRO J 167 50.19 -58.24 -49.00
CA PRO J 167 49.86 -56.90 -49.47
C PRO J 167 48.37 -56.57 -49.51
N GLN J 168 47.52 -57.58 -49.68
CA GLN J 168 46.07 -57.33 -49.81
C GLN J 168 45.25 -57.55 -48.52
N CYS J 169 45.94 -57.84 -47.42
CA CYS J 169 45.28 -58.26 -46.16
C CYS J 169 44.24 -57.30 -45.63
N LEU J 170 44.40 -56.01 -45.92
CA LEU J 170 43.50 -54.99 -45.42
C LEU J 170 42.26 -54.77 -46.30
N GLU J 171 42.22 -55.43 -47.45
CA GLU J 171 41.11 -55.26 -48.39
C GLU J 171 39.77 -55.78 -47.88
N ASP J 172 39.80 -56.76 -46.98
CA ASP J 172 38.58 -57.23 -46.29
C ASP J 172 38.21 -56.40 -45.06
N PHE J 173 39.07 -55.45 -44.72
CA PHE J 173 38.89 -54.63 -43.52
C PHE J 173 39.03 -53.15 -43.83
N PRO J 174 37.97 -52.56 -44.44
CA PRO J 174 37.98 -51.15 -44.85
C PRO J 174 38.12 -50.16 -43.69
N LYS J 175 37.92 -50.61 -42.46
CA LYS J 175 38.04 -49.73 -41.29
C LYS J 175 39.50 -49.63 -40.76
N LEU J 176 40.22 -50.73 -40.83
CA LEU J 176 41.65 -50.70 -40.55
C LEU J 176 42.38 -49.97 -41.69
N LYS J 177 41.93 -50.19 -42.92
CA LYS J 177 42.44 -49.47 -44.08
C LYS J 177 42.28 -47.95 -43.87
N GLU J 178 41.07 -47.53 -43.55
CA GLU J 178 40.75 -46.14 -43.23
C GLU J 178 41.62 -45.61 -42.06
N PHE J 179 41.92 -46.49 -41.11
CA PHE J 179 42.71 -46.16 -39.93
C PHE J 179 44.17 -45.92 -40.30
N LYS J 180 44.72 -46.83 -41.07
CA LYS J 180 46.07 -46.72 -41.61
C LYS J 180 46.26 -45.40 -42.37
N SER J 181 45.31 -45.04 -43.21
CA SER J 181 45.38 -43.81 -43.99
C SER J 181 45.24 -42.56 -43.15
N ARG J 182 44.39 -42.60 -42.13
CA ARG J 182 44.12 -41.44 -41.28
C ARG J 182 45.37 -41.04 -40.51
N ILE J 183 46.11 -42.07 -40.07
CA ILE J 183 47.43 -41.93 -39.48
C ILE J 183 48.42 -41.31 -40.48
N GLU J 184 48.60 -41.94 -41.64
CA GLU J 184 49.48 -41.42 -42.68
C GLU J 184 49.09 -40.00 -43.11
N ASP J 185 47.83 -39.61 -42.85
CA ASP J 185 47.29 -38.30 -43.24
C ASP J 185 47.46 -37.20 -42.18
N LEU J 186 47.79 -37.61 -40.95
CA LEU J 186 48.13 -36.66 -39.90
C LEU J 186 49.30 -35.82 -40.38
N PRO J 187 49.11 -34.49 -40.52
CA PRO J 187 50.11 -33.59 -41.11
C PRO J 187 51.57 -33.90 -40.73
N LYS J 188 51.86 -33.99 -39.43
CA LYS J 188 53.25 -34.19 -39.00
C LYS J 188 53.78 -35.60 -39.31
N ILE J 189 52.87 -36.55 -39.44
CA ILE J 189 53.25 -37.92 -39.77
C ILE J 189 53.61 -38.00 -41.24
N LYS J 190 52.76 -37.42 -42.10
CA LYS J 190 52.98 -37.38 -43.54
C LYS J 190 54.32 -36.70 -43.82
N ALA J 191 54.49 -35.51 -43.22
CA ALA J 191 55.72 -34.76 -43.32
C ALA J 191 56.94 -35.62 -42.98
N TYR J 192 56.87 -36.32 -41.84
CA TYR J 192 57.96 -37.18 -41.41
C TYR J 192 58.21 -38.35 -42.36
N MET J 193 57.14 -38.95 -42.86
CA MET J 193 57.26 -40.05 -43.82
C MET J 193 57.83 -39.61 -45.17
N GLU J 194 57.69 -38.33 -45.50
CA GLU J 194 58.28 -37.77 -46.71
C GLU J 194 59.71 -37.29 -46.46
N SER J 195 60.08 -37.12 -45.20
CA SER J 195 61.39 -36.57 -44.87
C SER J 195 62.52 -37.57 -45.08
N GLU J 196 63.75 -37.09 -44.94
CA GLU J 196 64.95 -37.91 -45.06
C GLU J 196 65.21 -38.73 -43.80
N LYS J 197 64.65 -38.29 -42.67
CA LYS J 197 64.79 -39.01 -41.39
C LYS J 197 64.03 -40.34 -41.34
N PHE J 198 63.00 -40.47 -42.17
CA PHE J 198 62.15 -41.67 -42.19
C PHE J 198 62.93 -42.91 -42.63
N ILE J 199 62.89 -43.94 -41.79
CA ILE J 199 63.48 -45.23 -42.11
C ILE J 199 62.37 -46.10 -42.69
N LYS J 200 62.56 -46.54 -43.92
CA LYS J 200 61.53 -47.26 -44.63
C LYS J 200 61.83 -48.75 -44.61
N TRP J 201 63.10 -49.08 -44.41
CA TRP J 201 63.57 -50.46 -44.46
C TRP J 201 64.88 -50.58 -43.67
N PRO J 202 65.12 -51.73 -43.03
CA PRO J 202 64.29 -52.92 -42.91
C PRO J 202 63.21 -52.82 -41.81
N LEU J 203 62.25 -53.74 -41.86
CA LEU J 203 61.18 -53.85 -40.86
C LEU J 203 61.76 -54.43 -39.58
N ASN J 204 62.35 -55.62 -39.72
CA ASN J 204 63.00 -56.31 -38.62
C ASN J 204 64.51 -56.08 -38.69
N SER J 205 65.28 -56.78 -37.85
CA SER J 205 66.73 -56.66 -37.95
C SER J 205 67.18 -57.29 -39.26
N TRP J 206 68.33 -56.85 -39.77
CA TRP J 206 68.83 -57.27 -41.07
C TRP J 206 68.88 -58.79 -41.26
N ILE J 207 69.10 -59.49 -40.14
CA ILE J 207 69.39 -60.93 -40.16
C ILE J 207 68.14 -61.82 -40.31
N ALA J 208 66.96 -61.21 -40.20
CA ALA J 208 65.68 -61.93 -40.30
C ALA J 208 65.43 -62.51 -41.68
N SER J 209 64.62 -63.57 -41.75
CA SER J 209 64.32 -64.28 -43.01
C SER J 209 63.26 -63.58 -43.87
N PHE J 210 62.70 -62.48 -43.34
CA PHE J 210 61.74 -61.61 -44.02
C PHE J 210 61.69 -60.32 -43.21
N GLY J 211 61.41 -59.22 -43.90
CA GLY J 211 61.47 -57.89 -43.28
C GLY J 211 62.89 -57.40 -43.05
N GLY J 212 63.87 -58.17 -43.54
CA GLY J 212 65.28 -57.88 -43.35
C GLY J 212 65.98 -57.62 -44.66
N GLY J 213 67.29 -57.82 -44.69
CA GLY J 213 68.10 -57.48 -45.85
C GLY J 213 68.21 -55.97 -45.96
N ASP J 214 68.62 -55.47 -47.14
CA ASP J 214 68.78 -54.03 -47.34
C ASP J 214 67.73 -53.42 -48.28
N ALA J 215 66.93 -54.28 -48.90
CA ALA J 215 65.91 -53.86 -49.85
C ALA J 215 64.59 -54.60 -49.62
N ALA J 216 63.48 -53.91 -49.90
CA ALA J 216 62.15 -54.49 -49.78
C ALA J 216 62.04 -55.66 -50.76
N PRO J 217 61.25 -56.70 -50.42
CA PRO J 217 61.18 -57.92 -51.23
C PRO J 217 60.41 -57.75 -52.54
N ALA J 218 60.38 -56.52 -53.05
CA ALA J 218 59.89 -56.23 -54.38
C ALA J 218 60.81 -56.81 -55.48
N PRO K 2 0.97 45.61 -23.07
CA PRO K 2 1.50 44.36 -22.53
C PRO K 2 2.95 44.09 -22.96
N ALA K 3 3.44 42.88 -22.70
CA ALA K 3 4.71 42.40 -23.24
C ALA K 3 4.53 41.05 -23.93
N LYS K 4 5.05 40.95 -25.14
CA LYS K 4 5.03 39.70 -25.91
C LYS K 4 6.05 38.71 -25.35
N LEU K 5 5.72 37.43 -25.41
CA LEU K 5 6.44 36.41 -24.65
C LEU K 5 6.23 35.00 -25.20
N GLY K 6 7.15 34.53 -26.06
CA GLY K 6 6.99 33.21 -26.71
C GLY K 6 7.88 32.04 -26.27
N TYR K 7 7.25 30.92 -25.89
CA TYR K 7 7.97 29.66 -25.61
C TYR K 7 7.25 28.39 -26.05
N TRP K 8 8.02 27.31 -26.16
CA TRP K 8 7.49 25.95 -26.30
C TRP K 8 6.50 25.67 -25.20
N LYS K 9 5.47 24.88 -25.49
CA LYS K 9 4.46 24.59 -24.48
C LYS K 9 5.02 23.56 -23.51
N ILE K 10 6.17 23.88 -22.94
CA ILE K 10 6.86 23.04 -21.98
C ILE K 10 7.26 23.89 -20.77
N ARG K 11 7.56 23.22 -19.65
CA ARG K 11 8.19 23.86 -18.51
C ARG K 11 9.57 24.41 -18.91
N GLY K 12 10.58 23.54 -18.97
CA GLY K 12 11.93 23.92 -19.40
C GLY K 12 12.47 25.19 -18.78
N LEU K 13 13.16 25.97 -19.59
CA LEU K 13 13.79 27.21 -19.16
C LEU K 13 12.84 28.37 -18.81
N GLN K 14 11.61 28.33 -19.33
CA GLN K 14 10.69 29.49 -19.21
C GLN K 14 9.79 29.41 -18.01
N GLN K 15 9.83 28.29 -17.31
CA GLN K 15 8.96 28.10 -16.17
C GLN K 15 9.28 28.97 -14.95
N PRO K 16 10.58 29.31 -14.74
CA PRO K 16 10.83 30.24 -13.63
C PRO K 16 10.44 31.65 -13.99
N VAL K 17 10.64 32.01 -15.27
CA VAL K 17 10.37 33.37 -15.76
C VAL K 17 8.88 33.64 -15.85
N ARG K 18 8.12 32.59 -16.08
CA ARG K 18 6.66 32.63 -15.95
C ARG K 18 6.34 33.04 -14.51
N LEU K 19 6.86 32.26 -13.56
CA LEU K 19 6.67 32.49 -12.13
C LEU K 19 7.16 33.86 -11.66
N LEU K 20 8.20 34.40 -12.28
CA LEU K 20 8.64 35.75 -11.93
C LEU K 20 7.66 36.80 -12.47
N LEU K 21 7.31 36.71 -13.75
CA LEU K 21 6.28 37.56 -14.37
C LEU K 21 4.98 37.49 -13.57
N GLU K 22 4.65 36.30 -13.06
CA GLU K 22 3.48 36.12 -12.19
C GLU K 22 3.67 36.83 -10.86
N TYR K 23 4.75 36.50 -10.14
CA TYR K 23 5.01 37.05 -8.79
C TYR K 23 4.76 38.55 -8.66
N LEU K 24 5.29 39.28 -9.64
CA LEU K 24 5.21 40.74 -9.70
C LEU K 24 3.94 41.27 -10.38
N GLY K 25 3.18 40.41 -11.05
CA GLY K 25 1.91 40.80 -11.67
C GLY K 25 2.09 41.57 -12.96
N GLU K 26 3.15 41.24 -13.69
CA GLU K 26 3.48 41.93 -14.95
C GLU K 26 2.62 41.48 -16.15
N GLU K 27 2.49 42.38 -17.13
CA GLU K 27 1.59 42.21 -18.28
C GLU K 27 2.25 41.46 -19.44
N TYR K 28 1.63 40.36 -19.86
CA TYR K 28 2.21 39.51 -20.90
C TYR K 28 1.22 38.57 -21.55
N GLU K 29 1.33 38.45 -22.88
CA GLU K 29 0.65 37.39 -23.61
C GLU K 29 1.71 36.42 -24.13
N GLU K 30 1.60 35.15 -23.75
CA GLU K 30 2.62 34.15 -24.11
C GLU K 30 2.17 33.19 -25.22
N HIS K 31 2.71 33.39 -26.42
CA HIS K 31 2.45 32.50 -27.55
C HIS K 31 3.04 31.10 -27.31
N LEU K 32 2.25 30.24 -26.68
CA LEU K 32 2.59 28.85 -26.42
C LEU K 32 2.72 28.02 -27.72
N TYR K 33 3.95 27.90 -28.21
CA TYR K 33 4.27 27.08 -29.37
C TYR K 33 4.14 25.60 -29.01
N GLY K 34 3.49 24.81 -29.87
CA GLY K 34 3.23 23.41 -29.56
C GLY K 34 4.21 22.44 -30.18
N ARG K 35 4.12 21.18 -29.75
CA ARG K 35 5.00 20.11 -30.23
C ARG K 35 5.10 20.06 -31.74
N ASP K 36 3.97 20.30 -32.40
CA ASP K 36 3.87 20.22 -33.85
C ASP K 36 4.05 21.59 -34.53
N ASP K 37 4.27 22.62 -33.73
CA ASP K 37 4.33 24.01 -34.22
C ASP K 37 5.76 24.47 -34.54
N ARG K 38 6.65 23.51 -34.76
CA ARG K 38 8.08 23.78 -34.99
C ARG K 38 8.35 24.77 -36.13
N GLU K 39 7.64 24.61 -37.24
CA GLU K 39 7.87 25.45 -38.43
C GLU K 39 7.10 26.76 -38.37
N LYS K 40 5.94 26.73 -37.72
CA LYS K 40 5.21 27.94 -37.32
C LYS K 40 6.16 28.90 -36.59
N TRP K 41 7.10 28.34 -35.83
CA TRP K 41 8.17 29.10 -35.19
C TRP K 41 9.30 29.41 -36.16
N LEU K 42 9.72 28.43 -36.94
CA LEU K 42 10.94 28.53 -37.76
C LEU K 42 10.84 29.64 -38.82
N GLY K 43 9.60 30.02 -39.14
CA GLY K 43 9.36 31.12 -40.07
C GLY K 43 9.22 32.47 -39.40
N ASP K 44 9.39 32.51 -38.08
CA ASP K 44 9.25 33.74 -37.29
C ASP K 44 10.58 34.28 -36.75
N LYS K 45 11.57 33.40 -36.61
CA LYS K 45 12.92 33.75 -36.16
C LYS K 45 13.46 35.04 -36.78
N PHE K 46 13.86 34.94 -38.05
CA PHE K 46 14.49 36.05 -38.76
C PHE K 46 13.50 37.16 -39.14
N ASN K 47 12.21 36.85 -39.06
CA ASN K 47 11.15 37.75 -39.52
C ASN K 47 10.31 38.33 -38.37
N MET K 48 10.99 38.64 -37.27
CA MET K 48 10.37 39.32 -36.14
C MET K 48 11.35 40.35 -35.60
N GLY K 49 12.51 40.43 -36.27
CA GLY K 49 13.54 41.43 -36.00
C GLY K 49 14.37 41.28 -34.73
N LEU K 50 14.33 40.09 -34.11
CA LEU K 50 15.09 39.86 -32.87
C LEU K 50 16.58 39.98 -33.12
N ASP K 51 17.29 40.60 -32.16
CA ASP K 51 18.73 40.80 -32.28
C ASP K 51 19.44 39.43 -32.34
N LEU K 52 19.09 38.57 -31.37
CA LEU K 52 19.64 37.22 -31.26
C LEU K 52 18.46 36.25 -31.16
N PRO K 53 17.90 35.88 -32.32
CA PRO K 53 16.63 35.14 -32.32
C PRO K 53 16.78 33.77 -31.64
N ASN K 54 15.90 33.53 -30.68
CA ASN K 54 15.96 32.34 -29.84
C ASN K 54 14.67 32.24 -29.02
N LEU K 55 14.40 31.03 -28.53
CA LEU K 55 13.30 30.79 -27.63
C LEU K 55 13.91 30.51 -26.27
N PRO K 56 13.31 31.06 -25.19
CA PRO K 56 12.17 31.97 -25.16
C PRO K 56 12.49 33.38 -25.67
N TYR K 57 11.45 34.19 -25.88
CA TYR K 57 11.64 35.58 -26.21
C TYR K 57 10.74 36.53 -25.42
N TYR K 58 11.06 37.83 -25.47
CA TYR K 58 10.33 38.88 -24.75
C TYR K 58 10.48 40.19 -25.52
N ILE K 59 9.35 40.81 -25.89
CA ILE K 59 9.39 42.15 -26.45
C ILE K 59 8.29 43.04 -25.91
N ASP K 60 8.65 44.27 -25.58
CA ASP K 60 7.69 45.37 -25.50
C ASP K 60 8.23 46.66 -26.11
N ASP K 61 7.46 47.73 -25.96
CA ASP K 61 7.83 49.11 -26.30
C ASP K 61 9.23 49.48 -25.79
N LYS K 62 9.63 48.85 -24.68
CA LYS K 62 10.93 49.11 -24.05
C LYS K 62 12.09 48.26 -24.63
N CYS K 63 11.95 46.93 -24.61
CA CYS K 63 13.08 46.06 -25.00
C CYS K 63 12.75 44.79 -25.80
N LYS K 64 13.73 44.39 -26.62
CA LYS K 64 13.67 43.24 -27.53
C LYS K 64 14.64 42.19 -26.99
N LEU K 65 14.11 41.10 -26.41
CA LEU K 65 14.91 40.28 -25.50
C LEU K 65 14.76 38.74 -25.63
N THR K 66 15.89 38.06 -25.91
CA THR K 66 15.99 36.59 -25.73
C THR K 66 16.80 36.21 -24.45
N GLN K 67 17.02 34.91 -24.25
CA GLN K 67 17.67 34.33 -23.06
C GLN K 67 16.81 34.46 -21.81
N SER K 68 16.25 33.33 -21.41
CA SER K 68 15.42 33.24 -20.21
C SER K 68 15.95 34.05 -19.04
N VAL K 69 17.24 33.90 -18.77
CA VAL K 69 17.88 34.51 -17.60
C VAL K 69 17.89 36.04 -17.72
N ALA K 70 18.28 36.54 -18.90
CA ALA K 70 18.20 37.98 -19.19
C ALA K 70 16.78 38.55 -18.99
N ILE K 71 15.76 37.79 -19.44
CA ILE K 71 14.36 38.19 -19.30
C ILE K 71 13.92 38.29 -17.85
N MET K 72 14.38 37.35 -17.01
CA MET K 72 14.09 37.42 -15.58
C MET K 72 14.77 38.63 -14.96
N ARG K 73 16.02 38.86 -15.34
CA ARG K 73 16.78 39.96 -14.80
C ARG K 73 16.11 41.30 -15.11
N TYR K 74 15.64 41.48 -16.35
CA TYR K 74 14.91 42.69 -16.72
C TYR K 74 13.73 42.95 -15.80
N ILE K 75 12.98 41.90 -15.49
CA ILE K 75 11.76 42.02 -14.71
C ILE K 75 12.12 42.34 -13.26
N ALA K 76 13.13 41.64 -12.75
CA ALA K 76 13.61 41.88 -11.39
C ALA K 76 14.21 43.27 -11.24
N ASP K 77 14.95 43.71 -12.27
CA ASP K 77 15.65 45.00 -12.27
C ASP K 77 14.66 46.15 -12.08
N LYS K 78 13.55 46.11 -12.82
CA LYS K 78 12.49 47.11 -12.73
C LYS K 78 11.80 47.15 -11.36
N HIS K 79 12.06 46.15 -10.53
CA HIS K 79 11.50 46.14 -9.18
C HIS K 79 12.57 46.27 -8.11
N GLY K 80 13.81 46.48 -8.54
CA GLY K 80 14.94 46.73 -7.63
C GLY K 80 15.61 45.51 -7.03
N MET K 81 14.95 44.35 -7.11
CA MET K 81 15.38 43.11 -6.43
C MET K 81 16.63 42.40 -7.01
N LEU K 82 17.43 43.14 -7.78
CA LEU K 82 18.73 42.64 -8.25
C LEU K 82 19.89 42.94 -7.31
N GLY K 83 19.62 43.63 -6.19
CA GLY K 83 20.64 44.01 -5.23
C GLY K 83 21.11 45.46 -5.28
N SER K 84 21.68 45.94 -4.19
CA SER K 84 22.08 47.35 -4.04
C SER K 84 23.51 47.61 -4.51
N THR K 85 24.48 47.21 -3.70
CA THR K 85 25.89 47.35 -4.07
C THR K 85 26.27 46.25 -5.07
N PRO K 86 27.37 46.44 -5.82
CA PRO K 86 27.82 45.43 -6.79
C PRO K 86 28.13 44.08 -6.13
N GLU K 87 28.28 44.09 -4.81
CA GLU K 87 28.59 42.90 -4.02
C GLU K 87 27.40 41.96 -4.05
N GLU K 88 26.21 42.54 -3.93
CA GLU K 88 24.96 41.79 -4.00
C GLU K 88 24.65 41.36 -5.44
N ARG K 89 24.80 42.28 -6.39
CA ARG K 89 24.56 42.02 -7.80
C ARG K 89 25.43 40.88 -8.34
N ALA K 90 26.60 40.71 -7.76
CA ALA K 90 27.51 39.62 -8.13
C ALA K 90 27.15 38.33 -7.39
N ARG K 91 26.70 38.47 -6.14
CA ARG K 91 26.26 37.33 -5.34
C ARG K 91 24.99 36.72 -5.95
N ILE K 92 24.02 37.57 -6.27
CA ILE K 92 22.79 37.15 -6.94
C ILE K 92 23.07 36.48 -8.29
N SER K 93 23.98 37.07 -9.06
CA SER K 93 24.42 36.47 -10.33
C SER K 93 25.12 35.12 -10.14
N MET K 94 25.67 34.89 -8.96
CA MET K 94 26.33 33.63 -8.64
C MET K 94 25.27 32.52 -8.40
N ILE K 95 24.36 32.75 -7.47
CA ILE K 95 23.31 31.76 -7.18
C ILE K 95 22.57 31.41 -8.46
N GLU K 96 22.38 32.43 -9.29
CA GLU K 96 21.75 32.36 -10.59
C GLU K 96 22.43 31.35 -11.52
N GLY K 97 23.74 31.49 -11.68
CA GLY K 97 24.51 30.66 -12.57
C GLY K 97 24.56 29.24 -12.06
N ALA K 98 24.61 29.10 -10.74
CA ALA K 98 24.65 27.81 -10.09
C ALA K 98 23.31 27.09 -10.22
N ALA K 99 22.23 27.87 -10.14
CA ALA K 99 20.85 27.39 -10.35
C ALA K 99 20.69 26.84 -11.76
N MET K 100 21.23 27.56 -12.74
CA MET K 100 21.24 27.10 -14.11
C MET K 100 22.04 25.79 -14.27
N ASP K 101 23.22 25.70 -13.64
CA ASP K 101 24.00 24.46 -13.68
C ASP K 101 23.16 23.32 -13.15
N LEU K 102 22.46 23.58 -12.05
CA LEU K 102 21.55 22.60 -11.46
C LEU K 102 20.45 22.16 -12.43
N ARG K 103 19.85 23.13 -13.15
CA ARG K 103 18.84 22.78 -14.14
C ARG K 103 19.45 22.08 -15.34
N MET K 104 20.59 22.59 -15.81
CA MET K 104 21.25 21.99 -16.95
C MET K 104 21.82 20.60 -16.64
N GLY K 105 22.25 20.40 -15.40
CA GLY K 105 22.69 19.08 -14.96
C GLY K 105 21.61 18.05 -15.18
N PHE K 106 20.35 18.48 -15.03
CA PHE K 106 19.20 17.60 -15.17
C PHE K 106 18.90 17.36 -16.63
N VAL K 107 19.02 18.42 -17.42
CA VAL K 107 18.85 18.35 -18.86
C VAL K 107 19.90 17.42 -19.47
N ARG K 108 21.14 17.54 -19.03
CA ARG K 108 22.20 16.67 -19.55
C ARG K 108 21.81 15.21 -19.39
N VAL K 109 21.40 14.82 -18.19
CA VAL K 109 21.03 13.42 -17.97
C VAL K 109 19.78 12.99 -18.77
N CYS K 110 18.78 13.86 -18.86
CA CYS K 110 17.50 13.50 -19.52
C CYS K 110 17.58 13.33 -21.04
N TYR K 111 18.62 13.91 -21.64
CA TYR K 111 18.81 13.81 -23.09
C TYR K 111 19.88 12.79 -23.50
N ASN K 112 20.46 12.12 -22.51
CA ASN K 112 21.41 11.08 -22.80
C ASN K 112 20.72 9.90 -23.49
N PRO K 113 21.25 9.47 -24.66
CA PRO K 113 20.63 8.38 -25.43
C PRO K 113 20.64 7.05 -24.70
N LYS K 114 21.60 6.88 -23.78
CA LYS K 114 21.67 5.70 -22.92
C LYS K 114 21.38 6.08 -21.47
N PHE K 115 20.23 6.71 -21.29
CA PHE K 115 19.79 7.31 -20.04
C PHE K 115 19.65 6.31 -18.89
N GLU K 116 19.14 5.11 -19.19
CA GLU K 116 18.94 4.08 -18.16
C GLU K 116 20.26 3.68 -17.54
N GLU K 117 21.32 3.82 -18.33
CA GLU K 117 22.66 3.52 -17.86
C GLU K 117 23.12 4.62 -16.95
N VAL K 118 23.19 5.83 -17.50
CA VAL K 118 23.92 6.94 -16.86
C VAL K 118 23.17 7.65 -15.73
N LYS K 119 21.89 7.35 -15.54
CA LYS K 119 21.17 7.98 -14.43
C LYS K 119 21.75 7.54 -13.07
N GLY K 120 22.32 6.34 -13.03
CA GLY K 120 22.91 5.83 -11.79
C GLY K 120 23.91 6.80 -11.23
N ASP K 121 24.89 7.17 -12.08
CA ASP K 121 25.90 8.16 -11.72
C ASP K 121 25.28 9.49 -11.31
N TYR K 122 24.26 9.93 -12.05
CA TYR K 122 23.60 11.17 -11.71
C TYR K 122 22.99 11.07 -10.32
N LEU K 123 22.28 9.99 -10.07
CA LEU K 123 21.67 9.75 -8.77
C LEU K 123 22.71 9.70 -7.67
N LYS K 124 23.81 9.00 -7.92
CA LYS K 124 24.96 8.98 -7.01
C LYS K 124 25.49 10.37 -6.63
N GLU K 125 25.61 11.25 -7.61
CA GLU K 125 26.25 12.55 -7.36
C GLU K 125 25.28 13.60 -6.79
N LEU K 126 23.99 13.34 -6.91
CA LEU K 126 22.96 14.31 -6.58
C LEU K 126 22.93 14.80 -5.11
N PRO K 127 23.03 13.87 -4.14
CA PRO K 127 22.93 14.34 -2.74
C PRO K 127 24.04 15.36 -2.42
N THR K 128 25.24 15.09 -2.92
CA THR K 128 26.38 15.99 -2.83
C THR K 128 26.02 17.40 -3.34
N THR K 129 25.32 17.45 -4.47
CA THR K 129 24.89 18.72 -5.08
C THR K 129 23.87 19.44 -4.20
N LEU K 130 22.96 18.67 -3.57
CA LEU K 130 21.87 19.22 -2.78
C LEU K 130 22.38 19.69 -1.43
N LYS K 131 23.29 18.90 -0.86
CA LYS K 131 24.04 19.30 0.32
C LYS K 131 24.55 20.74 0.17
N MET K 132 25.22 21.00 -0.95
CA MET K 132 25.78 22.32 -1.21
C MET K 132 24.68 23.38 -1.19
N TRP K 133 23.59 23.14 -1.90
CA TRP K 133 22.49 24.09 -1.88
C TRP K 133 21.87 24.23 -0.49
N SER K 134 21.71 23.11 0.20
CA SER K 134 21.22 23.15 1.57
C SER K 134 22.12 24.01 2.48
N ASN K 135 23.42 23.75 2.43
CA ASN K 135 24.36 24.50 3.25
C ASN K 135 24.35 25.98 2.88
N PHE K 136 24.20 26.28 1.59
CA PHE K 136 24.13 27.66 1.19
C PHE K 136 22.91 28.34 1.81
N LEU K 137 21.77 27.64 1.75
CA LEU K 137 20.49 28.18 2.20
C LEU K 137 20.51 28.63 3.65
N GLY K 138 21.14 27.82 4.49
CA GLY K 138 21.15 28.07 5.92
C GLY K 138 19.76 28.06 6.54
N ASP K 139 19.60 28.90 7.57
CA ASP K 139 18.39 28.97 8.36
C ASP K 139 17.47 30.04 7.79
N ARG K 140 17.76 30.48 6.58
CA ARG K 140 16.98 31.52 5.93
C ARG K 140 15.73 30.93 5.28
N HIS K 141 14.81 31.83 4.89
CA HIS K 141 13.55 31.49 4.20
C HIS K 141 13.73 31.47 2.70
N TYR K 142 14.64 32.31 2.22
CA TYR K 142 14.94 32.36 0.79
C TYR K 142 16.44 32.27 0.55
N LEU K 143 16.83 32.41 -0.71
CA LEU K 143 18.17 32.13 -1.14
C LEU K 143 19.01 33.40 -1.13
N THR K 144 18.34 34.54 -0.97
CA THR K 144 19.02 35.83 -0.89
C THR K 144 18.63 36.60 0.38
N GLY K 145 17.63 36.12 1.10
CA GLY K 145 17.23 36.78 2.34
C GLY K 145 15.77 36.65 2.70
N SER K 146 15.22 37.71 3.29
CA SER K 146 13.81 37.78 3.72
C SER K 146 12.84 37.73 2.54
N SER K 147 13.20 38.40 1.45
CA SER K 147 12.33 38.54 0.28
C SER K 147 12.62 37.50 -0.80
N VAL K 148 11.65 37.38 -1.72
CA VAL K 148 11.73 36.50 -2.87
C VAL K 148 12.64 37.08 -3.94
N SER K 149 13.46 36.22 -4.55
CA SER K 149 14.20 36.56 -5.77
C SER K 149 13.87 35.57 -6.90
N HIS K 150 14.07 36.01 -8.14
CA HIS K 150 13.89 35.14 -9.30
C HIS K 150 14.72 33.86 -9.17
N VAL K 151 15.93 34.04 -8.66
CA VAL K 151 16.86 32.97 -8.29
C VAL K 151 16.17 31.82 -7.54
N ASP K 152 15.27 32.16 -6.62
CA ASP K 152 14.54 31.16 -5.84
C ASP K 152 13.59 30.32 -6.72
N PHE K 153 13.03 30.94 -7.74
CA PHE K 153 12.15 30.25 -8.66
C PHE K 153 12.96 29.29 -9.51
N MET K 154 14.10 29.79 -10.02
CA MET K 154 15.03 28.99 -10.81
C MET K 154 15.41 27.70 -10.08
N VAL K 155 15.75 27.82 -8.80
CA VAL K 155 16.15 26.65 -8.01
C VAL K 155 14.91 25.84 -7.72
N TYR K 156 13.81 26.53 -7.41
CA TYR K 156 12.53 25.86 -7.19
C TYR K 156 12.18 24.93 -8.37
N GLU K 157 12.23 25.48 -9.58
CA GLU K 157 11.94 24.72 -10.79
C GLU K 157 12.88 23.53 -10.97
N ALA K 158 14.17 23.75 -10.75
CA ALA K 158 15.16 22.70 -10.83
C ALA K 158 14.83 21.56 -9.87
N LEU K 159 14.58 21.93 -8.62
CA LEU K 159 14.24 20.95 -7.58
C LEU K 159 12.98 20.15 -7.90
N ASP K 160 11.97 20.82 -8.43
CA ASP K 160 10.71 20.15 -8.75
C ASP K 160 10.90 19.17 -9.91
N CYS K 161 11.64 19.57 -10.95
CA CYS K 161 11.89 18.66 -12.05
C CYS K 161 12.67 17.44 -11.59
N ILE K 162 13.66 17.67 -10.74
CA ILE K 162 14.57 16.63 -10.29
C ILE K 162 13.89 15.54 -9.46
N ARG K 163 12.93 15.93 -8.62
CA ARG K 163 12.14 14.95 -7.87
C ARG K 163 11.29 13.97 -8.71
N TYR K 164 11.04 14.27 -9.99
CA TYR K 164 10.40 13.27 -10.87
C TYR K 164 11.36 12.13 -11.20
N LEU K 165 12.66 12.42 -11.18
CA LEU K 165 13.71 11.39 -11.31
C LEU K 165 14.12 10.80 -9.96
N ALA K 166 14.20 11.65 -8.93
CA ALA K 166 14.58 11.20 -7.60
C ALA K 166 13.52 11.60 -6.53
N PRO K 167 12.42 10.83 -6.45
CA PRO K 167 11.25 11.22 -5.67
C PRO K 167 11.55 11.53 -4.20
N GLN K 168 12.54 10.82 -3.65
CA GLN K 168 12.89 10.98 -2.25
C GLN K 168 14.12 11.86 -2.00
N CYS K 169 14.67 12.45 -3.06
CA CYS K 169 15.98 13.11 -3.00
C CYS K 169 16.07 14.19 -1.92
N LEU K 170 14.91 14.75 -1.59
CA LEU K 170 14.83 15.95 -0.78
C LEU K 170 14.41 15.71 0.69
N GLU K 171 14.34 14.45 1.11
CA GLU K 171 13.96 14.15 2.49
C GLU K 171 15.14 14.12 3.47
N ASP K 172 16.33 13.74 2.99
CA ASP K 172 17.59 13.91 3.72
C ASP K 172 17.95 15.39 3.84
N PHE K 173 17.13 16.24 3.25
CA PHE K 173 17.40 17.67 3.22
C PHE K 173 16.19 18.51 3.62
N PRO K 174 15.85 18.50 4.93
CA PRO K 174 14.62 19.13 5.49
C PRO K 174 14.46 20.58 5.10
N LYS K 175 15.55 21.32 5.13
CA LYS K 175 15.58 22.74 4.85
C LYS K 175 15.19 23.09 3.41
N LEU K 176 15.55 22.21 2.46
CA LEU K 176 15.19 22.41 1.05
C LEU K 176 13.72 22.03 0.80
N LYS K 177 13.22 21.09 1.60
CA LYS K 177 11.79 20.82 1.64
C LYS K 177 11.00 22.07 2.04
N GLU K 178 11.30 22.62 3.22
CA GLU K 178 10.61 23.82 3.73
C GLU K 178 10.56 24.87 2.64
N PHE K 179 11.67 24.93 1.90
CA PHE K 179 11.88 25.92 0.87
C PHE K 179 10.98 25.65 -0.31
N LYS K 180 10.91 24.38 -0.71
CA LYS K 180 10.05 23.96 -1.81
C LYS K 180 8.61 24.36 -1.49
N SER K 181 8.17 24.06 -0.28
CA SER K 181 6.83 24.43 0.20
C SER K 181 6.68 25.94 0.21
N ARG K 182 7.47 26.62 1.05
CA ARG K 182 7.36 28.06 1.24
C ARG K 182 7.07 28.81 -0.07
N ILE K 183 7.71 28.38 -1.16
CA ILE K 183 7.51 29.03 -2.48
C ILE K 183 6.07 28.90 -3.02
N GLU K 184 5.52 27.68 -2.93
CA GLU K 184 4.21 27.38 -3.51
C GLU K 184 3.04 28.11 -2.83
N ASP K 185 3.29 28.65 -1.63
CA ASP K 185 2.25 29.27 -0.79
C ASP K 185 2.05 30.76 -1.09
N LEU K 186 3.02 31.36 -1.76
CA LEU K 186 2.89 32.74 -2.23
C LEU K 186 1.60 32.89 -3.05
N PRO K 187 0.68 33.75 -2.58
CA PRO K 187 -0.68 33.84 -3.12
C PRO K 187 -0.69 33.91 -4.65
N LYS K 188 -0.06 34.95 -5.19
CA LYS K 188 0.04 35.17 -6.63
C LYS K 188 0.67 33.99 -7.38
N ILE K 189 1.62 33.31 -6.73
CA ILE K 189 2.29 32.13 -7.30
C ILE K 189 1.37 30.89 -7.24
N LYS K 190 0.58 30.76 -6.18
CA LYS K 190 -0.41 29.69 -6.12
C LYS K 190 -1.54 29.94 -7.13
N ALA K 191 -1.98 31.19 -7.22
CA ALA K 191 -3.04 31.60 -8.15
C ALA K 191 -2.72 31.22 -9.59
N TYR K 192 -1.44 31.28 -9.93
CA TYR K 192 -0.96 30.85 -11.24
C TYR K 192 -0.72 29.36 -11.29
N MET K 193 -0.36 28.78 -10.15
CA MET K 193 -0.11 27.34 -10.09
C MET K 193 -1.37 26.53 -10.42
N GLU K 194 -2.54 27.07 -10.09
CA GLU K 194 -3.79 26.37 -10.36
C GLU K 194 -4.60 26.92 -11.53
N SER K 195 -3.97 27.71 -12.40
CA SER K 195 -4.68 28.32 -13.53
C SER K 195 -4.64 27.53 -14.84
N GLU K 196 -5.54 27.93 -15.73
CA GLU K 196 -5.62 27.46 -17.12
C GLU K 196 -4.33 27.54 -17.93
N LYS K 197 -3.47 28.53 -17.64
CA LYS K 197 -2.25 28.66 -18.43
C LYS K 197 -0.98 28.14 -17.76
N PHE K 198 -1.18 27.43 -16.65
CA PHE K 198 -0.13 26.64 -16.02
C PHE K 198 0.24 25.40 -16.84
N ILE K 199 1.52 25.10 -16.88
CA ILE K 199 2.05 23.92 -17.54
C ILE K 199 2.72 22.99 -16.52
N LYS K 200 2.11 21.83 -16.33
CA LYS K 200 2.48 20.84 -15.33
C LYS K 200 3.50 19.84 -15.91
N TRP K 201 3.42 19.63 -17.23
CA TRP K 201 4.23 18.64 -17.94
C TRP K 201 4.22 19.02 -19.43
N PRO K 202 5.31 18.72 -20.19
CA PRO K 202 6.58 18.06 -19.81
C PRO K 202 7.61 18.99 -19.14
N LEU K 203 8.49 18.39 -18.33
CA LEU K 203 9.62 19.10 -17.72
C LEU K 203 10.58 19.69 -18.75
N ASN K 204 11.02 18.83 -19.68
CA ASN K 204 11.92 19.19 -20.80
C ASN K 204 11.22 19.14 -22.16
N SER K 205 11.92 19.43 -23.25
CA SER K 205 11.36 19.21 -24.59
C SER K 205 10.79 17.79 -24.71
N TRP K 206 9.81 17.61 -25.60
CA TRP K 206 9.08 16.35 -25.69
C TRP K 206 9.98 15.17 -26.06
N ILE K 207 11.06 15.45 -26.79
CA ILE K 207 11.96 14.43 -27.28
C ILE K 207 12.90 13.85 -26.20
N ALA K 208 13.00 14.53 -25.06
CA ALA K 208 13.88 14.10 -24.00
C ALA K 208 13.63 12.64 -23.65
N SER K 209 14.70 11.92 -23.35
CA SER K 209 14.60 10.53 -22.86
C SER K 209 13.95 10.45 -21.48
N PHE K 210 13.97 11.54 -20.71
CA PHE K 210 13.19 11.60 -19.47
C PHE K 210 12.65 12.99 -19.21
N GLY K 211 11.48 13.04 -18.60
CA GLY K 211 10.80 14.30 -18.35
C GLY K 211 10.28 14.92 -19.65
N GLY K 212 10.09 14.07 -20.66
CA GLY K 212 9.47 14.46 -21.92
C GLY K 212 8.19 13.67 -22.15
N GLY K 213 7.75 13.59 -23.40
CA GLY K 213 6.48 12.96 -23.73
C GLY K 213 5.30 13.90 -23.61
N ASP K 214 4.09 13.34 -23.64
CA ASP K 214 2.85 14.12 -23.46
C ASP K 214 2.41 14.16 -21.99
N ALA K 215 2.54 13.04 -21.29
CA ALA K 215 2.09 12.93 -19.90
C ALA K 215 3.20 12.41 -18.99
N ALA K 216 3.09 12.73 -17.69
CA ALA K 216 3.98 12.20 -16.66
C ALA K 216 4.19 10.70 -16.82
N PRO K 217 5.26 10.14 -16.22
CA PRO K 217 5.43 8.70 -16.35
C PRO K 217 4.46 7.93 -15.44
N ALA K 218 4.09 8.57 -14.33
CA ALA K 218 3.22 8.00 -13.29
C ALA K 218 2.14 7.04 -13.81
N PRO L 2 44.34 43.63 -3.39
CA PRO L 2 44.43 42.77 -4.57
C PRO L 2 43.35 41.67 -4.60
N ALA L 3 43.31 40.90 -5.69
CA ALA L 3 42.29 39.87 -5.88
C ALA L 3 42.89 38.51 -6.23
N LYS L 4 42.37 37.47 -5.57
CA LYS L 4 42.87 36.11 -5.70
C LYS L 4 41.90 35.25 -6.51
N LEU L 5 42.45 34.45 -7.41
CA LEU L 5 41.67 33.63 -8.33
C LEU L 5 42.08 32.17 -8.30
N GLY L 6 41.26 31.33 -8.91
CA GLY L 6 41.59 29.93 -9.09
C GLY L 6 40.82 29.30 -10.21
N TYR L 7 41.51 28.46 -10.97
CA TYR L 7 40.94 27.69 -12.06
C TYR L 7 41.96 26.68 -12.57
N TRP L 8 41.52 25.72 -13.38
CA TRP L 8 42.42 24.77 -14.04
C TRP L 8 43.48 25.51 -14.89
N LYS L 9 44.49 24.79 -15.35
CA LYS L 9 45.43 25.32 -16.36
C LYS L 9 44.88 24.98 -17.74
N ILE L 10 43.69 25.51 -18.03
CA ILE L 10 43.11 25.43 -19.38
C ILE L 10 42.55 26.80 -19.79
N ARG L 11 42.20 26.91 -21.07
CA ARG L 11 41.46 28.05 -21.58
C ARG L 11 40.08 28.06 -20.91
N GLY L 12 39.20 27.21 -21.44
CA GLY L 12 37.84 27.05 -20.92
C GLY L 12 37.11 28.32 -20.54
N LEU L 13 36.33 28.23 -19.47
CA LEU L 13 35.51 29.33 -18.97
C LEU L 13 36.33 30.46 -18.37
N GLN L 14 37.64 30.28 -18.25
CA GLN L 14 38.47 31.26 -17.53
C GLN L 14 39.06 32.37 -18.40
N GLN L 15 39.37 32.03 -19.65
CA GLN L 15 39.96 32.98 -20.59
C GLN L 15 39.23 34.34 -20.61
N PRO L 16 37.89 34.34 -20.84
CA PRO L 16 37.24 35.65 -20.92
C PRO L 16 37.45 36.51 -19.69
N VAL L 17 37.67 35.90 -18.52
CA VAL L 17 37.89 36.68 -17.29
C VAL L 17 39.36 37.10 -17.18
N ARG L 18 40.24 36.28 -17.76
CA ARG L 18 41.65 36.62 -17.86
C ARG L 18 41.74 37.83 -18.79
N LEU L 19 41.29 37.62 -20.04
CA LEU L 19 41.24 38.65 -21.08
C LEU L 19 40.72 39.98 -20.58
N LEU L 20 39.59 39.96 -19.88
CA LEU L 20 39.01 41.16 -19.27
C LEU L 20 39.96 41.83 -18.29
N LEU L 21 40.54 41.05 -17.38
CA LEU L 21 41.40 41.60 -16.34
C LEU L 21 42.65 42.27 -16.91
N GLU L 22 43.24 41.61 -17.91
CA GLU L 22 44.38 42.12 -18.67
C GLU L 22 44.05 43.42 -19.42
N TYR L 23 42.87 43.46 -20.05
CA TYR L 23 42.39 44.65 -20.75
C TYR L 23 42.10 45.81 -19.79
N LEU L 24 41.47 45.51 -18.67
CA LEU L 24 41.19 46.54 -17.67
C LEU L 24 42.42 46.81 -16.81
N GLY L 25 43.46 46.01 -17.04
CA GLY L 25 44.74 46.12 -16.34
C GLY L 25 44.60 46.06 -14.83
N GLU L 26 43.83 45.09 -14.34
CA GLU L 26 43.68 44.92 -12.90
C GLU L 26 44.55 43.78 -12.39
N GLU L 27 45.16 43.98 -11.23
CA GLU L 27 46.15 43.05 -10.66
C GLU L 27 45.50 41.80 -10.03
N TYR L 28 45.99 40.63 -10.42
CA TYR L 28 45.41 39.37 -9.98
C TYR L 28 46.42 38.22 -9.88
N GLU L 29 46.29 37.42 -8.83
CA GLU L 29 47.05 36.18 -8.72
C GLU L 29 46.11 35.00 -8.92
N GLU L 30 46.43 34.14 -9.88
CA GLU L 30 45.57 32.99 -10.19
C GLU L 30 46.28 31.65 -9.97
N HIS L 31 45.64 30.78 -9.19
CA HIS L 31 46.14 29.44 -8.93
C HIS L 31 45.72 28.51 -10.06
N LEU L 32 46.69 28.09 -10.86
CA LEU L 32 46.44 27.10 -11.90
C LEU L 32 46.54 25.70 -11.30
N TYR L 33 45.38 25.07 -11.09
CA TYR L 33 45.35 23.68 -10.71
C TYR L 33 45.70 22.89 -11.96
N GLY L 34 46.75 22.07 -11.85
CA GLY L 34 47.24 21.29 -12.99
C GLY L 34 46.37 20.09 -13.32
N ARG L 35 46.89 19.23 -14.19
CA ARG L 35 46.21 17.99 -14.58
C ARG L 35 46.20 17.00 -13.42
N ASP L 36 47.26 17.02 -12.62
CA ASP L 36 47.40 16.15 -11.46
C ASP L 36 47.01 16.85 -10.15
N ASP L 37 46.05 17.77 -10.22
CA ASP L 37 45.66 18.55 -9.06
C ASP L 37 44.18 18.37 -8.67
N ARG L 38 43.51 17.40 -9.28
CA ARG L 38 42.08 17.14 -9.01
C ARG L 38 41.80 16.92 -7.51
N GLU L 39 42.52 15.97 -6.92
CA GLU L 39 42.46 15.70 -5.48
C GLU L 39 42.98 16.88 -4.62
N LYS L 40 43.79 17.74 -5.21
CA LYS L 40 44.27 18.97 -4.56
C LYS L 40 43.14 19.98 -4.49
N TRP L 41 42.24 19.93 -5.48
CA TRP L 41 41.07 20.81 -5.50
C TRP L 41 39.97 20.26 -4.59
N LEU L 42 39.59 19.00 -4.83
CA LEU L 42 38.55 18.33 -4.02
C LEU L 42 38.83 18.44 -2.53
N GLY L 43 40.09 18.72 -2.20
CA GLY L 43 40.47 19.13 -0.87
C GLY L 43 39.88 20.50 -0.62
N ASP L 44 40.72 21.53 -0.78
CA ASP L 44 40.42 22.91 -0.31
C ASP L 44 39.16 23.60 -0.88
N LYS L 45 38.51 22.96 -1.84
CA LYS L 45 37.21 23.41 -2.37
C LYS L 45 36.15 23.73 -1.29
N PHE L 46 36.10 22.91 -0.24
CA PHE L 46 35.17 23.15 0.87
C PHE L 46 35.84 23.85 2.04
N ASN L 47 37.06 24.35 1.82
CA ASN L 47 37.83 24.96 2.91
C ASN L 47 38.45 26.31 2.54
N MET L 48 37.64 27.14 1.91
CA MET L 48 38.10 28.40 1.34
C MET L 48 37.14 29.55 1.61
N GLY L 49 36.00 29.25 2.21
CA GLY L 49 34.98 30.27 2.47
C GLY L 49 34.04 30.51 1.29
N LEU L 50 34.01 29.57 0.35
CA LEU L 50 33.20 29.70 -0.85
C LEU L 50 31.77 29.19 -0.62
N ASP L 51 30.81 30.10 -0.76
CA ASP L 51 29.38 29.78 -0.57
C ASP L 51 28.86 28.66 -1.46
N LEU L 52 29.28 28.65 -2.72
CA LEU L 52 28.87 27.60 -3.65
C LEU L 52 30.10 27.13 -4.39
N PRO L 53 30.85 26.19 -3.78
CA PRO L 53 32.19 25.87 -4.22
C PRO L 53 32.22 25.44 -5.67
N ASN L 54 33.16 25.99 -6.43
CA ASN L 54 33.24 25.83 -7.87
C ASN L 54 34.52 26.43 -8.47
N LEU L 55 34.89 25.92 -9.64
CA LEU L 55 35.99 26.46 -10.46
C LEU L 55 35.42 27.12 -11.73
N PRO L 56 35.74 28.40 -11.98
CA PRO L 56 36.66 29.30 -11.28
C PRO L 56 36.08 29.96 -10.08
N TYR L 57 36.97 30.46 -9.22
CA TYR L 57 36.58 31.25 -8.07
C TYR L 57 37.35 32.57 -8.07
N TYR L 58 36.92 33.48 -7.18
CA TYR L 58 37.42 34.84 -7.07
C TYR L 58 37.29 35.22 -5.61
N ILE L 59 38.36 35.73 -5.01
CA ILE L 59 38.33 36.12 -3.59
C ILE L 59 39.07 37.44 -3.31
N ASP L 60 38.45 38.31 -2.52
CA ASP L 60 39.11 39.49 -1.95
C ASP L 60 38.45 40.03 -0.67
N ASP L 61 38.82 41.26 -0.31
CA ASP L 61 38.46 41.88 0.95
C ASP L 61 36.99 42.26 1.02
N LYS L 62 36.31 42.21 -0.13
CA LYS L 62 34.92 42.64 -0.22
C LYS L 62 33.93 41.47 -0.38
N CYS L 63 34.31 40.47 -1.17
CA CYS L 63 33.44 39.34 -1.49
C CYS L 63 34.21 38.13 -2.05
N LYS L 64 33.55 36.97 -2.02
CA LYS L 64 34.06 35.76 -2.70
C LYS L 64 32.98 35.12 -3.56
N LEU L 65 33.32 34.80 -4.80
CA LEU L 65 32.34 34.42 -5.81
C LEU L 65 32.76 33.21 -6.61
N THR L 66 31.76 32.44 -7.05
CA THR L 66 31.97 31.43 -8.09
C THR L 66 31.11 31.78 -9.30
N GLN L 67 31.23 30.97 -10.35
CA GLN L 67 30.54 31.21 -11.64
C GLN L 67 31.30 32.26 -12.45
N SER L 68 31.71 31.87 -13.64
CA SER L 68 32.57 32.72 -14.46
C SER L 68 31.88 34.05 -14.75
N VAL L 69 30.78 34.03 -15.50
CA VAL L 69 30.15 35.29 -15.92
C VAL L 69 29.84 36.20 -14.72
N ALA L 70 29.53 35.62 -13.58
CA ALA L 70 29.28 36.43 -12.39
C ALA L 70 30.57 37.06 -11.83
N ILE L 71 31.72 36.53 -12.24
CA ILE L 71 32.98 37.13 -11.84
C ILE L 71 33.33 38.26 -12.82
N MET L 72 33.21 37.96 -14.11
CA MET L 72 33.33 38.96 -15.17
C MET L 72 32.36 40.12 -14.99
N ARG L 73 31.23 39.83 -14.36
CA ARG L 73 30.23 40.86 -14.08
C ARG L 73 30.63 41.73 -12.91
N TYR L 74 31.06 41.10 -11.81
CA TYR L 74 31.50 41.86 -10.65
C TYR L 74 32.61 42.84 -11.03
N ILE L 75 33.60 42.34 -11.75
CA ILE L 75 34.73 43.16 -12.22
C ILE L 75 34.20 44.30 -13.09
N ALA L 76 33.44 43.97 -14.13
CA ALA L 76 32.83 44.95 -15.01
C ALA L 76 31.91 45.90 -14.22
N ASP L 77 31.18 45.36 -13.27
CA ASP L 77 30.27 46.16 -12.43
C ASP L 77 31.03 47.27 -11.69
N LYS L 78 32.24 46.95 -11.23
CA LYS L 78 33.12 47.92 -10.53
C LYS L 78 33.46 49.13 -11.40
N HIS L 79 33.62 48.89 -12.69
CA HIS L 79 33.89 49.92 -13.66
C HIS L 79 32.60 50.51 -14.24
N GLY L 80 31.46 50.10 -13.70
CA GLY L 80 30.13 50.53 -14.18
C GLY L 80 29.79 50.17 -15.62
N MET L 81 30.21 48.98 -16.07
CA MET L 81 30.10 48.58 -17.48
C MET L 81 28.83 47.78 -17.82
N LEU L 82 27.93 47.65 -16.85
CA LEU L 82 26.75 46.78 -17.01
C LEU L 82 25.56 47.48 -17.67
N GLY L 83 25.65 48.79 -17.84
CA GLY L 83 24.68 49.54 -18.64
C GLY L 83 23.90 50.61 -17.91
N SER L 84 23.60 51.70 -18.64
CA SER L 84 22.91 52.86 -18.09
C SER L 84 21.58 52.48 -17.46
N THR L 85 20.68 51.93 -18.27
CA THR L 85 19.31 51.63 -17.84
C THR L 85 19.08 50.12 -17.71
N PRO L 86 17.96 49.72 -17.03
CA PRO L 86 17.57 48.32 -17.04
C PRO L 86 17.45 47.79 -18.48
N GLU L 87 16.94 48.64 -19.36
CA GLU L 87 16.80 48.34 -20.79
C GLU L 87 18.15 47.93 -21.38
N GLU L 88 19.20 48.66 -21.05
CA GLU L 88 20.54 48.41 -21.55
C GLU L 88 21.22 47.29 -20.76
N ARG L 89 20.80 47.10 -19.52
CA ARG L 89 21.34 46.07 -18.63
C ARG L 89 20.91 44.68 -19.11
N ALA L 90 19.59 44.50 -19.17
CA ALA L 90 18.95 43.29 -19.68
C ALA L 90 19.41 42.94 -21.08
N ARG L 91 19.67 43.96 -21.87
CA ARG L 91 20.21 43.79 -23.22
C ARG L 91 21.59 43.14 -23.13
N ILE L 92 22.48 43.71 -22.31
CA ILE L 92 23.81 43.16 -22.10
C ILE L 92 23.76 41.70 -21.60
N SER L 93 22.85 41.43 -20.67
CA SER L 93 22.64 40.10 -20.14
C SER L 93 22.15 39.08 -21.19
N MET L 94 21.68 39.59 -22.33
CA MET L 94 21.22 38.76 -23.43
C MET L 94 22.44 38.30 -24.20
N ILE L 95 23.31 39.23 -24.49
CA ILE L 95 24.53 38.95 -25.21
C ILE L 95 25.46 38.02 -24.37
N GLU L 96 25.31 38.06 -23.05
CA GLU L 96 25.96 37.12 -22.12
C GLU L 96 25.54 35.68 -22.38
N GLY L 97 24.24 35.41 -22.25
CA GLY L 97 23.69 34.09 -22.51
C GLY L 97 24.01 33.57 -23.89
N ALA L 98 23.86 34.44 -24.90
CA ALA L 98 24.12 34.05 -26.28
C ALA L 98 25.60 33.76 -26.44
N ALA L 99 26.40 34.47 -25.65
CA ALA L 99 27.84 34.28 -25.60
C ALA L 99 28.23 32.95 -24.96
N MET L 100 27.44 32.50 -23.98
CA MET L 100 27.73 31.24 -23.32
C MET L 100 27.27 30.07 -24.19
N ASP L 101 26.12 30.22 -24.85
CA ASP L 101 25.59 29.19 -25.75
C ASP L 101 26.56 28.90 -26.87
N LEU L 102 27.28 29.94 -27.32
CA LEU L 102 28.27 29.77 -28.37
C LEU L 102 29.45 28.92 -27.88
N ARG L 103 29.86 29.13 -26.65
CA ARG L 103 30.94 28.34 -26.07
C ARG L 103 30.44 26.92 -25.74
N MET L 104 29.32 26.84 -25.03
CA MET L 104 28.77 25.55 -24.59
C MET L 104 28.39 24.63 -25.74
N GLY L 105 27.97 25.19 -26.86
CA GLY L 105 27.72 24.40 -28.08
C GLY L 105 28.98 23.65 -28.47
N PHE L 106 30.12 24.32 -28.30
CA PHE L 106 31.45 23.78 -28.57
C PHE L 106 31.89 22.82 -27.46
N VAL L 107 31.71 23.22 -26.20
CA VAL L 107 32.03 22.38 -25.05
C VAL L 107 31.34 21.03 -25.18
N ARG L 108 30.01 21.05 -25.36
CA ARG L 108 29.26 19.80 -25.44
C ARG L 108 29.45 19.02 -26.75
N VAL L 109 30.18 19.61 -27.71
CA VAL L 109 30.60 18.86 -28.91
C VAL L 109 32.04 18.36 -28.78
N CYS L 110 32.72 18.80 -27.72
CA CYS L 110 34.09 18.39 -27.43
C CYS L 110 34.21 17.41 -26.24
N TYR L 111 33.08 17.12 -25.58
CA TYR L 111 33.05 16.19 -24.43
C TYR L 111 32.26 14.93 -24.74
N ASN L 112 31.73 14.82 -25.95
CA ASN L 112 31.02 13.63 -26.38
C ASN L 112 32.03 12.59 -26.85
N PRO L 113 31.91 11.35 -26.34
CA PRO L 113 32.74 10.23 -26.81
C PRO L 113 32.59 9.98 -28.31
N LYS L 114 31.37 10.10 -28.81
CA LYS L 114 31.08 9.93 -30.24
C LYS L 114 31.40 11.22 -31.02
N PHE L 115 32.59 11.76 -30.80
CA PHE L 115 33.00 13.04 -31.41
C PHE L 115 33.01 13.01 -32.94
N GLU L 116 33.67 12.00 -33.52
CA GLU L 116 33.73 11.84 -34.99
C GLU L 116 32.32 11.72 -35.58
N GLU L 117 31.39 11.28 -34.73
CA GLU L 117 30.00 11.08 -35.11
C GLU L 117 29.09 12.27 -34.74
N VAL L 118 29.65 13.34 -34.16
CA VAL L 118 28.88 14.56 -33.91
C VAL L 118 29.46 15.80 -34.60
N LYS L 119 30.73 15.72 -34.99
CA LYS L 119 31.40 16.81 -35.70
C LYS L 119 30.72 17.17 -37.03
N GLY L 120 29.92 16.24 -37.57
CA GLY L 120 29.17 16.44 -38.80
C GLY L 120 27.98 17.38 -38.66
N ASP L 121 27.14 17.13 -37.67
CA ASP L 121 25.95 17.96 -37.42
C ASP L 121 26.27 19.37 -36.87
N TYR L 122 27.31 19.45 -36.03
CA TYR L 122 27.72 20.71 -35.42
C TYR L 122 28.23 21.70 -36.47
N LEU L 123 29.06 21.20 -37.39
CA LEU L 123 29.66 22.03 -38.44
C LEU L 123 28.64 22.49 -39.47
N LYS L 124 27.53 21.76 -39.54
CA LYS L 124 26.40 22.10 -40.41
C LYS L 124 25.73 23.38 -39.95
N GLU L 125 25.34 23.41 -38.67
CA GLU L 125 24.61 24.55 -38.10
C GLU L 125 25.52 25.73 -37.80
N LEU L 126 26.78 25.45 -37.47
CA LEU L 126 27.76 26.49 -37.12
C LEU L 126 27.64 27.80 -37.93
N PRO L 127 27.64 27.73 -39.29
CA PRO L 127 27.49 28.96 -40.10
C PRO L 127 26.14 29.72 -40.04
N THR L 128 25.09 29.11 -39.46
CA THR L 128 23.84 29.83 -39.21
C THR L 128 24.03 30.67 -37.97
N THR L 129 24.53 30.04 -36.91
CA THR L 129 24.84 30.71 -35.66
C THR L 129 25.88 31.80 -35.91
N LEU L 130 26.84 31.52 -36.78
CA LEU L 130 27.83 32.51 -37.18
C LEU L 130 27.17 33.69 -37.86
N LYS L 131 26.22 33.42 -38.76
CA LYS L 131 25.49 34.48 -39.48
C LYS L 131 24.80 35.40 -38.50
N MET L 132 24.07 34.83 -37.54
CA MET L 132 23.44 35.58 -36.48
C MET L 132 24.40 36.60 -35.89
N TRP L 133 25.58 36.14 -35.50
CA TRP L 133 26.57 36.99 -34.84
C TRP L 133 27.13 38.08 -35.74
N SER L 134 27.46 37.73 -36.99
CA SER L 134 27.87 38.72 -37.98
C SER L 134 26.76 39.74 -38.21
N ASN L 135 25.52 39.26 -38.29
CA ASN L 135 24.36 40.13 -38.43
C ASN L 135 24.15 41.02 -37.22
N PHE L 136 24.29 40.44 -36.03
CA PHE L 136 24.17 41.19 -34.79
C PHE L 136 25.27 42.25 -34.66
N LEU L 137 26.44 41.96 -35.20
CA LEU L 137 27.55 42.92 -35.17
C LEU L 137 27.25 44.07 -36.12
N GLY L 138 26.95 43.73 -37.37
CA GLY L 138 26.72 44.73 -38.41
C GLY L 138 27.92 45.65 -38.54
N ASP L 139 27.63 46.95 -38.55
CA ASP L 139 28.66 47.97 -38.68
C ASP L 139 29.55 48.03 -37.45
N ARG L 140 28.94 47.80 -36.28
CA ARG L 140 29.55 48.06 -34.97
C ARG L 140 31.00 47.57 -34.77
N HIS L 141 31.74 48.31 -33.96
CA HIS L 141 33.07 47.90 -33.49
C HIS L 141 32.93 46.76 -32.48
N TYR L 142 32.09 46.97 -31.45
CA TYR L 142 31.90 45.97 -30.39
C TYR L 142 30.42 45.70 -30.11
N LEU L 143 30.14 44.46 -29.68
CA LEU L 143 28.78 43.92 -29.50
C LEU L 143 27.75 44.82 -28.82
N THR L 144 28.21 45.63 -27.85
CA THR L 144 27.31 46.46 -27.06
C THR L 144 27.35 47.94 -27.43
N GLY L 145 28.30 48.31 -28.29
CA GLY L 145 28.40 49.69 -28.73
C GLY L 145 29.78 50.12 -29.17
N SER L 146 30.28 51.17 -28.52
CA SER L 146 31.54 51.82 -28.90
C SER L 146 32.68 51.40 -27.97
N SER L 147 32.32 51.07 -26.74
CA SER L 147 33.26 50.56 -25.75
C SER L 147 33.36 49.03 -25.86
N VAL L 148 34.36 48.46 -25.20
CA VAL L 148 34.45 47.01 -25.08
C VAL L 148 33.74 46.60 -23.79
N SER L 149 32.94 45.54 -23.86
CA SER L 149 32.28 44.96 -22.68
C SER L 149 32.81 43.55 -22.45
N HIS L 150 32.61 43.00 -21.26
CA HIS L 150 33.08 41.63 -20.97
C HIS L 150 32.55 40.63 -22.00
N VAL L 151 31.26 40.78 -22.29
CA VAL L 151 30.57 40.09 -23.36
C VAL L 151 31.44 39.92 -24.61
N ASP L 152 32.24 40.93 -24.94
CA ASP L 152 33.12 40.87 -26.11
C ASP L 152 34.23 39.82 -25.99
N PHE L 153 34.86 39.73 -24.82
CA PHE L 153 35.88 38.70 -24.58
C PHE L 153 35.29 37.30 -24.67
N MET L 154 34.16 37.12 -23.97
CA MET L 154 33.36 35.91 -24.07
C MET L 154 33.21 35.47 -25.52
N VAL L 155 32.62 36.34 -26.35
CA VAL L 155 32.45 36.06 -27.79
C VAL L 155 33.79 35.83 -28.47
N TYR L 156 34.75 36.71 -28.24
CA TYR L 156 36.07 36.54 -28.84
C TYR L 156 36.59 35.13 -28.61
N GLU L 157 36.78 34.80 -27.33
CA GLU L 157 37.36 33.53 -26.91
C GLU L 157 36.70 32.35 -27.62
N ALA L 158 35.37 32.33 -27.66
CA ALA L 158 34.63 31.26 -28.31
C ALA L 158 35.06 31.05 -29.77
N LEU L 159 35.07 32.16 -30.53
CA LEU L 159 35.39 32.12 -31.96
C LEU L 159 36.80 31.62 -32.19
N ASP L 160 37.74 32.19 -31.44
CA ASP L 160 39.15 31.79 -31.50
C ASP L 160 39.34 30.35 -31.07
N CYS L 161 38.40 29.82 -30.30
CA CYS L 161 38.41 28.40 -29.96
C CYS L 161 37.91 27.58 -31.13
N ILE L 162 36.92 28.09 -31.85
CA ILE L 162 36.26 27.30 -32.89
C ILE L 162 37.10 27.10 -34.17
N ARG L 163 38.00 28.04 -34.46
CA ARG L 163 38.80 27.97 -35.70
C ARG L 163 39.78 26.79 -35.77
N TYR L 164 40.09 26.19 -34.61
CA TYR L 164 40.91 24.98 -34.55
C TYR L 164 40.15 23.75 -35.07
N LEU L 165 38.83 23.75 -34.90
CA LEU L 165 37.98 22.69 -35.43
C LEU L 165 37.62 22.97 -36.89
N ALA L 166 37.41 24.24 -37.20
CA ALA L 166 37.03 24.66 -38.55
C ALA L 166 37.51 26.07 -38.86
N PRO L 167 38.64 26.20 -39.59
CA PRO L 167 39.14 27.53 -39.99
C PRO L 167 38.54 28.06 -41.30
N GLN L 168 37.64 27.29 -41.92
CA GLN L 168 36.85 27.77 -43.06
C GLN L 168 35.81 28.77 -42.57
N CYS L 169 35.45 28.67 -41.29
CA CYS L 169 34.60 29.66 -40.65
C CYS L 169 35.29 31.02 -40.70
N LEU L 170 34.48 32.09 -40.81
CA LEU L 170 34.97 33.47 -40.85
C LEU L 170 35.50 33.92 -42.23
N GLU L 171 35.65 32.99 -43.16
CA GLU L 171 36.03 33.29 -44.54
C GLU L 171 34.88 33.99 -45.27
N ASP L 172 33.66 33.49 -45.04
CA ASP L 172 32.45 34.12 -45.53
C ASP L 172 31.92 35.17 -44.53
N PHE L 173 32.63 35.32 -43.40
CA PHE L 173 32.21 36.24 -42.34
C PHE L 173 33.32 37.20 -41.92
N PRO L 174 33.83 38.00 -42.87
CA PRO L 174 35.02 38.80 -42.59
C PRO L 174 34.71 39.99 -41.68
N LYS L 175 33.44 40.20 -41.38
CA LYS L 175 33.02 41.17 -40.40
C LYS L 175 33.44 40.67 -39.01
N LEU L 176 33.67 39.36 -38.94
CA LEU L 176 34.10 38.73 -37.70
C LEU L 176 35.59 38.43 -37.71
N LYS L 177 36.15 38.15 -38.90
CA LYS L 177 37.59 38.01 -39.04
C LYS L 177 38.26 39.32 -38.62
N GLU L 178 37.63 40.44 -38.99
CA GLU L 178 38.08 41.77 -38.56
C GLU L 178 37.80 41.98 -37.08
N PHE L 179 36.77 41.32 -36.56
CA PHE L 179 36.47 41.38 -35.13
C PHE L 179 37.53 40.64 -34.29
N LYS L 180 37.94 39.47 -34.75
CA LYS L 180 39.02 38.72 -34.10
C LYS L 180 40.28 39.56 -34.13
N SER L 181 40.65 40.01 -35.33
CA SER L 181 41.86 40.81 -35.53
C SER L 181 41.84 42.11 -34.73
N ARG L 182 40.64 42.64 -34.47
CA ARG L 182 40.48 43.88 -33.71
C ARG L 182 40.82 43.68 -32.25
N ILE L 183 40.23 42.64 -31.65
CA ILE L 183 40.40 42.32 -30.23
C ILE L 183 41.86 41.97 -29.92
N GLU L 184 42.48 41.19 -30.79
CA GLU L 184 43.87 40.79 -30.62
C GLU L 184 44.83 41.96 -30.78
N ASP L 185 44.49 42.90 -31.66
CA ASP L 185 45.34 44.06 -31.96
C ASP L 185 45.24 45.18 -30.91
N LEU L 186 44.34 45.03 -29.96
CA LEU L 186 44.28 45.93 -28.80
C LEU L 186 45.54 45.69 -27.98
N PRO L 187 46.24 46.78 -27.61
CA PRO L 187 47.53 46.75 -26.91
C PRO L 187 47.63 45.78 -25.73
N LYS L 188 46.90 46.05 -24.65
CA LYS L 188 46.99 45.27 -23.42
C LYS L 188 46.74 43.77 -23.61
N ILE L 189 45.90 43.43 -24.60
CA ILE L 189 45.63 42.04 -24.98
C ILE L 189 46.78 41.42 -25.78
N LYS L 190 47.35 42.20 -26.70
CA LYS L 190 48.46 41.74 -27.56
C LYS L 190 49.72 41.45 -26.76
N ALA L 191 50.03 42.32 -25.79
CA ALA L 191 51.20 42.14 -24.93
C ALA L 191 51.03 40.90 -24.05
N TYR L 192 49.80 40.64 -23.66
CA TYR L 192 49.43 39.44 -22.92
C TYR L 192 49.50 38.18 -23.79
N MET L 193 49.04 38.28 -25.04
CA MET L 193 48.90 37.13 -25.95
C MET L 193 50.19 36.44 -26.43
N GLU L 194 51.30 37.17 -26.43
CA GLU L 194 52.59 36.58 -26.79
C GLU L 194 53.56 36.50 -25.61
N SER L 195 53.02 36.62 -24.40
CA SER L 195 53.77 36.41 -23.15
C SER L 195 53.73 34.93 -22.73
N GLU L 196 54.44 34.61 -21.65
CA GLU L 196 54.44 33.26 -21.11
C GLU L 196 53.33 33.03 -20.08
N LYS L 197 52.89 34.10 -19.43
CA LYS L 197 51.71 34.03 -18.54
C LYS L 197 50.42 34.18 -19.36
N PHE L 198 50.18 33.19 -20.23
CA PHE L 198 49.04 33.15 -21.15
C PHE L 198 48.84 31.72 -21.65
N ILE L 199 47.59 31.27 -21.70
CA ILE L 199 47.34 29.90 -22.08
C ILE L 199 46.74 29.83 -23.48
N LYS L 200 47.36 29.00 -24.32
CA LYS L 200 46.91 28.80 -25.70
C LYS L 200 46.35 27.40 -25.87
N TRP L 201 46.77 26.49 -24.99
CA TRP L 201 46.28 25.13 -25.00
C TRP L 201 46.26 24.60 -23.57
N PRO L 202 45.27 23.75 -23.21
CA PRO L 202 44.19 23.26 -24.09
C PRO L 202 42.99 24.20 -24.14
N LEU L 203 42.07 23.94 -25.06
CA LEU L 203 40.85 24.73 -25.17
C LEU L 203 39.86 24.35 -24.06
N ASN L 204 39.53 23.07 -23.99
CA ASN L 204 38.69 22.53 -22.93
C ASN L 204 39.57 21.85 -21.88
N SER L 205 39.00 20.93 -21.10
CA SER L 205 39.78 20.18 -20.13
C SER L 205 40.75 19.26 -20.86
N TRP L 206 41.86 18.93 -20.18
CA TRP L 206 42.86 18.01 -20.69
C TRP L 206 42.28 16.69 -21.22
N ILE L 207 41.09 16.32 -20.73
CA ILE L 207 40.50 15.02 -21.03
C ILE L 207 39.29 15.10 -22.00
N ALA L 208 39.31 16.10 -22.88
CA ALA L 208 38.24 16.32 -23.86
C ALA L 208 38.51 15.62 -25.20
N SER L 209 37.43 15.11 -25.81
CA SER L 209 37.49 14.41 -27.10
C SER L 209 38.14 15.23 -28.22
N PHE L 210 38.11 16.55 -28.05
CA PHE L 210 38.77 17.47 -28.97
C PHE L 210 39.06 18.78 -28.25
N GLY L 211 40.21 19.38 -28.55
CA GLY L 211 40.64 20.61 -27.91
C GLY L 211 41.42 20.32 -26.63
N GLY L 212 41.75 19.04 -26.43
CA GLY L 212 42.47 18.58 -25.25
C GLY L 212 43.88 18.10 -25.54
N GLY L 213 44.75 18.25 -24.55
CA GLY L 213 46.16 17.90 -24.68
C GLY L 213 47.03 18.92 -23.99
N ASP L 214 48.32 18.60 -23.84
CA ASP L 214 49.29 19.56 -23.30
C ASP L 214 49.70 20.48 -24.45
N ALA L 215 49.89 19.87 -25.62
CA ALA L 215 50.09 20.58 -26.87
C ALA L 215 49.70 19.62 -27.99
N ALA L 216 48.57 19.91 -28.64
CA ALA L 216 48.08 19.12 -29.77
C ALA L 216 47.35 19.92 -30.85
N PRO L 217 47.68 21.22 -31.03
CA PRO L 217 46.93 21.99 -32.01
C PRO L 217 47.39 21.74 -33.45
N ALA L 218 46.52 22.05 -34.42
CA ALA L 218 46.79 21.94 -35.86
C ALA L 218 47.34 20.58 -36.33
#